data_7BJ4
#
_entry.id   7BJ4
#
_cell.length_a   122.299
_cell.length_b   142.969
_cell.length_c   172.870
_cell.angle_alpha   90.000
_cell.angle_beta   98.640
_cell.angle_gamma   90.000
#
_symmetry.space_group_name_H-M   'P 1 21 1'
#
loop_
_entity.id
_entity.type
_entity.pdbx_description
1 polymer Levansucrase
2 branched beta-D-fructofuranose-(2-1)-beta-D-fructofuranose-(2-1)-alpha-D-glucopyranose
3 water water
#
_entity_poly.entity_id   1
_entity_poly.type   'polypeptide(L)'
_entity_poly.pdbx_seq_one_letter_code
;MTPEHSGRATPRWTREHASKIERTDETVVPIIYPPREDAAPEINGWDTWFLRERDGSIATVGGWRVIFSLTAPADLLPGK
RHDVAEIRYFYSRDGETWFDGGPVFEGGTRGSRQWAGSALLDDDGRLYVFYTASGRAGEAEITYEQRLAVGSGGSVVADD
DGVRIEGPFAHGVLLEPDGERYEREEQSRGMIYTFRDPWFFEDPRSGKTYLLFEANTPIPEGAGACGDPVWEEFNGSVGI
AHSPTGDPTDWELCDPLLEGICVNQELERPHVVVRNGFYYLFVSSHDHTFAPGLEGPDGLYGFVADSLRGEYRPLNGSGL
VLTNPANAPYQAYSWVAFSHREELLVSGFFNYYDLGGLTLDDVATLSPDEQRAKFGGTLAPTVRVALSGDRTRITGTLSH
GRIPLESEELPDLPEERLAHREETRRGY
;
_entity_poly.pdbx_strand_id   A,B,C,D,E,F,G,H,I,J
#
loop_
_chem_comp.id
_chem_comp.type
_chem_comp.name
_chem_comp.formula
FRU D-saccharide, beta linking beta-D-fructofuranose 'C6 H12 O6'
GLC D-saccharide, alpha linking alpha-D-glucopyranose 'C6 H12 O6'
#
# COMPACT_ATOMS: atom_id res chain seq x y z
N ALA A 9 -46.77 33.44 14.30
CA ALA A 9 -45.83 32.65 15.16
C ALA A 9 -44.67 32.16 14.28
N THR A 10 -43.66 33.01 14.08
CA THR A 10 -42.54 32.76 13.13
C THR A 10 -41.70 31.59 13.62
N PRO A 11 -41.35 30.62 12.75
CA PRO A 11 -40.44 29.53 13.11
C PRO A 11 -39.11 30.07 13.67
N ARG A 12 -38.62 29.44 14.72
CA ARG A 12 -37.44 29.94 15.49
C ARG A 12 -36.32 28.93 15.48
N TRP A 13 -35.12 29.37 15.10
CA TRP A 13 -33.83 28.73 15.47
C TRP A 13 -33.56 29.08 16.93
N THR A 14 -33.66 28.10 17.82
CA THR A 14 -33.71 28.31 19.29
C THR A 14 -32.34 28.06 19.90
N ARG A 15 -32.13 28.50 21.14
CA ARG A 15 -30.87 28.31 21.89
C ARG A 15 -30.71 26.81 22.19
N GLU A 16 -31.80 26.07 22.34
CA GLU A 16 -31.74 24.60 22.57
C GLU A 16 -31.10 23.96 21.34
N HIS A 17 -31.37 24.49 20.14
CA HIS A 17 -30.75 24.02 18.88
C HIS A 17 -29.25 24.37 18.90
N ALA A 18 -28.92 25.64 19.03
CA ALA A 18 -27.54 26.16 18.96
C ALA A 18 -26.64 25.51 20.02
N SER A 19 -27.18 25.14 21.16
CA SER A 19 -26.46 24.42 22.24
C SER A 19 -25.85 23.11 21.71
N LYS A 20 -26.47 22.51 20.70
CA LYS A 20 -26.05 21.19 20.14
C LYS A 20 -25.02 21.36 19.01
N ILE A 21 -24.76 22.60 18.57
CA ILE A 21 -23.81 22.88 17.45
C ILE A 21 -22.45 22.28 17.81
N GLU A 22 -21.81 21.64 16.85
CA GLU A 22 -20.57 20.84 17.09
C GLU A 22 -20.04 20.36 15.74
N ARG A 23 -18.75 20.56 15.47
CA ARG A 23 -18.07 20.01 14.28
C ARG A 23 -18.20 18.50 14.30
N THR A 24 -18.51 17.87 13.16
CA THR A 24 -18.53 16.40 12.99
C THR A 24 -17.93 16.03 11.63
N ASP A 25 -17.67 14.74 11.40
CA ASP A 25 -17.05 14.26 10.13
C ASP A 25 -18.02 14.51 8.98
N GLU A 26 -19.30 14.73 9.29
CA GLU A 26 -20.37 14.90 8.28
C GLU A 26 -20.51 16.37 7.89
N THR A 27 -19.93 17.30 8.63
CA THR A 27 -20.15 18.76 8.42
C THR A 27 -18.85 19.51 8.11
N VAL A 28 -17.69 18.88 8.23
CA VAL A 28 -16.39 19.59 8.10
C VAL A 28 -15.82 19.35 6.70
N VAL A 29 -15.57 20.43 5.96
CA VAL A 29 -15.00 20.38 4.59
C VAL A 29 -13.50 20.12 4.69
N PRO A 30 -12.86 19.58 3.63
CA PRO A 30 -11.41 19.40 3.64
C PRO A 30 -10.69 20.76 3.65
N ILE A 31 -9.40 20.73 3.98
CA ILE A 31 -8.51 21.93 3.91
C ILE A 31 -8.53 22.45 2.48
N ILE A 32 -8.71 23.76 2.31
CA ILE A 32 -8.62 24.44 0.99
C ILE A 32 -7.18 24.95 0.85
N TYR A 33 -6.54 24.53 -0.25
CA TYR A 33 -5.20 25.00 -0.68
C TYR A 33 -5.38 25.96 -1.85
N PRO A 34 -4.61 27.07 -1.92
CA PRO A 34 -4.82 28.10 -2.94
C PRO A 34 -4.69 27.50 -4.33
N PRO A 35 -5.51 27.94 -5.31
CA PRO A 35 -5.49 27.37 -6.65
C PRO A 35 -4.24 27.83 -7.43
N ARG A 36 -3.80 27.05 -8.42
CA ARG A 36 -2.41 27.13 -8.99
C ARG A 36 -2.21 28.47 -9.72
N GLU A 37 -3.21 28.95 -10.45
CA GLU A 37 -3.26 30.31 -11.05
C GLU A 37 -4.70 30.84 -10.93
N ASP A 38 -4.85 32.17 -10.83
CA ASP A 38 -6.10 32.93 -10.62
C ASP A 38 -6.64 33.44 -11.97
N ALA A 39 -7.97 33.52 -12.12
CA ALA A 39 -8.70 34.03 -13.31
C ALA A 39 -8.49 35.53 -13.45
N ALA A 40 -8.45 36.27 -12.33
CA ALA A 40 -8.15 37.72 -12.25
C ALA A 40 -7.16 37.99 -11.12
N PRO A 41 -5.82 37.98 -11.39
CA PRO A 41 -4.82 38.18 -10.35
C PRO A 41 -4.89 39.56 -9.66
N GLU A 42 -5.35 40.57 -10.39
CA GLU A 42 -5.45 42.00 -9.95
C GLU A 42 -6.68 42.22 -9.06
N ILE A 43 -7.54 41.22 -8.89
CA ILE A 43 -8.88 41.37 -8.24
C ILE A 43 -9.08 40.28 -7.19
N ASN A 44 -9.57 40.70 -6.01
CA ASN A 44 -10.10 39.81 -4.96
C ASN A 44 -11.62 39.72 -5.16
N GLY A 45 -12.17 38.50 -5.15
CA GLY A 45 -13.61 38.24 -5.32
C GLY A 45 -14.14 37.36 -4.21
N TRP A 46 -15.32 37.72 -3.69
CA TRP A 46 -16.04 36.93 -2.66
C TRP A 46 -17.54 36.96 -2.96
N ASP A 47 -18.37 36.40 -2.09
CA ASP A 47 -19.85 36.50 -2.12
C ASP A 47 -20.36 36.42 -3.55
N THR A 48 -20.34 35.22 -4.14
CA THR A 48 -20.65 35.01 -5.59
C THR A 48 -22.06 34.41 -5.68
N TRP A 49 -22.78 34.74 -6.76
CA TRP A 49 -24.13 34.20 -7.07
C TRP A 49 -24.24 33.91 -8.57
N PHE A 50 -25.19 33.06 -8.95
CA PHE A 50 -25.36 32.54 -10.34
C PHE A 50 -26.48 33.31 -11.05
N LEU A 51 -26.28 33.59 -12.33
CA LEU A 51 -27.35 33.98 -13.26
C LEU A 51 -28.26 32.76 -13.44
N ARG A 52 -29.48 32.87 -12.92
CA ARG A 52 -30.49 31.78 -12.92
C ARG A 52 -31.65 32.16 -13.84
N GLU A 53 -32.32 31.17 -14.42
CA GLU A 53 -33.66 31.32 -15.08
C GLU A 53 -34.69 31.53 -13.98
N ARG A 54 -35.94 31.75 -14.35
CA ARG A 54 -37.04 32.01 -13.39
C ARG A 54 -37.26 30.81 -12.47
N ASP A 55 -37.20 29.57 -12.99
CA ASP A 55 -37.46 28.34 -12.21
C ASP A 55 -36.35 28.14 -11.16
N GLY A 56 -35.15 28.69 -11.41
CA GLY A 56 -34.03 28.65 -10.45
C GLY A 56 -32.81 27.93 -10.99
N SER A 57 -32.96 27.13 -12.06
CA SER A 57 -31.84 26.41 -12.75
C SER A 57 -30.81 27.44 -13.20
N ILE A 58 -29.54 27.04 -13.26
CA ILE A 58 -28.43 27.91 -13.74
C ILE A 58 -28.73 28.24 -15.21
N ALA A 59 -28.81 29.53 -15.53
CA ALA A 59 -29.10 30.02 -16.89
C ALA A 59 -27.89 29.75 -17.78
N THR A 60 -28.19 29.48 -19.05
CA THR A 60 -27.23 29.17 -20.14
C THR A 60 -27.58 30.06 -21.33
N VAL A 61 -26.68 30.94 -21.75
CA VAL A 61 -26.84 31.84 -22.93
C VAL A 61 -25.79 31.49 -23.99
N GLY A 62 -26.21 30.88 -25.09
CA GLY A 62 -25.33 30.38 -26.15
C GLY A 62 -24.25 29.46 -25.63
N GLY A 63 -24.55 28.64 -24.61
CA GLY A 63 -23.64 27.60 -24.08
C GLY A 63 -22.76 28.12 -22.96
N TRP A 64 -22.94 29.39 -22.55
CA TRP A 64 -22.19 30.03 -21.44
C TRP A 64 -23.04 30.10 -20.17
N ARG A 65 -22.45 29.78 -19.02
CA ARG A 65 -23.00 30.15 -17.68
C ARG A 65 -22.43 31.53 -17.32
N VAL A 66 -23.18 32.30 -16.56
CA VAL A 66 -22.68 33.59 -16.00
C VAL A 66 -22.79 33.50 -14.48
N ILE A 67 -21.78 34.03 -13.77
CA ILE A 67 -21.80 34.24 -12.29
C ILE A 67 -21.39 35.67 -12.00
N PHE A 68 -21.75 36.16 -10.82
CA PHE A 68 -21.48 37.52 -10.32
C PHE A 68 -20.75 37.41 -8.98
N SER A 69 -19.76 38.27 -8.75
CA SER A 69 -18.97 38.37 -7.49
C SER A 69 -18.94 39.81 -7.01
N LEU A 70 -18.90 40.00 -5.69
CA LEU A 70 -18.38 41.25 -5.09
C LEU A 70 -16.86 41.23 -5.29
N THR A 71 -16.30 42.35 -5.75
CA THR A 71 -14.86 42.47 -6.10
C THR A 71 -14.30 43.78 -5.55
N ALA A 72 -13.02 43.76 -5.24
CA ALA A 72 -12.19 44.93 -4.88
C ALA A 72 -10.80 44.70 -5.47
N PRO A 73 -10.02 45.77 -5.70
CA PRO A 73 -8.62 45.61 -6.08
C PRO A 73 -7.87 44.73 -5.07
N ALA A 74 -6.99 43.87 -5.57
CA ALA A 74 -6.19 42.91 -4.79
C ALA A 74 -5.20 43.66 -3.88
N ASP A 75 -4.71 44.82 -4.31
CA ASP A 75 -3.71 45.62 -3.55
C ASP A 75 -4.36 46.22 -2.29
N LEU A 76 -5.69 46.19 -2.19
CA LEU A 76 -6.44 46.74 -1.03
C LEU A 76 -6.33 45.79 0.16
N LEU A 77 -6.32 46.32 1.38
CA LEU A 77 -6.30 45.50 2.62
C LEU A 77 -7.61 44.70 2.67
N PRO A 78 -7.57 43.39 2.99
CA PRO A 78 -8.77 42.56 2.99
C PRO A 78 -9.89 43.11 3.88
N GLY A 79 -9.56 43.52 5.11
CA GLY A 79 -10.51 44.07 6.09
C GLY A 79 -11.33 45.24 5.55
N LYS A 80 -10.88 45.91 4.48
CA LYS A 80 -11.48 47.17 3.97
C LYS A 80 -12.22 46.96 2.64
N ARG A 81 -12.16 45.77 2.03
CA ARG A 81 -12.76 45.49 0.69
C ARG A 81 -14.26 45.82 0.68
N HIS A 82 -14.93 45.68 1.83
CA HIS A 82 -16.40 45.83 1.99
C HIS A 82 -16.83 47.28 1.78
N ASP A 83 -15.93 48.23 1.89
CA ASP A 83 -16.25 49.68 1.79
C ASP A 83 -16.33 50.09 0.32
N VAL A 84 -15.75 49.31 -0.60
CA VAL A 84 -15.62 49.70 -2.04
C VAL A 84 -16.03 48.53 -2.94
N ALA A 85 -16.89 47.63 -2.46
CA ALA A 85 -17.32 46.41 -3.21
C ALA A 85 -18.02 46.83 -4.50
N GLU A 86 -17.63 46.24 -5.62
CA GLU A 86 -18.23 46.47 -6.96
C GLU A 86 -18.58 45.10 -7.58
N ILE A 87 -19.72 44.99 -8.23
CA ILE A 87 -20.19 43.71 -8.83
C ILE A 87 -19.52 43.53 -10.19
N ARG A 88 -18.70 42.50 -10.33
CA ARG A 88 -18.17 42.02 -11.65
C ARG A 88 -18.90 40.74 -12.03
N TYR A 89 -18.94 40.42 -13.31
CA TYR A 89 -19.49 39.14 -13.83
C TYR A 89 -18.35 38.34 -14.47
N PHE A 90 -18.48 37.03 -14.42
CA PHE A 90 -17.58 36.05 -15.06
C PHE A 90 -18.44 35.07 -15.85
N TYR A 91 -17.88 34.50 -16.92
CA TYR A 91 -18.60 33.56 -17.83
C TYR A 91 -17.67 32.38 -18.13
N SER A 92 -18.28 31.22 -18.33
CA SER A 92 -17.57 29.94 -18.56
C SER A 92 -18.41 29.03 -19.45
N ARG A 93 -17.75 28.28 -20.33
CA ARG A 93 -18.37 27.30 -21.25
C ARG A 93 -18.45 25.92 -20.59
N ASP A 94 -17.57 25.61 -19.63
CA ASP A 94 -17.52 24.28 -18.94
C ASP A 94 -17.95 24.37 -17.47
N GLY A 95 -17.67 25.46 -16.77
CA GLY A 95 -18.01 25.60 -15.34
C GLY A 95 -16.80 25.62 -14.45
N GLU A 96 -15.60 25.47 -15.05
CA GLU A 96 -14.29 25.46 -14.36
C GLU A 96 -13.47 26.68 -14.76
N THR A 97 -13.29 26.93 -16.06
CA THR A 97 -12.35 27.96 -16.58
C THR A 97 -13.13 29.26 -16.84
N TRP A 98 -13.18 30.16 -15.84
CA TRP A 98 -13.99 31.40 -15.85
C TRP A 98 -13.18 32.54 -16.48
N PHE A 99 -13.85 33.35 -17.31
CA PHE A 99 -13.26 34.57 -17.92
C PHE A 99 -13.86 35.80 -17.23
N ASP A 100 -13.02 36.78 -16.93
CA ASP A 100 -13.44 38.07 -16.33
C ASP A 100 -14.26 38.85 -17.36
N GLY A 101 -15.51 39.17 -17.05
CA GLY A 101 -16.40 39.96 -17.90
C GLY A 101 -16.34 41.44 -17.55
N GLY A 102 -15.64 41.79 -16.48
CA GLY A 102 -15.53 43.18 -16.00
C GLY A 102 -16.74 43.59 -15.19
N PRO A 103 -16.80 44.86 -14.73
CA PRO A 103 -17.92 45.36 -13.94
C PRO A 103 -19.22 45.21 -14.73
N VAL A 104 -20.33 44.94 -14.03
CA VAL A 104 -21.66 44.70 -14.63
C VAL A 104 -22.30 46.06 -14.94
N PHE A 105 -22.06 47.05 -14.08
CA PHE A 105 -22.74 48.36 -14.13
C PHE A 105 -21.74 49.45 -14.51
N GLU A 106 -22.18 50.37 -15.38
CA GLU A 106 -21.37 51.51 -15.88
C GLU A 106 -21.49 52.69 -14.91
N GLY A 107 -22.66 52.85 -14.31
CA GLY A 107 -22.92 53.93 -13.33
C GLY A 107 -24.39 53.96 -12.98
N GLY A 108 -24.83 55.00 -12.27
CA GLY A 108 -26.22 55.16 -11.78
C GLY A 108 -26.59 54.09 -10.78
N THR A 109 -25.61 53.36 -10.22
CA THR A 109 -25.83 52.26 -9.25
C THR A 109 -26.19 52.89 -7.90
N ARG A 110 -27.12 52.27 -7.18
CA ARG A 110 -27.58 52.77 -5.86
C ARG A 110 -26.55 52.38 -4.78
N GLY A 111 -26.44 53.21 -3.75
CA GLY A 111 -25.52 53.01 -2.60
C GLY A 111 -24.10 53.44 -2.91
N SER A 112 -23.35 53.81 -1.87
CA SER A 112 -21.91 54.16 -1.93
C SER A 112 -21.13 52.97 -2.53
N ARG A 113 -21.54 51.75 -2.21
CA ARG A 113 -20.99 50.47 -2.76
C ARG A 113 -22.10 49.42 -2.77
N GLN A 114 -21.92 48.33 -3.52
CA GLN A 114 -22.93 47.25 -3.71
C GLN A 114 -22.50 45.99 -2.98
N TRP A 115 -23.43 45.35 -2.27
CA TRP A 115 -23.25 44.06 -1.58
C TRP A 115 -24.07 42.97 -2.27
N ALA A 116 -24.00 41.74 -1.77
CA ALA A 116 -24.42 40.52 -2.51
C ALA A 116 -25.92 40.58 -2.78
N GLY A 117 -26.35 39.90 -3.84
CA GLY A 117 -27.78 39.67 -4.15
C GLY A 117 -28.00 38.39 -4.96
N SER A 118 -28.63 38.53 -6.12
CA SER A 118 -29.03 37.43 -7.02
C SER A 118 -29.17 37.97 -8.44
N ALA A 119 -29.36 37.10 -9.41
CA ALA A 119 -29.49 37.45 -10.85
C ALA A 119 -30.56 36.56 -11.49
N LEU A 120 -31.41 37.19 -12.29
CA LEU A 120 -32.55 36.55 -12.99
C LEU A 120 -32.43 36.89 -14.47
N LEU A 121 -32.37 35.88 -15.34
CA LEU A 121 -32.64 36.04 -16.78
C LEU A 121 -34.08 35.57 -17.02
N ASP A 122 -35.00 36.51 -17.16
CA ASP A 122 -36.46 36.25 -17.19
C ASP A 122 -36.79 35.58 -18.53
N ASP A 123 -38.01 35.03 -18.63
CA ASP A 123 -38.54 34.35 -19.85
C ASP A 123 -38.49 35.31 -21.04
N ASP A 124 -38.72 36.60 -20.83
CA ASP A 124 -38.78 37.64 -21.89
C ASP A 124 -37.35 38.03 -22.35
N GLY A 125 -36.29 37.54 -21.69
CA GLY A 125 -34.89 37.80 -22.09
C GLY A 125 -34.30 39.00 -21.37
N ARG A 126 -35.11 39.74 -20.59
CA ARG A 126 -34.68 40.89 -19.74
C ARG A 126 -33.84 40.36 -18.57
N LEU A 127 -32.78 41.09 -18.21
CA LEU A 127 -31.85 40.74 -17.10
C LEU A 127 -32.15 41.61 -15.88
N TYR A 128 -32.30 41.00 -14.72
CA TYR A 128 -32.43 41.67 -13.40
C TYR A 128 -31.26 41.22 -12.52
N VAL A 129 -30.41 42.16 -12.10
CA VAL A 129 -29.32 41.93 -11.12
C VAL A 129 -29.71 42.58 -9.80
N PHE A 130 -30.33 41.82 -8.90
CA PHE A 130 -30.64 42.24 -7.52
C PHE A 130 -29.31 42.39 -6.77
N TYR A 131 -29.20 43.44 -5.96
CA TYR A 131 -28.02 43.70 -5.10
C TYR A 131 -28.44 44.49 -3.87
N THR A 132 -27.55 44.57 -2.90
CA THR A 132 -27.69 45.42 -1.69
C THR A 132 -27.00 46.75 -1.97
N ALA A 133 -27.76 47.85 -1.88
CA ALA A 133 -27.22 49.23 -1.84
C ALA A 133 -26.78 49.53 -0.40
N SER A 134 -25.47 49.48 -0.16
CA SER A 134 -24.83 49.87 1.12
C SER A 134 -24.45 51.35 1.05
N GLY A 135 -24.80 52.11 2.11
CA GLY A 135 -24.67 53.57 2.15
C GLY A 135 -25.54 54.22 1.09
N ARG A 136 -25.23 55.48 0.74
CA ARG A 136 -25.90 56.28 -0.32
C ARG A 136 -24.82 56.83 -1.25
N ALA A 137 -25.11 56.90 -2.55
CA ALA A 137 -24.15 57.28 -3.62
C ALA A 137 -23.55 58.67 -3.29
N GLY A 138 -22.22 58.78 -3.35
CA GLY A 138 -21.46 60.03 -3.17
C GLY A 138 -21.60 60.62 -1.78
N GLU A 139 -21.84 59.77 -0.76
CA GLU A 139 -21.97 60.22 0.65
C GLU A 139 -20.62 60.75 1.13
N ALA A 140 -20.65 61.65 2.13
CA ALA A 140 -19.48 62.34 2.73
C ALA A 140 -18.56 61.31 3.40
N GLU A 141 -19.00 60.70 4.50
CA GLU A 141 -18.30 59.59 5.20
C GLU A 141 -19.13 58.31 5.04
N ILE A 142 -18.50 57.14 5.09
CA ILE A 142 -19.15 55.80 4.87
C ILE A 142 -20.22 55.55 5.94
N THR A 143 -21.44 55.19 5.52
CA THR A 143 -22.59 54.78 6.38
C THR A 143 -22.92 53.31 6.10
N TYR A 144 -23.68 52.67 6.99
CA TYR A 144 -23.98 51.21 6.92
C TYR A 144 -25.49 51.00 6.73
N GLU A 145 -26.12 51.88 5.95
CA GLU A 145 -27.56 51.76 5.59
C GLU A 145 -27.64 50.83 4.38
N GLN A 146 -28.46 49.80 4.50
CA GLN A 146 -28.66 48.73 3.48
C GLN A 146 -30.11 48.79 2.99
N ARG A 147 -30.29 48.81 1.67
CA ARG A 147 -31.63 48.68 1.02
C ARG A 147 -31.50 47.71 -0.17
N LEU A 148 -32.54 46.93 -0.43
CA LEU A 148 -32.61 45.93 -1.53
C LEU A 148 -32.88 46.71 -2.82
N ALA A 149 -31.96 46.66 -3.77
CA ALA A 149 -32.07 47.36 -5.07
C ALA A 149 -32.00 46.34 -6.19
N VAL A 150 -32.31 46.79 -7.42
CA VAL A 150 -32.17 45.97 -8.65
C VAL A 150 -31.65 46.87 -9.77
N GLY A 151 -30.73 46.34 -10.58
CA GLY A 151 -30.40 46.89 -11.91
C GLY A 151 -31.14 46.12 -12.98
N SER A 152 -32.22 46.68 -13.51
CA SER A 152 -33.13 46.01 -14.46
C SER A 152 -32.86 46.46 -15.89
N GLY A 153 -33.46 45.74 -16.85
CA GLY A 153 -33.49 46.08 -18.28
C GLY A 153 -32.17 45.84 -18.96
N GLY A 154 -31.31 44.98 -18.40
CA GLY A 154 -30.04 44.59 -19.00
C GLY A 154 -30.25 43.71 -20.21
N SER A 155 -29.18 43.44 -20.94
CA SER A 155 -29.14 42.50 -22.09
C SER A 155 -27.86 41.66 -21.99
N VAL A 156 -28.00 40.34 -22.18
CA VAL A 156 -26.87 39.39 -22.16
C VAL A 156 -26.69 38.84 -23.58
N VAL A 157 -25.63 39.26 -24.27
CA VAL A 157 -25.31 38.84 -25.66
C VAL A 157 -24.12 37.87 -25.59
N ALA A 158 -24.22 36.76 -26.29
CA ALA A 158 -23.21 35.66 -26.27
C ALA A 158 -22.86 35.27 -27.71
N ASP A 159 -21.58 35.31 -28.06
CA ASP A 159 -21.04 34.79 -29.34
C ASP A 159 -20.22 33.53 -29.00
N ASP A 160 -19.35 33.08 -29.91
CA ASP A 160 -18.47 31.89 -29.70
C ASP A 160 -17.19 32.31 -28.97
N ASP A 161 -17.00 33.61 -28.74
CA ASP A 161 -15.77 34.20 -28.16
C ASP A 161 -15.99 34.50 -26.68
N GLY A 162 -17.22 34.84 -26.27
CA GLY A 162 -17.54 35.10 -24.86
C GLY A 162 -18.94 35.68 -24.67
N VAL A 163 -19.14 36.36 -23.54
CA VAL A 163 -20.43 36.93 -23.09
C VAL A 163 -20.16 38.38 -22.68
N ARG A 164 -20.95 39.33 -23.18
CA ARG A 164 -20.91 40.74 -22.71
C ARG A 164 -22.32 41.07 -22.21
N ILE A 165 -22.40 41.73 -21.06
CA ILE A 165 -23.68 42.27 -20.51
C ILE A 165 -23.72 43.75 -20.88
N GLU A 166 -24.70 44.14 -21.69
CA GLU A 166 -24.80 45.51 -22.26
C GLU A 166 -25.98 46.28 -21.65
N GLY A 167 -25.84 47.61 -21.61
CA GLY A 167 -26.73 48.53 -20.89
C GLY A 167 -27.92 48.87 -21.77
N PRO A 168 -28.69 49.95 -21.48
CA PRO A 168 -28.57 50.69 -20.24
C PRO A 168 -29.26 49.90 -19.11
N PHE A 169 -28.93 50.21 -17.86
CA PHE A 169 -29.54 49.60 -16.65
C PHE A 169 -30.40 50.63 -15.92
N ALA A 170 -31.61 50.24 -15.52
CA ALA A 170 -32.51 51.07 -14.68
C ALA A 170 -32.35 50.66 -13.23
N HIS A 171 -31.50 51.36 -12.47
CA HIS A 171 -31.29 51.12 -11.02
C HIS A 171 -32.40 51.76 -10.19
N GLY A 172 -33.02 50.99 -9.31
CA GLY A 172 -34.04 51.47 -8.37
C GLY A 172 -34.02 50.64 -7.09
N VAL A 173 -34.27 51.29 -5.96
CA VAL A 173 -34.48 50.60 -4.65
C VAL A 173 -35.84 49.91 -4.70
N LEU A 174 -35.90 48.66 -4.21
CA LEU A 174 -37.14 47.83 -4.22
C LEU A 174 -37.75 47.83 -2.82
N LEU A 175 -36.95 47.63 -1.77
CA LEU A 175 -37.49 47.47 -0.39
C LEU A 175 -36.59 48.16 0.62
N GLU A 176 -37.22 48.72 1.65
CA GLU A 176 -36.57 49.24 2.88
C GLU A 176 -37.35 48.70 4.07
N PRO A 177 -36.69 48.49 5.23
CA PRO A 177 -37.34 47.87 6.38
C PRO A 177 -38.56 48.69 6.84
N ASP A 178 -39.65 48.01 7.20
CA ASP A 178 -40.94 48.65 7.58
C ASP A 178 -40.87 49.15 9.03
N GLY A 179 -40.01 48.59 9.87
CA GLY A 179 -39.85 48.99 11.28
C GLY A 179 -40.75 48.22 12.23
N GLU A 180 -41.64 47.38 11.71
CA GLU A 180 -42.61 46.56 12.49
C GLU A 180 -42.23 45.07 12.38
N ARG A 181 -42.10 44.52 11.17
CA ARG A 181 -41.69 43.11 10.93
C ARG A 181 -40.18 43.02 10.76
N TYR A 182 -39.55 44.07 10.21
CA TYR A 182 -38.10 44.14 9.89
C TYR A 182 -37.50 45.43 10.48
N GLU A 183 -36.49 45.26 11.34
CA GLU A 183 -35.82 46.34 12.11
C GLU A 183 -35.11 47.29 11.13
N ARG A 184 -35.27 48.61 11.37
CA ARG A 184 -34.57 49.72 10.69
C ARG A 184 -33.32 50.12 11.50
N GLU A 185 -32.44 50.93 10.93
CA GLU A 185 -31.11 51.27 11.52
C GLU A 185 -31.30 51.92 12.90
N GLU A 186 -32.31 52.79 13.03
CA GLU A 186 -32.69 53.53 14.26
C GLU A 186 -32.93 52.54 15.40
N GLN A 187 -33.65 51.45 15.14
CA GLN A 187 -34.10 50.46 16.16
C GLN A 187 -32.94 49.54 16.59
N SER A 188 -31.82 49.56 15.88
CA SER A 188 -30.68 48.63 16.08
C SER A 188 -30.12 48.78 17.51
N ARG A 189 -30.30 47.77 18.33
CA ARG A 189 -29.58 47.59 19.63
C ARG A 189 -28.43 46.61 19.39
N GLY A 190 -27.34 46.76 20.14
CA GLY A 190 -26.10 45.95 19.95
C GLY A 190 -25.46 46.24 18.60
N MET A 191 -25.20 45.19 17.81
CA MET A 191 -24.45 45.30 16.52
C MET A 191 -25.32 45.99 15.46
N ILE A 192 -24.70 46.36 14.33
CA ILE A 192 -25.38 47.09 13.21
C ILE A 192 -26.47 46.20 12.63
N TYR A 193 -27.62 46.80 12.29
CA TYR A 193 -28.77 46.08 11.68
C TYR A 193 -28.37 45.53 10.31
N THR A 194 -29.15 44.57 9.83
CA THR A 194 -29.01 43.92 8.50
C THR A 194 -30.32 44.08 7.73
N PHE A 195 -30.21 44.35 6.43
CA PHE A 195 -31.32 44.35 5.46
C PHE A 195 -30.75 44.24 4.05
N ARG A 196 -30.28 43.04 3.69
CA ARG A 196 -29.40 42.85 2.51
C ARG A 196 -29.60 41.46 1.91
N ASP A 197 -28.85 41.18 0.84
CA ASP A 197 -28.69 39.84 0.23
C ASP A 197 -30.05 39.42 -0.33
N PRO A 198 -30.63 40.19 -1.29
CA PRO A 198 -31.91 39.84 -1.90
C PRO A 198 -31.74 38.68 -2.90
N TRP A 199 -32.43 37.58 -2.64
CA TRP A 199 -32.34 36.34 -3.46
C TRP A 199 -33.69 36.07 -4.09
N PHE A 200 -33.78 36.13 -5.43
CA PHE A 200 -35.02 35.88 -6.20
C PHE A 200 -35.34 34.39 -6.18
N PHE A 201 -36.64 34.06 -6.08
CA PHE A 201 -37.13 32.67 -5.94
C PHE A 201 -38.59 32.55 -6.37
N GLU A 202 -38.83 31.74 -7.40
CA GLU A 202 -40.18 31.30 -7.84
C GLU A 202 -40.46 29.94 -7.21
N ASP A 203 -41.52 29.84 -6.38
CA ASP A 203 -41.95 28.58 -5.73
C ASP A 203 -42.48 27.65 -6.82
N PRO A 204 -41.84 26.49 -7.07
CA PRO A 204 -42.23 25.63 -8.18
C PRO A 204 -43.59 24.97 -7.95
N ARG A 205 -44.08 24.99 -6.70
CA ARG A 205 -45.42 24.48 -6.32
C ARG A 205 -46.46 25.56 -6.57
N SER A 206 -46.44 26.67 -5.82
CA SER A 206 -47.46 27.76 -5.91
C SER A 206 -47.37 28.46 -7.28
N GLY A 207 -46.19 28.56 -7.87
CA GLY A 207 -45.94 29.44 -9.03
C GLY A 207 -45.75 30.89 -8.61
N LYS A 208 -46.02 31.22 -7.34
CA LYS A 208 -45.92 32.59 -6.80
C LYS A 208 -44.45 33.03 -6.78
N THR A 209 -44.17 34.33 -6.93
CA THR A 209 -42.80 34.89 -7.03
C THR A 209 -42.44 35.55 -5.70
N TYR A 210 -41.29 35.19 -5.13
CA TYR A 210 -40.79 35.72 -3.83
C TYR A 210 -39.37 36.26 -3.98
N LEU A 211 -38.98 37.10 -3.02
CA LEU A 211 -37.61 37.63 -2.85
C LEU A 211 -37.23 37.48 -1.38
N LEU A 212 -36.31 36.55 -1.08
CA LEU A 212 -35.75 36.35 0.29
C LEU A 212 -34.65 37.38 0.53
N PHE A 213 -34.41 37.72 1.79
CA PHE A 213 -33.33 38.63 2.23
C PHE A 213 -33.02 38.38 3.70
N GLU A 214 -31.83 38.81 4.10
CA GLU A 214 -31.40 38.81 5.50
C GLU A 214 -31.88 40.11 6.12
N ALA A 215 -32.51 40.03 7.28
CA ALA A 215 -32.97 41.19 8.07
C ALA A 215 -32.80 40.87 9.56
N ASN A 216 -33.29 41.79 10.39
CA ASN A 216 -33.48 41.56 11.84
C ASN A 216 -34.94 41.85 12.16
N THR A 217 -35.51 41.14 13.14
CA THR A 217 -36.88 41.41 13.64
C THR A 217 -36.76 42.32 14.85
N PRO A 218 -37.43 43.49 14.83
CA PRO A 218 -37.29 44.44 15.92
C PRO A 218 -37.85 43.82 17.21
N ILE A 219 -37.14 44.03 18.32
CA ILE A 219 -37.54 43.62 19.69
C ILE A 219 -37.59 44.89 20.54
N PRO A 220 -38.80 45.29 21.01
CA PRO A 220 -38.94 46.44 21.89
C PRO A 220 -38.01 46.30 23.11
N GLU A 221 -37.59 47.43 23.71
CA GLU A 221 -36.77 47.44 24.95
C GLU A 221 -37.66 46.88 26.06
N GLY A 222 -37.11 46.00 26.90
CA GLY A 222 -37.86 45.37 28.01
C GLY A 222 -38.98 44.45 27.56
N ALA A 223 -38.95 43.98 26.31
CA ALA A 223 -39.95 43.05 25.72
C ALA A 223 -40.03 41.74 26.52
N GLY A 224 -38.94 41.36 27.18
CA GLY A 224 -38.81 40.08 27.91
C GLY A 224 -38.83 38.89 26.97
N ALA A 225 -38.71 39.11 25.65
CA ALA A 225 -38.81 38.06 24.60
C ALA A 225 -37.66 37.04 24.75
N CYS A 226 -36.69 37.29 25.64
CA CYS A 226 -35.54 36.37 25.89
C CYS A 226 -35.28 36.28 27.41
N GLY A 227 -34.59 35.22 27.85
CA GLY A 227 -34.27 34.98 29.27
C GLY A 227 -33.10 35.81 29.76
N ASP A 228 -32.68 36.84 29.01
CA ASP A 228 -31.68 37.87 29.39
C ASP A 228 -31.78 39.02 28.38
N PRO A 229 -31.97 40.28 28.83
CA PRO A 229 -32.10 41.42 27.91
C PRO A 229 -31.02 41.59 26.83
N VAL A 230 -29.77 41.21 27.09
CA VAL A 230 -28.65 41.38 26.11
C VAL A 230 -28.83 40.40 24.94
N TRP A 231 -29.37 39.20 25.19
CA TRP A 231 -29.69 38.18 24.16
C TRP A 231 -30.63 38.78 23.10
N GLU A 232 -31.54 39.69 23.49
CA GLU A 232 -32.54 40.33 22.60
C GLU A 232 -31.84 41.14 21.48
N GLU A 233 -30.57 41.50 21.64
CA GLU A 233 -29.78 42.28 20.63
C GLU A 233 -29.51 41.41 19.40
N PHE A 234 -29.52 40.08 19.58
CA PHE A 234 -29.30 39.06 18.53
C PHE A 234 -30.65 38.63 17.96
N ASN A 235 -31.07 39.36 16.91
CA ASN A 235 -32.46 39.39 16.40
C ASN A 235 -32.43 39.09 14.89
N GLY A 236 -31.47 38.27 14.45
CA GLY A 236 -31.31 37.86 13.04
C GLY A 236 -32.56 37.13 12.54
N SER A 237 -32.90 37.33 11.26
CA SER A 237 -34.09 36.71 10.64
C SER A 237 -33.91 36.63 9.13
N VAL A 238 -34.60 35.66 8.52
CA VAL A 238 -34.72 35.53 7.04
C VAL A 238 -36.07 36.11 6.67
N GLY A 239 -36.04 37.29 6.07
CA GLY A 239 -37.25 37.98 5.57
C GLY A 239 -37.58 37.52 4.17
N ILE A 240 -38.81 37.76 3.75
CA ILE A 240 -39.32 37.39 2.40
C ILE A 240 -40.33 38.46 1.97
N ALA A 241 -40.34 38.77 0.68
CA ALA A 241 -41.32 39.67 0.04
C ALA A 241 -41.96 38.90 -1.11
N HIS A 242 -43.15 39.33 -1.52
CA HIS A 242 -43.98 38.66 -2.56
C HIS A 242 -44.24 39.67 -3.68
N SER A 243 -44.24 39.21 -4.94
CA SER A 243 -44.74 39.97 -6.12
C SER A 243 -46.06 39.37 -6.55
N PRO A 244 -47.21 40.06 -6.34
CA PRO A 244 -48.51 39.53 -6.75
C PRO A 244 -48.58 39.37 -8.28
N THR A 245 -48.05 40.35 -9.00
CA THR A 245 -47.97 40.42 -10.48
C THR A 245 -46.92 39.46 -11.05
N GLY A 246 -45.89 39.10 -10.29
CA GLY A 246 -44.78 38.29 -10.83
C GLY A 246 -43.75 39.16 -11.54
N ASP A 247 -44.04 40.45 -11.75
CA ASP A 247 -43.03 41.50 -12.06
C ASP A 247 -41.87 41.39 -11.07
N PRO A 248 -40.61 41.20 -11.52
CA PRO A 248 -39.46 41.16 -10.62
C PRO A 248 -39.05 42.48 -9.94
N THR A 249 -39.81 43.57 -10.11
CA THR A 249 -39.50 44.91 -9.54
C THR A 249 -40.63 45.45 -8.65
N ASP A 250 -41.72 44.70 -8.48
CA ASP A 250 -42.90 45.07 -7.65
C ASP A 250 -43.00 44.06 -6.48
N TRP A 251 -42.71 44.49 -5.26
CA TRP A 251 -42.65 43.59 -4.07
C TRP A 251 -43.45 44.17 -2.91
N GLU A 252 -44.11 43.31 -2.14
CA GLU A 252 -44.74 43.66 -0.84
C GLU A 252 -44.09 42.79 0.24
N LEU A 253 -43.67 43.41 1.34
CA LEU A 253 -43.05 42.68 2.50
C LEU A 253 -44.06 41.68 3.05
N CYS A 254 -43.61 40.47 3.39
CA CYS A 254 -44.38 39.43 4.12
C CYS A 254 -43.74 39.22 5.49
N ASP A 255 -44.32 38.35 6.33
CA ASP A 255 -43.73 37.95 7.63
C ASP A 255 -42.48 37.11 7.36
N PRO A 256 -41.48 37.17 8.26
CA PRO A 256 -40.22 36.47 8.05
C PRO A 256 -40.42 34.95 8.07
N LEU A 257 -39.60 34.23 7.30
CA LEU A 257 -39.63 32.74 7.16
C LEU A 257 -39.13 32.12 8.46
N LEU A 258 -38.09 32.71 9.04
CA LEU A 258 -37.34 32.15 10.19
C LEU A 258 -36.66 33.29 10.95
N GLU A 259 -36.60 33.18 12.29
CA GLU A 259 -35.87 34.13 13.19
C GLU A 259 -34.90 33.34 14.08
N GLY A 260 -33.74 33.94 14.35
CA GLY A 260 -32.72 33.41 15.27
C GLY A 260 -32.62 34.26 16.53
N ILE A 261 -33.77 34.70 17.06
CA ILE A 261 -33.84 35.61 18.23
C ILE A 261 -33.21 34.88 19.42
N CYS A 262 -32.34 35.59 20.14
CA CYS A 262 -31.54 35.09 21.29
C CYS A 262 -30.42 34.16 20.81
N VAL A 263 -30.19 34.02 19.50
CA VAL A 263 -29.23 33.00 18.96
C VAL A 263 -28.17 33.68 18.09
N ASN A 264 -28.55 34.45 17.07
CA ASN A 264 -27.56 35.01 16.11
C ASN A 264 -28.09 36.30 15.49
N GLN A 265 -27.18 37.25 15.18
CA GLN A 265 -27.53 38.58 14.61
C GLN A 265 -27.57 38.47 13.09
N GLU A 266 -26.62 37.73 12.49
CA GLU A 266 -26.43 37.67 11.02
C GLU A 266 -26.79 36.27 10.51
N LEU A 267 -27.98 36.15 9.91
CA LEU A 267 -28.38 34.97 9.08
C LEU A 267 -28.17 35.33 7.61
N GLU A 268 -26.92 35.24 7.13
CA GLU A 268 -26.47 35.87 5.86
C GLU A 268 -26.86 35.04 4.64
N ARG A 269 -26.91 35.69 3.48
CA ARG A 269 -27.19 35.14 2.13
C ARG A 269 -28.14 33.95 2.24
N PRO A 270 -29.42 34.23 2.60
CA PRO A 270 -30.42 33.17 2.72
C PRO A 270 -30.84 32.81 1.29
N HIS A 271 -31.13 31.53 1.09
CA HIS A 271 -31.62 30.96 -0.19
C HIS A 271 -32.29 29.62 0.10
N VAL A 272 -33.18 29.20 -0.80
CA VAL A 272 -33.99 27.96 -0.70
C VAL A 272 -33.61 27.05 -1.86
N VAL A 273 -33.36 25.78 -1.54
CA VAL A 273 -33.27 24.68 -2.53
C VAL A 273 -34.48 23.78 -2.28
N VAL A 274 -35.30 23.57 -3.30
CA VAL A 274 -36.45 22.62 -3.24
C VAL A 274 -35.98 21.28 -3.79
N ARG A 275 -36.16 20.20 -3.04
CA ARG A 275 -35.71 18.84 -3.42
C ARG A 275 -36.84 17.85 -3.13
N ASN A 276 -37.38 17.26 -4.18
CA ASN A 276 -38.63 16.45 -4.14
C ASN A 276 -39.64 17.33 -3.42
N GLY A 277 -40.26 16.90 -2.33
CA GLY A 277 -41.37 17.70 -1.77
C GLY A 277 -40.93 18.83 -0.86
N PHE A 278 -39.63 18.99 -0.60
CA PHE A 278 -39.13 19.66 0.62
C PHE A 278 -38.35 20.92 0.28
N TYR A 279 -38.51 21.91 1.17
CA TYR A 279 -37.89 23.25 1.09
C TYR A 279 -36.76 23.31 2.11
N TYR A 280 -35.52 23.32 1.63
CA TYR A 280 -34.30 23.51 2.45
C TYR A 280 -33.94 25.00 2.41
N LEU A 281 -33.95 25.65 3.57
CA LEU A 281 -33.53 27.07 3.73
C LEU A 281 -32.11 27.08 4.31
N PHE A 282 -31.17 27.71 3.60
CA PHE A 282 -29.74 27.78 3.96
C PHE A 282 -29.36 29.23 4.25
N VAL A 283 -28.57 29.41 5.30
CA VAL A 283 -27.97 30.73 5.69
C VAL A 283 -26.53 30.47 6.14
N SER A 284 -25.62 31.36 5.75
CA SER A 284 -24.21 31.41 6.20
C SER A 284 -24.14 32.33 7.42
N SER A 285 -23.46 31.92 8.49
CA SER A 285 -23.34 32.73 9.74
C SER A 285 -21.91 32.69 10.28
N HIS A 286 -21.56 33.70 11.09
CA HIS A 286 -20.23 33.82 11.76
C HIS A 286 -20.26 33.24 13.18
N ASP A 287 -19.08 32.96 13.73
CA ASP A 287 -18.89 32.57 15.15
C ASP A 287 -19.13 33.79 16.04
N HIS A 288 -18.71 34.98 15.60
CA HIS A 288 -18.73 36.21 16.43
C HIS A 288 -20.14 36.79 16.49
N THR A 289 -21.06 36.35 15.64
CA THR A 289 -22.44 36.90 15.59
C THR A 289 -23.39 36.03 16.43
N PHE A 290 -22.87 35.03 17.14
CA PHE A 290 -23.67 34.19 18.06
C PHE A 290 -23.85 34.95 19.38
N ALA A 291 -25.06 34.86 19.95
CA ALA A 291 -25.41 35.43 21.27
C ALA A 291 -24.53 34.78 22.33
N PRO A 292 -24.24 35.50 23.44
CA PRO A 292 -23.44 34.95 24.53
C PRO A 292 -24.04 33.67 25.11
N GLY A 293 -23.17 32.77 25.59
CA GLY A 293 -23.54 31.45 26.13
C GLY A 293 -23.62 30.39 25.04
N LEU A 294 -23.61 30.80 23.78
CA LEU A 294 -23.65 29.89 22.59
C LEU A 294 -22.29 29.93 21.88
N GLU A 295 -21.86 28.78 21.38
CA GLU A 295 -20.58 28.62 20.65
C GLU A 295 -20.86 27.86 19.36
N GLY A 296 -20.83 28.55 18.22
CA GLY A 296 -20.93 27.94 16.89
C GLY A 296 -19.83 28.46 15.98
N PRO A 297 -19.36 27.67 15.00
CA PRO A 297 -18.35 28.14 14.06
C PRO A 297 -18.92 28.91 12.85
N ASP A 298 -18.10 29.72 12.20
CA ASP A 298 -18.31 30.18 10.81
C ASP A 298 -18.78 28.94 10.02
N GLY A 299 -19.98 28.98 9.45
CA GLY A 299 -20.53 27.81 8.74
C GLY A 299 -21.81 28.12 7.99
N LEU A 300 -22.22 27.18 7.15
CA LEU A 300 -23.56 27.15 6.50
C LEU A 300 -24.52 26.40 7.41
N TYR A 301 -25.59 27.08 7.84
CA TYR A 301 -26.66 26.50 8.67
C TYR A 301 -27.89 26.32 7.79
N GLY A 302 -28.72 25.35 8.13
CA GLY A 302 -29.79 24.87 7.24
C GLY A 302 -31.00 24.39 8.00
N PHE A 303 -32.17 24.59 7.41
CA PHE A 303 -33.49 24.23 7.97
C PHE A 303 -34.35 23.67 6.85
N VAL A 304 -35.36 22.88 7.22
CA VAL A 304 -36.22 22.15 6.25
C VAL A 304 -37.68 22.23 6.69
N ALA A 305 -38.57 22.36 5.70
CA ALA A 305 -40.04 22.34 5.89
C ALA A 305 -40.68 21.71 4.64
N ASP A 306 -41.97 21.39 4.74
CA ASP A 306 -42.74 20.76 3.63
C ASP A 306 -43.29 21.86 2.71
N SER A 307 -43.16 23.15 3.08
CA SER A 307 -43.64 24.30 2.27
C SER A 307 -42.67 25.48 2.42
N LEU A 308 -42.72 26.44 1.49
CA LEU A 308 -41.78 27.60 1.50
C LEU A 308 -41.96 28.38 2.79
N ARG A 309 -43.20 28.60 3.23
CA ARG A 309 -43.52 29.41 4.43
C ARG A 309 -43.93 28.48 5.56
N GLY A 310 -43.33 27.28 5.61
CA GLY A 310 -43.66 26.22 6.59
C GLY A 310 -42.92 26.38 7.90
N GLU A 311 -43.13 25.40 8.79
CA GLU A 311 -42.48 25.30 10.12
C GLU A 311 -41.09 24.71 9.92
N TYR A 312 -40.13 25.56 9.56
CA TYR A 312 -38.71 25.17 9.38
C TYR A 312 -38.16 24.57 10.68
N ARG A 313 -37.44 23.47 10.57
CA ARG A 313 -36.72 22.81 11.68
C ARG A 313 -35.27 22.66 11.27
N PRO A 314 -34.32 22.75 12.21
CA PRO A 314 -32.90 22.76 11.87
C PRO A 314 -32.41 21.39 11.40
N LEU A 315 -31.59 21.39 10.36
CA LEU A 315 -30.90 20.18 9.84
C LEU A 315 -29.89 19.67 10.87
N ASN A 316 -29.73 18.35 10.97
CA ASN A 316 -28.75 17.71 11.88
C ASN A 316 -29.01 18.12 13.32
N GLY A 317 -30.24 18.53 13.66
CA GLY A 317 -30.64 18.85 15.04
C GLY A 317 -30.20 20.24 15.49
N SER A 318 -28.97 20.65 15.17
CA SER A 318 -28.34 21.92 15.62
C SER A 318 -28.56 23.00 14.55
N GLY A 319 -28.62 22.61 13.28
CA GLY A 319 -28.71 23.55 12.15
C GLY A 319 -27.42 23.59 11.35
N LEU A 320 -26.31 23.15 11.94
CA LEU A 320 -24.99 23.17 11.25
C LEU A 320 -25.01 22.12 10.14
N VAL A 321 -24.79 22.57 8.90
CA VAL A 321 -24.78 21.74 7.68
C VAL A 321 -23.34 21.51 7.22
N LEU A 322 -22.54 22.57 7.25
CA LEU A 322 -21.18 22.56 6.65
C LEU A 322 -20.34 23.65 7.34
N THR A 323 -19.08 23.35 7.64
CA THR A 323 -18.15 24.26 8.35
C THR A 323 -16.70 23.93 7.98
N ASN A 324 -15.79 24.81 8.36
CA ASN A 324 -14.33 24.65 8.14
C ASN A 324 -13.76 23.85 9.28
N PRO A 325 -12.59 23.18 9.09
CA PRO A 325 -11.93 22.46 10.18
C PRO A 325 -11.42 23.44 11.25
N ALA A 326 -11.29 22.96 12.49
CA ALA A 326 -10.82 23.75 13.65
C ALA A 326 -9.46 24.40 13.36
N ASN A 327 -8.59 23.71 12.63
CA ASN A 327 -7.19 24.15 12.36
C ASN A 327 -7.11 25.06 11.12
N ALA A 328 -8.25 25.46 10.50
CA ALA A 328 -8.32 26.47 9.40
C ALA A 328 -9.72 27.11 9.38
N PRO A 329 -10.17 27.68 10.51
CA PRO A 329 -11.60 27.85 10.76
C PRO A 329 -12.28 28.97 9.95
N TYR A 330 -11.50 29.78 9.22
CA TYR A 330 -12.05 30.91 8.44
C TYR A 330 -11.73 30.74 6.95
N GLN A 331 -11.36 29.52 6.53
CA GLN A 331 -10.82 29.27 5.15
C GLN A 331 -11.88 29.52 4.09
N ALA A 332 -13.17 29.39 4.41
CA ALA A 332 -14.27 29.62 3.46
C ALA A 332 -15.45 30.30 4.16
N TYR A 333 -16.32 30.92 3.36
CA TYR A 333 -17.55 31.58 3.84
C TYR A 333 -18.46 31.87 2.64
N SER A 334 -19.68 32.35 2.91
CA SER A 334 -20.69 32.87 1.95
C SER A 334 -21.04 31.76 0.94
N TRP A 335 -21.40 30.61 1.50
CA TRP A 335 -21.82 29.39 0.76
C TRP A 335 -23.22 29.61 0.17
N VAL A 336 -23.38 29.11 -1.05
CA VAL A 336 -24.66 29.09 -1.83
C VAL A 336 -24.87 27.65 -2.34
N ALA A 337 -25.96 27.02 -1.92
CA ALA A 337 -26.31 25.62 -2.23
C ALA A 337 -27.19 25.59 -3.48
N PHE A 338 -27.02 24.56 -4.32
CA PHE A 338 -27.82 24.34 -5.55
C PHE A 338 -27.82 22.86 -5.89
N SER A 339 -28.94 22.38 -6.44
CA SER A 339 -29.17 20.97 -6.77
C SER A 339 -28.35 20.61 -8.00
N HIS A 340 -27.86 19.36 -8.04
CA HIS A 340 -27.30 18.72 -9.25
C HIS A 340 -27.62 17.23 -9.20
N ARG A 341 -28.67 16.82 -9.89
CA ARG A 341 -29.16 15.41 -9.89
C ARG A 341 -29.49 15.06 -8.44
N GLU A 342 -28.99 13.92 -7.92
CA GLU A 342 -29.33 13.43 -6.56
C GLU A 342 -28.43 14.09 -5.52
N GLU A 343 -27.52 14.98 -5.93
CA GLU A 343 -26.57 15.66 -5.01
C GLU A 343 -27.01 17.10 -4.74
N LEU A 344 -26.48 17.68 -3.67
CA LEU A 344 -26.49 19.13 -3.40
C LEU A 344 -25.04 19.61 -3.48
N LEU A 345 -24.78 20.62 -4.31
CA LEU A 345 -23.45 21.26 -4.41
C LEU A 345 -23.51 22.59 -3.66
N VAL A 346 -22.39 23.00 -3.10
CA VAL A 346 -22.29 24.21 -2.24
C VAL A 346 -21.02 24.95 -2.64
N SER A 347 -21.16 26.20 -3.08
CA SER A 347 -20.02 27.05 -3.53
C SER A 347 -19.86 28.23 -2.58
N GLY A 348 -18.77 28.26 -1.82
CA GLY A 348 -18.33 29.44 -1.06
C GLY A 348 -17.16 30.12 -1.76
N PHE A 349 -16.50 31.05 -1.08
CA PHE A 349 -15.24 31.65 -1.55
C PHE A 349 -14.13 31.33 -0.55
N PHE A 350 -12.90 31.42 -1.02
CA PHE A 350 -11.66 31.15 -0.24
C PHE A 350 -11.34 32.40 0.58
N ASN A 351 -11.56 32.35 1.89
CA ASN A 351 -11.59 33.53 2.80
C ASN A 351 -10.19 33.73 3.40
N TYR A 352 -10.01 33.55 4.72
CA TYR A 352 -8.73 33.76 5.43
C TYR A 352 -8.12 32.40 5.79
N TYR A 353 -6.86 32.21 5.43
CA TYR A 353 -6.11 30.96 5.69
C TYR A 353 -4.71 31.30 6.20
N ASP A 354 -4.03 30.31 6.76
CA ASP A 354 -2.63 30.39 7.26
C ASP A 354 -2.54 31.44 8.36
N LEU A 355 -3.55 31.53 9.22
CA LEU A 355 -3.56 32.48 10.37
C LEU A 355 -2.70 31.93 11.51
N GLY A 356 -2.26 30.66 11.40
CA GLY A 356 -1.51 29.94 12.44
C GLY A 356 -2.41 29.66 13.64
N GLY A 357 -2.64 30.67 14.47
CA GLY A 357 -3.58 30.60 15.60
C GLY A 357 -4.30 31.91 15.83
N LEU A 358 -3.94 32.94 15.07
CA LEU A 358 -4.40 34.34 15.28
C LEU A 358 -5.90 34.39 14.99
N THR A 359 -6.61 35.26 15.70
CA THR A 359 -8.04 35.60 15.43
C THR A 359 -8.07 36.60 14.28
N LEU A 360 -9.25 36.82 13.69
CA LEU A 360 -9.43 37.70 12.52
C LEU A 360 -9.13 39.16 12.92
N ASP A 361 -9.51 39.56 14.13
CA ASP A 361 -9.20 40.91 14.66
C ASP A 361 -7.68 41.11 14.63
N ASP A 362 -6.93 40.09 15.07
CA ASP A 362 -5.45 40.12 15.17
C ASP A 362 -4.81 40.26 13.78
N VAL A 363 -5.51 39.93 12.69
CA VAL A 363 -4.96 40.00 11.30
C VAL A 363 -4.81 41.47 10.90
N ALA A 364 -5.58 42.38 11.49
CA ALA A 364 -5.45 43.85 11.31
C ALA A 364 -4.11 44.36 11.89
N THR A 365 -3.52 43.67 12.87
CA THR A 365 -2.17 43.97 13.45
C THR A 365 -1.11 43.91 12.35
N LEU A 366 -1.13 42.88 11.52
CA LEU A 366 0.01 42.45 10.66
C LEU A 366 0.29 43.51 9.59
N SER A 367 1.49 43.46 8.99
CA SER A 367 1.90 44.34 7.86
C SER A 367 0.92 44.14 6.71
N PRO A 368 0.70 45.17 5.85
CA PRO A 368 -0.15 45.01 4.66
C PRO A 368 0.14 43.75 3.83
N ASP A 369 1.40 43.45 3.56
CA ASP A 369 1.83 42.28 2.75
C ASP A 369 1.43 40.97 3.44
N GLU A 370 1.55 40.91 4.77
CA GLU A 370 1.24 39.71 5.58
C GLU A 370 -0.28 39.51 5.62
N GLN A 371 -1.07 40.58 5.49
CA GLN A 371 -2.56 40.51 5.50
C GLN A 371 -3.05 39.95 4.16
N ARG A 372 -2.58 40.49 3.04
CA ARG A 372 -2.98 40.03 1.67
C ARG A 372 -2.51 38.59 1.44
N ALA A 373 -1.46 38.16 2.15
CA ALA A 373 -0.88 36.80 2.04
C ALA A 373 -1.82 35.75 2.65
N LYS A 374 -2.79 36.17 3.46
CA LYS A 374 -3.68 35.28 4.26
C LYS A 374 -5.13 35.40 3.79
N PHE A 375 -5.36 35.93 2.59
CA PHE A 375 -6.70 36.10 1.99
C PHE A 375 -6.69 35.54 0.57
N GLY A 376 -7.57 34.58 0.31
CA GLY A 376 -7.75 33.92 -0.99
C GLY A 376 -8.28 34.91 -2.03
N GLY A 377 -9.56 35.26 -1.92
CA GLY A 377 -10.28 36.09 -2.90
C GLY A 377 -10.50 35.36 -4.21
N THR A 378 -10.76 34.05 -4.15
CA THR A 378 -11.19 33.19 -5.29
C THR A 378 -12.30 32.27 -4.82
N LEU A 379 -12.90 31.52 -5.74
CA LEU A 379 -13.92 30.52 -5.40
C LEU A 379 -13.27 29.32 -4.71
N ALA A 380 -13.92 28.84 -3.64
CA ALA A 380 -13.52 27.64 -2.89
C ALA A 380 -13.86 26.41 -3.72
N PRO A 381 -13.18 25.25 -3.48
CA PRO A 381 -13.58 23.98 -4.06
C PRO A 381 -15.03 23.65 -3.68
N THR A 382 -15.91 23.46 -4.67
CA THR A 382 -17.37 23.33 -4.43
C THR A 382 -17.59 21.98 -3.78
N VAL A 383 -18.33 21.97 -2.69
CA VAL A 383 -18.53 20.79 -1.81
C VAL A 383 -19.72 20.02 -2.35
N ARG A 384 -19.61 18.70 -2.37
CA ARG A 384 -20.73 17.78 -2.71
C ARG A 384 -21.29 17.28 -1.38
N VAL A 385 -22.58 17.47 -1.16
CA VAL A 385 -23.29 16.98 0.06
C VAL A 385 -24.49 16.16 -0.40
N ALA A 386 -24.90 15.24 0.47
CA ALA A 386 -26.07 14.36 0.28
C ALA A 386 -27.08 14.68 1.38
N LEU A 387 -28.29 15.07 1.01
CA LEU A 387 -29.42 15.30 1.94
C LEU A 387 -30.21 14.01 2.07
N SER A 388 -30.75 13.76 3.26
CA SER A 388 -31.60 12.59 3.58
C SER A 388 -32.57 13.05 4.68
N GLY A 389 -33.67 13.69 4.30
CA GLY A 389 -34.61 14.29 5.26
C GLY A 389 -34.05 15.52 5.93
N ASP A 390 -34.01 15.53 7.27
CA ASP A 390 -33.48 16.65 8.09
C ASP A 390 -32.00 16.40 8.41
N ARG A 391 -31.30 15.54 7.65
CA ARG A 391 -29.88 15.18 7.91
C ARG A 391 -29.06 15.39 6.64
N THR A 392 -27.81 15.83 6.80
CA THR A 392 -26.84 16.11 5.71
C THR A 392 -25.54 15.36 5.98
N ARG A 393 -24.72 15.18 4.95
CA ARG A 393 -23.39 14.54 5.03
C ARG A 393 -22.55 15.04 3.86
N ILE A 394 -21.34 15.52 4.12
CA ILE A 394 -20.31 15.89 3.10
C ILE A 394 -19.89 14.59 2.42
N THR A 395 -19.91 14.54 1.09
CA THR A 395 -19.58 13.34 0.28
C THR A 395 -18.23 13.52 -0.43
N GLY A 396 -17.85 14.76 -0.73
CA GLY A 396 -16.55 15.08 -1.35
C GLY A 396 -16.51 16.51 -1.85
N THR A 397 -15.57 16.82 -2.73
CA THR A 397 -15.38 18.17 -3.32
C THR A 397 -15.10 18.05 -4.81
N LEU A 398 -15.17 19.18 -5.51
CA LEU A 398 -14.80 19.33 -6.94
C LEU A 398 -13.69 20.37 -7.02
N SER A 399 -13.23 20.69 -8.24
CA SER A 399 -12.22 21.74 -8.50
C SER A 399 -12.72 23.08 -7.92
N HIS A 400 -11.80 24.02 -7.69
CA HIS A 400 -12.10 25.39 -7.21
C HIS A 400 -13.17 26.00 -8.10
N GLY A 401 -14.25 26.48 -7.49
CA GLY A 401 -15.38 27.15 -8.17
C GLY A 401 -15.84 26.42 -9.43
N ARG A 402 -16.03 25.09 -9.36
CA ARG A 402 -16.76 24.36 -10.41
C ARG A 402 -18.26 24.51 -10.18
N ILE A 403 -18.96 25.18 -11.09
CA ILE A 403 -20.45 25.25 -11.09
C ILE A 403 -20.95 24.45 -12.29
N PRO A 404 -21.30 23.16 -12.12
CA PRO A 404 -21.75 22.33 -13.23
C PRO A 404 -23.26 22.43 -13.48
N LEU A 405 -23.68 22.17 -14.72
CA LEU A 405 -25.10 22.05 -15.14
C LEU A 405 -25.57 20.61 -14.86
N GLU A 406 -26.88 20.39 -14.84
CA GLU A 406 -27.46 19.04 -14.58
C GLU A 406 -27.12 18.12 -15.74
N SER A 407 -26.89 18.71 -16.93
CA SER A 407 -26.55 17.99 -18.18
C SER A 407 -25.11 17.48 -18.16
N GLU A 408 -24.36 17.69 -17.07
CA GLU A 408 -22.92 17.28 -16.96
C GLU A 408 -22.76 16.21 -15.88
N GLU A 409 -22.00 15.16 -16.19
CA GLU A 409 -21.72 14.04 -15.27
C GLU A 409 -20.52 14.44 -14.40
N LEU A 410 -20.63 14.28 -13.08
CA LEU A 410 -19.54 14.59 -12.13
C LEU A 410 -18.72 13.34 -11.86
N PRO A 411 -17.43 13.48 -11.50
CA PRO A 411 -16.60 12.34 -11.12
C PRO A 411 -17.25 11.47 -10.03
N ASP A 412 -16.86 10.20 -9.96
CA ASP A 412 -17.42 9.21 -8.99
C ASP A 412 -16.94 9.58 -7.59
N LEU A 413 -17.66 9.10 -6.56
CA LEU A 413 -17.32 9.33 -5.14
C LEU A 413 -16.61 8.12 -4.57
N PRO A 414 -15.71 8.31 -3.57
CA PRO A 414 -15.14 7.18 -2.81
C PRO A 414 -16.18 6.44 -1.95
N ALA B 9 -5.41 -67.58 12.93
CA ALA B 9 -3.99 -67.57 12.52
C ALA B 9 -3.77 -66.41 11.55
N THR B 10 -3.54 -65.19 12.03
CA THR B 10 -3.32 -63.98 11.19
C THR B 10 -2.01 -64.15 10.42
N PRO B 11 -2.00 -63.87 9.09
CA PRO B 11 -0.76 -63.90 8.31
C PRO B 11 0.30 -62.96 8.91
N ARG B 12 1.55 -63.41 8.97
CA ARG B 12 2.63 -62.71 9.68
C ARG B 12 3.76 -62.34 8.70
N TRP B 13 4.14 -61.07 8.70
CA TRP B 13 5.47 -60.61 8.21
C TRP B 13 6.48 -60.95 9.30
N THR B 14 7.35 -61.94 9.04
CA THR B 14 8.19 -62.59 10.07
C THR B 14 9.59 -61.99 10.03
N ARG B 15 10.38 -62.23 11.08
CA ARG B 15 11.78 -61.76 11.20
C ARG B 15 12.62 -62.47 10.14
N GLU B 16 12.27 -63.71 9.78
CA GLU B 16 13.00 -64.46 8.73
C GLU B 16 12.85 -63.71 7.41
N HIS B 17 11.70 -63.07 7.17
CA HIS B 17 11.45 -62.22 5.99
C HIS B 17 12.33 -60.97 6.06
N ALA B 18 12.17 -60.18 7.12
CA ALA B 18 12.84 -58.88 7.30
C ALA B 18 14.36 -59.04 7.26
N SER B 19 14.89 -60.17 7.72
CA SER B 19 16.35 -60.49 7.68
C SER B 19 16.89 -60.40 6.24
N LYS B 20 16.03 -60.67 5.24
CA LYS B 20 16.42 -60.72 3.80
C LYS B 20 16.32 -59.34 3.15
N ILE B 21 15.74 -58.35 3.84
CA ILE B 21 15.54 -56.97 3.28
C ILE B 21 16.91 -56.43 2.87
N GLU B 22 16.98 -55.79 1.71
CA GLU B 22 18.24 -55.38 1.07
C GLU B 22 17.91 -54.56 -0.18
N ARG B 23 18.53 -53.39 -0.33
CA ARG B 23 18.39 -52.57 -1.55
C ARG B 23 18.89 -53.38 -2.74
N THR B 24 18.17 -53.34 -3.86
CA THR B 24 18.58 -53.98 -5.15
C THR B 24 18.23 -53.04 -6.31
N ASP B 25 18.71 -53.36 -7.51
CA ASP B 25 18.49 -52.51 -8.71
C ASP B 25 16.99 -52.54 -9.05
N GLU B 26 16.27 -53.54 -8.55
CA GLU B 26 14.84 -53.76 -8.86
C GLU B 26 13.94 -52.99 -7.88
N THR B 27 14.48 -52.48 -6.78
CA THR B 27 13.66 -51.85 -5.70
C THR B 27 14.05 -50.40 -5.44
N VAL B 28 15.12 -49.88 -6.06
CA VAL B 28 15.63 -48.52 -5.71
C VAL B 28 15.18 -47.54 -6.79
N VAL B 29 14.45 -46.50 -6.39
CA VAL B 29 13.94 -45.44 -7.30
C VAL B 29 15.09 -44.49 -7.65
N PRO B 30 15.01 -43.76 -8.77
CA PRO B 30 16.03 -42.76 -9.09
C PRO B 30 16.03 -41.60 -8.08
N ILE B 31 17.10 -40.82 -8.07
CA ILE B 31 17.20 -39.58 -7.25
C ILE B 31 16.07 -38.65 -7.66
N ILE B 32 15.36 -38.10 -6.68
CA ILE B 32 14.32 -37.05 -6.90
C ILE B 32 15.00 -35.70 -6.74
N TYR B 33 14.87 -34.87 -7.78
CA TYR B 33 15.31 -33.45 -7.84
C TYR B 33 14.06 -32.58 -7.72
N PRO B 34 14.13 -31.42 -7.01
CA PRO B 34 12.94 -30.62 -6.73
C PRO B 34 12.31 -30.15 -8.04
N PRO B 35 10.96 -30.08 -8.11
CA PRO B 35 10.28 -29.70 -9.34
C PRO B 35 10.39 -28.18 -9.59
N ARG B 36 10.26 -27.76 -10.85
CA ARG B 36 10.65 -26.45 -11.40
C ARG B 36 9.92 -25.29 -10.69
N GLU B 37 8.62 -25.42 -10.49
CA GLU B 37 7.77 -24.52 -9.67
C GLU B 37 6.64 -25.40 -9.08
N ASP B 38 6.16 -25.05 -7.88
CA ASP B 38 5.13 -25.69 -7.05
C ASP B 38 3.74 -25.08 -7.35
N ALA B 39 2.69 -25.89 -7.20
CA ALA B 39 1.26 -25.53 -7.40
C ALA B 39 0.80 -24.55 -6.31
N ALA B 40 1.28 -24.74 -5.07
CA ALA B 40 1.05 -23.84 -3.91
C ALA B 40 2.38 -23.61 -3.18
N PRO B 41 3.14 -22.54 -3.53
CA PRO B 41 4.45 -22.29 -2.92
C PRO B 41 4.40 -22.03 -1.40
N GLU B 42 3.29 -21.48 -0.90
CA GLU B 42 3.10 -21.11 0.53
C GLU B 42 2.64 -22.33 1.36
N ILE B 43 2.50 -23.50 0.76
CA ILE B 43 1.97 -24.72 1.44
C ILE B 43 2.90 -25.91 1.17
N ASN B 44 3.21 -26.66 2.23
CA ASN B 44 3.85 -27.99 2.17
C ASN B 44 2.75 -29.05 2.19
N GLY B 45 2.83 -30.03 1.28
CA GLY B 45 1.85 -31.13 1.16
C GLY B 45 2.53 -32.48 1.17
N TRP B 46 1.98 -33.43 1.90
CA TRP B 46 2.47 -34.84 1.97
C TRP B 46 1.26 -35.78 2.00
N ASP B 47 1.49 -37.08 2.16
CA ASP B 47 0.44 -38.11 2.43
C ASP B 47 -0.79 -37.83 1.59
N THR B 48 -0.73 -38.09 0.29
CA THR B 48 -1.81 -37.72 -0.67
C THR B 48 -2.59 -38.98 -1.02
N TRP B 49 -3.89 -38.83 -1.28
CA TRP B 49 -4.80 -39.92 -1.71
C TRP B 49 -5.74 -39.42 -2.80
N PHE B 50 -6.30 -40.36 -3.59
CA PHE B 50 -7.12 -40.06 -4.79
C PHE B 50 -8.61 -40.17 -4.45
N LEU B 51 -9.39 -39.25 -5.02
CA LEU B 51 -10.87 -39.40 -5.08
C LEU B 51 -11.16 -40.56 -6.02
N ARG B 52 -11.68 -41.65 -5.48
CA ARG B 52 -11.95 -42.91 -6.21
C ARG B 52 -13.47 -43.13 -6.28
N GLU B 53 -13.94 -43.81 -7.32
CA GLU B 53 -15.30 -44.40 -7.40
C GLU B 53 -15.34 -45.61 -6.46
N ARG B 54 -16.49 -46.26 -6.32
CA ARG B 54 -16.69 -47.40 -5.40
C ARG B 54 -15.78 -48.57 -5.82
N ASP B 55 -15.66 -48.86 -7.11
CA ASP B 55 -14.87 -50.01 -7.64
C ASP B 55 -13.38 -49.79 -7.36
N GLY B 56 -12.95 -48.53 -7.21
CA GLY B 56 -11.56 -48.18 -6.85
C GLY B 56 -10.88 -47.34 -7.91
N SER B 57 -11.40 -47.31 -9.15
CA SER B 57 -10.86 -46.49 -10.28
C SER B 57 -10.83 -45.02 -9.86
N ILE B 58 -9.87 -44.26 -10.39
CA ILE B 58 -9.74 -42.80 -10.11
C ILE B 58 -11.01 -42.14 -10.63
N ALA B 59 -11.74 -41.43 -9.78
CA ALA B 59 -13.00 -40.73 -10.14
C ALA B 59 -12.65 -39.51 -11.02
N THR B 60 -13.52 -39.22 -11.97
CA THR B 60 -13.40 -38.13 -12.98
C THR B 60 -14.74 -37.36 -13.00
N VAL B 61 -14.73 -36.08 -12.65
CA VAL B 61 -15.95 -35.20 -12.63
C VAL B 61 -15.75 -34.07 -13.65
N GLY B 62 -16.50 -34.12 -14.76
CA GLY B 62 -16.38 -33.17 -15.86
C GLY B 62 -14.96 -33.07 -16.40
N GLY B 63 -14.22 -34.19 -16.41
CA GLY B 63 -12.87 -34.29 -17.00
C GLY B 63 -11.77 -33.93 -16.02
N TRP B 64 -12.11 -33.67 -14.75
CA TRP B 64 -11.15 -33.37 -13.67
C TRP B 64 -10.96 -34.60 -12.77
N ARG B 65 -9.70 -34.89 -12.44
CA ARG B 65 -9.35 -35.80 -11.31
C ARG B 65 -9.23 -34.94 -10.06
N VAL B 66 -9.54 -35.50 -8.90
CA VAL B 66 -9.35 -34.79 -7.60
C VAL B 66 -8.43 -35.66 -6.74
N ILE B 67 -7.50 -35.02 -6.03
CA ILE B 67 -6.65 -35.66 -4.99
C ILE B 67 -6.73 -34.82 -3.73
N PHE B 68 -6.38 -35.44 -2.60
CA PHE B 68 -6.37 -34.83 -1.25
C PHE B 68 -4.97 -35.01 -0.65
N SER B 69 -4.47 -33.98 0.03
CA SER B 69 -3.15 -33.96 0.72
C SER B 69 -3.34 -33.50 2.16
N LEU B 70 -2.53 -34.03 3.08
CA LEU B 70 -2.23 -33.34 4.36
C LEU B 70 -1.35 -32.15 4.03
N THR B 71 -1.67 -30.98 4.60
CA THR B 71 -0.99 -29.70 4.30
C THR B 71 -0.73 -28.93 5.60
N ALA B 72 0.35 -28.14 5.59
CA ALA B 72 0.70 -27.17 6.64
C ALA B 72 1.32 -25.96 5.95
N PRO B 73 1.32 -24.77 6.59
CA PRO B 73 2.05 -23.63 6.07
C PRO B 73 3.53 -23.98 5.85
N ALA B 74 4.10 -23.50 4.74
CA ALA B 74 5.48 -23.78 4.31
C ALA B 74 6.47 -23.15 5.29
N ASP B 75 6.12 -22.03 5.92
CA ASP B 75 6.97 -21.29 6.87
C ASP B 75 7.14 -22.10 8.17
N LEU B 76 6.33 -23.14 8.39
CA LEU B 76 6.38 -23.98 9.61
C LEU B 76 7.56 -24.95 9.50
N LEU B 77 8.17 -25.30 10.63
CA LEU B 77 9.25 -26.33 10.69
C LEU B 77 8.71 -27.67 10.21
N PRO B 78 9.41 -28.41 9.34
CA PRO B 78 8.93 -29.70 8.84
C PRO B 78 8.58 -30.69 9.96
N GLY B 79 9.46 -30.83 10.96
CA GLY B 79 9.27 -31.75 12.09
C GLY B 79 7.96 -31.51 12.84
N LYS B 80 7.32 -30.35 12.68
CA LYS B 80 6.13 -29.93 13.47
C LYS B 80 4.84 -29.92 12.63
N ARG B 81 4.92 -30.16 11.31
CA ARG B 81 3.76 -30.03 10.36
C ARG B 81 2.64 -30.99 10.82
N HIS B 82 2.99 -32.11 11.45
CA HIS B 82 2.08 -33.20 11.85
C HIS B 82 1.11 -32.74 12.93
N ASP B 83 1.45 -31.68 13.66
CA ASP B 83 0.67 -31.20 14.83
C ASP B 83 -0.48 -30.31 14.33
N VAL B 84 -0.42 -29.81 13.10
CA VAL B 84 -1.43 -28.83 12.57
C VAL B 84 -1.87 -29.23 11.15
N ALA B 85 -1.79 -30.52 10.82
CA ALA B 85 -2.14 -31.04 9.48
C ALA B 85 -3.60 -30.73 9.16
N GLU B 86 -3.86 -30.18 7.97
CA GLU B 86 -5.23 -29.86 7.47
C GLU B 86 -5.37 -30.45 6.06
N ILE B 87 -6.52 -31.04 5.75
CA ILE B 87 -6.76 -31.70 4.44
C ILE B 87 -7.16 -30.62 3.43
N ARG B 88 -6.34 -30.43 2.40
CA ARG B 88 -6.69 -29.63 1.19
C ARG B 88 -6.95 -30.59 0.04
N TYR B 89 -7.68 -30.13 -0.96
CA TYR B 89 -7.91 -30.88 -2.22
C TYR B 89 -7.28 -30.11 -3.38
N PHE B 90 -6.85 -30.85 -4.40
CA PHE B 90 -6.28 -30.33 -5.66
C PHE B 90 -6.98 -31.04 -6.81
N TYR B 91 -7.07 -30.38 -7.96
CA TYR B 91 -7.76 -30.90 -9.16
C TYR B 91 -6.90 -30.64 -10.39
N SER B 92 -6.98 -31.53 -11.37
CA SER B 92 -6.18 -31.49 -12.61
C SER B 92 -6.97 -32.08 -13.78
N ARG B 93 -6.79 -31.49 -14.97
CA ARG B 93 -7.44 -31.92 -16.24
C ARG B 93 -6.57 -32.98 -16.94
N ASP B 94 -5.24 -32.99 -16.73
CA ASP B 94 -4.29 -33.91 -17.40
C ASP B 94 -3.69 -34.93 -16.43
N GLY B 95 -3.48 -34.58 -15.16
CA GLY B 95 -2.87 -35.49 -14.17
C GLY B 95 -1.49 -35.04 -13.77
N GLU B 96 -1.00 -33.93 -14.36
CA GLU B 96 0.35 -33.36 -14.11
C GLU B 96 0.21 -31.98 -13.45
N THR B 97 -0.58 -31.07 -14.02
CA THR B 97 -0.66 -29.65 -13.59
C THR B 97 -1.83 -29.47 -12.61
N TRP B 98 -1.55 -29.60 -11.31
CA TRP B 98 -2.56 -29.59 -10.21
C TRP B 98 -2.85 -28.16 -9.75
N PHE B 99 -4.13 -27.84 -9.51
CA PHE B 99 -4.58 -26.51 -9.01
C PHE B 99 -5.05 -26.66 -7.57
N ASP B 100 -4.68 -25.72 -6.69
CA ASP B 100 -5.06 -25.73 -5.26
C ASP B 100 -6.56 -25.45 -5.16
N GLY B 101 -7.32 -26.37 -4.57
CA GLY B 101 -8.78 -26.23 -4.34
C GLY B 101 -9.06 -25.64 -2.96
N GLY B 102 -8.03 -25.49 -2.11
CA GLY B 102 -8.19 -24.98 -0.75
C GLY B 102 -8.61 -26.08 0.23
N PRO B 103 -8.81 -25.74 1.53
CA PRO B 103 -9.21 -26.73 2.53
C PRO B 103 -10.53 -27.39 2.11
N VAL B 104 -10.69 -28.66 2.44
CA VAL B 104 -11.91 -29.45 2.07
C VAL B 104 -13.00 -29.18 3.11
N PHE B 105 -12.63 -28.90 4.36
CA PHE B 105 -13.58 -28.76 5.49
C PHE B 105 -13.67 -27.31 5.97
N GLU B 106 -14.90 -26.90 6.33
CA GLU B 106 -15.31 -25.57 6.84
C GLU B 106 -15.02 -25.48 8.35
N GLY B 107 -15.18 -26.61 9.08
CA GLY B 107 -15.22 -26.65 10.54
C GLY B 107 -15.98 -27.89 11.00
N GLY B 108 -16.13 -28.08 12.31
CA GLY B 108 -16.78 -29.26 12.92
C GLY B 108 -16.01 -30.55 12.64
N THR B 109 -14.74 -30.43 12.22
CA THR B 109 -13.84 -31.57 11.92
C THR B 109 -13.41 -32.19 13.26
N ARG B 110 -13.33 -33.52 13.31
CA ARG B 110 -12.94 -34.24 14.54
C ARG B 110 -11.42 -34.20 14.69
N GLY B 111 -10.95 -34.22 15.95
CA GLY B 111 -9.53 -34.22 16.31
C GLY B 111 -8.92 -32.82 16.25
N SER B 112 -7.85 -32.60 17.02
CA SER B 112 -7.03 -31.36 17.03
C SER B 112 -6.51 -31.07 15.63
N ARG B 113 -6.16 -32.12 14.89
CA ARG B 113 -5.71 -32.07 13.47
C ARG B 113 -6.09 -33.37 12.77
N GLN B 114 -6.08 -33.37 11.43
CA GLN B 114 -6.51 -34.52 10.59
C GLN B 114 -5.29 -35.16 9.92
N TRP B 115 -5.22 -36.49 9.94
CA TRP B 115 -4.18 -37.31 9.27
C TRP B 115 -4.79 -38.08 8.11
N ALA B 116 -3.96 -38.86 7.40
CA ALA B 116 -4.28 -39.38 6.05
C ALA B 116 -5.48 -40.32 6.13
N GLY B 117 -6.21 -40.45 5.03
CA GLY B 117 -7.28 -41.44 4.85
C GLY B 117 -7.50 -41.81 3.39
N SER B 118 -8.74 -41.64 2.92
CA SER B 118 -9.19 -42.01 1.56
C SER B 118 -10.40 -41.16 1.20
N ALA B 119 -10.85 -41.24 -0.05
CA ALA B 119 -11.97 -40.46 -0.59
C ALA B 119 -12.79 -41.35 -1.52
N LEU B 120 -14.10 -41.29 -1.34
CA LEU B 120 -15.08 -42.11 -2.10
C LEU B 120 -16.12 -41.18 -2.70
N LEU B 121 -16.27 -41.21 -4.03
CA LEU B 121 -17.45 -40.63 -4.71
C LEU B 121 -18.41 -41.78 -5.01
N ASP B 122 -19.47 -41.90 -4.21
CA ASP B 122 -20.41 -43.05 -4.22
C ASP B 122 -21.22 -43.03 -5.51
N ASP B 123 -21.95 -44.11 -5.78
CA ASP B 123 -22.85 -44.28 -6.96
C ASP B 123 -23.87 -43.12 -7.01
N ASP B 124 -24.36 -42.68 -5.85
CA ASP B 124 -25.40 -41.64 -5.71
C ASP B 124 -24.81 -40.24 -5.92
N GLY B 125 -23.49 -40.09 -6.06
CA GLY B 125 -22.81 -38.80 -6.29
C GLY B 125 -22.37 -38.12 -5.00
N ARG B 126 -22.73 -38.68 -3.85
CA ARG B 126 -22.36 -38.19 -2.49
C ARG B 126 -20.89 -38.46 -2.23
N LEU B 127 -20.21 -37.53 -1.57
CA LEU B 127 -18.75 -37.56 -1.28
C LEU B 127 -18.51 -37.95 0.18
N TYR B 128 -17.64 -38.93 0.40
CA TYR B 128 -17.13 -39.34 1.73
C TYR B 128 -15.61 -39.14 1.73
N VAL B 129 -15.10 -38.29 2.63
CA VAL B 129 -13.65 -38.07 2.87
C VAL B 129 -13.30 -38.70 4.22
N PHE B 130 -12.85 -39.96 4.20
CA PHE B 130 -12.32 -40.67 5.37
C PHE B 130 -11.00 -39.99 5.76
N TYR B 131 -10.77 -39.82 7.05
CA TYR B 131 -9.53 -39.25 7.61
C TYR B 131 -9.29 -39.78 9.01
N THR B 132 -8.08 -39.57 9.52
CA THR B 132 -7.69 -39.85 10.92
C THR B 132 -7.89 -38.59 11.77
N ALA B 133 -8.72 -38.66 12.80
CA ALA B 133 -8.85 -37.63 13.86
C ALA B 133 -7.73 -37.86 14.89
N SER B 134 -6.66 -37.06 14.81
CA SER B 134 -5.55 -37.04 15.78
C SER B 134 -5.84 -36.01 16.88
N GLY B 135 -5.65 -36.42 18.14
CA GLY B 135 -6.00 -35.62 19.33
C GLY B 135 -7.50 -35.41 19.40
N ARG B 136 -7.92 -34.38 20.16
CA ARG B 136 -9.34 -33.95 20.31
C ARG B 136 -9.43 -32.45 20.03
N ALA B 137 -10.51 -31.99 19.38
CA ALA B 137 -10.70 -30.61 18.91
C ALA B 137 -10.48 -29.60 20.06
N GLY B 138 -9.64 -28.59 19.82
CA GLY B 138 -9.37 -27.47 20.74
C GLY B 138 -8.72 -27.90 22.05
N GLU B 139 -7.98 -29.01 22.05
CA GLU B 139 -7.29 -29.54 23.27
C GLU B 139 -6.21 -28.54 23.70
N ALA B 140 -5.88 -28.54 25.00
CA ALA B 140 -4.91 -27.62 25.64
C ALA B 140 -3.51 -27.85 25.07
N GLU B 141 -2.90 -29.01 25.35
CA GLU B 141 -1.61 -29.43 24.75
C GLU B 141 -1.88 -30.65 23.86
N ILE B 142 -1.03 -30.86 22.84
CA ILE B 142 -1.20 -31.91 21.78
C ILE B 142 -1.16 -33.31 22.41
N THR B 143 -2.14 -34.15 22.08
CA THR B 143 -2.24 -35.60 22.42
C THR B 143 -2.18 -36.43 21.12
N TYR B 144 -1.88 -37.73 21.23
CA TYR B 144 -1.62 -38.62 20.07
C TYR B 144 -2.69 -39.71 19.98
N GLU B 145 -3.93 -39.38 20.34
CA GLU B 145 -5.08 -40.33 20.22
C GLU B 145 -5.63 -40.23 18.80
N GLN B 146 -5.72 -41.38 18.13
CA GLN B 146 -6.12 -41.50 16.71
C GLN B 146 -7.42 -42.30 16.66
N ARG B 147 -8.42 -41.80 15.93
CA ARG B 147 -9.68 -42.54 15.62
C ARG B 147 -10.04 -42.32 14.15
N LEU B 148 -10.62 -43.33 13.51
CA LEU B 148 -11.04 -43.29 12.08
C LEU B 148 -12.34 -42.49 12.00
N ALA B 149 -12.33 -41.37 11.29
CA ALA B 149 -13.51 -40.50 11.11
C ALA B 149 -13.84 -40.38 9.63
N VAL B 150 -15.00 -39.79 9.32
CA VAL B 150 -15.43 -39.46 7.92
C VAL B 150 -16.13 -38.11 7.93
N GLY B 151 -15.86 -37.29 6.93
CA GLY B 151 -16.68 -36.13 6.57
C GLY B 151 -17.57 -36.51 5.40
N SER B 152 -18.86 -36.74 5.67
CA SER B 152 -19.85 -37.23 4.68
C SER B 152 -20.72 -36.07 4.16
N GLY B 153 -21.48 -36.36 3.10
CA GLY B 153 -22.52 -35.45 2.55
C GLY B 153 -21.93 -34.29 1.80
N GLY B 154 -20.69 -34.40 1.31
CA GLY B 154 -20.11 -33.41 0.37
C GLY B 154 -20.77 -33.47 -1.00
N SER B 155 -20.47 -32.51 -1.86
CA SER B 155 -20.81 -32.47 -3.30
C SER B 155 -19.61 -31.91 -4.07
N VAL B 156 -19.29 -32.50 -5.23
CA VAL B 156 -18.20 -32.06 -6.14
C VAL B 156 -18.85 -31.48 -7.40
N VAL B 157 -18.74 -30.15 -7.57
CA VAL B 157 -19.23 -29.44 -8.78
C VAL B 157 -18.01 -29.05 -9.64
N ALA B 158 -18.10 -29.31 -10.95
CA ALA B 158 -17.00 -29.06 -11.91
C ALA B 158 -17.54 -28.28 -13.11
N ASP B 159 -16.92 -27.13 -13.41
CA ASP B 159 -17.16 -26.34 -14.65
C ASP B 159 -15.92 -26.47 -15.52
N ASP B 160 -15.72 -25.60 -16.52
CA ASP B 160 -14.52 -25.61 -17.41
C ASP B 160 -13.39 -24.79 -16.78
N ASP B 161 -13.64 -24.18 -15.62
CA ASP B 161 -12.68 -23.28 -14.92
C ASP B 161 -12.00 -24.05 -13.79
N GLY B 162 -12.69 -25.01 -13.16
CA GLY B 162 -12.11 -25.85 -12.09
C GLY B 162 -13.14 -26.70 -11.39
N VAL B 163 -12.81 -27.12 -10.17
CA VAL B 163 -13.62 -28.01 -9.29
C VAL B 163 -13.71 -27.34 -7.93
N ARG B 164 -14.92 -27.22 -7.38
CA ARG B 164 -15.13 -26.78 -5.99
C ARG B 164 -15.89 -27.89 -5.27
N ILE B 165 -15.50 -28.17 -4.02
CA ILE B 165 -16.23 -29.11 -3.13
C ILE B 165 -17.13 -28.27 -2.22
N GLU B 166 -18.44 -28.47 -2.33
CA GLU B 166 -19.51 -27.58 -1.80
C GLU B 166 -20.32 -28.34 -0.74
N GLY B 167 -21.25 -27.65 -0.09
CA GLY B 167 -22.29 -28.22 0.78
C GLY B 167 -21.74 -28.42 2.19
N PRO B 168 -22.61 -28.58 3.20
CA PRO B 168 -22.13 -28.79 4.57
C PRO B 168 -21.67 -30.24 4.73
N PHE B 169 -20.74 -30.48 5.66
CA PHE B 169 -20.14 -31.82 5.92
C PHE B 169 -20.58 -32.35 7.27
N ALA B 170 -20.99 -33.61 7.32
CA ALA B 170 -21.38 -34.32 8.57
C ALA B 170 -20.17 -35.13 9.08
N HIS B 171 -19.40 -34.56 9.99
CA HIS B 171 -18.23 -35.25 10.61
C HIS B 171 -18.69 -36.17 11.73
N GLY B 172 -18.26 -37.44 11.69
CA GLY B 172 -18.46 -38.40 12.78
C GLY B 172 -17.31 -39.38 12.86
N VAL B 173 -16.95 -39.81 14.07
CA VAL B 173 -16.00 -40.93 14.28
C VAL B 173 -16.68 -42.24 13.86
N LEU B 174 -15.96 -43.10 13.16
CA LEU B 174 -16.48 -44.40 12.65
C LEU B 174 -15.99 -45.54 13.53
N LEU B 175 -14.71 -45.56 13.88
CA LEU B 175 -14.10 -46.70 14.62
C LEU B 175 -13.08 -46.22 15.63
N GLU B 176 -13.02 -46.94 16.74
CA GLU B 176 -11.98 -46.84 17.79
C GLU B 176 -11.52 -48.26 18.10
N PRO B 177 -10.25 -48.43 18.52
CA PRO B 177 -9.70 -49.76 18.76
C PRO B 177 -10.50 -50.52 19.83
N ASP B 178 -10.75 -51.81 19.63
CA ASP B 178 -11.59 -52.66 20.53
C ASP B 178 -10.80 -53.08 21.77
N GLY B 179 -9.46 -53.11 21.71
CA GLY B 179 -8.59 -53.48 22.84
C GLY B 179 -8.27 -54.98 22.86
N GLU B 180 -8.90 -55.78 22.01
CA GLU B 180 -8.70 -57.25 21.91
C GLU B 180 -7.98 -57.61 20.61
N ARG B 181 -8.50 -57.19 19.44
CA ARG B 181 -7.86 -57.40 18.12
C ARG B 181 -6.94 -56.24 17.77
N TYR B 182 -7.28 -55.02 18.22
CA TYR B 182 -6.55 -53.76 17.91
C TYR B 182 -6.23 -53.00 19.21
N GLU B 183 -4.94 -52.76 19.45
CA GLU B 183 -4.39 -52.14 20.69
C GLU B 183 -4.93 -50.70 20.83
N ARG B 184 -5.36 -50.34 22.04
CA ARG B 184 -5.73 -48.96 22.47
C ARG B 184 -4.52 -48.29 23.13
N GLU B 185 -4.56 -46.96 23.28
CA GLU B 185 -3.42 -46.13 23.71
C GLU B 185 -2.88 -46.63 25.06
N GLU B 186 -3.77 -46.99 25.99
CA GLU B 186 -3.44 -47.51 27.36
C GLU B 186 -2.47 -48.69 27.26
N GLN B 187 -2.74 -49.64 26.33
CA GLN B 187 -1.96 -50.90 26.22
C GLN B 187 -0.62 -50.70 25.52
N SER B 188 -0.38 -49.53 24.94
CA SER B 188 0.85 -49.21 24.15
C SER B 188 2.11 -49.42 25.00
N ARG B 189 2.90 -50.43 24.65
CA ARG B 189 4.30 -50.61 25.14
C ARG B 189 5.25 -50.06 24.08
N GLY B 190 6.42 -49.54 24.50
CA GLY B 190 7.39 -48.89 23.59
C GLY B 190 6.82 -47.65 22.95
N MET B 191 6.84 -47.56 21.62
CA MET B 191 6.44 -46.34 20.85
C MET B 191 4.91 -46.16 20.95
N ILE B 192 4.43 -45.00 20.52
CA ILE B 192 2.98 -44.60 20.54
C ILE B 192 2.20 -45.56 19.62
N TYR B 193 1.01 -45.96 20.07
CA TYR B 193 0.11 -46.85 19.29
C TYR B 193 -0.33 -46.15 18.01
N THR B 194 -0.81 -46.95 17.05
CA THR B 194 -1.35 -46.50 15.74
C THR B 194 -2.78 -47.02 15.58
N PHE B 195 -3.65 -46.17 15.04
CA PHE B 195 -5.04 -46.52 14.63
C PHE B 195 -5.54 -45.45 13.66
N ARG B 196 -5.03 -45.50 12.42
CA ARG B 196 -5.15 -44.38 11.48
C ARG B 196 -5.18 -44.89 10.02
N ASP B 197 -5.27 -43.94 9.08
CA ASP B 197 -5.09 -44.16 7.64
C ASP B 197 -6.20 -45.09 7.14
N PRO B 198 -7.49 -44.69 7.29
CA PRO B 198 -8.61 -45.49 6.80
C PRO B 198 -8.72 -45.42 5.27
N TRP B 199 -8.60 -46.57 4.61
CA TRP B 199 -8.63 -46.69 3.12
C TRP B 199 -9.85 -47.52 2.71
N PHE B 200 -10.79 -46.90 2.00
CA PHE B 200 -12.04 -47.55 1.51
C PHE B 200 -11.70 -48.51 0.36
N PHE B 201 -12.38 -49.66 0.32
CA PHE B 201 -12.10 -50.75 -0.66
C PHE B 201 -13.30 -51.69 -0.82
N GLU B 202 -13.85 -51.77 -2.02
CA GLU B 202 -14.86 -52.77 -2.45
C GLU B 202 -14.13 -53.94 -3.11
N ASP B 203 -14.28 -55.15 -2.55
CA ASP B 203 -13.69 -56.39 -3.12
C ASP B 203 -14.42 -56.71 -4.42
N PRO B 204 -13.73 -56.69 -5.58
CA PRO B 204 -14.42 -56.86 -6.86
C PRO B 204 -14.94 -58.29 -7.05
N ARG B 205 -14.45 -59.23 -6.25
CA ARG B 205 -14.92 -60.64 -6.24
C ARG B 205 -16.16 -60.76 -5.37
N SER B 206 -16.05 -60.58 -4.04
CA SER B 206 -17.19 -60.76 -3.10
C SER B 206 -18.28 -59.70 -3.35
N GLY B 207 -17.90 -58.50 -3.79
CA GLY B 207 -18.82 -57.34 -3.81
C GLY B 207 -18.94 -56.69 -2.43
N LYS B 208 -18.40 -57.34 -1.38
CA LYS B 208 -18.46 -56.85 0.03
C LYS B 208 -17.64 -55.57 0.16
N THR B 209 -18.02 -54.69 1.08
CA THR B 209 -17.40 -53.35 1.29
C THR B 209 -16.52 -53.41 2.54
N TYR B 210 -15.25 -53.02 2.42
CA TYR B 210 -14.27 -53.03 3.53
C TYR B 210 -13.64 -51.64 3.68
N LEU B 211 -13.04 -51.43 4.84
CA LEU B 211 -12.21 -50.25 5.17
C LEU B 211 -10.94 -50.75 5.87
N LEU B 212 -9.80 -50.68 5.19
CA LEU B 212 -8.46 -51.03 5.76
C LEU B 212 -7.94 -49.84 6.58
N PHE B 213 -7.08 -50.12 7.55
CA PHE B 213 -6.41 -49.11 8.39
C PHE B 213 -5.15 -49.70 9.00
N GLU B 214 -4.25 -48.82 9.42
CA GLU B 214 -3.05 -49.20 10.19
C GLU B 214 -3.43 -49.24 11.66
N ALA B 215 -3.06 -50.31 12.35
CA ALA B 215 -3.27 -50.49 13.80
C ALA B 215 -2.08 -51.23 14.40
N ASN B 216 -2.18 -51.56 15.68
CA ASN B 216 -1.28 -52.51 16.37
C ASN B 216 -2.14 -53.61 16.98
N THR B 217 -1.63 -54.83 17.06
CA THR B 217 -2.30 -55.97 17.74
C THR B 217 -1.75 -56.03 19.15
N PRO B 218 -2.63 -55.97 20.17
CA PRO B 218 -2.18 -55.94 21.56
C PRO B 218 -1.46 -57.26 21.89
N ILE B 219 -0.36 -57.15 22.62
CA ILE B 219 0.43 -58.29 23.17
C ILE B 219 0.48 -58.13 24.68
N PRO B 220 -0.14 -59.04 25.46
CA PRO B 220 -0.07 -59.01 26.92
C PRO B 220 1.40 -58.97 27.38
N GLU B 221 1.68 -58.35 28.55
CA GLU B 221 3.08 -58.20 29.04
C GLU B 221 3.54 -59.59 29.47
N GLY B 222 4.78 -59.95 29.13
CA GLY B 222 5.35 -61.28 29.43
C GLY B 222 4.66 -62.42 28.69
N ALA B 223 3.98 -62.13 27.58
CA ALA B 223 3.25 -63.11 26.73
C ALA B 223 4.19 -64.20 26.21
N GLY B 224 5.47 -63.91 26.07
CA GLY B 224 6.49 -64.79 25.45
C GLY B 224 6.22 -65.00 23.96
N ALA B 225 5.33 -64.21 23.35
CA ALA B 225 4.92 -64.28 21.94
C ALA B 225 6.11 -64.02 20.99
N CYS B 226 7.27 -63.64 21.53
CA CYS B 226 8.50 -63.30 20.78
C CYS B 226 9.72 -63.90 21.47
N GLY B 227 10.83 -64.05 20.75
CA GLY B 227 12.11 -64.59 21.26
C GLY B 227 12.90 -63.59 22.11
N ASP B 228 12.30 -62.44 22.44
CA ASP B 228 12.84 -61.38 23.33
C ASP B 228 11.71 -60.42 23.68
N PRO B 229 11.43 -60.17 24.98
CA PRO B 229 10.32 -59.29 25.37
C PRO B 229 10.25 -57.89 24.74
N VAL B 230 11.40 -57.27 24.39
CA VAL B 230 11.43 -55.90 23.79
C VAL B 230 10.88 -55.94 22.36
N TRP B 231 11.10 -57.04 21.63
CA TRP B 231 10.56 -57.27 20.26
C TRP B 231 9.03 -57.17 20.26
N GLU B 232 8.36 -57.58 21.36
CA GLU B 232 6.88 -57.56 21.50
C GLU B 232 6.32 -56.14 21.39
N GLU B 233 7.15 -55.10 21.60
CA GLU B 233 6.73 -53.67 21.52
C GLU B 233 6.39 -53.29 20.08
N PHE B 234 6.97 -54.02 19.12
CA PHE B 234 6.79 -53.83 17.65
C PHE B 234 5.67 -54.76 17.17
N ASN B 235 4.45 -54.22 17.22
CA ASN B 235 3.17 -54.98 17.13
C ASN B 235 2.31 -54.38 16.01
N GLY B 236 2.95 -53.86 14.96
CA GLY B 236 2.26 -53.26 13.80
C GLY B 236 1.38 -54.26 13.10
N SER B 237 0.25 -53.80 12.56
CA SER B 237 -0.73 -54.65 11.86
C SER B 237 -1.56 -53.83 10.89
N VAL B 238 -2.07 -54.50 9.84
CA VAL B 238 -3.06 -53.94 8.88
C VAL B 238 -4.41 -54.47 9.32
N GLY B 239 -5.22 -53.60 9.91
CA GLY B 239 -6.59 -53.91 10.33
C GLY B 239 -7.55 -53.70 9.19
N ILE B 240 -8.74 -54.28 9.31
CA ILE B 240 -9.83 -54.16 8.28
C ILE B 240 -11.16 -54.19 9.01
N ALA B 241 -12.13 -53.43 8.52
CA ALA B 241 -13.52 -53.41 9.01
C ALA B 241 -14.43 -53.68 7.82
N HIS B 242 -15.64 -54.15 8.08
CA HIS B 242 -16.63 -54.57 7.06
C HIS B 242 -17.91 -53.75 7.26
N SER B 243 -18.56 -53.35 6.16
CA SER B 243 -19.92 -52.78 6.15
C SER B 243 -20.88 -53.82 5.57
N PRO B 244 -21.74 -54.46 6.39
CA PRO B 244 -22.68 -55.46 5.88
C PRO B 244 -23.66 -54.84 4.86
N THR B 245 -24.13 -53.65 5.14
CA THR B 245 -25.07 -52.84 4.32
C THR B 245 -24.36 -52.24 3.10
N GLY B 246 -23.07 -51.98 3.16
CA GLY B 246 -22.39 -51.24 2.07
C GLY B 246 -22.53 -49.73 2.24
N ASP B 247 -23.34 -49.27 3.20
CA ASP B 247 -23.26 -47.89 3.77
C ASP B 247 -21.80 -47.56 4.09
N PRO B 248 -21.22 -46.48 3.51
CA PRO B 248 -19.84 -46.10 3.82
C PRO B 248 -19.58 -45.53 5.24
N THR B 249 -20.57 -45.50 6.13
CA THR B 249 -20.45 -44.93 7.50
C THR B 249 -20.82 -45.94 8.59
N ASP B 250 -21.15 -47.19 8.22
CA ASP B 250 -21.52 -48.29 9.17
C ASP B 250 -20.47 -49.40 9.01
N TRP B 251 -19.61 -49.59 10.02
CA TRP B 251 -18.48 -50.54 9.96
C TRP B 251 -18.46 -51.41 11.22
N GLU B 252 -18.10 -52.69 11.07
CA GLU B 252 -17.77 -53.59 12.19
C GLU B 252 -16.33 -54.08 12.02
N LEU B 253 -15.53 -54.01 13.08
CA LEU B 253 -14.12 -54.50 13.07
C LEU B 253 -14.10 -55.99 12.70
N CYS B 254 -13.14 -56.39 11.87
CA CYS B 254 -12.80 -57.80 11.57
C CYS B 254 -11.39 -58.09 12.10
N ASP B 255 -10.92 -59.33 11.97
CA ASP B 255 -9.54 -59.72 12.35
C ASP B 255 -8.57 -59.06 11.37
N PRO B 256 -7.34 -58.73 11.82
CA PRO B 256 -6.38 -58.02 10.98
C PRO B 256 -5.95 -58.89 9.79
N LEU B 257 -5.65 -58.25 8.65
CA LEU B 257 -5.23 -58.92 7.39
C LEU B 257 -3.82 -59.46 7.56
N LEU B 258 -2.96 -58.71 8.25
CA LEU B 258 -1.51 -58.98 8.36
C LEU B 258 -0.99 -58.33 9.64
N GLU B 259 -0.04 -58.98 10.33
CA GLU B 259 0.69 -58.43 11.51
C GLU B 259 2.19 -58.54 11.28
N GLY B 260 2.93 -57.54 11.76
CA GLY B 260 4.40 -57.49 11.75
C GLY B 260 4.99 -57.63 13.14
N ILE B 261 4.40 -58.51 13.96
CA ILE B 261 4.81 -58.65 15.38
C ILE B 261 6.26 -59.15 15.42
N CYS B 262 7.07 -58.50 16.25
CA CYS B 262 8.54 -58.72 16.40
C CYS B 262 9.29 -58.13 15.20
N VAL B 263 8.63 -57.39 14.31
CA VAL B 263 9.27 -56.89 13.05
C VAL B 263 9.16 -55.38 12.94
N ASN B 264 7.97 -54.80 13.02
CA ASN B 264 7.79 -53.35 12.76
C ASN B 264 6.56 -52.81 13.51
N GLN B 265 6.62 -51.56 13.97
CA GLN B 265 5.55 -50.89 14.76
C GLN B 265 4.56 -50.24 13.79
N GLU B 266 5.06 -49.61 12.73
CA GLU B 266 4.26 -48.78 11.80
C GLU B 266 4.19 -49.45 10.43
N LEU B 267 3.04 -50.10 10.13
CA LEU B 267 2.66 -50.54 8.76
C LEU B 267 1.72 -49.50 8.18
N GLU B 268 2.25 -48.40 7.65
CA GLU B 268 1.49 -47.15 7.36
C GLU B 268 0.74 -47.23 6.04
N ARG B 269 -0.30 -46.39 5.92
CA ARG B 269 -1.17 -46.22 4.72
C ARG B 269 -1.29 -47.52 3.96
N PRO B 270 -1.99 -48.52 4.54
CA PRO B 270 -2.19 -49.81 3.89
C PRO B 270 -3.27 -49.60 2.84
N HIS B 271 -3.13 -50.32 1.72
CA HIS B 271 -4.08 -50.32 0.59
C HIS B 271 -3.85 -51.60 -0.24
N VAL B 272 -4.87 -52.00 -0.98
CA VAL B 272 -4.88 -53.25 -1.80
C VAL B 272 -5.07 -52.86 -3.27
N VAL B 273 -4.24 -53.43 -4.13
CA VAL B 273 -4.44 -53.42 -5.60
C VAL B 273 -4.75 -54.86 -6.01
N VAL B 274 -5.88 -55.09 -6.67
CA VAL B 274 -6.25 -56.42 -7.22
C VAL B 274 -5.82 -56.46 -8.68
N ARG B 275 -5.08 -57.48 -9.08
CA ARG B 275 -4.62 -57.64 -10.49
C ARG B 275 -4.80 -59.09 -10.91
N ASN B 276 -5.65 -59.36 -11.90
CA ASN B 276 -5.90 -60.71 -12.44
C ASN B 276 -6.10 -61.72 -11.31
N GLY B 277 -6.98 -61.43 -10.35
CA GLY B 277 -7.37 -62.44 -9.35
C GLY B 277 -6.38 -62.61 -8.22
N PHE B 278 -5.35 -61.77 -8.14
CA PHE B 278 -4.46 -61.67 -6.97
C PHE B 278 -4.60 -60.33 -6.26
N TYR B 279 -4.49 -60.40 -4.93
CA TYR B 279 -4.63 -59.26 -3.99
C TYR B 279 -3.23 -58.89 -3.50
N TYR B 280 -2.73 -57.74 -3.94
CA TYR B 280 -1.45 -57.15 -3.48
C TYR B 280 -1.78 -56.15 -2.37
N LEU B 281 -1.27 -56.39 -1.16
CA LEU B 281 -1.39 -55.48 -0.01
C LEU B 281 -0.07 -54.72 0.15
N PHE B 282 -0.13 -53.39 0.11
CA PHE B 282 1.03 -52.47 0.19
C PHE B 282 0.94 -51.64 1.47
N VAL B 283 2.09 -51.49 2.13
CA VAL B 283 2.26 -50.61 3.33
C VAL B 283 3.60 -49.89 3.19
N SER B 284 3.62 -48.61 3.55
CA SER B 284 4.84 -47.77 3.68
C SER B 284 5.35 -47.89 5.11
N SER B 285 6.65 -48.09 5.31
CA SER B 285 7.25 -48.23 6.66
C SER B 285 8.57 -47.46 6.78
N HIS B 286 8.96 -47.13 8.00
CA HIS B 286 10.23 -46.41 8.32
C HIS B 286 11.34 -47.39 8.69
N ASP B 287 12.59 -46.91 8.63
CA ASP B 287 13.79 -47.65 9.11
C ASP B 287 13.78 -47.69 10.64
N HIS B 288 13.34 -46.62 11.29
CA HIS B 288 13.43 -46.46 12.76
C HIS B 288 12.32 -47.25 13.46
N THR B 289 11.31 -47.71 12.72
CA THR B 289 10.16 -48.45 13.31
C THR B 289 10.39 -49.96 13.21
N PHE B 290 11.57 -50.39 12.75
CA PHE B 290 11.94 -51.83 12.71
C PHE B 290 12.43 -52.23 14.10
N ALA B 291 12.03 -53.43 14.53
CA ALA B 291 12.47 -54.06 15.80
C ALA B 291 13.98 -54.25 15.77
N PRO B 292 14.65 -54.23 16.94
CA PRO B 292 16.10 -54.43 17.01
C PRO B 292 16.54 -55.77 16.41
N GLY B 293 17.74 -55.79 15.84
CA GLY B 293 18.34 -56.94 15.14
C GLY B 293 17.95 -56.97 13.67
N LEU B 294 16.98 -56.15 13.27
CA LEU B 294 16.50 -56.02 11.86
C LEU B 294 16.94 -54.65 11.34
N GLU B 295 17.36 -54.60 10.07
CA GLU B 295 17.73 -53.34 9.38
C GLU B 295 17.03 -53.31 8.04
N GLY B 296 15.98 -52.47 7.92
CA GLY B 296 15.27 -52.19 6.67
C GLY B 296 15.21 -50.69 6.43
N PRO B 297 15.16 -50.24 5.15
CA PRO B 297 15.04 -48.83 4.85
C PRO B 297 13.59 -48.31 4.83
N ASP B 298 13.41 -47.00 5.01
CA ASP B 298 12.20 -46.26 4.58
C ASP B 298 11.83 -46.80 3.20
N GLY B 299 10.65 -47.41 3.06
CA GLY B 299 10.24 -48.01 1.78
C GLY B 299 8.80 -48.46 1.75
N LEU B 300 8.32 -48.79 0.54
CA LEU B 300 7.02 -49.46 0.34
C LEU B 300 7.25 -50.98 0.38
N TYR B 301 6.58 -51.64 1.32
CA TYR B 301 6.62 -53.11 1.47
C TYR B 301 5.29 -53.67 0.98
N GLY B 302 5.32 -54.91 0.50
CA GLY B 302 4.19 -55.48 -0.24
C GLY B 302 4.06 -56.97 -0.02
N PHE B 303 2.81 -57.44 -0.03
CA PHE B 303 2.44 -58.85 0.18
C PHE B 303 1.34 -59.22 -0.81
N VAL B 304 1.19 -60.51 -1.07
CA VAL B 304 0.26 -61.02 -2.11
C VAL B 304 -0.46 -62.28 -1.58
N ALA B 305 -1.74 -62.40 -1.92
CA ALA B 305 -2.59 -63.58 -1.62
C ALA B 305 -3.61 -63.76 -2.75
N ASP B 306 -4.28 -64.90 -2.76
CA ASP B 306 -5.30 -65.25 -3.80
C ASP B 306 -6.66 -64.67 -3.39
N SER B 307 -6.80 -64.12 -2.18
CA SER B 307 -8.06 -63.54 -1.66
C SER B 307 -7.75 -62.32 -0.78
N LEU B 308 -8.73 -61.44 -0.54
CA LEU B 308 -8.52 -60.21 0.25
C LEU B 308 -8.07 -60.58 1.66
N ARG B 309 -8.69 -61.59 2.27
CA ARG B 309 -8.38 -62.00 3.67
C ARG B 309 -7.59 -63.31 3.63
N GLY B 310 -6.75 -63.48 2.62
CA GLY B 310 -5.96 -64.70 2.38
C GLY B 310 -4.65 -64.74 3.16
N GLU B 311 -3.85 -65.79 2.92
CA GLU B 311 -2.52 -66.00 3.54
C GLU B 311 -1.49 -65.17 2.77
N TYR B 312 -1.41 -63.88 3.08
CA TYR B 312 -0.44 -62.93 2.49
C TYR B 312 0.98 -63.43 2.70
N ARG B 313 1.79 -63.39 1.65
CA ARG B 313 3.23 -63.72 1.66
C ARG B 313 3.97 -62.50 1.10
N PRO B 314 5.19 -62.23 1.59
CA PRO B 314 5.90 -61.02 1.20
C PRO B 314 6.42 -61.09 -0.24
N LEU B 315 6.28 -59.98 -0.97
CA LEU B 315 6.84 -59.80 -2.33
C LEU B 315 8.37 -59.80 -2.27
N ASN B 316 9.02 -60.37 -3.29
CA ASN B 316 10.50 -60.39 -3.41
C ASN B 316 11.13 -61.09 -2.20
N GLY B 317 10.38 -61.96 -1.51
CA GLY B 317 10.91 -62.77 -0.39
C GLY B 317 10.98 -61.99 0.91
N SER B 318 11.45 -60.74 0.88
CA SER B 318 11.68 -59.88 2.06
C SER B 318 10.48 -59.00 2.35
N GLY B 319 9.73 -58.62 1.31
CA GLY B 319 8.59 -57.69 1.41
C GLY B 319 8.92 -56.34 0.80
N LEU B 320 10.20 -56.02 0.64
CA LEU B 320 10.62 -54.71 0.08
C LEU B 320 10.26 -54.68 -1.40
N VAL B 321 9.44 -53.71 -1.79
CA VAL B 321 8.96 -53.49 -3.19
C VAL B 321 9.70 -52.33 -3.82
N LEU B 322 9.87 -51.24 -3.07
CA LEU B 322 10.42 -49.97 -3.60
C LEU B 322 11.02 -49.17 -2.41
N THR B 323 12.15 -48.53 -2.62
CA THR B 323 12.88 -47.74 -1.59
C THR B 323 13.72 -46.65 -2.26
N ASN B 324 14.24 -45.75 -1.44
CA ASN B 324 15.12 -44.63 -1.88
C ASN B 324 16.57 -45.14 -1.92
N PRO B 325 17.45 -44.50 -2.72
CA PRO B 325 18.86 -44.88 -2.75
C PRO B 325 19.54 -44.58 -1.41
N ALA B 326 20.61 -45.31 -1.10
CA ALA B 326 21.40 -45.17 0.15
C ALA B 326 21.88 -43.73 0.34
N ASN B 327 22.24 -43.04 -0.75
CA ASN B 327 22.81 -41.67 -0.73
C ASN B 327 21.72 -40.58 -0.74
N ALA B 328 20.43 -40.93 -0.63
CA ALA B 328 19.28 -39.98 -0.45
C ALA B 328 18.11 -40.68 0.22
N PRO B 329 18.33 -41.31 1.40
CA PRO B 329 17.48 -42.39 1.87
C PRO B 329 16.10 -41.98 2.37
N TYR B 330 15.83 -40.68 2.48
CA TYR B 330 14.54 -40.16 3.01
C TYR B 330 13.86 -39.28 1.97
N GLN B 331 14.26 -39.38 0.70
CA GLN B 331 13.82 -38.43 -0.36
C GLN B 331 12.33 -38.57 -0.65
N ALA B 332 11.73 -39.75 -0.40
CA ALA B 332 10.29 -39.99 -0.63
C ALA B 332 9.72 -40.87 0.47
N TYR B 333 8.40 -40.85 0.61
CA TYR B 333 7.64 -41.66 1.58
C TYR B 333 6.15 -41.60 1.23
N SER B 334 5.34 -42.42 1.93
CA SER B 334 3.86 -42.44 1.92
C SER B 334 3.37 -42.72 0.49
N TRP B 335 3.92 -43.81 -0.07
CA TRP B 335 3.61 -44.34 -1.42
C TRP B 335 2.22 -44.97 -1.40
N VAL B 336 1.50 -44.74 -2.50
CA VAL B 336 0.15 -45.31 -2.81
C VAL B 336 0.22 -45.91 -4.23
N ALA B 337 0.01 -47.22 -4.33
CA ALA B 337 0.08 -47.99 -5.59
C ALA B 337 -1.31 -48.06 -6.24
N PHE B 338 -1.36 -48.00 -7.56
CA PHE B 338 -2.62 -48.10 -8.34
C PHE B 338 -2.30 -48.64 -9.74
N SER B 339 -3.22 -49.44 -10.28
CA SER B 339 -3.05 -50.14 -11.58
C SER B 339 -3.18 -49.09 -12.70
N HIS B 340 -2.44 -49.31 -13.78
CA HIS B 340 -2.63 -48.60 -15.07
C HIS B 340 -2.27 -49.56 -16.20
N ARG B 341 -3.28 -50.20 -16.78
CA ARG B 341 -3.10 -51.23 -17.84
C ARG B 341 -2.23 -52.33 -17.27
N GLU B 342 -1.15 -52.74 -17.93
CA GLU B 342 -0.30 -53.88 -17.51
C GLU B 342 0.74 -53.42 -16.48
N GLU B 343 0.75 -52.13 -16.12
CA GLU B 343 1.74 -51.57 -15.16
C GLU B 343 1.10 -51.35 -13.80
N LEU B 344 1.94 -51.22 -12.77
CA LEU B 344 1.57 -50.64 -11.45
C LEU B 344 2.31 -49.31 -11.30
N LEU B 345 1.58 -48.24 -11.02
CA LEU B 345 2.16 -46.91 -10.73
C LEU B 345 2.12 -46.68 -9.22
N VAL B 346 3.09 -45.93 -8.71
CA VAL B 346 3.27 -45.70 -7.25
C VAL B 346 3.58 -44.23 -7.06
N SER B 347 2.76 -43.51 -6.30
CA SER B 347 2.91 -42.05 -6.03
C SER B 347 3.21 -41.84 -4.55
N GLY B 348 4.41 -41.39 -4.22
CA GLY B 348 4.74 -40.87 -2.88
C GLY B 348 4.80 -39.35 -2.88
N PHE B 349 5.33 -38.76 -1.83
CA PHE B 349 5.64 -37.30 -1.78
C PHE B 349 7.15 -37.12 -1.58
N PHE B 350 7.63 -35.94 -1.94
CA PHE B 350 9.05 -35.53 -1.87
C PHE B 350 9.35 -35.11 -0.42
N ASN B 351 10.08 -35.94 0.32
CA ASN B 351 10.22 -35.85 1.80
C ASN B 351 11.47 -35.02 2.14
N TYR B 352 12.50 -35.62 2.73
CA TYR B 352 13.75 -34.93 3.15
C TYR B 352 14.88 -35.28 2.18
N TYR B 353 15.55 -34.25 1.67
CA TYR B 353 16.68 -34.39 0.71
C TYR B 353 17.79 -33.43 1.11
N ASP B 354 18.98 -33.63 0.55
CA ASP B 354 20.17 -32.76 0.73
C ASP B 354 20.57 -32.74 2.21
N LEU B 355 20.45 -33.88 2.89
CA LEU B 355 20.85 -34.02 4.31
C LEU B 355 22.37 -34.15 4.39
N GLY B 356 23.05 -34.37 3.26
CA GLY B 356 24.52 -34.40 3.19
C GLY B 356 25.11 -35.59 3.93
N GLY B 357 24.35 -36.27 4.79
CA GLY B 357 24.84 -37.36 5.64
C GLY B 357 24.22 -37.33 7.02
N LEU B 358 23.57 -36.24 7.41
CA LEU B 358 22.86 -36.08 8.70
C LEU B 358 21.72 -37.11 8.78
N THR B 359 21.44 -37.58 10.00
CA THR B 359 20.22 -38.38 10.29
C THR B 359 19.05 -37.42 10.46
N LEU B 360 17.81 -37.94 10.45
CA LEU B 360 16.58 -37.11 10.57
C LEU B 360 16.53 -36.43 11.95
N ASP B 361 16.97 -37.11 12.98
CA ASP B 361 17.07 -36.56 14.37
C ASP B 361 17.92 -35.29 14.30
N ASP B 362 19.07 -35.37 13.61
CA ASP B 362 20.09 -34.30 13.52
C ASP B 362 19.51 -33.09 12.78
N VAL B 363 18.44 -33.25 11.97
CA VAL B 363 17.84 -32.13 11.17
C VAL B 363 17.13 -31.16 12.12
N ALA B 364 16.69 -31.63 13.29
CA ALA B 364 16.09 -30.78 14.37
C ALA B 364 17.16 -29.83 14.95
N THR B 365 18.46 -30.17 14.88
CA THR B 365 19.61 -29.30 15.31
C THR B 365 19.59 -27.99 14.51
N LEU B 366 19.41 -28.07 13.19
CA LEU B 366 19.75 -27.00 12.23
C LEU B 366 18.83 -25.79 12.44
N SER B 367 19.23 -24.62 11.93
CA SER B 367 18.43 -23.37 11.95
C SER B 367 17.11 -23.62 11.24
N PRO B 368 16.02 -22.90 11.60
CA PRO B 368 14.76 -23.02 10.88
C PRO B 368 14.86 -23.00 9.36
N ASP B 369 15.63 -22.05 8.80
CA ASP B 369 15.79 -21.88 7.32
C ASP B 369 16.47 -23.11 6.72
N GLU B 370 17.45 -23.69 7.42
CA GLU B 370 18.24 -24.87 6.95
C GLU B 370 17.34 -26.11 6.98
N GLN B 371 16.34 -26.16 7.86
CA GLN B 371 15.40 -27.30 7.98
C GLN B 371 14.40 -27.27 6.81
N ARG B 372 13.78 -26.12 6.55
CA ARG B 372 12.78 -25.94 5.47
C ARG B 372 13.46 -26.15 4.11
N ALA B 373 14.78 -25.91 4.03
CA ALA B 373 15.58 -26.03 2.80
C ALA B 373 15.73 -27.51 2.38
N LYS B 374 15.48 -28.45 3.31
CA LYS B 374 15.74 -29.90 3.13
C LYS B 374 14.43 -30.69 3.11
N PHE B 375 13.30 -30.03 2.88
CA PHE B 375 11.97 -30.67 2.81
C PHE B 375 11.24 -30.22 1.54
N GLY B 376 10.85 -31.20 0.72
CA GLY B 376 10.14 -30.99 -0.54
C GLY B 376 8.74 -30.41 -0.29
N GLY B 377 7.83 -31.25 0.20
CA GLY B 377 6.41 -30.91 0.38
C GLY B 377 5.68 -30.78 -0.95
N THR B 378 6.03 -31.62 -1.92
CA THR B 378 5.29 -31.80 -3.21
C THR B 378 5.21 -33.29 -3.55
N LEU B 379 4.50 -33.64 -4.62
CA LEU B 379 4.43 -35.03 -5.10
C LEU B 379 5.76 -35.44 -5.73
N ALA B 380 6.20 -36.65 -5.42
CA ALA B 380 7.39 -37.30 -5.99
C ALA B 380 7.09 -37.76 -7.41
N PRO B 381 8.11 -37.90 -8.29
CA PRO B 381 7.94 -38.53 -9.60
C PRO B 381 7.36 -39.93 -9.48
N THR B 382 6.21 -40.19 -10.09
CA THR B 382 5.45 -41.44 -9.88
C THR B 382 6.22 -42.55 -10.57
N VAL B 383 6.44 -43.64 -9.83
CA VAL B 383 7.30 -44.77 -10.25
C VAL B 383 6.44 -45.75 -11.02
N ARG B 384 6.97 -46.29 -12.11
CA ARG B 384 6.34 -47.38 -12.88
C ARG B 384 7.02 -48.68 -12.44
N VAL B 385 6.23 -49.64 -11.98
CA VAL B 385 6.73 -50.99 -11.57
C VAL B 385 5.95 -52.05 -12.34
N ALA B 386 6.56 -53.21 -12.50
CA ALA B 386 5.99 -54.39 -13.20
C ALA B 386 5.95 -55.54 -12.21
N LEU B 387 4.76 -56.09 -11.96
CA LEU B 387 4.56 -57.27 -11.08
C LEU B 387 4.59 -58.52 -11.93
N SER B 388 5.08 -59.62 -11.36
CA SER B 388 5.08 -60.97 -11.96
C SER B 388 4.96 -61.96 -10.81
N GLY B 389 3.74 -62.25 -10.36
CA GLY B 389 3.52 -63.14 -9.21
C GLY B 389 3.87 -62.46 -7.90
N ASP B 390 4.75 -63.08 -7.12
CA ASP B 390 5.26 -62.55 -5.82
C ASP B 390 6.55 -61.74 -6.03
N ARG B 391 6.82 -61.26 -7.24
CA ARG B 391 8.10 -60.54 -7.56
C ARG B 391 7.78 -59.23 -8.27
N THR B 392 8.54 -58.17 -8.00
CA THR B 392 8.38 -56.81 -8.55
C THR B 392 9.70 -56.32 -9.15
N ARG B 393 9.63 -55.30 -10.00
CA ARG B 393 10.81 -54.63 -10.60
C ARG B 393 10.39 -53.22 -10.99
N ILE B 394 11.19 -52.21 -10.60
CA ILE B 394 11.08 -50.79 -11.05
C ILE B 394 11.41 -50.78 -12.55
N THR B 395 10.54 -50.17 -13.37
CA THR B 395 10.68 -50.10 -14.84
C THR B 395 11.06 -48.68 -15.27
N GLY B 396 10.65 -47.66 -14.52
CA GLY B 396 11.02 -46.26 -14.79
C GLY B 396 10.18 -45.30 -13.97
N THR B 397 10.14 -44.04 -14.37
CA THR B 397 9.37 -42.98 -13.66
C THR B 397 8.63 -42.09 -14.65
N LEU B 398 7.72 -41.26 -14.14
CA LEU B 398 6.97 -40.22 -14.88
C LEU B 398 7.27 -38.88 -14.22
N SER B 399 6.67 -37.80 -14.72
CA SER B 399 6.80 -36.43 -14.15
C SER B 399 6.36 -36.44 -12.69
N HIS B 400 6.79 -35.44 -11.91
CA HIS B 400 6.39 -35.24 -10.50
C HIS B 400 4.86 -35.31 -10.38
N GLY B 401 4.37 -36.19 -9.51
CA GLY B 401 2.94 -36.37 -9.21
C GLY B 401 2.09 -36.46 -10.47
N ARG B 402 2.49 -37.23 -11.48
CA ARG B 402 1.59 -37.59 -12.60
C ARG B 402 0.70 -38.75 -12.14
N ILE B 403 -0.60 -38.53 -12.04
CA ILE B 403 -1.63 -39.58 -11.80
C ILE B 403 -2.44 -39.71 -13.09
N PRO B 404 -2.09 -40.66 -13.98
CA PRO B 404 -2.81 -40.84 -15.24
C PRO B 404 -4.02 -41.77 -15.09
N LEU B 405 -5.02 -41.56 -15.96
CA LEU B 405 -6.20 -42.44 -16.12
C LEU B 405 -5.83 -43.60 -17.04
N GLU B 406 -6.62 -44.68 -17.03
CA GLU B 406 -6.37 -45.86 -17.88
C GLU B 406 -6.58 -45.48 -19.35
N SER B 407 -7.38 -44.44 -19.60
CA SER B 407 -7.69 -43.89 -20.95
C SER B 407 -6.51 -43.12 -21.53
N GLU B 408 -5.37 -43.03 -20.82
CA GLU B 408 -4.18 -42.26 -21.26
C GLU B 408 -3.01 -43.20 -21.53
N GLU B 409 -2.31 -43.01 -22.65
CA GLU B 409 -1.14 -43.82 -23.05
C GLU B 409 0.10 -43.20 -22.39
N LEU B 410 0.92 -44.01 -21.72
CA LEU B 410 2.17 -43.54 -21.08
C LEU B 410 3.33 -43.71 -22.06
N PRO B 411 4.38 -42.86 -21.96
CA PRO B 411 5.56 -43.02 -22.81
C PRO B 411 6.17 -44.43 -22.73
N ASP B 412 6.90 -44.84 -23.77
CA ASP B 412 7.50 -46.19 -23.87
C ASP B 412 8.63 -46.32 -22.84
N LEU B 413 8.98 -47.56 -22.50
CA LEU B 413 10.10 -47.89 -21.59
C LEU B 413 11.29 -48.34 -22.44
N PRO B 414 12.54 -48.13 -21.97
CA PRO B 414 13.73 -48.64 -22.67
C PRO B 414 13.85 -50.17 -22.69
N ALA C 9 -5.30 2.53 -37.82
CA ALA C 9 -3.85 2.52 -38.15
C ALA C 9 -3.53 3.68 -39.10
N THR C 10 -3.37 4.89 -38.56
CA THR C 10 -3.18 6.14 -39.34
C THR C 10 -1.87 6.07 -40.11
N PRO C 11 -1.84 6.41 -41.42
CA PRO C 11 -0.60 6.49 -42.18
C PRO C 11 0.40 7.43 -41.52
N ARG C 12 1.68 7.03 -41.48
CA ARG C 12 2.72 7.75 -40.71
C ARG C 12 3.83 8.23 -41.63
N TRP C 13 4.16 9.51 -41.53
CA TRP C 13 5.47 10.08 -41.96
C TRP C 13 6.48 9.69 -40.89
N THR C 14 7.39 8.76 -41.20
CA THR C 14 8.25 8.07 -40.19
C THR C 14 9.62 8.74 -40.15
N ARG C 15 10.39 8.44 -39.10
CA ARG C 15 11.77 8.95 -38.92
C ARG C 15 12.67 8.36 -40.02
N GLU C 16 12.37 7.15 -40.47
CA GLU C 16 13.14 6.49 -41.56
C GLU C 16 12.99 7.33 -42.82
N HIS C 17 11.82 7.93 -43.03
CA HIS C 17 11.56 8.85 -44.18
C HIS C 17 12.39 10.12 -43.99
N ALA C 18 12.18 10.83 -42.88
CA ALA C 18 12.79 12.15 -42.60
C ALA C 18 14.32 12.05 -42.62
N SER C 19 14.89 10.91 -42.22
CA SER C 19 16.35 10.65 -42.26
C SER C 19 16.90 10.86 -43.68
N LYS C 20 16.08 10.64 -44.72
CA LYS C 20 16.50 10.69 -46.14
C LYS C 20 16.34 12.12 -46.70
N ILE C 21 15.73 13.05 -45.96
CA ILE C 21 15.48 14.44 -46.42
C ILE C 21 16.80 15.07 -46.84
N GLU C 22 16.82 15.77 -47.97
CA GLU C 22 18.08 16.28 -48.58
C GLU C 22 17.73 17.17 -49.77
N ARG C 23 18.30 18.38 -49.83
CA ARG C 23 18.16 19.29 -50.99
C ARG C 23 18.69 18.58 -52.23
N THR C 24 17.99 18.67 -53.35
CA THR C 24 18.44 18.15 -54.68
C THR C 24 18.06 19.16 -55.77
N ASP C 25 18.56 18.95 -56.98
CA ASP C 25 18.30 19.88 -58.12
C ASP C 25 16.82 19.80 -58.50
N GLU C 26 16.13 18.74 -58.06
CA GLU C 26 14.72 18.47 -58.41
C GLU C 26 13.79 19.13 -57.39
N THR C 27 14.29 19.59 -56.24
CA THR C 27 13.44 20.09 -55.13
C THR C 27 13.75 21.54 -54.76
N VAL C 28 14.81 22.14 -55.32
CA VAL C 28 15.25 23.48 -54.90
C VAL C 28 14.76 24.51 -55.92
N VAL C 29 14.01 25.50 -55.45
CA VAL C 29 13.45 26.59 -56.31
C VAL C 29 14.56 27.60 -56.59
N PRO C 30 14.46 28.39 -57.67
CA PRO C 30 15.44 29.44 -57.92
C PRO C 30 15.39 30.53 -56.85
N ILE C 31 16.43 31.35 -56.79
CA ILE C 31 16.48 32.55 -55.89
C ILE C 31 15.30 33.45 -56.26
N ILE C 32 14.59 33.93 -55.25
CA ILE C 32 13.50 34.93 -55.41
C ILE C 32 14.12 36.31 -55.19
N TYR C 33 13.95 37.19 -56.17
CA TYR C 33 14.35 38.62 -56.14
C TYR C 33 13.08 39.45 -55.97
N PRO C 34 13.11 40.56 -55.19
CA PRO C 34 11.89 41.31 -54.89
C PRO C 34 11.28 41.86 -56.18
N PRO C 35 9.92 41.89 -56.29
CA PRO C 35 9.26 42.26 -57.53
C PRO C 35 9.36 43.75 -57.81
N ARG C 36 9.27 44.13 -59.09
CA ARG C 36 9.41 45.54 -59.57
C ARG C 36 8.28 46.41 -59.02
N GLU C 37 7.06 45.88 -58.88
CA GLU C 37 5.89 46.64 -58.36
C GLU C 37 5.16 45.83 -57.28
N ASP C 38 4.67 46.48 -56.22
CA ASP C 38 3.79 45.88 -55.18
C ASP C 38 2.34 46.28 -55.46
N ALA C 39 1.40 45.36 -55.27
CA ALA C 39 -0.06 45.57 -55.39
C ALA C 39 -0.57 46.50 -54.28
N ALA C 40 -0.03 46.33 -53.06
CA ALA C 40 -0.36 47.12 -51.85
C ALA C 40 0.95 47.46 -51.11
N PRO C 41 1.57 48.64 -51.41
CA PRO C 41 2.83 49.01 -50.76
C PRO C 41 2.72 49.21 -49.24
N GLU C 42 1.54 49.59 -48.75
CA GLU C 42 1.27 49.89 -47.32
C GLU C 42 1.04 48.59 -46.51
N ILE C 43 1.02 47.43 -47.17
CA ILE C 43 0.57 46.15 -46.55
C ILE C 43 1.58 45.04 -46.85
N ASN C 44 1.90 44.25 -45.83
CA ASN C 44 2.62 42.96 -45.93
C ASN C 44 1.56 41.85 -46.00
N GLY C 45 1.69 40.93 -46.96
CA GLY C 45 0.77 39.81 -47.15
C GLY C 45 1.52 38.49 -47.22
N TRP C 46 0.99 37.47 -46.55
CA TRP C 46 1.53 36.09 -46.58
C TRP C 46 0.35 35.10 -46.61
N ASP C 47 0.64 33.81 -46.53
CA ASP C 47 -0.37 32.71 -46.35
C ASP C 47 -1.61 33.02 -47.18
N THR C 48 -1.52 32.84 -48.50
CA THR C 48 -2.59 33.22 -49.46
C THR C 48 -3.31 31.96 -49.91
N TRP C 49 -4.61 32.09 -50.20
CA TRP C 49 -5.46 30.99 -50.73
C TRP C 49 -6.41 31.54 -51.80
N PHE C 50 -6.93 30.66 -52.66
CA PHE C 50 -7.74 31.04 -53.86
C PHE C 50 -9.22 30.84 -53.55
N LEU C 51 -10.04 31.77 -54.06
CA LEU C 51 -11.50 31.58 -54.17
C LEU C 51 -11.73 30.48 -55.21
N ARG C 52 -12.21 29.32 -54.76
CA ARG C 52 -12.42 28.13 -55.60
C ARG C 52 -13.93 27.85 -55.70
N GLU C 53 -14.36 27.24 -56.80
CA GLU C 53 -15.70 26.61 -56.95
C GLU C 53 -15.72 25.34 -56.11
N ARG C 54 -16.84 24.65 -56.03
CA ARG C 54 -17.01 23.43 -55.21
C ARG C 54 -16.05 22.32 -55.65
N ASP C 55 -15.88 22.12 -56.96
CA ASP C 55 -15.02 21.04 -57.54
C ASP C 55 -13.55 21.32 -57.21
N GLY C 56 -13.19 22.57 -56.98
CA GLY C 56 -11.81 22.97 -56.59
C GLY C 56 -11.14 23.87 -57.59
N SER C 57 -11.67 23.98 -58.82
CA SER C 57 -11.15 24.89 -59.89
C SER C 57 -11.17 26.33 -59.36
N ILE C 58 -10.24 27.17 -59.82
CA ILE C 58 -10.17 28.61 -59.44
C ILE C 58 -11.47 29.25 -59.92
N ALA C 59 -12.23 29.87 -59.03
CA ALA C 59 -13.50 30.56 -59.34
C ALA C 59 -13.21 31.84 -60.12
N THR C 60 -14.11 32.15 -61.05
CA THR C 60 -14.04 33.31 -61.98
C THR C 60 -15.41 34.01 -61.93
N VAL C 61 -15.45 35.28 -61.49
CA VAL C 61 -16.69 36.11 -61.39
C VAL C 61 -16.55 37.31 -62.33
N GLY C 62 -17.30 37.30 -63.43
CA GLY C 62 -17.23 38.34 -64.48
C GLY C 62 -15.82 38.51 -65.02
N GLY C 63 -15.03 37.42 -65.10
CA GLY C 63 -13.70 37.42 -65.71
C GLY C 63 -12.59 37.75 -64.71
N TRP C 64 -12.94 37.92 -63.43
CA TRP C 64 -11.99 38.18 -62.33
C TRP C 64 -11.74 36.91 -61.51
N ARG C 65 -10.48 36.64 -61.17
CA ARG C 65 -10.10 35.67 -60.10
C ARG C 65 -10.03 36.46 -58.79
N VAL C 66 -10.33 35.80 -57.68
CA VAL C 66 -10.16 36.39 -56.33
C VAL C 66 -9.21 35.50 -55.54
N ILE C 67 -8.32 36.11 -54.76
CA ILE C 67 -7.45 35.43 -53.76
C ILE C 67 -7.57 36.16 -52.43
N PHE C 68 -7.20 35.47 -51.35
CA PHE C 68 -7.24 35.98 -49.96
C PHE C 68 -5.85 35.82 -49.36
N SER C 69 -5.40 36.82 -48.59
CA SER C 69 -4.10 36.83 -47.87
C SER C 69 -4.33 37.19 -46.41
N LEU C 70 -3.52 36.64 -45.51
CA LEU C 70 -3.27 37.24 -44.18
C LEU C 70 -2.43 38.49 -44.42
N THR C 71 -2.81 39.60 -43.79
CA THR C 71 -2.19 40.93 -43.99
C THR C 71 -1.97 41.63 -42.64
N ALA C 72 -0.93 42.46 -42.59
CA ALA C 72 -0.64 43.39 -41.49
C ALA C 72 -0.07 44.66 -42.11
N PRO C 73 -0.13 45.81 -41.40
CA PRO C 73 0.55 47.01 -41.87
C PRO C 73 2.04 46.75 -42.12
N ALA C 74 2.59 47.33 -43.19
CA ALA C 74 3.99 47.15 -43.63
C ALA C 74 4.95 47.76 -42.60
N ASP C 75 4.54 48.83 -41.91
CA ASP C 75 5.39 49.54 -40.92
C ASP C 75 5.61 48.66 -39.67
N LEU C 76 4.81 47.59 -39.52
CA LEU C 76 4.86 46.69 -38.34
C LEU C 76 6.07 45.76 -38.48
N LEU C 77 6.69 45.39 -37.35
CA LEU C 77 7.85 44.46 -37.35
C LEU C 77 7.37 43.10 -37.85
N PRO C 78 8.13 42.44 -38.76
CA PRO C 78 7.70 41.19 -39.36
C PRO C 78 7.37 40.10 -38.32
N GLY C 79 8.24 39.92 -37.32
CA GLY C 79 8.08 38.90 -36.26
C GLY C 79 6.75 39.01 -35.53
N LYS C 80 6.05 40.15 -35.60
CA LYS C 80 4.84 40.44 -34.78
C LYS C 80 3.56 40.43 -35.62
N ARG C 81 3.65 40.31 -36.95
CA ARG C 81 2.48 40.39 -37.88
C ARG C 81 1.41 39.37 -37.49
N HIS C 82 1.81 38.23 -36.94
CA HIS C 82 0.93 37.06 -36.62
C HIS C 82 -0.07 37.41 -35.52
N ASP C 83 0.22 38.44 -34.72
CA ASP C 83 -0.62 38.81 -33.55
C ASP C 83 -1.81 39.65 -34.02
N VAL C 84 -1.76 40.24 -35.22
CA VAL C 84 -2.79 41.21 -35.70
C VAL C 84 -3.19 40.88 -37.14
N ALA C 85 -3.06 39.63 -37.56
CA ALA C 85 -3.35 39.17 -38.94
C ALA C 85 -4.82 39.44 -39.27
N GLU C 86 -5.10 40.07 -40.42
CA GLU C 86 -6.47 40.35 -40.91
C GLU C 86 -6.57 39.87 -42.36
N ILE C 87 -7.68 39.25 -42.73
CA ILE C 87 -7.88 38.68 -44.10
C ILE C 87 -8.30 39.81 -45.04
N ARG C 88 -7.48 40.10 -46.03
CA ARG C 88 -7.83 40.98 -47.17
C ARG C 88 -8.02 40.10 -48.41
N TYR C 89 -8.75 40.60 -49.38
CA TYR C 89 -8.93 39.92 -50.70
C TYR C 89 -8.30 40.81 -51.78
N PHE C 90 -7.83 40.16 -52.83
CA PHE C 90 -7.27 40.79 -54.04
C PHE C 90 -7.96 40.15 -55.25
N TYR C 91 -8.06 40.91 -56.34
CA TYR C 91 -8.73 40.46 -57.59
C TYR C 91 -7.86 40.84 -58.78
N SER C 92 -7.92 40.01 -59.83
CA SER C 92 -7.10 40.18 -61.06
C SER C 92 -7.86 39.64 -62.27
N ARG C 93 -7.69 40.30 -63.42
CA ARG C 93 -8.31 39.89 -64.72
C ARG C 93 -7.40 38.93 -65.47
N ASP C 94 -6.08 38.97 -65.25
CA ASP C 94 -5.08 38.13 -65.98
C ASP C 94 -4.46 37.06 -65.05
N GLY C 95 -4.27 37.34 -63.77
CA GLY C 95 -3.63 36.38 -62.85
C GLY C 95 -2.27 36.86 -62.38
N GLU C 96 -1.81 38.01 -62.89
CA GLU C 96 -0.50 38.63 -62.59
C GLU C 96 -0.70 39.95 -61.84
N THR C 97 -1.52 40.87 -62.37
CA THR C 97 -1.64 42.26 -61.85
C THR C 97 -2.83 42.33 -60.87
N TRP C 98 -2.56 42.13 -59.58
CA TRP C 98 -3.58 42.03 -58.50
C TRP C 98 -3.93 43.42 -57.95
N PHE C 99 -5.21 43.68 -57.69
CA PHE C 99 -5.72 44.93 -57.07
C PHE C 99 -6.17 44.63 -55.65
N ASP C 100 -5.84 45.52 -54.71
CA ASP C 100 -6.25 45.40 -53.29
C ASP C 100 -7.76 45.62 -53.20
N GLY C 101 -8.49 44.62 -52.69
CA GLY C 101 -9.95 44.69 -52.47
C GLY C 101 -10.28 45.15 -51.06
N GLY C 102 -9.27 45.29 -50.20
CA GLY C 102 -9.48 45.69 -48.79
C GLY C 102 -9.88 44.50 -47.92
N PRO C 103 -10.12 44.72 -46.61
CA PRO C 103 -10.51 43.63 -45.71
C PRO C 103 -11.78 42.96 -46.21
N VAL C 104 -11.90 41.65 -46.00
CA VAL C 104 -13.06 40.85 -46.46
C VAL C 104 -14.21 40.99 -45.46
N PHE C 105 -13.88 41.19 -44.18
CA PHE C 105 -14.88 41.21 -43.08
C PHE C 105 -15.05 42.62 -42.51
N GLU C 106 -16.32 42.95 -42.22
CA GLU C 106 -16.79 44.26 -41.67
C GLU C 106 -16.62 44.25 -40.15
N GLY C 107 -16.82 43.10 -39.51
CA GLY C 107 -16.66 42.88 -38.07
C GLY C 107 -17.36 41.60 -37.66
N GLY C 108 -17.52 41.35 -36.36
CA GLY C 108 -18.13 40.12 -35.82
C GLY C 108 -17.30 38.87 -36.14
N THR C 109 -16.04 39.07 -36.53
CA THR C 109 -15.09 37.98 -36.87
C THR C 109 -14.65 37.29 -35.57
N ARG C 110 -14.52 35.96 -35.60
CA ARG C 110 -14.10 35.16 -34.42
C ARG C 110 -12.59 35.27 -34.24
N GLY C 111 -12.16 35.17 -32.98
CA GLY C 111 -10.74 35.22 -32.57
C GLY C 111 -10.21 36.65 -32.49
N SER C 112 -9.19 36.85 -31.66
CA SER C 112 -8.43 38.12 -31.52
C SER C 112 -7.87 38.54 -32.89
N ARG C 113 -7.45 37.56 -33.70
CA ARG C 113 -6.97 37.74 -35.10
C ARG C 113 -7.28 36.46 -35.89
N GLN C 114 -7.23 36.55 -37.22
CA GLN C 114 -7.58 35.44 -38.14
C GLN C 114 -6.32 34.91 -38.82
N TRP C 115 -6.19 33.57 -38.90
CA TRP C 115 -5.11 32.86 -39.59
C TRP C 115 -5.68 32.13 -40.81
N ALA C 116 -4.81 31.45 -41.57
CA ALA C 116 -5.08 30.99 -42.94
C ALA C 116 -6.24 29.99 -42.94
N GLY C 117 -6.96 29.93 -44.07
CA GLY C 117 -7.97 28.89 -44.34
C GLY C 117 -8.15 28.62 -45.83
N SER C 118 -9.38 28.77 -46.31
CA SER C 118 -9.81 28.48 -47.70
C SER C 118 -11.05 29.31 -48.03
N ALA C 119 -11.47 29.29 -49.29
CA ALA C 119 -12.62 30.07 -49.79
C ALA C 119 -13.39 29.24 -50.81
N LEU C 120 -14.70 29.23 -50.68
CA LEU C 120 -15.65 28.46 -51.52
C LEU C 120 -16.69 29.44 -52.07
N LEU C 121 -16.81 29.52 -53.38
CA LEU C 121 -17.99 30.11 -54.04
C LEU C 121 -18.89 28.96 -54.48
N ASP C 122 -19.94 28.69 -53.72
CA ASP C 122 -20.79 27.49 -53.84
C ASP C 122 -21.60 27.59 -55.14
N ASP C 123 -22.25 26.50 -55.54
CA ASP C 123 -23.11 26.40 -56.74
C ASP C 123 -24.22 27.47 -56.70
N ASP C 124 -24.74 27.74 -55.50
CA ASP C 124 -25.88 28.68 -55.26
C ASP C 124 -25.40 30.13 -55.30
N GLY C 125 -24.09 30.39 -55.39
CA GLY C 125 -23.53 31.76 -55.46
C GLY C 125 -23.19 32.35 -54.09
N ARG C 126 -23.51 31.63 -53.00
CA ARG C 126 -23.14 31.99 -51.60
C ARG C 126 -21.62 31.84 -51.42
N LEU C 127 -20.99 32.74 -50.67
CA LEU C 127 -19.54 32.76 -50.39
C LEU C 127 -19.28 32.26 -48.96
N TYR C 128 -18.35 31.31 -48.82
CA TYR C 128 -17.84 30.80 -47.52
C TYR C 128 -16.34 31.08 -47.48
N VAL C 129 -15.89 31.88 -46.51
CA VAL C 129 -14.44 32.13 -46.23
C VAL C 129 -14.09 31.42 -44.92
N PHE C 130 -13.59 30.20 -45.03
CA PHE C 130 -13.04 29.42 -43.88
C PHE C 130 -11.76 30.13 -43.43
N TYR C 131 -11.56 30.22 -42.12
CA TYR C 131 -10.34 30.81 -41.51
C TYR C 131 -10.11 30.18 -40.13
N THR C 132 -8.92 30.41 -39.59
CA THR C 132 -8.55 30.04 -38.20
C THR C 132 -8.82 31.25 -37.30
N ALA C 133 -9.67 31.07 -36.28
CA ALA C 133 -9.85 32.02 -35.16
C ALA C 133 -8.74 31.76 -34.14
N SER C 134 -7.73 32.62 -34.14
CA SER C 134 -6.63 32.63 -33.14
C SER C 134 -7.00 33.55 -31.98
N GLY C 135 -6.82 33.06 -30.75
CA GLY C 135 -7.29 33.74 -29.53
C GLY C 135 -8.80 33.86 -29.51
N ARG C 136 -9.31 34.78 -28.69
CA ARG C 136 -10.75 35.14 -28.56
C ARG C 136 -10.91 36.65 -28.72
N ALA C 137 -11.97 37.10 -29.37
CA ALA C 137 -12.22 38.53 -29.71
C ALA C 137 -12.15 39.39 -28.44
N GLY C 138 -11.37 40.48 -28.49
CA GLY C 138 -11.24 41.48 -27.42
C GLY C 138 -10.64 40.91 -26.14
N GLU C 139 -9.81 39.87 -26.23
CA GLU C 139 -9.12 39.26 -25.07
C GLU C 139 -8.13 40.28 -24.49
N ALA C 140 -7.83 40.16 -23.19
CA ALA C 140 -6.94 41.06 -22.41
C ALA C 140 -5.51 40.99 -22.97
N GLU C 141 -4.84 39.86 -22.80
CA GLU C 141 -3.50 39.59 -23.38
C GLU C 141 -3.64 38.48 -24.45
N ILE C 142 -2.75 38.44 -25.44
CA ILE C 142 -2.79 37.51 -26.60
C ILE C 142 -2.67 36.05 -26.12
N THR C 143 -3.60 35.19 -26.55
CA THR C 143 -3.61 33.71 -26.32
C THR C 143 -3.45 32.99 -27.67
N TYR C 144 -3.09 31.70 -27.64
CA TYR C 144 -2.75 30.92 -28.85
C TYR C 144 -3.77 29.78 -29.03
N GLU C 145 -5.04 30.03 -28.70
CA GLU C 145 -6.14 29.07 -28.89
C GLU C 145 -6.63 29.23 -30.34
N GLN C 146 -6.66 28.12 -31.07
CA GLN C 146 -7.03 28.05 -32.50
C GLN C 146 -8.30 27.21 -32.62
N ARG C 147 -9.30 27.73 -33.34
CA ARG C 147 -10.53 26.99 -33.71
C ARG C 147 -10.85 27.28 -35.19
N LEU C 148 -11.38 26.28 -35.90
CA LEU C 148 -11.76 26.38 -37.34
C LEU C 148 -13.09 27.13 -37.40
N ALA C 149 -13.12 28.31 -38.04
CA ALA C 149 -14.33 29.14 -38.18
C ALA C 149 -14.64 29.35 -39.65
N VAL C 150 -15.81 29.91 -39.95
CA VAL C 150 -16.24 30.30 -41.33
C VAL C 150 -17.02 31.62 -41.24
N GLY C 151 -16.75 32.52 -42.19
CA GLY C 151 -17.63 33.66 -42.48
C GLY C 151 -18.50 33.34 -43.69
N SER C 152 -19.76 33.01 -43.45
CA SER C 152 -20.71 32.53 -44.50
C SER C 152 -21.64 33.65 -44.94
N GLY C 153 -22.38 33.41 -46.03
CA GLY C 153 -23.46 34.27 -46.55
C GLY C 153 -22.96 35.53 -47.20
N GLY C 154 -21.71 35.53 -47.67
CA GLY C 154 -21.15 36.67 -48.43
C GLY C 154 -21.74 36.73 -49.82
N SER C 155 -21.45 37.81 -50.55
CA SER C 155 -21.79 38.02 -51.98
C SER C 155 -20.60 38.62 -52.71
N VAL C 156 -20.31 38.13 -53.90
CA VAL C 156 -19.18 38.61 -54.76
C VAL C 156 -19.79 39.27 -56.00
N VAL C 157 -19.71 40.60 -56.09
CA VAL C 157 -20.24 41.39 -57.24
C VAL C 157 -19.04 41.88 -58.06
N ALA C 158 -19.11 41.78 -59.38
CA ALA C 158 -18.01 42.13 -60.30
C ALA C 158 -18.55 43.01 -61.45
N ASP C 159 -17.96 44.19 -61.65
CA ASP C 159 -18.24 45.08 -62.81
C ASP C 159 -16.98 45.06 -63.70
N ASP C 160 -16.82 46.02 -64.62
CA ASP C 160 -15.63 46.13 -65.50
C ASP C 160 -14.52 46.91 -64.81
N ASP C 161 -14.79 47.43 -63.61
CA ASP C 161 -13.83 48.27 -62.82
C ASP C 161 -13.12 47.41 -61.77
N GLY C 162 -13.80 46.40 -61.23
CA GLY C 162 -13.22 45.48 -60.24
C GLY C 162 -14.23 44.54 -59.61
N VAL C 163 -13.89 44.05 -58.41
CA VAL C 163 -14.69 43.07 -57.61
C VAL C 163 -14.82 43.65 -56.21
N ARG C 164 -16.03 43.66 -55.66
CA ARG C 164 -16.27 44.00 -54.24
C ARG C 164 -16.99 42.80 -53.61
N ILE C 165 -16.58 42.42 -52.40
CA ILE C 165 -17.24 41.38 -51.59
C ILE C 165 -18.13 42.10 -50.59
N GLU C 166 -19.45 41.90 -50.68
CA GLU C 166 -20.50 42.71 -50.04
C GLU C 166 -21.31 41.83 -49.08
N GLY C 167 -22.34 42.44 -48.50
CA GLY C 167 -23.41 41.77 -47.74
C GLY C 167 -22.95 41.56 -46.31
N PRO C 168 -23.85 41.20 -45.38
CA PRO C 168 -23.44 40.83 -44.03
C PRO C 168 -22.86 39.41 -44.05
N PHE C 169 -21.93 39.13 -43.12
CA PHE C 169 -21.29 37.80 -42.96
C PHE C 169 -21.74 37.18 -41.64
N ALA C 170 -22.09 35.90 -41.66
CA ALA C 170 -22.47 35.11 -40.47
C ALA C 170 -21.24 34.33 -40.00
N HIS C 171 -20.49 34.88 -39.03
CA HIS C 171 -19.30 34.21 -38.44
C HIS C 171 -19.73 33.19 -37.38
N GLY C 172 -19.23 31.96 -37.49
CA GLY C 172 -19.41 30.92 -36.46
C GLY C 172 -18.23 29.97 -36.45
N VAL C 173 -17.86 29.48 -35.27
CA VAL C 173 -16.86 28.39 -35.11
C VAL C 173 -17.48 27.09 -35.63
N LEU C 174 -16.71 26.30 -36.37
CA LEU C 174 -17.15 25.02 -36.98
C LEU C 174 -16.63 23.85 -36.15
N LEU C 175 -15.35 23.84 -35.78
CA LEU C 175 -14.72 22.68 -35.10
C LEU C 175 -13.75 23.15 -34.02
N GLU C 176 -13.69 22.38 -32.93
CA GLU C 176 -12.66 22.46 -31.87
C GLU C 176 -12.16 21.05 -31.62
N PRO C 177 -10.90 20.89 -31.18
CA PRO C 177 -10.29 19.56 -31.02
C PRO C 177 -11.09 18.71 -30.02
N ASP C 178 -11.26 17.42 -30.31
CA ASP C 178 -12.09 16.50 -29.49
C ASP C 178 -11.30 16.02 -28.26
N GLY C 179 -9.96 16.04 -28.31
CA GLY C 179 -9.09 15.63 -27.19
C GLY C 179 -8.72 14.16 -27.25
N GLU C 180 -9.32 13.39 -28.16
CA GLU C 180 -9.05 11.93 -28.35
C GLU C 180 -8.29 11.69 -29.66
N ARG C 181 -8.81 12.17 -30.80
CA ARG C 181 -8.16 12.05 -32.14
C ARG C 181 -7.26 13.28 -32.40
N TYR C 182 -7.66 14.44 -31.87
CA TYR C 182 -6.98 15.74 -32.08
C TYR C 182 -6.71 16.43 -30.73
N GLU C 183 -5.44 16.71 -30.45
CA GLU C 183 -4.93 17.28 -29.18
C GLU C 183 -5.51 18.69 -28.98
N ARG C 184 -5.97 18.97 -27.75
CA ARG C 184 -6.42 20.29 -27.25
C ARG C 184 -5.25 21.00 -26.55
N GLU C 185 -5.40 22.30 -26.26
CA GLU C 185 -4.28 23.15 -25.74
C GLU C 185 -3.76 22.58 -24.41
N GLU C 186 -4.67 22.10 -23.55
CA GLU C 186 -4.39 21.48 -22.22
C GLU C 186 -3.38 20.33 -22.39
N GLN C 187 -3.58 19.47 -23.39
CA GLN C 187 -2.79 18.22 -23.60
C GLN C 187 -1.41 18.53 -24.19
N SER C 188 -1.19 19.76 -24.66
CA SER C 188 0.04 20.17 -25.40
C SER C 188 1.28 19.95 -24.54
N ARG C 189 2.12 18.98 -24.92
CA ARG C 189 3.50 18.82 -24.41
C ARG C 189 4.46 19.47 -25.41
N GLY C 190 5.58 20.00 -24.92
CA GLY C 190 6.55 20.75 -25.74
C GLY C 190 5.95 22.01 -26.32
N MET C 191 6.03 22.17 -27.65
CA MET C 191 5.61 23.42 -28.36
C MET C 191 4.08 23.55 -28.31
N ILE C 192 3.58 24.74 -28.69
CA ILE C 192 2.12 25.08 -28.67
C ILE C 192 1.38 24.16 -29.65
N TYR C 193 0.20 23.69 -29.27
CA TYR C 193 -0.65 22.81 -30.11
C TYR C 193 -1.09 23.58 -31.36
N THR C 194 -1.52 22.83 -32.37
CA THR C 194 -2.05 23.35 -33.65
C THR C 194 -3.45 22.78 -33.87
N PHE C 195 -4.35 23.63 -34.39
CA PHE C 195 -5.70 23.25 -34.85
C PHE C 195 -6.23 24.35 -35.76
N ARG C 196 -5.69 24.41 -36.98
CA ARG C 196 -5.84 25.60 -37.86
C ARG C 196 -5.83 25.19 -39.34
N ASP C 197 -5.94 26.19 -40.22
CA ASP C 197 -5.72 26.08 -41.68
C ASP C 197 -6.78 25.13 -42.25
N PRO C 198 -8.08 25.49 -42.11
CA PRO C 198 -9.16 24.67 -42.66
C PRO C 198 -9.27 24.84 -44.18
N TRP C 199 -9.10 23.74 -44.91
CA TRP C 199 -9.09 23.73 -46.40
C TRP C 199 -10.28 22.89 -46.88
N PHE C 200 -11.23 23.52 -47.57
CA PHE C 200 -12.44 22.86 -48.12
C PHE C 200 -12.04 22.01 -49.33
N PHE C 201 -12.67 20.84 -49.47
CA PHE C 201 -12.33 19.84 -50.50
C PHE C 201 -13.50 18.89 -50.77
N GLU C 202 -14.00 18.91 -52.01
CA GLU C 202 -14.97 17.92 -52.53
C GLU C 202 -14.19 16.82 -53.27
N ASP C 203 -14.30 15.58 -52.82
CA ASP C 203 -13.64 14.40 -53.46
C ASP C 203 -14.32 14.16 -54.81
N PRO C 204 -13.61 14.31 -55.95
CA PRO C 204 -14.26 14.20 -57.25
C PRO C 204 -14.70 12.77 -57.56
N ARG C 205 -14.19 11.79 -56.82
CA ARG C 205 -14.60 10.37 -56.92
C ARG C 205 -15.87 10.13 -56.09
N SER C 206 -15.80 10.22 -54.76
CA SER C 206 -16.95 9.93 -53.86
C SER C 206 -18.07 10.97 -54.07
N GLY C 207 -17.75 12.22 -54.41
CA GLY C 207 -18.70 13.35 -54.35
C GLY C 207 -18.86 13.88 -52.92
N LYS C 208 -18.33 13.16 -51.92
CA LYS C 208 -18.44 13.51 -50.48
C LYS C 208 -17.66 14.81 -50.21
N THR C 209 -18.10 15.58 -49.22
CA THR C 209 -17.55 16.92 -48.88
C THR C 209 -16.69 16.78 -47.61
N TYR C 210 -15.43 17.24 -47.68
CA TYR C 210 -14.47 17.18 -46.55
C TYR C 210 -13.88 18.56 -46.28
N LEU C 211 -13.32 18.71 -45.08
CA LEU C 211 -12.55 19.90 -44.65
C LEU C 211 -11.27 19.39 -43.97
N LEU C 212 -10.13 19.57 -44.62
CA LEU C 212 -8.79 19.24 -44.06
C LEU C 212 -8.33 20.37 -43.15
N PHE C 213 -7.47 20.05 -42.18
CA PHE C 213 -6.86 21.03 -41.26
C PHE C 213 -5.59 20.43 -40.66
N GLU C 214 -4.74 21.32 -40.16
CA GLU C 214 -3.52 20.95 -39.40
C GLU C 214 -3.93 20.80 -37.95
N ALA C 215 -3.54 19.69 -37.33
CA ALA C 215 -3.77 19.41 -35.90
C ALA C 215 -2.55 18.67 -35.33
N ASN C 216 -2.68 18.25 -34.08
CA ASN C 216 -1.74 17.30 -33.44
C ASN C 216 -2.57 16.13 -32.92
N THR C 217 -2.00 14.92 -32.92
CA THR C 217 -2.64 13.72 -32.33
C THR C 217 -2.11 13.56 -30.91
N PRO C 218 -3.00 13.53 -29.89
CA PRO C 218 -2.57 13.52 -28.50
C PRO C 218 -1.79 12.23 -28.22
N ILE C 219 -0.68 12.37 -27.48
CA ILE C 219 0.13 11.23 -26.97
C ILE C 219 0.21 11.35 -25.47
N PRO C 220 -0.42 10.40 -24.71
CA PRO C 220 -0.30 10.39 -23.24
C PRO C 220 1.18 10.40 -22.81
N GLU C 221 1.48 10.93 -21.62
CA GLU C 221 2.87 11.04 -21.09
C GLU C 221 3.60 9.67 -21.06
N GLY C 222 3.04 8.68 -20.39
CA GLY C 222 3.71 7.36 -20.26
C GLY C 222 3.27 6.45 -21.38
N ALA C 223 3.24 6.93 -22.63
CA ALA C 223 2.66 6.15 -23.77
C ALA C 223 3.71 5.21 -24.37
N GLY C 224 4.98 5.59 -24.37
CA GLY C 224 6.06 4.81 -25.03
C GLY C 224 5.92 4.77 -26.55
N ALA C 225 5.03 5.59 -27.11
CA ALA C 225 4.68 5.62 -28.55
C ALA C 225 5.89 5.97 -29.43
N CYS C 226 7.02 6.36 -28.84
CA CYS C 226 8.27 6.72 -29.57
C CYS C 226 9.49 6.14 -28.83
N GLY C 227 10.63 6.01 -29.52
CA GLY C 227 11.88 5.46 -28.97
C GLY C 227 12.64 6.45 -28.10
N ASP C 228 12.01 7.56 -27.71
CA ASP C 228 12.50 8.57 -26.73
C ASP C 228 11.33 9.47 -26.34
N PRO C 229 11.02 9.63 -25.04
CA PRO C 229 9.88 10.44 -24.60
C PRO C 229 9.78 11.88 -25.15
N VAL C 230 10.90 12.55 -25.44
CA VAL C 230 10.90 13.96 -25.95
C VAL C 230 10.37 13.98 -27.40
N TRP C 231 10.67 12.95 -28.18
CA TRP C 231 10.17 12.79 -29.58
C TRP C 231 8.63 12.83 -29.60
N GLU C 232 7.97 12.32 -28.55
CA GLU C 232 6.49 12.25 -28.44
C GLU C 232 5.86 13.66 -28.48
N GLU C 233 6.65 14.71 -28.19
CA GLU C 233 6.17 16.12 -28.18
C GLU C 233 5.86 16.58 -29.61
N PHE C 234 6.49 15.94 -30.60
CA PHE C 234 6.35 16.21 -32.05
C PHE C 234 5.27 15.27 -32.62
N ASN C 235 4.02 15.75 -32.59
CA ASN C 235 2.79 14.96 -32.76
C ASN C 235 1.93 15.60 -33.85
N GLY C 236 2.57 16.22 -34.85
CA GLY C 236 1.89 16.88 -35.98
C GLY C 236 1.05 15.89 -36.78
N SER C 237 -0.09 16.34 -37.30
CA SER C 237 -1.01 15.49 -38.08
C SER C 237 -1.88 16.35 -39.01
N VAL C 238 -2.33 15.73 -40.10
CA VAL C 238 -3.34 16.31 -41.03
C VAL C 238 -4.67 15.69 -40.67
N GLY C 239 -5.52 16.49 -40.03
CA GLY C 239 -6.89 16.10 -39.65
C GLY C 239 -7.84 16.35 -40.81
N ILE C 240 -9.00 15.72 -40.75
CA ILE C 240 -10.07 15.86 -41.78
C ILE C 240 -11.42 15.73 -41.07
N ALA C 241 -12.40 16.48 -41.53
CA ALA C 241 -13.81 16.42 -41.09
C ALA C 241 -14.68 16.20 -42.32
N HIS C 242 -15.87 15.66 -42.12
CA HIS C 242 -16.83 15.28 -43.19
C HIS C 242 -18.14 16.04 -42.97
N SER C 243 -18.79 16.48 -44.05
CA SER C 243 -20.18 16.99 -44.04
C SER C 243 -21.10 15.95 -44.67
N PRO C 244 -21.93 15.24 -43.87
CA PRO C 244 -22.80 14.19 -44.41
C PRO C 244 -23.82 14.77 -45.40
N THR C 245 -24.37 15.95 -45.08
CA THR C 245 -25.06 16.85 -46.03
C THR C 245 -23.94 17.50 -46.82
N GLY C 246 -24.12 18.15 -47.98
CA GLY C 246 -23.03 18.91 -48.59
C GLY C 246 -22.80 20.27 -47.93
N ASP C 247 -23.60 20.59 -46.90
CA ASP C 247 -23.60 21.92 -46.25
C ASP C 247 -22.17 22.27 -45.84
N PRO C 248 -21.61 23.41 -46.33
CA PRO C 248 -20.25 23.83 -45.94
C PRO C 248 -20.07 24.30 -44.49
N THR C 249 -21.10 24.22 -43.63
CA THR C 249 -21.05 24.72 -42.22
C THR C 249 -21.40 23.62 -41.21
N ASP C 250 -21.68 22.39 -41.67
CA ASP C 250 -22.02 21.22 -40.81
C ASP C 250 -20.93 20.15 -41.00
N TRP C 251 -20.10 19.95 -39.96
CA TRP C 251 -18.91 19.03 -40.05
C TRP C 251 -18.89 18.08 -38.87
N GLU C 252 -18.43 16.84 -39.10
CA GLU C 252 -18.13 15.85 -38.04
C GLU C 252 -16.66 15.44 -38.19
N LEU C 253 -15.90 15.47 -37.10
CA LEU C 253 -14.46 15.06 -37.09
C LEU C 253 -14.34 13.60 -37.55
N CYS C 254 -13.37 13.30 -38.40
CA CYS C 254 -12.96 11.92 -38.79
C CYS C 254 -11.55 11.66 -38.25
N ASP C 255 -11.03 10.45 -38.45
CA ASP C 255 -9.64 10.07 -38.07
C ASP C 255 -8.68 10.82 -38.99
N PRO C 256 -7.47 11.17 -38.50
CA PRO C 256 -6.52 11.96 -39.29
C PRO C 256 -6.04 11.19 -40.51
N LEU C 257 -5.74 11.90 -41.60
CA LEU C 257 -5.27 11.35 -42.90
C LEU C 257 -3.85 10.83 -42.73
N LEU C 258 -3.03 11.58 -41.98
CA LEU C 258 -1.56 11.35 -41.87
C LEU C 258 -1.08 11.96 -40.56
N GLU C 259 -0.12 11.31 -39.89
CA GLU C 259 0.55 11.80 -38.65
C GLU C 259 2.06 11.77 -38.82
N GLY C 260 2.74 12.76 -38.26
CA GLY C 260 4.22 12.88 -38.27
C GLY C 260 4.79 12.69 -36.86
N ILE C 261 4.24 11.73 -36.13
CA ILE C 261 4.60 11.46 -34.71
C ILE C 261 6.08 11.05 -34.68
N CYS C 262 6.84 11.66 -33.77
CA CYS C 262 8.30 11.51 -33.59
C CYS C 262 9.06 12.22 -34.73
N VAL C 263 8.39 12.99 -35.59
CA VAL C 263 9.04 13.59 -36.80
C VAL C 263 8.88 15.11 -36.82
N ASN C 264 7.65 15.64 -36.72
CA ASN C 264 7.43 17.10 -36.88
C ASN C 264 6.18 17.52 -36.12
N GLN C 265 6.18 18.74 -35.58
CA GLN C 265 5.05 19.31 -34.77
C GLN C 265 4.05 19.99 -35.71
N GLU C 266 4.56 20.71 -36.73
CA GLU C 266 3.73 21.57 -37.60
C GLU C 266 3.72 20.99 -39.02
N LEU C 267 2.62 20.32 -39.39
CA LEU C 267 2.29 19.96 -40.80
C LEU C 267 1.30 21.00 -41.33
N GLU C 268 1.80 22.16 -41.75
CA GLU C 268 1.00 23.39 -41.97
C GLU C 268 0.27 23.36 -43.31
N ARG C 269 -0.81 24.16 -43.40
CA ARG C 269 -1.65 24.40 -44.60
C ARG C 269 -1.72 23.14 -45.45
N PRO C 270 -2.40 22.09 -44.94
CA PRO C 270 -2.53 20.84 -45.67
C PRO C 270 -3.60 21.08 -46.75
N HIS C 271 -3.42 20.44 -47.90
CA HIS C 271 -4.35 20.47 -49.05
C HIS C 271 -4.05 19.28 -49.96
N VAL C 272 -5.05 18.88 -50.74
CA VAL C 272 -5.00 17.70 -51.65
C VAL C 272 -5.16 18.21 -53.08
N VAL C 273 -4.31 17.73 -53.96
CA VAL C 273 -4.47 17.84 -55.43
C VAL C 273 -4.71 16.43 -55.96
N VAL C 274 -5.83 16.23 -56.66
CA VAL C 274 -6.14 14.92 -57.32
C VAL C 274 -5.68 15.02 -58.76
N ARG C 275 -4.88 14.05 -59.22
CA ARG C 275 -4.32 14.05 -60.60
C ARG C 275 -4.45 12.65 -61.17
N ASN C 276 -5.27 12.52 -62.22
CA ASN C 276 -5.68 11.19 -62.77
C ASN C 276 -6.18 10.40 -61.58
N GLY C 277 -5.67 9.22 -61.29
CA GLY C 277 -6.31 8.39 -60.25
C GLY C 277 -5.91 8.77 -58.81
N PHE C 278 -4.99 9.71 -58.63
CA PHE C 278 -4.11 9.75 -57.43
C PHE C 278 -4.35 11.03 -56.62
N TYR C 279 -4.24 10.86 -55.30
CA TYR C 279 -4.44 11.91 -54.27
C TYR C 279 -3.06 12.30 -53.74
N TYR C 280 -2.61 13.49 -54.08
CA TYR C 280 -1.37 14.09 -53.54
C TYR C 280 -1.76 14.99 -52.36
N LEU C 281 -1.25 14.68 -51.18
CA LEU C 281 -1.43 15.49 -49.94
C LEU C 281 -0.15 16.30 -49.71
N PHE C 282 -0.27 17.62 -49.65
CA PHE C 282 0.85 18.57 -49.49
C PHE C 282 0.71 19.31 -48.17
N VAL C 283 1.83 19.47 -47.47
CA VAL C 283 1.96 20.25 -46.22
C VAL C 283 3.27 21.03 -46.26
N SER C 284 3.24 22.28 -45.82
CA SER C 284 4.42 23.16 -45.62
C SER C 284 4.92 22.98 -44.18
N SER C 285 6.21 22.81 -43.97
CA SER C 285 6.80 22.61 -42.62
C SER C 285 8.09 23.43 -42.44
N HIS C 286 8.44 23.70 -41.18
CA HIS C 286 9.68 24.44 -40.80
C HIS C 286 10.82 23.48 -40.48
N ASP C 287 12.04 24.01 -40.49
CA ASP C 287 13.27 23.29 -40.04
C ASP C 287 13.24 23.15 -38.52
N HIS C 288 12.74 24.15 -37.80
CA HIS C 288 12.80 24.20 -36.32
C HIS C 288 11.70 23.33 -35.71
N THR C 289 10.73 22.86 -36.48
CA THR C 289 9.60 22.05 -35.98
C THR C 289 9.89 20.56 -36.17
N PHE C 290 11.09 20.21 -36.62
CA PHE C 290 11.52 18.79 -36.75
C PHE C 290 11.98 18.30 -35.37
N ALA C 291 11.63 17.05 -35.03
CA ALA C 291 12.06 16.35 -33.80
C ALA C 291 13.57 16.24 -33.80
N PRO C 292 14.22 16.20 -32.61
CA PRO C 292 15.67 16.07 -32.53
C PRO C 292 16.17 14.78 -33.21
N GLY C 293 17.39 14.85 -33.75
CA GLY C 293 18.03 13.76 -34.52
C GLY C 293 17.67 13.81 -35.99
N LEU C 294 16.68 14.62 -36.36
CA LEU C 294 16.20 14.82 -37.76
C LEU C 294 16.58 16.23 -38.21
N GLU C 295 16.98 16.37 -39.47
CA GLU C 295 17.37 17.65 -40.10
C GLU C 295 16.65 17.77 -41.44
N GLY C 296 15.66 18.64 -41.50
CA GLY C 296 14.96 18.99 -42.75
C GLY C 296 14.86 20.50 -42.90
N PRO C 297 14.81 21.03 -44.13
CA PRO C 297 14.63 22.47 -44.34
C PRO C 297 13.16 22.92 -44.34
N ASP C 298 12.93 24.21 -44.08
CA ASP C 298 11.69 24.94 -44.48
C ASP C 298 11.37 24.46 -45.91
N GLY C 299 10.21 23.83 -46.11
CA GLY C 299 9.84 23.29 -47.43
C GLY C 299 8.42 22.78 -47.51
N LEU C 300 7.96 22.51 -48.73
CA LEU C 300 6.70 21.80 -49.02
C LEU C 300 6.99 20.30 -49.06
N TYR C 301 6.34 19.54 -48.19
CA TYR C 301 6.44 18.06 -48.13
C TYR C 301 5.14 17.49 -48.69
N GLY C 302 5.22 16.28 -49.25
CA GLY C 302 4.13 15.72 -50.06
C GLY C 302 4.05 14.21 -49.94
N PHE C 303 2.84 13.70 -50.02
CA PHE C 303 2.51 12.26 -49.92
C PHE C 303 1.45 11.93 -50.95
N VAL C 304 1.37 10.65 -51.33
CA VAL C 304 0.47 10.19 -52.41
C VAL C 304 -0.20 8.88 -52.00
N ALA C 305 -1.46 8.74 -52.38
CA ALA C 305 -2.27 7.50 -52.19
C ALA C 305 -3.26 7.38 -53.35
N ASP C 306 -3.89 6.21 -53.47
CA ASP C 306 -4.87 5.92 -54.55
C ASP C 306 -6.26 6.41 -54.12
N SER C 307 -6.44 6.84 -52.88
CA SER C 307 -7.74 7.34 -52.35
C SER C 307 -7.48 8.49 -51.36
N LEU C 308 -8.51 9.31 -51.08
CA LEU C 308 -8.36 10.49 -50.20
C LEU C 308 -7.93 10.05 -48.81
N ARG C 309 -8.52 8.96 -48.30
CA ARG C 309 -8.24 8.45 -46.93
C ARG C 309 -7.39 7.18 -47.04
N GLY C 310 -6.51 7.13 -48.04
CA GLY C 310 -5.67 5.95 -48.35
C GLY C 310 -4.38 5.90 -47.54
N GLU C 311 -3.54 4.91 -47.83
CA GLU C 311 -2.22 4.69 -47.19
C GLU C 311 -1.20 5.62 -47.86
N TYR C 312 -1.18 6.88 -47.45
CA TYR C 312 -0.24 7.91 -47.99
C TYR C 312 1.20 7.45 -47.78
N ARG C 313 2.02 7.61 -48.81
CA ARG C 313 3.48 7.34 -48.79
C ARG C 313 4.19 8.60 -49.25
N PRO C 314 5.38 8.90 -48.71
CA PRO C 314 6.05 10.16 -48.99
C PRO C 314 6.60 10.22 -50.42
N LEU C 315 6.43 11.37 -51.07
CA LEU C 315 6.99 11.66 -52.41
C LEU C 315 8.51 11.72 -52.33
N ASN C 316 9.20 11.26 -53.38
CA ASN C 316 10.68 11.33 -53.48
C ASN C 316 11.32 10.59 -52.31
N GLY C 317 10.61 9.64 -51.69
CA GLY C 317 11.16 8.77 -50.62
C GLY C 317 11.18 9.43 -49.26
N SER C 318 11.58 10.70 -49.19
CA SER C 318 11.77 11.48 -47.94
C SER C 318 10.50 12.28 -47.61
N GLY C 319 9.78 12.70 -48.64
CA GLY C 319 8.60 13.57 -48.49
C GLY C 319 8.87 14.97 -48.99
N LEU C 320 10.13 15.36 -49.10
CA LEU C 320 10.50 16.72 -49.57
C LEU C 320 10.16 16.85 -51.05
N VAL C 321 9.30 17.81 -51.37
CA VAL C 321 8.82 18.09 -52.76
C VAL C 321 9.53 19.34 -53.31
N LEU C 322 9.64 20.36 -52.47
CA LEU C 322 10.09 21.71 -52.90
C LEU C 322 10.66 22.43 -51.68
N THR C 323 11.77 23.15 -51.84
CA THR C 323 12.49 23.87 -50.75
C THR C 323 13.27 25.03 -51.34
N ASN C 324 13.76 25.91 -50.47
CA ASN C 324 14.60 27.09 -50.83
C ASN C 324 16.05 26.64 -50.90
N PRO C 325 16.91 27.36 -51.65
CA PRO C 325 18.34 27.04 -51.69
C PRO C 325 19.00 27.30 -50.32
N ALA C 326 20.09 26.60 -50.03
CA ALA C 326 20.84 26.69 -48.77
C ALA C 326 21.27 28.16 -48.50
N ASN C 327 21.61 28.92 -49.55
CA ASN C 327 22.13 30.30 -49.44
C ASN C 327 20.99 31.34 -49.42
N ALA C 328 19.71 30.93 -49.33
CA ALA C 328 18.53 31.82 -49.10
C ALA C 328 17.39 31.02 -48.48
N PRO C 329 17.63 30.35 -47.34
CA PRO C 329 16.82 29.19 -46.94
C PRO C 329 15.43 29.53 -46.41
N TYR C 330 15.12 30.81 -46.21
CA TYR C 330 13.80 31.23 -45.67
C TYR C 330 13.10 32.15 -46.67
N GLN C 331 13.50 32.14 -47.95
CA GLN C 331 13.03 33.13 -48.95
C GLN C 331 11.54 32.95 -49.26
N ALA C 332 11.00 31.74 -49.09
CA ALA C 332 9.58 31.45 -49.33
C ALA C 332 9.03 30.48 -48.29
N TYR C 333 7.71 30.44 -48.16
CA TYR C 333 6.98 29.53 -47.25
C TYR C 333 5.49 29.55 -47.62
N SER C 334 4.71 28.66 -46.99
CA SER C 334 3.23 28.57 -47.04
C SER C 334 2.77 28.36 -48.49
N TRP C 335 3.37 27.34 -49.10
CA TRP C 335 3.10 26.89 -50.50
C TRP C 335 1.73 26.19 -50.55
N VAL C 336 1.00 26.47 -51.62
CA VAL C 336 -0.31 25.88 -51.99
C VAL C 336 -0.22 25.39 -53.45
N ALA C 337 -0.37 24.09 -53.66
CA ALA C 337 -0.25 23.42 -54.98
C ALA C 337 -1.63 23.35 -55.64
N PHE C 338 -1.69 23.49 -56.96
CA PHE C 338 -2.93 23.40 -57.77
C PHE C 338 -2.57 22.96 -59.19
N SER C 339 -3.44 22.18 -59.80
CA SER C 339 -3.25 21.60 -61.16
C SER C 339 -3.40 22.71 -62.20
N HIS C 340 -2.64 22.62 -63.28
CA HIS C 340 -2.84 23.40 -64.53
C HIS C 340 -2.42 22.53 -65.72
N ARG C 341 -3.41 21.89 -66.37
CA ARG C 341 -3.16 20.96 -67.50
C ARG C 341 -2.26 19.85 -66.97
N GLU C 342 -1.15 19.52 -67.66
CA GLU C 342 -0.28 18.38 -67.29
C GLU C 342 0.74 18.82 -66.22
N GLU C 343 0.70 20.08 -65.77
CA GLU C 343 1.65 20.62 -64.77
C GLU C 343 0.97 20.71 -63.39
N LEU C 344 1.80 20.81 -62.35
CA LEU C 344 1.41 21.26 -60.99
C LEU C 344 2.08 22.61 -60.74
N LEU C 345 1.30 23.62 -60.39
CA LEU C 345 1.82 24.95 -60.00
C LEU C 345 1.75 25.06 -58.48
N VAL C 346 2.67 25.81 -57.89
CA VAL C 346 2.83 25.95 -56.42
C VAL C 346 3.08 27.42 -56.14
N SER C 347 2.21 28.04 -55.34
CA SER C 347 2.30 29.48 -54.96
C SER C 347 2.57 29.59 -53.46
N GLY C 348 3.76 30.05 -53.08
CA GLY C 348 4.07 30.50 -51.72
C GLY C 348 4.07 32.01 -51.62
N PHE C 349 4.58 32.56 -50.53
CA PHE C 349 4.82 34.01 -50.39
C PHE C 349 6.31 34.23 -50.17
N PHE C 350 6.74 35.46 -50.45
CA PHE C 350 8.15 35.92 -50.34
C PHE C 350 8.41 36.26 -48.87
N ASN C 351 9.18 35.43 -48.17
CA ASN C 351 9.32 35.44 -46.69
C ASN C 351 10.52 36.31 -46.30
N TYR C 352 11.58 35.71 -45.74
CA TYR C 352 12.79 36.44 -45.27
C TYR C 352 13.94 36.19 -46.26
N TYR C 353 14.57 37.27 -46.72
CA TYR C 353 15.69 37.21 -47.69
C TYR C 353 16.78 38.17 -47.24
N ASP C 354 17.97 38.00 -47.82
CA ASP C 354 19.16 38.85 -47.60
C ASP C 354 19.54 38.83 -46.11
N LEU C 355 19.45 37.65 -45.49
CA LEU C 355 19.83 37.46 -44.07
C LEU C 355 21.36 37.39 -43.96
N GLY C 356 22.06 37.23 -45.08
CA GLY C 356 23.54 37.24 -45.12
C GLY C 356 24.17 36.07 -44.38
N GLY C 357 23.41 35.34 -43.55
CA GLY C 357 23.98 34.28 -42.68
C GLY C 357 23.29 34.22 -41.34
N LEU C 358 22.57 35.29 -40.95
CA LEU C 358 21.80 35.37 -39.69
C LEU C 358 20.71 34.28 -39.67
N THR C 359 20.41 33.74 -38.51
CA THR C 359 19.22 32.87 -38.27
C THR C 359 18.02 33.79 -38.07
N LEU C 360 16.80 33.24 -38.09
CA LEU C 360 15.55 34.03 -37.99
C LEU C 360 15.44 34.65 -36.59
N ASP C 361 15.89 33.94 -35.56
CA ASP C 361 15.94 34.46 -34.16
C ASP C 361 16.77 35.75 -34.16
N ASP C 362 17.93 35.71 -34.84
CA ASP C 362 18.93 36.81 -34.88
C ASP C 362 18.33 38.04 -35.60
N VAL C 363 17.28 37.88 -36.41
CA VAL C 363 16.64 39.01 -37.16
C VAL C 363 15.92 39.94 -36.18
N ALA C 364 15.49 39.44 -35.02
CA ALA C 364 14.91 40.23 -33.92
C ALA C 364 15.96 41.19 -33.31
N THR C 365 17.27 40.89 -33.40
CA THR C 365 18.40 41.76 -32.96
C THR C 365 18.35 43.09 -33.71
N LEU C 366 18.16 43.06 -35.03
CA LEU C 366 18.44 44.20 -35.95
C LEU C 366 17.50 45.37 -35.67
N SER C 367 17.86 46.57 -36.14
CA SER C 367 17.02 47.79 -36.07
C SER C 367 15.70 47.52 -36.77
N PRO C 368 14.60 48.19 -36.37
CA PRO C 368 13.31 48.03 -37.06
C PRO C 368 13.39 48.14 -38.59
N ASP C 369 14.13 49.14 -39.12
CA ASP C 369 14.24 49.38 -40.58
C ASP C 369 14.98 48.21 -41.25
N GLU C 370 16.00 47.65 -40.59
CA GLU C 370 16.82 46.53 -41.11
C GLU C 370 16.00 45.24 -41.12
N GLN C 371 15.00 45.12 -40.22
CA GLN C 371 14.10 43.93 -40.15
C GLN C 371 13.12 43.96 -41.32
N ARG C 372 12.44 45.08 -41.53
CA ARG C 372 11.44 45.27 -42.62
C ARG C 372 12.13 45.15 -43.98
N ALA C 373 13.42 45.45 -44.04
CA ALA C 373 14.24 45.42 -45.28
C ALA C 373 14.48 43.98 -45.74
N LYS C 374 14.26 42.99 -44.86
CA LYS C 374 14.60 41.55 -45.09
C LYS C 374 13.32 40.69 -45.13
N PHE C 375 12.17 41.32 -45.34
CA PHE C 375 10.86 40.63 -45.41
C PHE C 375 10.13 41.12 -46.67
N GLY C 376 9.78 40.17 -47.55
CA GLY C 376 9.04 40.43 -48.79
C GLY C 376 7.63 40.93 -48.51
N GLY C 377 6.76 40.03 -48.07
CA GLY C 377 5.32 40.31 -47.86
C GLY C 377 4.58 40.48 -49.19
N THR C 378 4.98 39.72 -50.21
CA THR C 378 4.28 39.60 -51.52
C THR C 378 4.26 38.14 -51.92
N LEU C 379 3.58 37.83 -53.02
CA LEU C 379 3.56 36.46 -53.57
C LEU C 379 4.91 36.15 -54.21
N ALA C 380 5.39 34.93 -53.98
CA ALA C 380 6.61 34.36 -54.58
C ALA C 380 6.33 34.01 -56.03
N PRO C 381 7.36 33.97 -56.91
CA PRO C 381 7.22 33.45 -58.27
C PRO C 381 6.69 32.01 -58.24
N THR C 382 5.55 31.75 -58.89
CA THR C 382 4.84 30.46 -58.75
C THR C 382 5.67 29.43 -59.50
N VAL C 383 5.93 28.31 -58.82
CA VAL C 383 6.85 27.26 -59.29
C VAL C 383 6.04 26.30 -60.14
N ARG C 384 6.61 25.87 -61.26
CA ARG C 384 6.04 24.81 -62.13
C ARG C 384 6.77 23.53 -61.77
N VAL C 385 6.02 22.49 -61.39
CA VAL C 385 6.58 21.15 -61.08
C VAL C 385 5.84 20.12 -61.93
N ALA C 386 6.51 18.99 -62.17
CA ALA C 386 6.00 17.84 -62.94
C ALA C 386 5.99 16.64 -62.01
N LEU C 387 4.82 16.03 -61.81
CA LEU C 387 4.67 14.76 -61.04
C LEU C 387 4.80 13.57 -61.99
N SER C 388 5.33 12.47 -61.49
CA SER C 388 5.42 11.16 -62.17
C SER C 388 5.33 10.08 -61.11
N GLY C 389 4.12 9.71 -60.69
CA GLY C 389 3.92 8.74 -59.61
C GLY C 389 4.23 9.33 -58.25
N ASP C 390 5.13 8.70 -57.50
CA ASP C 390 5.58 9.14 -56.16
C ASP C 390 6.84 10.00 -56.28
N ARG C 391 7.09 10.60 -57.45
CA ARG C 391 8.31 11.41 -57.70
C ARG C 391 7.90 12.76 -58.29
N THR C 392 8.62 13.83 -57.92
CA THR C 392 8.39 15.23 -58.38
C THR C 392 9.70 15.81 -58.93
N ARG C 393 9.60 16.89 -59.69
CA ARG C 393 10.77 17.61 -60.27
C ARG C 393 10.32 19.04 -60.58
N ILE C 394 11.07 20.04 -60.11
CA ILE C 394 10.92 21.47 -60.46
C ILE C 394 11.25 21.62 -61.94
N THR C 395 10.37 22.25 -62.73
CA THR C 395 10.54 22.44 -64.19
C THR C 395 10.87 23.90 -64.51
N GLY C 396 10.40 24.84 -63.69
CA GLY C 396 10.67 26.28 -63.90
C GLY C 396 9.79 27.13 -63.01
N THR C 397 9.68 28.42 -63.33
CA THR C 397 8.87 29.40 -62.57
C THR C 397 8.09 30.31 -63.52
N LEU C 398 7.14 31.05 -62.96
CA LEU C 398 6.35 32.10 -63.66
C LEU C 398 6.59 33.41 -62.91
N SER C 399 5.92 34.48 -63.33
CA SER C 399 5.90 35.82 -62.69
C SER C 399 5.54 35.67 -61.21
N HIS C 400 5.91 36.65 -60.39
CA HIS C 400 5.52 36.71 -58.94
C HIS C 400 4.01 36.57 -58.83
N GLY C 401 3.54 35.61 -58.03
CA GLY C 401 2.12 35.34 -57.78
C GLY C 401 1.29 35.32 -59.04
N ARG C 402 1.72 34.64 -60.09
CA ARG C 402 0.85 34.32 -61.25
C ARG C 402 0.00 33.10 -60.89
N ILE C 403 -1.31 33.30 -60.81
CA ILE C 403 -2.31 32.19 -60.66
C ILE C 403 -3.08 32.11 -61.97
N PRO C 404 -2.67 31.22 -62.91
CA PRO C 404 -3.34 31.10 -64.20
C PRO C 404 -4.53 30.13 -64.16
N LEU C 405 -5.50 30.35 -65.05
CA LEU C 405 -6.65 29.44 -65.30
C LEU C 405 -6.19 28.35 -66.28
N GLU C 406 -6.94 27.26 -66.37
CA GLU C 406 -6.61 26.13 -67.29
C GLU C 406 -6.79 26.62 -68.74
N SER C 407 -7.64 27.63 -68.93
CA SER C 407 -7.94 28.25 -70.25
C SER C 407 -6.78 29.11 -70.75
N GLU C 408 -5.66 29.20 -70.00
CA GLU C 408 -4.50 30.07 -70.36
C GLU C 408 -3.28 29.19 -70.65
N GLU C 409 -2.57 29.51 -71.73
CA GLU C 409 -1.34 28.78 -72.15
C GLU C 409 -0.15 29.41 -71.41
N LEU C 410 0.69 28.60 -70.78
CA LEU C 410 1.91 29.08 -70.07
C LEU C 410 3.09 29.03 -71.02
N PRO C 411 4.11 29.90 -70.82
CA PRO C 411 5.31 29.85 -71.65
C PRO C 411 5.96 28.46 -71.69
N ASP C 412 6.73 28.18 -72.74
CA ASP C 412 7.42 26.88 -72.92
C ASP C 412 8.55 26.76 -71.88
N LEU C 413 8.98 25.54 -71.62
CA LEU C 413 10.07 25.22 -70.65
C LEU C 413 11.38 24.97 -71.41
N PRO C 414 12.54 25.32 -70.81
CA PRO C 414 13.83 25.14 -71.49
C PRO C 414 14.25 23.67 -71.65
N ALA D 9 62.86 -40.99 -18.17
CA ALA D 9 61.91 -42.05 -17.73
C ALA D 9 60.73 -41.38 -17.02
N THR D 10 59.73 -40.92 -17.78
CA THR D 10 58.58 -40.14 -17.24
C THR D 10 57.73 -41.02 -16.34
N PRO D 11 57.35 -40.54 -15.13
CA PRO D 11 56.43 -41.27 -14.26
C PRO D 11 55.13 -41.63 -14.98
N ARG D 12 54.64 -42.85 -14.77
CA ARG D 12 53.49 -43.41 -15.54
C ARG D 12 52.35 -43.77 -14.61
N TRP D 13 51.16 -43.28 -14.92
CA TRP D 13 49.86 -43.88 -14.48
C TRP D 13 49.63 -45.12 -15.33
N THR D 14 49.74 -46.30 -14.73
CA THR D 14 49.81 -47.60 -15.47
C THR D 14 48.44 -48.26 -15.46
N ARG D 15 48.26 -49.25 -16.33
CA ARG D 15 47.00 -50.04 -16.46
C ARG D 15 46.82 -50.85 -15.17
N GLU D 16 47.92 -51.26 -14.52
CA GLU D 16 47.84 -52.02 -13.25
C GLU D 16 47.18 -51.12 -12.20
N HIS D 17 47.44 -49.81 -12.24
CA HIS D 17 46.79 -48.80 -11.35
C HIS D 17 45.30 -48.72 -11.69
N ALA D 18 44.98 -48.37 -12.95
CA ALA D 18 43.61 -48.11 -13.42
C ALA D 18 42.71 -49.34 -13.20
N SER D 19 43.27 -50.55 -13.28
CA SER D 19 42.54 -51.82 -13.02
C SER D 19 41.91 -51.80 -11.62
N LYS D 20 42.51 -51.09 -10.67
CA LYS D 20 42.08 -51.06 -9.25
C LYS D 20 41.03 -49.95 -9.01
N ILE D 21 40.78 -49.09 -10.00
CA ILE D 21 39.82 -47.94 -9.87
C ILE D 21 38.46 -48.52 -9.46
N GLU D 22 37.78 -47.87 -8.53
CA GLU D 22 36.55 -48.39 -7.89
C GLU D 22 35.97 -47.31 -6.98
N ARG D 23 34.68 -47.02 -7.11
CA ARG D 23 33.96 -46.13 -6.17
C ARG D 23 34.06 -46.69 -4.75
N THR D 24 34.34 -45.86 -3.76
CA THR D 24 34.34 -46.23 -2.32
C THR D 24 33.72 -45.10 -1.49
N ASP D 25 33.46 -45.34 -0.21
CA ASP D 25 32.83 -44.33 0.68
C ASP D 25 33.79 -43.15 0.87
N GLU D 26 35.07 -43.36 0.57
CA GLU D 26 36.14 -42.37 0.80
C GLU D 26 36.30 -41.47 -0.43
N THR D 27 35.72 -41.83 -1.58
CA THR D 27 35.96 -41.11 -2.86
C THR D 27 34.66 -40.56 -3.46
N VAL D 28 33.49 -40.89 -2.91
CA VAL D 28 32.20 -40.52 -3.55
C VAL D 28 31.61 -39.31 -2.85
N VAL D 29 31.36 -38.23 -3.59
CA VAL D 29 30.79 -36.96 -3.06
C VAL D 29 29.29 -37.14 -2.88
N PRO D 30 28.65 -36.33 -2.00
CA PRO D 30 27.19 -36.38 -1.87
C PRO D 30 26.48 -35.92 -3.15
N ILE D 31 25.19 -36.24 -3.25
CA ILE D 31 24.32 -35.78 -4.37
C ILE D 31 24.32 -34.26 -4.35
N ILE D 32 24.51 -33.64 -5.52
CA ILE D 32 24.39 -32.17 -5.72
C ILE D 32 22.97 -31.88 -6.17
N TYR D 33 22.29 -31.00 -5.43
CA TYR D 33 20.95 -30.44 -5.71
C TYR D 33 21.13 -29.01 -6.17
N PRO D 34 20.34 -28.52 -7.16
CA PRO D 34 20.57 -27.19 -7.74
C PRO D 34 20.45 -26.11 -6.67
N PRO D 35 21.28 -25.05 -6.73
CA PRO D 35 21.33 -24.04 -5.68
C PRO D 35 20.09 -23.14 -5.68
N ARG D 36 19.78 -22.55 -4.51
CA ARG D 36 18.68 -21.59 -4.27
C ARG D 36 18.79 -20.36 -5.18
N GLU D 37 20.01 -19.83 -5.36
CA GLU D 37 20.25 -18.56 -6.10
C GLU D 37 21.45 -18.73 -7.04
N ASP D 38 21.33 -18.18 -8.25
CA ASP D 38 22.45 -18.08 -9.23
C ASP D 38 22.94 -16.63 -9.24
N ALA D 39 24.25 -16.41 -9.38
CA ALA D 39 24.90 -15.07 -9.52
C ALA D 39 24.53 -14.45 -10.88
N ALA D 40 24.47 -15.28 -11.93
CA ALA D 40 24.06 -14.91 -13.31
C ALA D 40 23.09 -15.95 -13.86
N PRO D 41 21.76 -15.76 -13.71
CA PRO D 41 20.77 -16.76 -14.18
C PRO D 41 20.79 -16.94 -15.71
N GLU D 42 21.14 -15.88 -16.45
CA GLU D 42 21.12 -15.87 -17.95
C GLU D 42 22.42 -16.45 -18.52
N ILE D 43 23.32 -16.94 -17.67
CA ILE D 43 24.66 -17.49 -18.07
C ILE D 43 24.87 -18.85 -17.42
N ASN D 44 25.37 -19.80 -18.22
CA ASN D 44 25.94 -21.10 -17.76
C ASN D 44 27.44 -20.92 -17.58
N GLY D 45 27.99 -21.36 -16.44
CA GLY D 45 29.42 -21.27 -16.10
C GLY D 45 29.96 -22.62 -15.69
N TRP D 46 31.15 -22.96 -16.17
CA TRP D 46 31.88 -24.20 -15.81
C TRP D 46 33.37 -23.87 -15.69
N ASP D 47 34.22 -24.90 -15.47
CA ASP D 47 35.70 -24.82 -15.53
C ASP D 47 36.16 -23.50 -14.92
N THR D 48 36.12 -23.39 -13.59
CA THR D 48 36.41 -22.11 -12.87
C THR D 48 37.80 -22.21 -12.26
N TRP D 49 38.51 -21.08 -12.17
CA TRP D 49 39.85 -20.98 -11.53
C TRP D 49 39.94 -19.69 -10.72
N PHE D 50 40.88 -19.64 -9.77
CA PHE D 50 41.03 -18.53 -8.78
C PHE D 50 42.13 -17.57 -9.22
N LEU D 51 41.89 -16.28 -8.98
CA LEU D 51 42.95 -15.25 -9.02
C LEU D 51 43.84 -15.52 -7.82
N ARG D 52 45.08 -15.93 -8.08
CA ARG D 52 46.08 -16.32 -7.06
C ARG D 52 47.23 -15.31 -7.07
N GLU D 53 47.89 -15.12 -5.92
CA GLU D 53 49.21 -14.44 -5.82
C GLU D 53 50.26 -15.37 -6.40
N ARG D 54 51.51 -14.93 -6.46
CA ARG D 54 52.62 -15.73 -7.04
C ARG D 54 52.84 -17.03 -6.26
N ASP D 55 52.78 -16.99 -4.93
CA ASP D 55 53.03 -18.17 -4.04
C ASP D 55 51.93 -19.21 -4.24
N GLY D 56 50.73 -18.80 -4.68
CA GLY D 56 49.63 -19.71 -5.00
C GLY D 56 48.40 -19.47 -4.13
N SER D 57 48.53 -18.73 -3.01
CA SER D 57 47.41 -18.37 -2.11
C SER D 57 46.36 -17.60 -2.91
N ILE D 58 45.10 -17.71 -2.52
CA ILE D 58 43.97 -16.97 -3.15
C ILE D 58 44.26 -15.47 -2.96
N ALA D 59 44.34 -14.70 -4.03
CA ALA D 59 44.61 -13.25 -4.00
C ALA D 59 43.37 -12.53 -3.46
N THR D 60 43.63 -11.44 -2.73
CA THR D 60 42.63 -10.58 -2.06
C THR D 60 42.96 -9.12 -2.41
N VAL D 61 42.05 -8.43 -3.10
CA VAL D 61 42.20 -7.03 -3.56
C VAL D 61 41.14 -6.18 -2.85
N GLY D 62 41.57 -5.30 -1.94
CA GLY D 62 40.69 -4.70 -0.91
C GLY D 62 40.19 -5.90 -0.15
N GLY D 63 38.87 -6.07 -0.07
CA GLY D 63 38.28 -7.18 0.71
C GLY D 63 38.01 -8.41 -0.15
N TRP D 64 38.27 -8.32 -1.47
CA TRP D 64 37.56 -9.15 -2.50
C TRP D 64 38.45 -10.28 -3.02
N ARG D 65 37.88 -11.48 -3.14
CA ARG D 65 38.46 -12.58 -3.95
C ARG D 65 37.90 -12.44 -5.36
N VAL D 66 38.69 -12.86 -6.35
CA VAL D 66 38.20 -12.92 -7.75
C VAL D 66 38.34 -14.37 -8.22
N ILE D 67 37.35 -14.84 -8.99
CA ILE D 67 37.40 -16.14 -9.72
C ILE D 67 37.03 -15.88 -11.17
N PHE D 68 37.42 -16.81 -12.04
CA PHE D 68 37.18 -16.78 -13.50
C PHE D 68 36.48 -18.08 -13.89
N SER D 69 35.50 -17.99 -14.79
CA SER D 69 34.73 -19.13 -15.33
C SER D 69 34.71 -19.06 -16.86
N LEU D 70 34.70 -20.22 -17.52
CA LEU D 70 34.20 -20.33 -18.90
C LEU D 70 32.69 -20.18 -18.84
N THR D 71 32.12 -19.35 -19.72
CA THR D 71 30.67 -19.00 -19.73
C THR D 71 30.13 -19.05 -21.16
N ALA D 72 28.85 -19.36 -21.29
CA ALA D 72 28.04 -19.27 -22.52
C ALA D 72 26.64 -18.84 -22.13
N PRO D 73 25.85 -18.29 -23.07
CA PRO D 73 24.45 -17.98 -22.78
C PRO D 73 23.71 -19.24 -22.32
N ALA D 74 22.80 -19.09 -21.35
CA ALA D 74 22.02 -20.19 -20.74
C ALA D 74 21.06 -20.79 -21.77
N ASP D 75 20.56 -19.97 -22.71
CA ASP D 75 19.58 -20.42 -23.74
C ASP D 75 20.28 -21.33 -24.76
N LEU D 76 21.60 -21.41 -24.76
CA LEU D 76 22.39 -22.27 -25.69
C LEU D 76 22.30 -23.73 -25.23
N LEU D 77 22.32 -24.67 -26.18
CA LEU D 77 22.34 -26.13 -25.88
C LEU D 77 23.63 -26.44 -25.13
N PRO D 78 23.58 -27.22 -24.02
CA PRO D 78 24.77 -27.50 -23.22
C PRO D 78 25.91 -28.12 -24.04
N GLY D 79 25.60 -29.11 -24.88
CA GLY D 79 26.58 -29.81 -25.73
C GLY D 79 27.40 -28.88 -26.61
N LYS D 80 26.94 -27.64 -26.85
CA LYS D 80 27.53 -26.69 -27.83
C LYS D 80 28.25 -25.53 -27.14
N ARG D 81 28.17 -25.40 -25.82
CA ARG D 81 28.73 -24.24 -25.05
C ARG D 81 30.23 -24.10 -25.33
N HIS D 82 30.92 -25.22 -25.60
CA HIS D 82 32.40 -25.30 -25.77
C HIS D 82 32.84 -24.56 -27.02
N ASP D 83 31.95 -24.33 -27.97
CA ASP D 83 32.29 -23.71 -29.27
C ASP D 83 32.32 -22.20 -29.12
N VAL D 84 31.73 -21.63 -28.07
CA VAL D 84 31.56 -20.15 -27.92
C VAL D 84 31.95 -19.73 -26.49
N ALA D 85 32.81 -20.49 -25.81
CA ALA D 85 33.22 -20.23 -24.41
C ALA D 85 33.90 -18.87 -24.31
N GLU D 86 33.48 -18.04 -23.36
CA GLU D 86 34.06 -16.70 -23.09
C GLU D 86 34.37 -16.60 -21.59
N ILE D 87 35.51 -16.02 -21.23
CA ILE D 87 35.96 -15.94 -19.81
C ILE D 87 35.27 -14.73 -19.16
N ARG D 88 34.44 -14.98 -18.16
CA ARG D 88 33.89 -13.93 -17.26
C ARG D 88 34.59 -14.04 -15.91
N TYR D 89 34.60 -12.96 -15.15
CA TYR D 89 35.12 -12.93 -13.77
C TYR D 89 33.96 -12.64 -12.81
N PHE D 90 34.09 -13.16 -11.60
CA PHE D 90 33.15 -12.94 -10.47
C PHE D 90 33.98 -12.54 -9.26
N TYR D 91 33.39 -11.76 -8.36
CA TYR D 91 34.08 -11.25 -7.15
C TYR D 91 33.15 -11.41 -5.94
N SER D 92 33.73 -11.65 -4.77
CA SER D 92 33.01 -11.90 -3.51
C SER D 92 33.82 -11.39 -2.33
N ARG D 93 33.14 -10.86 -1.31
CA ARG D 93 33.75 -10.36 -0.04
C ARG D 93 33.84 -11.50 0.98
N ASP D 94 32.97 -12.52 0.92
CA ASP D 94 32.92 -13.64 1.90
C ASP D 94 33.38 -14.98 1.28
N GLY D 95 33.13 -15.22 0.01
CA GLY D 95 33.51 -16.50 -0.63
C GLY D 95 32.29 -17.35 -0.99
N GLU D 96 31.09 -16.85 -0.67
CA GLU D 96 29.78 -17.51 -0.92
C GLU D 96 28.97 -16.70 -1.92
N THR D 97 28.77 -15.40 -1.69
CA THR D 97 27.84 -14.54 -2.46
C THR D 97 28.62 -13.81 -3.57
N TRP D 98 28.69 -14.41 -4.76
CA TRP D 98 29.49 -13.94 -5.91
C TRP D 98 28.68 -12.92 -6.73
N PHE D 99 29.34 -11.86 -7.21
CA PHE D 99 28.76 -10.87 -8.14
C PHE D 99 29.40 -11.07 -9.52
N ASP D 100 28.57 -11.00 -10.57
CA ASP D 100 29.02 -11.08 -11.98
C ASP D 100 29.82 -9.81 -12.31
N GLY D 101 31.07 -9.97 -12.69
CA GLY D 101 31.96 -8.86 -13.12
C GLY D 101 31.92 -8.64 -14.62
N GLY D 102 31.24 -9.52 -15.35
CA GLY D 102 31.16 -9.45 -16.82
C GLY D 102 32.39 -10.07 -17.48
N PRO D 103 32.48 -10.04 -18.82
CA PRO D 103 33.62 -10.59 -19.54
C PRO D 103 34.90 -9.89 -19.09
N VAL D 104 36.00 -10.64 -19.06
CA VAL D 104 37.33 -10.14 -18.58
C VAL D 104 38.02 -9.39 -19.72
N PHE D 105 37.78 -9.80 -20.96
CA PHE D 105 38.48 -9.27 -22.15
C PHE D 105 37.49 -8.49 -23.02
N GLU D 106 37.95 -7.33 -23.52
CA GLU D 106 37.17 -6.37 -24.35
C GLU D 106 37.27 -6.79 -25.82
N GLY D 107 38.41 -7.32 -26.24
CA GLY D 107 38.62 -7.97 -27.55
C GLY D 107 40.07 -8.31 -27.71
N GLY D 108 40.51 -8.61 -28.94
CA GLY D 108 41.90 -8.97 -29.27
C GLY D 108 42.32 -10.29 -28.62
N THR D 109 41.35 -11.07 -28.13
CA THR D 109 41.60 -12.39 -27.48
C THR D 109 41.97 -13.41 -28.55
N ARG D 110 42.92 -14.29 -28.25
CA ARG D 110 43.41 -15.32 -29.19
C ARG D 110 42.42 -16.48 -29.24
N GLY D 111 42.34 -17.14 -30.42
CA GLY D 111 41.47 -18.31 -30.67
C GLY D 111 40.04 -17.89 -30.97
N SER D 112 39.31 -18.74 -31.70
CA SER D 112 37.86 -18.59 -32.01
C SER D 112 37.07 -18.47 -30.70
N ARG D 113 37.49 -19.19 -29.66
CA ARG D 113 36.93 -19.15 -28.28
C ARG D 113 38.04 -19.51 -27.28
N GLN D 114 37.82 -19.22 -25.99
CA GLN D 114 38.82 -19.41 -24.91
C GLN D 114 38.39 -20.57 -24.00
N TRP D 115 39.33 -21.44 -23.65
CA TRP D 115 39.14 -22.56 -22.69
C TRP D 115 39.97 -22.29 -21.43
N ALA D 116 39.89 -23.21 -20.46
CA ALA D 116 40.29 -22.95 -19.07
C ALA D 116 41.79 -22.66 -19.00
N GLY D 117 42.19 -21.91 -17.97
CA GLY D 117 43.61 -21.69 -17.62
C GLY D 117 43.80 -21.39 -16.14
N SER D 118 44.42 -20.25 -15.84
CA SER D 118 44.79 -19.80 -14.47
C SER D 118 44.91 -18.28 -14.47
N ALA D 119 45.08 -17.68 -13.30
CA ALA D 119 45.17 -16.22 -13.11
C ALA D 119 46.22 -15.92 -12.05
N LEU D 120 47.06 -14.94 -12.32
CA LEU D 120 48.18 -14.49 -11.45
C LEU D 120 48.04 -12.99 -11.24
N LEU D 121 47.95 -12.56 -9.98
CA LEU D 121 48.19 -11.16 -9.60
C LEU D 121 49.61 -11.08 -9.03
N ASP D 122 50.54 -10.60 -9.85
CA ASP D 122 51.99 -10.65 -9.56
C ASP D 122 52.30 -9.65 -8.44
N ASP D 123 53.51 -9.75 -7.89
CA ASP D 123 54.04 -8.86 -6.81
C ASP D 123 53.97 -7.40 -7.26
N ASP D 124 54.22 -7.14 -8.55
CA ASP D 124 54.26 -5.77 -9.13
C ASP D 124 52.84 -5.21 -9.34
N GLY D 125 51.80 -6.00 -9.13
CA GLY D 125 50.39 -5.56 -9.25
C GLY D 125 49.82 -5.81 -10.64
N ARG D 126 50.63 -6.26 -11.59
CA ARG D 126 50.23 -6.63 -12.97
C ARG D 126 49.39 -7.92 -12.93
N LEU D 127 48.35 -7.99 -13.77
CA LEU D 127 47.44 -9.16 -13.87
C LEU D 127 47.78 -9.96 -15.13
N TYR D 128 47.94 -11.28 -14.98
CA TYR D 128 48.10 -12.25 -16.08
C TYR D 128 46.94 -13.25 -15.99
N VAL D 129 46.12 -13.33 -17.03
CA VAL D 129 45.04 -14.35 -17.18
C VAL D 129 45.46 -15.33 -18.26
N PHE D 130 46.09 -16.44 -17.86
CA PHE D 130 46.43 -17.57 -18.75
C PHE D 130 45.12 -18.23 -19.19
N TYR D 131 45.03 -18.61 -20.46
CA TYR D 131 43.86 -19.33 -21.02
C TYR D 131 44.30 -20.18 -22.21
N THR D 132 43.43 -21.08 -22.64
CA THR D 132 43.59 -21.89 -23.87
C THR D 132 42.91 -21.15 -25.02
N ALA D 133 43.68 -20.82 -26.07
CA ALA D 133 43.15 -20.36 -27.37
C ALA D 133 42.74 -21.59 -28.18
N SER D 134 41.43 -21.86 -28.24
CA SER D 134 40.83 -22.92 -29.08
C SER D 134 40.46 -22.34 -30.45
N GLY D 135 40.83 -23.03 -31.52
CA GLY D 135 40.70 -22.54 -32.91
C GLY D 135 41.56 -21.32 -33.12
N ARG D 136 41.23 -20.54 -34.18
CA ARG D 136 41.88 -19.26 -34.55
C ARG D 136 40.79 -18.21 -34.73
N ALA D 137 41.06 -16.97 -34.31
CA ALA D 137 40.08 -15.85 -34.32
C ALA D 137 39.50 -15.68 -35.73
N GLY D 138 38.15 -15.61 -35.82
CA GLY D 138 37.39 -15.34 -37.05
C GLY D 138 37.56 -16.43 -38.11
N GLU D 139 37.84 -17.67 -37.70
CA GLU D 139 37.96 -18.83 -38.61
C GLU D 139 36.60 -19.11 -39.25
N ALA D 140 36.61 -19.71 -40.44
CA ALA D 140 35.42 -20.04 -41.27
C ALA D 140 34.50 -21.02 -40.53
N GLU D 141 34.94 -22.26 -40.36
CA GLU D 141 34.24 -23.30 -39.55
C GLU D 141 35.13 -23.62 -38.33
N ILE D 142 34.52 -24.09 -37.24
CA ILE D 142 35.21 -24.38 -35.93
C ILE D 142 36.29 -25.45 -36.10
N THR D 143 37.52 -25.16 -35.64
CA THR D 143 38.68 -26.09 -35.57
C THR D 143 39.04 -26.33 -34.10
N TYR D 144 39.81 -27.39 -33.82
CA TYR D 144 40.11 -27.87 -32.44
C TYR D 144 41.60 -27.73 -32.15
N GLU D 145 42.24 -26.67 -32.68
CA GLU D 145 43.66 -26.37 -32.41
C GLU D 145 43.71 -25.57 -31.11
N GLN D 146 44.52 -26.05 -30.17
CA GLN D 146 44.68 -25.49 -28.81
C GLN D 146 46.12 -24.99 -28.66
N ARG D 147 46.28 -23.75 -28.19
CA ARG D 147 47.60 -23.18 -27.82
C ARG D 147 47.45 -22.43 -26.49
N LEU D 148 48.49 -22.48 -25.66
CA LEU D 148 48.53 -21.80 -24.33
C LEU D 148 48.78 -20.31 -24.58
N ALA D 149 47.83 -19.45 -24.21
CA ALA D 149 47.93 -17.99 -24.39
C ALA D 149 47.85 -17.31 -23.03
N VAL D 150 48.12 -16.00 -23.00
CA VAL D 150 47.98 -15.14 -21.80
C VAL D 150 47.44 -13.78 -22.24
N GLY D 151 46.51 -13.22 -21.48
CA GLY D 151 46.14 -11.80 -21.51
C GLY D 151 46.86 -11.08 -20.39
N SER D 152 47.94 -10.36 -20.69
CA SER D 152 48.83 -9.70 -19.71
C SER D 152 48.53 -8.21 -19.64
N GLY D 153 49.09 -7.55 -18.61
CA GLY D 153 49.11 -6.09 -18.43
C GLY D 153 47.75 -5.55 -18.00
N GLY D 154 46.91 -6.41 -17.40
CA GLY D 154 45.62 -6.00 -16.83
C GLY D 154 45.85 -5.21 -15.56
N SER D 155 44.76 -4.64 -15.03
CA SER D 155 44.69 -4.01 -13.68
C SER D 155 43.40 -4.45 -13.01
N VAL D 156 43.48 -4.78 -11.73
CA VAL D 156 42.30 -5.13 -10.86
C VAL D 156 42.11 -4.00 -9.85
N VAL D 157 41.05 -3.21 -10.02
CA VAL D 157 40.72 -2.04 -9.15
C VAL D 157 39.52 -2.44 -8.30
N ALA D 158 39.59 -2.20 -6.99
CA ALA D 158 38.56 -2.60 -6.00
C ALA D 158 38.21 -1.40 -5.12
N ASP D 159 36.92 -1.05 -5.07
CA ASP D 159 36.35 -0.06 -4.12
C ASP D 159 35.52 -0.84 -3.09
N ASP D 160 34.64 -0.17 -2.34
CA ASP D 160 33.76 -0.81 -1.32
C ASP D 160 32.49 -1.32 -2.00
N ASP D 161 32.32 -1.04 -3.29
CA ASP D 161 31.09 -1.38 -4.07
C ASP D 161 31.33 -2.65 -4.89
N GLY D 162 32.56 -2.90 -5.34
CA GLY D 162 32.91 -4.12 -6.10
C GLY D 162 34.32 -4.09 -6.67
N VAL D 163 34.55 -4.91 -7.69
CA VAL D 163 35.85 -5.11 -8.39
C VAL D 163 35.59 -4.96 -9.89
N ARG D 164 36.41 -4.17 -10.58
CA ARG D 164 36.40 -4.08 -12.06
C ARG D 164 37.82 -4.42 -12.54
N ILE D 165 37.93 -5.22 -13.59
CA ILE D 165 39.23 -5.54 -14.25
C ILE D 165 39.33 -4.63 -15.48
N GLU D 166 40.32 -3.74 -15.49
CA GLU D 166 40.37 -2.54 -16.36
C GLU D 166 41.63 -2.61 -17.22
N GLY D 167 41.79 -1.58 -18.07
CA GLY D 167 43.02 -1.28 -18.81
C GLY D 167 43.06 -2.12 -20.09
N PRO D 168 43.98 -1.84 -21.01
CA PRO D 168 44.13 -2.69 -22.19
C PRO D 168 44.88 -3.98 -21.80
N PHE D 169 44.62 -5.06 -22.52
CA PHE D 169 45.26 -6.39 -22.34
C PHE D 169 46.14 -6.69 -23.55
N ALA D 170 47.35 -7.21 -23.32
CA ALA D 170 48.26 -7.69 -24.37
C ALA D 170 48.10 -9.21 -24.50
N HIS D 171 47.27 -9.66 -25.44
CA HIS D 171 47.07 -11.11 -25.74
C HIS D 171 48.19 -11.63 -26.64
N GLY D 172 48.84 -12.72 -26.22
CA GLY D 172 49.92 -13.38 -26.95
C GLY D 172 49.92 -14.88 -26.66
N VAL D 173 50.18 -15.70 -27.67
CA VAL D 173 50.40 -17.16 -27.49
C VAL D 173 51.75 -17.37 -26.80
N LEU D 174 51.79 -18.27 -25.82
CA LEU D 174 53.01 -18.57 -25.03
C LEU D 174 53.66 -19.85 -25.53
N LEU D 175 52.90 -20.92 -25.75
CA LEU D 175 53.46 -22.25 -26.10
C LEU D 175 52.59 -22.96 -27.12
N GLU D 176 53.23 -23.72 -28.00
CA GLU D 176 52.59 -24.68 -28.93
C GLU D 176 53.39 -25.98 -28.84
N PRO D 177 52.75 -27.15 -29.09
CA PRO D 177 53.41 -28.44 -28.92
C PRO D 177 54.64 -28.57 -29.82
N ASP D 178 55.72 -29.15 -29.29
CA ASP D 178 57.03 -29.26 -30.01
C ASP D 178 57.00 -30.42 -31.01
N GLY D 179 56.14 -31.41 -30.80
CA GLY D 179 56.00 -32.58 -31.70
C GLY D 179 56.90 -33.74 -31.31
N GLU D 180 57.80 -33.55 -30.34
CA GLU D 180 58.74 -34.60 -29.83
C GLU D 180 58.33 -35.03 -28.41
N ARG D 181 58.20 -34.10 -27.46
CA ARG D 181 57.76 -34.39 -26.06
C ARG D 181 56.23 -34.27 -25.95
N TYR D 182 55.62 -33.38 -26.75
CA TYR D 182 54.17 -33.08 -26.73
C TYR D 182 53.58 -33.16 -28.14
N GLU D 183 52.59 -34.03 -28.32
CA GLU D 183 51.94 -34.35 -29.61
C GLU D 183 51.23 -33.10 -30.13
N ARG D 184 51.39 -32.85 -31.44
CA ARG D 184 50.72 -31.80 -32.26
C ARG D 184 49.51 -32.42 -32.94
N GLU D 185 48.62 -31.59 -33.51
CA GLU D 185 47.30 -32.04 -34.06
C GLU D 185 47.53 -33.09 -35.17
N GLU D 186 48.55 -32.88 -36.01
CA GLU D 186 48.96 -33.77 -37.13
C GLU D 186 49.18 -35.19 -36.62
N GLN D 187 49.89 -35.34 -35.48
CA GLN D 187 50.33 -36.65 -34.93
C GLN D 187 49.17 -37.39 -34.26
N SER D 188 48.03 -36.73 -34.04
CA SER D 188 46.87 -37.26 -33.27
C SER D 188 46.35 -38.54 -33.93
N ARG D 189 46.52 -39.69 -33.26
CA ARG D 189 45.83 -40.97 -33.56
C ARG D 189 44.64 -41.09 -32.59
N GLY D 190 43.56 -41.75 -33.04
CA GLY D 190 42.31 -41.84 -32.27
C GLY D 190 41.66 -40.47 -32.08
N MET D 191 41.35 -40.12 -30.83
CA MET D 191 40.61 -38.88 -30.49
C MET D 191 41.49 -37.65 -30.71
N ILE D 192 40.88 -36.47 -30.66
CA ILE D 192 41.53 -35.14 -30.89
C ILE D 192 42.62 -34.94 -29.81
N TYR D 193 43.77 -34.41 -30.23
CA TYR D 193 44.91 -34.09 -29.33
C TYR D 193 44.48 -33.02 -28.33
N THR D 194 45.25 -32.92 -27.24
CA THR D 194 45.07 -31.92 -26.16
C THR D 194 46.38 -31.13 -26.00
N PHE D 195 46.25 -29.83 -25.79
CA PHE D 195 47.36 -28.91 -25.42
C PHE D 195 46.76 -27.64 -24.82
N ARG D 196 46.27 -27.75 -23.59
CA ARG D 196 45.37 -26.72 -22.99
C ARG D 196 45.55 -26.66 -21.47
N ASP D 197 44.77 -25.78 -20.83
CA ASP D 197 44.59 -25.70 -19.37
C ASP D 197 45.94 -25.32 -18.75
N PRO D 198 46.50 -24.15 -19.10
CA PRO D 198 47.76 -23.68 -18.54
C PRO D 198 47.57 -23.18 -17.10
N TRP D 199 48.25 -23.81 -16.15
CA TRP D 199 48.13 -23.50 -14.71
C TRP D 199 49.47 -22.99 -14.20
N PHE D 200 49.53 -21.72 -13.77
CA PHE D 200 50.76 -21.06 -13.23
C PHE D 200 51.06 -21.63 -11.85
N PHE D 201 52.34 -21.83 -11.56
CA PHE D 201 52.81 -22.47 -10.30
C PHE D 201 54.26 -22.09 -10.01
N GLU D 202 54.48 -21.40 -8.88
CA GLU D 202 55.82 -21.14 -8.29
C GLU D 202 56.08 -22.23 -7.25
N ASP D 203 57.15 -23.00 -7.44
CA ASP D 203 57.59 -24.05 -6.49
C ASP D 203 58.08 -23.38 -5.21
N PRO D 204 57.41 -23.58 -4.05
CA PRO D 204 57.76 -22.85 -2.84
C PRO D 204 59.12 -23.29 -2.29
N ARG D 205 59.64 -24.43 -2.74
CA ARG D 205 60.99 -24.94 -2.39
C ARG D 205 62.04 -24.28 -3.29
N SER D 206 62.05 -24.57 -4.60
CA SER D 206 63.07 -24.08 -5.55
C SER D 206 62.97 -22.55 -5.69
N GLY D 207 61.76 -21.98 -5.59
CA GLY D 207 61.50 -20.58 -6.01
C GLY D 207 61.33 -20.46 -7.53
N LYS D 208 61.62 -21.53 -8.28
CA LYS D 208 61.55 -21.56 -9.77
C LYS D 208 60.09 -21.42 -10.20
N THR D 209 59.82 -20.79 -11.36
CA THR D 209 58.44 -20.55 -11.86
C THR D 209 58.15 -21.57 -12.99
N TYR D 210 57.02 -22.26 -12.89
CA TYR D 210 56.57 -23.27 -13.87
C TYR D 210 55.14 -22.95 -14.34
N LEU D 211 54.79 -23.55 -15.46
CA LEU D 211 53.42 -23.52 -16.05
C LEU D 211 53.06 -24.96 -16.44
N LEU D 212 52.15 -25.59 -15.71
CA LEU D 212 51.61 -26.94 -16.02
C LEU D 212 50.52 -26.81 -17.09
N PHE D 213 50.31 -27.87 -17.85
CA PHE D 213 49.25 -27.95 -18.88
C PHE D 213 48.96 -29.41 -19.18
N GLU D 214 47.78 -29.64 -19.75
CA GLU D 214 47.37 -30.96 -20.27
C GLU D 214 47.86 -31.06 -21.71
N ALA D 215 48.52 -32.17 -22.03
CA ALA D 215 49.01 -32.48 -23.39
C ALA D 215 48.85 -33.98 -23.64
N ASN D 216 49.36 -34.42 -24.79
CA ASN D 216 49.56 -35.86 -25.10
C ASN D 216 51.04 -36.05 -25.47
N THR D 217 51.61 -37.20 -25.17
CA THR D 217 53.00 -37.57 -25.57
C THR D 217 52.89 -38.38 -26.86
N PRO D 218 53.55 -37.93 -27.94
CA PRO D 218 53.42 -38.59 -29.24
C PRO D 218 53.96 -40.02 -29.14
N ILE D 219 53.25 -40.97 -29.75
CA ILE D 219 53.66 -42.39 -29.89
C ILE D 219 53.66 -42.73 -31.37
N PRO D 220 54.83 -42.99 -31.98
CA PRO D 220 54.90 -43.42 -33.38
C PRO D 220 53.99 -44.64 -33.62
N GLU D 221 53.47 -44.83 -34.84
CA GLU D 221 52.64 -46.04 -35.17
C GLU D 221 53.61 -47.22 -35.17
N GLY D 222 53.21 -48.35 -34.61
CA GLY D 222 54.06 -49.56 -34.50
C GLY D 222 55.26 -49.39 -33.58
N ALA D 223 55.22 -48.39 -32.69
CA ALA D 223 56.22 -48.16 -31.61
C ALA D 223 56.30 -49.38 -30.68
N GLY D 224 55.21 -50.15 -30.58
CA GLY D 224 55.07 -51.28 -29.64
C GLY D 224 55.08 -50.82 -28.19
N ALA D 225 54.93 -49.51 -27.94
CA ALA D 225 54.98 -48.88 -26.60
C ALA D 225 53.87 -49.40 -25.69
N CYS D 226 52.92 -50.18 -26.21
CA CYS D 226 51.78 -50.77 -25.44
C CYS D 226 51.55 -52.21 -25.90
N GLY D 227 50.87 -53.03 -25.09
CA GLY D 227 50.57 -54.45 -25.39
C GLY D 227 49.40 -54.61 -26.34
N ASP D 228 48.97 -53.55 -27.01
CA ASP D 228 47.96 -53.53 -28.11
C ASP D 228 48.03 -52.18 -28.81
N PRO D 229 48.22 -52.13 -30.15
CA PRO D 229 48.35 -50.86 -30.87
C PRO D 229 47.25 -49.80 -30.64
N VAL D 230 46.00 -50.21 -30.39
CA VAL D 230 44.87 -49.25 -30.18
C VAL D 230 45.04 -48.51 -28.84
N TRP D 231 45.60 -49.17 -27.83
CA TRP D 231 45.91 -48.57 -26.50
C TRP D 231 46.84 -47.37 -26.67
N GLU D 232 47.74 -47.39 -27.65
CA GLU D 232 48.74 -46.31 -27.92
C GLU D 232 48.04 -44.98 -28.26
N GLU D 233 46.76 -45.02 -28.66
CA GLU D 233 45.97 -43.81 -29.03
C GLU D 233 45.68 -42.98 -27.77
N PHE D 234 45.69 -43.63 -26.60
CA PHE D 234 45.44 -43.03 -25.26
C PHE D 234 46.79 -42.63 -24.65
N ASN D 235 47.20 -41.39 -24.93
CA ASN D 235 48.58 -40.89 -24.75
C ASN D 235 48.54 -39.60 -23.92
N GLY D 236 47.57 -39.50 -23.01
CA GLY D 236 47.40 -38.34 -22.11
C GLY D 236 48.63 -38.11 -21.25
N SER D 237 48.93 -36.85 -20.96
CA SER D 237 50.12 -36.47 -20.15
C SER D 237 49.91 -35.10 -19.52
N VAL D 238 50.58 -34.87 -18.40
CA VAL D 238 50.68 -33.54 -17.73
C VAL D 238 52.03 -32.96 -18.12
N GLY D 239 52.01 -31.98 -18.99
CA GLY D 239 53.21 -31.25 -19.44
C GLY D 239 53.52 -30.12 -18.48
N ILE D 240 54.75 -29.62 -18.55
CA ILE D 240 55.22 -28.49 -17.71
C ILE D 240 56.24 -27.68 -18.52
N ALA D 241 56.24 -26.37 -18.35
CA ALA D 241 57.21 -25.44 -18.92
C ALA D 241 57.83 -24.63 -17.78
N HIS D 242 59.02 -24.08 -18.00
CA HIS D 242 59.81 -23.33 -16.99
C HIS D 242 60.07 -21.92 -17.52
N SER D 243 60.05 -20.92 -16.63
CA SER D 243 60.52 -19.54 -16.91
C SER D 243 61.84 -19.33 -16.16
N PRO D 244 63.00 -19.26 -16.87
CA PRO D 244 64.28 -19.06 -16.19
C PRO D 244 64.32 -17.69 -15.48
N THR D 245 63.78 -16.67 -16.13
CA THR D 245 63.69 -15.27 -15.63
C THR D 245 62.60 -15.11 -14.56
N GLY D 246 61.59 -15.97 -14.53
CA GLY D 246 60.45 -15.75 -13.60
C GLY D 246 59.42 -14.80 -14.18
N ASP D 247 59.73 -14.13 -15.30
CA ASP D 247 58.73 -13.46 -16.18
C ASP D 247 57.59 -14.44 -16.47
N PRO D 248 56.32 -14.10 -16.15
CA PRO D 248 55.17 -14.96 -16.46
C PRO D 248 54.80 -15.14 -17.95
N THR D 249 55.57 -14.58 -18.89
CA THR D 249 55.28 -14.62 -20.35
C THR D 249 56.44 -15.24 -21.15
N ASP D 250 57.52 -15.66 -20.49
CA ASP D 250 58.73 -16.29 -21.12
C ASP D 250 58.84 -17.73 -20.61
N TRP D 251 58.59 -18.72 -21.46
CA TRP D 251 58.53 -20.15 -21.06
C TRP D 251 59.36 -21.00 -22.01
N GLU D 252 60.00 -22.05 -21.47
CA GLU D 252 60.66 -23.12 -22.27
C GLU D 252 60.02 -24.46 -21.87
N LEU D 253 59.61 -25.25 -22.85
CA LEU D 253 59.01 -26.60 -22.61
C LEU D 253 60.02 -27.47 -21.86
N CYS D 254 59.55 -28.23 -20.86
CA CYS D 254 60.33 -29.28 -20.15
C CYS D 254 59.70 -30.65 -20.46
N ASP D 255 60.29 -31.73 -19.94
CA ASP D 255 59.74 -33.10 -20.07
C ASP D 255 58.48 -33.19 -19.22
N PRO D 256 57.49 -34.01 -19.62
CA PRO D 256 56.21 -34.09 -18.92
C PRO D 256 56.39 -34.65 -17.51
N LEU D 257 55.55 -34.20 -16.56
CA LEU D 257 55.58 -34.61 -15.14
C LEU D 257 55.08 -36.05 -15.02
N LEU D 258 54.06 -36.39 -15.80
CA LEU D 258 53.31 -37.67 -15.69
C LEU D 258 52.66 -37.98 -17.05
N GLU D 259 52.62 -39.25 -17.43
CA GLU D 259 51.92 -39.77 -18.64
C GLU D 259 50.96 -40.90 -18.26
N GLY D 260 49.81 -40.96 -18.94
CA GLY D 260 48.80 -42.02 -18.79
C GLY D 260 48.74 -42.88 -20.05
N ILE D 261 49.90 -43.20 -20.63
CA ILE D 261 49.96 -43.94 -21.92
C ILE D 261 49.38 -45.34 -21.68
N CYS D 262 48.51 -45.76 -22.59
CA CYS D 262 47.73 -47.03 -22.55
C CYS D 262 46.61 -46.93 -21.51
N VAL D 263 46.36 -45.77 -20.91
CA VAL D 263 45.38 -45.63 -19.79
C VAL D 263 44.30 -44.59 -20.11
N ASN D 264 44.68 -43.35 -20.46
CA ASN D 264 43.68 -42.27 -20.63
C ASN D 264 44.20 -41.21 -21.61
N GLN D 265 43.31 -40.59 -22.39
CA GLN D 265 43.64 -39.57 -23.42
C GLN D 265 43.65 -38.19 -22.76
N GLU D 266 42.69 -37.92 -21.86
CA GLU D 266 42.48 -36.57 -21.27
C GLU D 266 42.83 -36.60 -19.77
N LEU D 267 44.01 -36.06 -19.42
CA LEU D 267 44.37 -35.70 -18.03
C LEU D 267 44.12 -34.21 -17.84
N GLU D 268 42.88 -33.83 -17.60
CA GLU D 268 42.41 -32.42 -17.75
C GLU D 268 42.77 -31.57 -16.51
N ARG D 269 42.82 -30.25 -16.71
CA ARG D 269 43.08 -29.19 -15.70
C ARG D 269 44.02 -29.72 -14.63
N PRO D 270 45.30 -29.96 -14.99
CA PRO D 270 46.29 -30.44 -14.03
C PRO D 270 46.69 -29.24 -13.17
N HIS D 271 46.97 -29.52 -11.90
CA HIS D 271 47.42 -28.52 -10.90
C HIS D 271 48.08 -29.28 -9.73
N VAL D 272 48.94 -28.58 -9.01
CA VAL D 272 49.73 -29.12 -7.87
C VAL D 272 49.35 -28.37 -6.60
N VAL D 273 49.09 -29.13 -5.55
CA VAL D 273 48.99 -28.61 -4.17
C VAL D 273 50.19 -29.17 -3.40
N VAL D 274 50.99 -28.30 -2.79
CA VAL D 274 52.12 -28.69 -1.92
C VAL D 274 51.64 -28.70 -0.48
N ARG D 275 51.83 -29.79 0.25
CA ARG D 275 51.33 -29.96 1.64
C ARG D 275 52.45 -30.61 2.46
N ASN D 276 52.94 -29.88 3.47
CA ASN D 276 54.17 -30.24 4.23
C ASN D 276 55.21 -30.50 3.15
N GLY D 277 55.88 -31.64 3.12
CA GLY D 277 57.02 -31.82 2.20
C GLY D 277 56.62 -32.23 0.79
N PHE D 278 55.33 -32.44 0.53
CA PHE D 278 54.87 -33.33 -0.56
C PHE D 278 54.09 -32.56 -1.63
N TYR D 279 54.27 -33.02 -2.87
CA TYR D 279 53.66 -32.45 -4.09
C TYR D 279 52.55 -33.40 -4.54
N TYR D 280 51.30 -32.95 -4.40
CA TYR D 280 50.10 -33.67 -4.89
C TYR D 280 49.75 -33.09 -6.24
N LEU D 281 49.77 -33.93 -7.29
CA LEU D 281 49.36 -33.56 -8.66
C LEU D 281 47.96 -34.12 -8.91
N PHE D 282 47.02 -33.24 -9.25
CA PHE D 282 45.59 -33.57 -9.47
C PHE D 282 45.22 -33.31 -10.93
N VAL D 283 44.45 -34.23 -11.50
CA VAL D 283 43.87 -34.12 -12.87
C VAL D 283 42.44 -34.66 -12.83
N SER D 284 41.53 -33.98 -13.52
CA SER D 284 40.12 -34.40 -13.74
C SER D 284 40.07 -35.20 -15.05
N SER D 285 39.41 -36.35 -15.07
CA SER D 285 39.32 -37.21 -16.27
C SER D 285 37.91 -37.76 -16.46
N HIS D 286 37.57 -38.16 -17.69
CA HIS D 286 36.26 -38.74 -18.06
C HIS D 286 36.31 -40.27 -18.05
N ASP D 287 35.14 -40.89 -18.01
CA ASP D 287 34.96 -42.36 -18.15
C ASP D 287 35.24 -42.75 -19.61
N HIS D 288 34.82 -41.91 -20.57
CA HIS D 288 34.87 -42.25 -22.02
C HIS D 288 36.28 -42.07 -22.56
N THR D 289 37.18 -41.43 -21.82
CA THR D 289 38.57 -41.16 -22.30
C THR D 289 39.52 -42.24 -21.76
N PHE D 290 39.00 -43.28 -21.10
CA PHE D 290 39.82 -44.43 -20.64
C PHE D 290 40.02 -45.39 -21.82
N ALA D 291 41.23 -45.94 -21.93
CA ALA D 291 41.60 -46.95 -22.93
C ALA D 291 40.74 -48.19 -22.73
N PRO D 292 40.47 -48.97 -23.81
CA PRO D 292 39.68 -50.19 -23.70
C PRO D 292 40.31 -51.19 -22.71
N GLY D 293 39.45 -51.98 -22.04
CA GLY D 293 39.82 -52.94 -21.01
C GLY D 293 39.86 -52.32 -19.63
N LEU D 294 39.83 -50.98 -19.55
CA LEU D 294 39.84 -50.21 -18.28
C LEU D 294 38.48 -49.56 -18.07
N GLU D 295 38.04 -49.50 -16.82
CA GLU D 295 36.73 -48.91 -16.43
C GLU D 295 36.95 -47.99 -15.25
N GLY D 296 36.91 -46.67 -15.50
CA GLY D 296 36.98 -45.65 -14.44
C GLY D 296 35.86 -44.63 -14.62
N PRO D 297 35.37 -44.00 -13.53
CA PRO D 297 34.36 -42.96 -13.65
C PRO D 297 34.92 -41.55 -13.91
N ASP D 298 34.08 -40.67 -14.45
CA ASP D 298 34.28 -39.19 -14.36
C ASP D 298 34.73 -38.91 -12.92
N GLY D 299 35.92 -38.36 -12.74
CA GLY D 299 36.46 -38.10 -11.38
C GLY D 299 37.74 -37.28 -11.37
N LEU D 300 38.12 -36.84 -10.19
CA LEU D 300 39.44 -36.23 -9.89
C LEU D 300 40.41 -37.35 -9.51
N TYR D 301 41.49 -37.49 -10.28
CA TYR D 301 42.58 -38.46 -10.02
C TYR D 301 43.79 -37.69 -9.52
N GLY D 302 44.62 -38.35 -8.72
CA GLY D 302 45.68 -37.68 -7.95
C GLY D 302 46.90 -38.55 -7.76
N PHE D 303 48.05 -37.91 -7.72
CA PHE D 303 49.38 -38.54 -7.57
C PHE D 303 50.22 -37.70 -6.64
N VAL D 304 51.23 -38.32 -6.03
CA VAL D 304 52.06 -37.66 -4.98
C VAL D 304 53.53 -38.02 -5.19
N ALA D 305 54.41 -37.06 -4.94
CA ALA D 305 55.88 -37.21 -4.98
C ALA D 305 56.50 -36.28 -3.95
N ASP D 306 57.80 -36.46 -3.68
CA ASP D 306 58.55 -35.65 -2.67
C ASP D 306 59.08 -34.37 -3.34
N SER D 307 58.96 -34.24 -4.66
CA SER D 307 59.43 -33.06 -5.44
C SER D 307 58.47 -32.77 -6.59
N LEU D 308 58.49 -31.56 -7.14
CA LEU D 308 57.56 -31.16 -8.23
C LEU D 308 57.76 -32.06 -9.44
N ARG D 309 59.00 -32.37 -9.79
CA ARG D 309 59.36 -33.18 -10.97
C ARG D 309 59.78 -34.57 -10.51
N GLY D 310 59.18 -35.08 -9.43
CA GLY D 310 59.53 -36.37 -8.80
C GLY D 310 58.82 -37.56 -9.44
N GLU D 311 59.03 -38.74 -8.86
CA GLU D 311 58.42 -40.03 -9.29
C GLU D 311 57.01 -40.09 -8.68
N TYR D 312 56.05 -39.44 -9.33
CA TYR D 312 54.63 -39.43 -8.91
C TYR D 312 54.10 -40.86 -8.85
N ARG D 313 53.38 -41.19 -7.77
CA ARG D 313 52.68 -42.47 -7.58
C ARG D 313 51.22 -42.16 -7.30
N PRO D 314 50.28 -43.01 -7.73
CA PRO D 314 48.86 -42.71 -7.62
C PRO D 314 48.37 -42.78 -6.17
N LEU D 315 47.52 -41.81 -5.80
CA LEU D 315 46.82 -41.78 -4.50
C LEU D 315 45.82 -42.95 -4.42
N ASN D 316 45.66 -43.52 -3.23
CA ASN D 316 44.68 -44.61 -2.97
C ASN D 316 44.98 -45.81 -3.87
N GLY D 317 46.20 -45.95 -4.36
CA GLY D 317 46.63 -47.12 -5.17
C GLY D 317 46.19 -47.05 -6.61
N SER D 318 44.95 -46.61 -6.89
CA SER D 318 44.34 -46.57 -8.24
C SER D 318 44.53 -45.18 -8.86
N GLY D 319 44.58 -44.14 -8.04
CA GLY D 319 44.66 -42.75 -8.51
C GLY D 319 43.36 -42.00 -8.27
N LEU D 320 42.25 -42.73 -8.10
CA LEU D 320 40.93 -42.09 -7.88
C LEU D 320 40.91 -41.44 -6.51
N VAL D 321 40.67 -40.12 -6.49
CA VAL D 321 40.64 -39.29 -5.26
C VAL D 321 39.19 -38.96 -4.92
N LEU D 322 38.39 -38.60 -5.92
CA LEU D 322 37.02 -38.06 -5.73
C LEU D 322 36.20 -38.33 -7.00
N THR D 323 34.95 -38.73 -6.86
CA THR D 323 34.03 -39.07 -7.98
C THR D 323 32.58 -38.84 -7.56
N ASN D 324 31.68 -38.88 -8.53
CA ASN D 324 30.21 -38.74 -8.34
C ASN D 324 29.64 -40.11 -7.99
N PRO D 325 28.47 -40.17 -7.33
CA PRO D 325 27.81 -41.46 -7.05
C PRO D 325 27.33 -42.11 -8.35
N ALA D 326 27.20 -43.44 -8.35
CA ALA D 326 26.76 -44.24 -9.51
C ALA D 326 25.39 -43.75 -10.03
N ASN D 327 24.50 -43.32 -9.12
CA ASN D 327 23.11 -42.90 -9.46
C ASN D 327 23.04 -41.41 -9.83
N ALA D 328 24.17 -40.70 -9.97
CA ALA D 328 24.24 -39.32 -10.53
C ALA D 328 25.63 -39.05 -11.12
N PRO D 329 26.10 -39.90 -12.05
CA PRO D 329 27.54 -40.05 -12.29
C PRO D 329 28.20 -38.90 -13.04
N TYR D 330 27.44 -37.93 -13.53
CA TYR D 330 27.99 -36.79 -14.30
C TYR D 330 27.65 -35.47 -13.61
N GLN D 331 27.28 -35.51 -12.33
CA GLN D 331 26.71 -34.33 -11.62
C GLN D 331 27.76 -33.22 -11.45
N ALA D 332 29.06 -33.56 -11.42
CA ALA D 332 30.15 -32.58 -11.27
C ALA D 332 31.34 -32.99 -12.15
N TYR D 333 32.20 -32.01 -12.40
CA TYR D 333 33.46 -32.19 -13.18
C TYR D 333 34.34 -30.96 -13.00
N SER D 334 35.58 -31.04 -13.51
CA SER D 334 36.58 -29.93 -13.62
C SER D 334 36.89 -29.39 -12.22
N TRP D 335 37.24 -30.33 -11.34
CA TRP D 335 37.63 -30.09 -9.93
C TRP D 335 39.02 -29.45 -9.90
N VAL D 336 39.17 -28.48 -8.99
CA VAL D 336 40.43 -27.75 -8.67
C VAL D 336 40.61 -27.82 -7.14
N ALA D 337 41.69 -28.44 -6.69
CA ALA D 337 42.03 -28.64 -5.27
C ALA D 337 42.90 -27.47 -4.78
N PHE D 338 42.71 -27.06 -3.52
CA PHE D 338 43.49 -25.98 -2.87
C PHE D 338 43.48 -26.20 -1.36
N SER D 339 44.60 -25.86 -0.72
CA SER D 339 44.81 -26.06 0.73
C SER D 339 43.96 -25.06 1.51
N HIS D 340 43.48 -25.47 2.68
CA HIS D 340 42.87 -24.59 3.70
C HIS D 340 43.18 -25.17 5.07
N ARG D 341 44.22 -24.65 5.72
CA ARG D 341 44.70 -25.16 7.03
C ARG D 341 45.06 -26.64 6.85
N GLU D 342 44.55 -27.53 7.70
CA GLU D 342 44.93 -28.98 7.69
C GLU D 342 44.06 -29.73 6.66
N GLU D 343 43.15 -29.04 5.96
CA GLU D 343 42.22 -29.68 5.00
C GLU D 343 42.66 -29.38 3.56
N LEU D 344 42.14 -30.18 2.63
CA LEU D 344 42.15 -29.89 1.19
C LEU D 344 40.70 -29.65 0.75
N LEU D 345 40.44 -28.52 0.10
CA LEU D 345 39.11 -28.21 -0.48
C LEU D 345 39.20 -28.42 -1.98
N VAL D 346 38.08 -28.81 -2.59
CA VAL D 346 38.00 -29.17 -4.03
C VAL D 346 36.73 -28.53 -4.57
N SER D 347 36.86 -27.67 -5.58
CA SER D 347 35.73 -26.96 -6.23
C SER D 347 35.60 -27.44 -7.67
N GLY D 348 34.52 -28.15 -8.00
CA GLY D 348 34.11 -28.41 -9.38
C GLY D 348 32.95 -27.51 -9.80
N PHE D 349 32.32 -27.83 -10.92
CA PHE D 349 31.05 -27.17 -11.33
C PHE D 349 29.96 -28.24 -11.43
N PHE D 350 28.71 -27.79 -11.36
CA PHE D 350 27.49 -28.61 -11.42
C PHE D 350 27.21 -28.92 -12.89
N ASN D 351 27.45 -30.17 -13.30
CA ASN D 351 27.50 -30.59 -14.73
C ASN D 351 26.11 -31.08 -15.17
N TYR D 352 25.96 -32.38 -15.47
CA TYR D 352 24.68 -32.97 -15.93
C TYR D 352 24.06 -33.79 -14.80
N TYR D 353 22.79 -33.53 -14.51
CA TYR D 353 22.02 -34.23 -13.45
C TYR D 353 20.64 -34.59 -13.99
N ASP D 354 19.95 -35.48 -13.27
CA ASP D 354 18.56 -35.91 -13.56
C ASP D 354 18.52 -36.59 -14.94
N LEU D 355 19.56 -37.34 -15.29
CA LEU D 355 19.62 -38.08 -16.57
C LEU D 355 18.74 -39.34 -16.48
N GLY D 356 18.34 -39.71 -15.26
CA GLY D 356 17.48 -40.89 -15.02
C GLY D 356 18.14 -42.21 -15.38
N GLY D 357 19.22 -42.22 -16.17
CA GLY D 357 19.83 -43.45 -16.70
C GLY D 357 20.35 -43.27 -18.11
N LEU D 358 19.98 -42.17 -18.79
CA LEU D 358 20.50 -41.80 -20.13
C LEU D 358 22.02 -41.60 -20.05
N THR D 359 22.74 -41.93 -21.11
CA THR D 359 24.17 -41.56 -21.31
C THR D 359 24.21 -40.11 -21.82
N LEU D 360 25.39 -39.49 -21.81
CA LEU D 360 25.56 -38.07 -22.20
C LEU D 360 25.28 -37.92 -23.70
N ASP D 361 25.66 -38.91 -24.50
CA ASP D 361 25.38 -38.94 -25.96
C ASP D 361 23.86 -38.85 -26.15
N ASP D 362 23.11 -39.62 -25.37
CA ASP D 362 21.63 -39.74 -25.45
C ASP D 362 20.97 -38.40 -25.10
N VAL D 363 21.65 -37.50 -24.38
CA VAL D 363 21.07 -36.17 -23.96
C VAL D 363 20.92 -35.27 -25.20
N ALA D 364 21.71 -35.48 -26.24
CA ALA D 364 21.59 -34.79 -27.55
C ALA D 364 20.28 -35.18 -28.25
N THR D 365 19.69 -36.35 -27.97
CA THR D 365 18.36 -36.81 -28.48
C THR D 365 17.27 -35.82 -28.05
N LEU D 366 17.27 -35.42 -26.78
CA LEU D 366 16.11 -34.79 -26.10
C LEU D 366 15.80 -33.42 -26.71
N SER D 367 14.60 -32.90 -26.46
CA SER D 367 14.17 -31.54 -26.89
C SER D 367 15.12 -30.51 -26.27
N PRO D 368 15.31 -29.34 -26.92
CA PRO D 368 16.15 -28.29 -26.34
C PRO D 368 15.85 -27.98 -24.86
N ASP D 369 14.59 -27.85 -24.49
CA ASP D 369 14.14 -27.51 -23.10
C ASP D 369 14.55 -28.63 -22.13
N GLU D 370 14.43 -29.89 -22.55
CA GLU D 370 14.76 -31.09 -21.73
C GLU D 370 16.28 -31.17 -21.53
N GLN D 371 17.08 -30.66 -22.47
CA GLN D 371 18.57 -30.65 -22.40
C GLN D 371 19.03 -29.60 -21.37
N ARG D 372 18.53 -28.37 -21.47
CA ARG D 372 18.89 -27.26 -20.55
C ARG D 372 18.42 -27.60 -19.13
N ALA D 373 17.38 -28.43 -19.00
CA ALA D 373 16.79 -28.82 -17.71
C ALA D 373 17.74 -29.74 -16.92
N LYS D 374 18.73 -30.33 -17.60
CA LYS D 374 19.63 -31.38 -17.05
C LYS D 374 21.07 -30.88 -16.95
N PHE D 375 21.27 -29.56 -17.01
CA PHE D 375 22.62 -28.95 -16.91
C PHE D 375 22.58 -27.82 -15.88
N GLY D 376 23.45 -27.92 -14.87
CA GLY D 376 23.59 -26.93 -13.80
C GLY D 376 24.11 -25.62 -14.32
N GLY D 377 25.40 -25.57 -14.64
CA GLY D 377 26.10 -24.34 -15.05
C GLY D 377 26.29 -23.39 -13.88
N THR D 378 26.56 -23.94 -12.69
CA THR D 378 26.90 -23.23 -11.43
C THR D 378 28.05 -23.95 -10.76
N LEU D 379 28.62 -23.35 -9.72
CA LEU D 379 29.65 -24.03 -8.90
C LEU D 379 29.00 -25.11 -8.04
N ALA D 380 29.66 -26.27 -7.97
CA ALA D 380 29.28 -27.42 -7.12
C ALA D 380 29.59 -27.10 -5.67
N PRO D 381 28.90 -27.74 -4.70
CA PRO D 381 29.27 -27.66 -3.28
C PRO D 381 30.72 -28.12 -3.08
N THR D 382 31.57 -27.25 -2.52
CA THR D 382 33.03 -27.50 -2.46
C THR D 382 33.25 -28.59 -1.42
N VAL D 383 34.01 -29.60 -1.81
CA VAL D 383 34.21 -30.84 -1.03
C VAL D 383 35.40 -30.60 -0.11
N ARG D 384 35.30 -31.06 1.13
CA ARG D 384 36.40 -31.08 2.11
C ARG D 384 36.97 -32.49 2.10
N VAL D 385 38.27 -32.62 1.85
CA VAL D 385 39.00 -33.92 1.87
C VAL D 385 40.19 -33.79 2.82
N ALA D 386 40.63 -34.92 3.35
CA ALA D 386 41.78 -35.05 4.25
C ALA D 386 42.81 -35.95 3.58
N LEU D 387 44.03 -35.45 3.39
CA LEU D 387 45.18 -36.22 2.86
C LEU D 387 45.95 -36.82 4.04
N SER D 388 46.50 -38.00 3.86
CA SER D 388 47.36 -38.70 4.83
C SER D 388 48.35 -39.55 4.04
N GLY D 389 49.45 -38.96 3.59
CA GLY D 389 50.42 -39.65 2.71
C GLY D 389 49.89 -39.83 1.31
N ASP D 390 49.86 -41.08 0.83
CA ASP D 390 49.34 -41.43 -0.52
C ASP D 390 47.86 -41.83 -0.44
N ARG D 391 47.15 -41.43 0.62
CA ARG D 391 45.73 -41.84 0.83
C ARG D 391 44.87 -40.59 1.09
N THR D 392 43.63 -40.60 0.60
CA THR D 392 42.64 -39.50 0.72
C THR D 392 41.33 -40.03 1.29
N ARG D 393 40.50 -39.13 1.81
CA ARG D 393 39.16 -39.45 2.34
C ARG D 393 38.32 -38.17 2.28
N ILE D 394 37.11 -38.25 1.72
CA ILE D 394 36.07 -37.19 1.75
C ILE D 394 35.63 -37.03 3.21
N THR D 395 35.64 -35.81 3.74
CA THR D 395 35.29 -35.49 5.14
C THR D 395 33.93 -34.79 5.22
N GLY D 396 33.55 -34.06 4.18
CA GLY D 396 32.26 -33.34 4.14
C GLY D 396 32.19 -32.39 2.96
N THR D 397 31.23 -31.48 2.99
CA THR D 397 31.03 -30.43 1.95
C THR D 397 30.70 -29.09 2.59
N LEU D 398 30.77 -28.03 1.79
CA LEU D 398 30.38 -26.65 2.15
C LEU D 398 29.27 -26.23 1.17
N SER D 399 28.79 -24.98 1.30
CA SER D 399 27.78 -24.38 0.38
C SER D 399 28.32 -24.42 -1.05
N HIS D 400 27.42 -24.32 -2.04
CA HIS D 400 27.74 -24.25 -3.48
C HIS D 400 28.81 -23.18 -3.71
N GLY D 401 29.91 -23.56 -4.35
CA GLY D 401 31.02 -22.65 -4.72
C GLY D 401 31.44 -21.74 -3.56
N ARG D 402 31.61 -22.28 -2.35
CA ARG D 402 32.31 -21.56 -1.27
C ARG D 402 33.81 -21.71 -1.48
N ILE D 403 34.50 -20.59 -1.76
CA ILE D 403 35.99 -20.54 -1.81
C ILE D 403 36.48 -19.72 -0.62
N PRO D 404 36.83 -20.36 0.52
CA PRO D 404 37.26 -19.63 1.71
C PRO D 404 38.76 -19.34 1.72
N LEU D 405 39.15 -18.27 2.42
CA LEU D 405 40.55 -17.90 2.71
C LEU D 405 41.01 -18.69 3.94
N GLU D 406 42.33 -18.77 4.17
CA GLU D 406 42.91 -19.51 5.32
C GLU D 406 42.55 -18.75 6.61
N SER D 407 42.31 -17.45 6.49
CA SER D 407 41.93 -16.53 7.61
C SER D 407 40.48 -16.77 8.06
N GLU D 408 39.76 -17.72 7.46
CA GLU D 408 38.33 -18.00 7.78
C GLU D 408 38.18 -19.39 8.39
N GLU D 409 37.41 -19.50 9.46
CA GLU D 409 37.14 -20.77 10.18
C GLU D 409 35.96 -21.45 9.47
N LEU D 410 36.10 -22.73 9.13
CA LEU D 410 35.03 -23.53 8.50
C LEU D 410 34.26 -24.27 9.58
N PRO D 411 32.97 -24.60 9.35
CA PRO D 411 32.19 -25.39 10.30
C PRO D 411 32.88 -26.70 10.68
N ASP D 412 32.54 -27.25 11.85
CA ASP D 412 33.12 -28.50 12.38
C ASP D 412 32.64 -29.68 11.53
N LEU D 413 33.37 -30.79 11.57
CA LEU D 413 33.06 -32.03 10.83
C LEU D 413 32.38 -33.03 11.78
N PRO D 414 31.49 -33.91 11.27
CA PRO D 414 30.92 -34.99 12.09
C PRO D 414 31.95 -36.06 12.51
N ALA E 9 -35.19 -18.24 -55.44
CA ALA E 9 -35.44 -16.98 -54.67
C ALA E 9 -36.19 -17.34 -53.40
N THR E 10 -35.47 -17.74 -52.34
CA THR E 10 -36.08 -18.22 -51.06
C THR E 10 -36.82 -17.09 -50.38
N PRO E 11 -38.08 -17.31 -49.92
CA PRO E 11 -38.81 -16.32 -49.14
C PRO E 11 -38.01 -15.87 -47.90
N ARG E 12 -38.02 -14.57 -47.62
CA ARG E 12 -37.15 -13.98 -46.57
C ARG E 12 -38.01 -13.31 -45.50
N TRP E 13 -37.77 -13.66 -44.23
CA TRP E 13 -38.12 -12.83 -43.05
C TRP E 13 -37.10 -11.70 -42.98
N THR E 14 -37.52 -10.48 -43.28
CA THR E 14 -36.61 -9.34 -43.53
C THR E 14 -36.49 -8.48 -42.27
N ARG E 15 -35.49 -7.60 -42.24
CA ARG E 15 -35.25 -6.67 -41.11
C ARG E 15 -36.40 -5.66 -41.07
N GLU E 16 -36.99 -5.32 -42.22
CA GLU E 16 -38.15 -4.39 -42.27
C GLU E 16 -39.30 -5.03 -41.48
N HIS E 17 -39.45 -6.35 -41.55
CA HIS E 17 -40.46 -7.11 -40.77
C HIS E 17 -40.12 -7.02 -39.28
N ALA E 18 -38.94 -7.49 -38.90
CA ALA E 18 -38.49 -7.61 -37.49
C ALA E 18 -38.51 -6.25 -36.80
N SER E 19 -38.27 -5.16 -37.52
CA SER E 19 -38.32 -3.77 -37.01
C SER E 19 -39.70 -3.48 -36.38
N LYS E 20 -40.75 -4.14 -36.88
CA LYS E 20 -42.17 -3.89 -36.47
C LYS E 20 -42.54 -4.78 -35.28
N ILE E 21 -41.70 -5.73 -34.88
CA ILE E 21 -41.98 -6.69 -33.77
C ILE E 21 -42.28 -5.88 -32.52
N GLU E 22 -43.31 -6.26 -31.77
CA GLU E 22 -43.83 -5.47 -30.62
C GLU E 22 -44.88 -6.30 -29.89
N ARG E 23 -44.77 -6.42 -28.57
CA ARG E 23 -45.83 -7.05 -27.74
C ARG E 23 -47.14 -6.29 -27.92
N THR E 24 -48.25 -7.00 -28.09
CA THR E 24 -49.62 -6.42 -28.17
C THR E 24 -50.59 -7.31 -27.39
N ASP E 25 -51.82 -6.85 -27.19
CA ASP E 25 -52.85 -7.59 -26.43
C ASP E 25 -53.24 -8.84 -27.21
N GLU E 26 -52.93 -8.89 -28.50
CA GLU E 26 -53.31 -9.99 -29.42
C GLU E 26 -52.24 -11.08 -29.42
N THR E 27 -51.04 -10.81 -28.88
CA THR E 27 -49.89 -11.75 -28.99
C THR E 27 -49.36 -12.18 -27.63
N VAL E 28 -49.84 -11.61 -26.52
CA VAL E 28 -49.24 -11.87 -25.19
C VAL E 28 -50.12 -12.85 -24.42
N VAL E 29 -49.53 -13.99 -24.01
CA VAL E 29 -50.25 -15.06 -23.27
C VAL E 29 -50.40 -14.64 -21.82
N PRO E 30 -51.37 -15.20 -21.07
CA PRO E 30 -51.48 -14.91 -19.64
C PRO E 30 -50.27 -15.45 -18.86
N ILE E 31 -50.09 -14.96 -17.63
CA ILE E 31 -49.06 -15.45 -16.69
C ILE E 31 -49.30 -16.94 -16.45
N ILE E 32 -48.25 -17.74 -16.53
CA ILE E 32 -48.27 -19.19 -16.20
C ILE E 32 -47.85 -19.33 -14.75
N TYR E 33 -48.69 -19.98 -13.96
CA TYR E 33 -48.45 -20.40 -12.55
C TYR E 33 -48.19 -21.90 -12.54
N PRO E 34 -47.28 -22.42 -11.69
CA PRO E 34 -46.91 -23.84 -11.72
C PRO E 34 -48.13 -24.70 -11.41
N PRO E 35 -48.29 -25.87 -12.07
CA PRO E 35 -49.48 -26.70 -11.87
C PRO E 35 -49.45 -27.41 -10.51
N ARG E 36 -50.61 -27.75 -9.93
CA ARG E 36 -50.68 -28.48 -8.63
C ARG E 36 -50.10 -29.90 -8.76
N GLU E 37 -50.23 -30.56 -9.91
CA GLU E 37 -49.76 -31.97 -10.05
C GLU E 37 -48.92 -32.14 -11.34
N ASP E 38 -47.78 -32.82 -11.18
CA ASP E 38 -46.84 -33.19 -12.28
C ASP E 38 -47.04 -34.68 -12.56
N ALA E 39 -46.92 -35.10 -13.83
CA ALA E 39 -46.96 -36.52 -14.27
C ALA E 39 -45.72 -37.27 -13.78
N ALA E 40 -44.56 -36.61 -13.79
CA ALA E 40 -43.25 -37.12 -13.30
C ALA E 40 -42.56 -36.05 -12.46
N PRO E 41 -42.74 -36.02 -11.12
CA PRO E 41 -42.12 -34.99 -10.28
C PRO E 41 -40.58 -35.03 -10.28
N GLU E 42 -39.99 -36.22 -10.48
CA GLU E 42 -38.51 -36.42 -10.44
C GLU E 42 -37.87 -36.12 -11.79
N ILE E 43 -38.65 -35.67 -12.77
CA ILE E 43 -38.17 -35.38 -14.16
C ILE E 43 -38.62 -33.99 -14.60
N ASN E 44 -37.71 -33.26 -15.24
CA ASN E 44 -37.98 -32.01 -15.98
C ASN E 44 -38.20 -32.38 -17.45
N GLY E 45 -39.26 -31.86 -18.07
CA GLY E 45 -39.61 -32.12 -19.47
C GLY E 45 -39.82 -30.81 -20.22
N TRP E 46 -39.29 -30.72 -21.43
CA TRP E 46 -39.47 -29.57 -22.34
C TRP E 46 -39.64 -30.08 -23.76
N ASP E 47 -39.72 -29.18 -24.74
CA ASP E 47 -39.67 -29.49 -26.20
C ASP E 47 -40.47 -30.76 -26.48
N THR E 48 -41.81 -30.67 -26.44
CA THR E 48 -42.71 -31.85 -26.54
C THR E 48 -43.33 -31.86 -27.93
N TRP E 49 -43.60 -33.05 -28.46
CA TRP E 49 -44.26 -33.26 -29.78
C TRP E 49 -45.27 -34.41 -29.68
N PHE E 50 -46.21 -34.46 -30.62
CA PHE E 50 -47.36 -35.41 -30.62
C PHE E 50 -47.08 -36.58 -31.56
N LEU E 51 -47.49 -37.78 -31.13
CA LEU E 51 -47.63 -38.94 -32.04
C LEU E 51 -48.78 -38.63 -32.97
N ARG E 52 -48.46 -38.44 -34.24
CA ARG E 52 -49.43 -38.07 -35.30
C ARG E 52 -49.57 -39.24 -36.29
N GLU E 53 -50.75 -39.35 -36.92
CA GLU E 53 -50.99 -40.21 -38.10
C GLU E 53 -50.29 -39.56 -39.28
N ARG E 54 -50.32 -40.19 -40.45
CA ARG E 54 -49.64 -39.69 -41.67
C ARG E 54 -50.24 -38.34 -42.09
N ASP E 55 -51.57 -38.18 -42.02
CA ASP E 55 -52.27 -36.93 -42.47
C ASP E 55 -51.89 -35.77 -41.55
N GLY E 56 -51.49 -36.05 -40.31
CA GLY E 56 -51.03 -35.03 -39.36
C GLY E 56 -51.90 -34.94 -38.12
N SER E 57 -53.11 -35.49 -38.14
CA SER E 57 -54.04 -35.54 -36.98
C SER E 57 -53.35 -36.23 -35.81
N ILE E 58 -53.70 -35.85 -34.57
CA ILE E 58 -53.16 -36.53 -33.36
C ILE E 58 -53.59 -38.00 -33.42
N ALA E 59 -52.64 -38.91 -33.38
CA ALA E 59 -52.89 -40.38 -33.43
C ALA E 59 -53.53 -40.80 -32.10
N THR E 60 -54.42 -41.79 -32.21
CA THR E 60 -55.20 -42.40 -31.11
C THR E 60 -55.05 -43.92 -31.24
N VAL E 61 -54.45 -44.57 -30.23
CA VAL E 61 -54.26 -46.05 -30.16
C VAL E 61 -55.07 -46.60 -28.98
N GLY E 62 -56.15 -47.33 -29.27
CA GLY E 62 -57.10 -47.84 -28.26
C GLY E 62 -57.61 -46.75 -27.34
N GLY E 63 -57.82 -45.53 -27.84
CA GLY E 63 -58.42 -44.41 -27.09
C GLY E 63 -57.41 -43.57 -26.35
N TRP E 64 -56.11 -43.88 -26.51
CA TRP E 64 -54.99 -43.12 -25.90
C TRP E 64 -54.33 -42.21 -26.93
N ARG E 65 -54.01 -40.97 -26.54
CA ARG E 65 -53.04 -40.10 -27.25
C ARG E 65 -51.65 -40.38 -26.67
N VAL E 66 -50.62 -40.24 -27.50
CA VAL E 66 -49.21 -40.33 -27.02
C VAL E 66 -48.52 -39.02 -27.36
N ILE E 67 -47.70 -38.52 -26.44
CA ILE E 67 -46.77 -37.37 -26.67
C ILE E 67 -45.36 -37.78 -26.25
N PHE E 68 -44.37 -37.06 -26.76
CA PHE E 68 -42.92 -37.26 -26.49
C PHE E 68 -42.34 -35.96 -25.98
N SER E 69 -41.44 -36.03 -24.98
CA SER E 69 -40.72 -34.87 -24.40
C SER E 69 -39.23 -35.17 -24.36
N LEU E 70 -38.40 -34.14 -24.52
CA LEU E 70 -37.00 -34.16 -24.03
C LEU E 70 -37.08 -34.08 -22.50
N THR E 71 -36.32 -34.93 -21.82
CA THR E 71 -36.35 -35.06 -20.33
C THR E 71 -34.92 -35.16 -19.78
N ALA E 72 -34.75 -34.67 -18.55
CA ALA E 72 -33.55 -34.81 -17.72
C ALA E 72 -33.99 -34.95 -16.27
N PRO E 73 -33.16 -35.52 -15.38
CA PRO E 73 -33.48 -35.56 -13.95
C PRO E 73 -33.73 -34.13 -13.42
N ALA E 74 -34.71 -34.00 -12.53
CA ALA E 74 -35.16 -32.71 -11.94
C ALA E 74 -34.06 -32.12 -11.07
N ASP E 75 -33.26 -32.97 -10.42
CA ASP E 75 -32.18 -32.54 -9.48
C ASP E 75 -31.04 -31.89 -10.28
N LEU E 76 -31.01 -32.03 -11.61
CA LEU E 76 -29.96 -31.45 -12.48
C LEU E 76 -30.19 -29.95 -12.64
N LEU E 77 -29.11 -29.18 -12.79
CA LEU E 77 -29.19 -27.72 -13.02
C LEU E 77 -29.87 -27.48 -14.37
N PRO E 78 -30.83 -26.55 -14.47
CA PRO E 78 -31.58 -26.34 -15.71
C PRO E 78 -30.69 -26.05 -16.93
N GLY E 79 -29.71 -25.15 -16.77
CA GLY E 79 -28.78 -24.76 -17.84
C GLY E 79 -28.04 -25.94 -18.46
N LYS E 80 -28.00 -27.11 -17.80
CA LYS E 80 -27.17 -28.27 -18.22
C LYS E 80 -28.04 -29.43 -18.77
N ARG E 81 -29.37 -29.34 -18.69
CA ARG E 81 -30.31 -30.42 -19.09
C ARG E 81 -30.05 -30.82 -20.56
N HIS E 82 -29.62 -29.87 -21.39
CA HIS E 82 -29.44 -30.03 -22.85
C HIS E 82 -28.33 -31.01 -23.18
N ASP E 83 -27.42 -31.26 -22.24
CA ASP E 83 -26.22 -32.10 -22.47
C ASP E 83 -26.59 -33.57 -22.30
N VAL E 84 -27.72 -33.88 -21.64
CA VAL E 84 -28.09 -35.28 -21.29
C VAL E 84 -29.57 -35.54 -21.62
N ALA E 85 -30.13 -34.80 -22.58
CA ALA E 85 -31.56 -34.91 -22.97
C ALA E 85 -31.87 -36.34 -23.45
N GLU E 86 -32.93 -36.94 -22.93
CA GLU E 86 -33.40 -38.30 -23.32
C GLU E 86 -34.90 -38.22 -23.63
N ILE E 87 -35.36 -38.90 -24.68
CA ILE E 87 -36.78 -38.85 -25.12
C ILE E 87 -37.59 -39.83 -24.27
N ARG E 88 -38.54 -39.32 -23.48
CA ARG E 88 -39.59 -40.12 -22.80
C ARG E 88 -40.90 -39.92 -23.53
N TYR E 89 -41.83 -40.87 -23.39
CA TYR E 89 -43.21 -40.75 -23.91
C TYR E 89 -44.19 -40.73 -22.73
N PHE E 90 -45.32 -40.07 -22.94
CA PHE E 90 -46.45 -39.97 -22.00
C PHE E 90 -47.72 -40.31 -22.77
N TYR E 91 -48.73 -40.84 -22.10
CA TYR E 91 -50.01 -41.24 -22.70
C TYR E 91 -51.17 -40.77 -21.81
N SER E 92 -52.29 -40.44 -22.44
CA SER E 92 -53.50 -39.89 -21.77
C SER E 92 -54.76 -40.32 -22.52
N ARG E 93 -55.83 -40.59 -21.77
CA ARG E 93 -57.16 -40.99 -22.28
C ARG E 93 -58.03 -39.76 -22.55
N ASP E 94 -57.80 -38.64 -21.85
CA ASP E 94 -58.61 -37.39 -21.98
C ASP E 94 -57.80 -36.25 -22.63
N GLY E 95 -56.50 -36.16 -22.41
CA GLY E 95 -55.67 -35.06 -22.98
C GLY E 95 -55.16 -34.12 -21.90
N GLU E 96 -55.55 -34.36 -20.64
CA GLU E 96 -55.18 -33.55 -19.46
C GLU E 96 -54.29 -34.36 -18.51
N THR E 97 -54.72 -35.56 -18.13
CA THR E 97 -54.06 -36.37 -17.06
C THR E 97 -53.09 -37.36 -17.71
N TRP E 98 -51.83 -36.97 -17.87
CA TRP E 98 -50.77 -37.73 -18.58
C TRP E 98 -50.09 -38.73 -17.62
N PHE E 99 -49.80 -39.93 -18.10
CA PHE E 99 -49.02 -40.97 -17.38
C PHE E 99 -47.63 -41.09 -18.01
N ASP E 100 -46.60 -41.19 -17.17
CA ASP E 100 -45.20 -41.39 -17.63
C ASP E 100 -45.07 -42.80 -18.23
N GLY E 101 -44.68 -42.89 -19.49
CA GLY E 101 -44.44 -44.15 -20.20
C GLY E 101 -42.99 -44.60 -20.11
N GLY E 102 -42.12 -43.75 -19.56
CA GLY E 102 -40.68 -44.01 -19.46
C GLY E 102 -39.94 -43.71 -20.76
N PRO E 103 -38.62 -43.95 -20.82
CA PRO E 103 -37.83 -43.70 -22.02
C PRO E 103 -38.39 -44.49 -23.20
N VAL E 104 -38.32 -43.92 -24.39
CA VAL E 104 -38.87 -44.55 -25.63
C VAL E 104 -37.83 -45.53 -26.17
N PHE E 105 -36.54 -45.26 -25.98
CA PHE E 105 -35.44 -46.05 -26.57
C PHE E 105 -34.66 -46.80 -25.49
N GLU E 106 -34.29 -48.05 -25.79
CA GLU E 106 -33.56 -48.97 -24.88
C GLU E 106 -32.06 -48.75 -25.04
N GLY E 107 -31.61 -48.44 -26.25
CA GLY E 107 -30.20 -48.17 -26.57
C GLY E 107 -30.01 -48.10 -28.06
N GLY E 108 -28.76 -48.07 -28.54
CA GLY E 108 -28.41 -47.96 -29.97
C GLY E 108 -28.87 -46.63 -30.57
N THR E 109 -29.20 -45.65 -29.73
CA THR E 109 -29.66 -44.31 -30.16
C THR E 109 -28.46 -43.52 -30.69
N ARG E 110 -28.66 -42.74 -31.75
CA ARG E 110 -27.59 -41.93 -32.37
C ARG E 110 -27.38 -40.66 -31.53
N GLY E 111 -26.15 -40.15 -31.51
CA GLY E 111 -25.74 -38.93 -30.80
C GLY E 111 -25.49 -39.18 -29.32
N SER E 112 -24.63 -38.35 -28.71
CA SER E 112 -24.33 -38.33 -27.26
C SER E 112 -25.63 -38.14 -26.46
N ARG E 113 -26.55 -37.34 -26.99
CA ARG E 113 -27.92 -37.09 -26.44
C ARG E 113 -28.87 -36.76 -27.60
N GLN E 114 -30.17 -36.84 -27.36
CA GLN E 114 -31.23 -36.64 -28.39
C GLN E 114 -31.96 -35.32 -28.14
N TRP E 115 -32.19 -34.55 -29.21
CA TRP E 115 -32.96 -33.28 -29.19
C TRP E 115 -34.27 -33.48 -29.98
N ALA E 116 -35.09 -32.43 -30.04
CA ALA E 116 -36.52 -32.52 -30.41
C ALA E 116 -36.64 -33.02 -31.85
N GLY E 117 -37.77 -33.66 -32.15
CA GLY E 117 -38.17 -34.04 -33.52
C GLY E 117 -39.68 -34.14 -33.68
N SER E 118 -40.15 -35.30 -34.13
CA SER E 118 -41.57 -35.60 -34.44
C SER E 118 -41.79 -37.09 -34.33
N ALA E 119 -43.04 -37.53 -34.42
CA ALA E 119 -43.45 -38.95 -34.31
C ALA E 119 -44.56 -39.23 -35.32
N LEU E 120 -44.43 -40.35 -36.01
CA LEU E 120 -45.37 -40.83 -37.05
C LEU E 120 -45.80 -42.24 -36.68
N LEU E 121 -47.11 -42.46 -36.53
CA LEU E 121 -47.70 -43.81 -36.55
C LEU E 121 -48.28 -44.02 -37.93
N ASP E 122 -47.55 -44.76 -38.79
CA ASP E 122 -47.85 -44.91 -40.22
C ASP E 122 -49.12 -45.77 -40.35
N ASP E 123 -49.68 -45.81 -41.55
CA ASP E 123 -50.93 -46.56 -41.87
C ASP E 123 -50.72 -48.05 -41.57
N ASP E 124 -49.50 -48.55 -41.80
CA ASP E 124 -49.13 -49.98 -41.61
C ASP E 124 -48.96 -50.32 -40.12
N GLY E 125 -49.00 -49.33 -39.21
CA GLY E 125 -48.90 -49.56 -37.76
C GLY E 125 -47.48 -49.44 -37.25
N ARG E 126 -46.50 -49.28 -38.14
CA ARG E 126 -45.06 -49.06 -37.81
C ARG E 126 -44.89 -47.66 -37.20
N LEU E 127 -44.03 -47.55 -36.18
CA LEU E 127 -43.75 -46.29 -35.45
C LEU E 127 -42.39 -45.73 -35.90
N TYR E 128 -42.36 -44.46 -36.26
CA TYR E 128 -41.13 -43.68 -36.56
C TYR E 128 -41.05 -42.52 -35.57
N VAL E 129 -40.00 -42.49 -34.75
CA VAL E 129 -39.69 -41.36 -33.83
C VAL E 129 -38.47 -40.62 -34.39
N PHE E 130 -38.71 -39.57 -35.18
CA PHE E 130 -37.67 -38.65 -35.68
C PHE E 130 -37.13 -37.87 -34.48
N TYR E 131 -35.82 -37.67 -34.44
CA TYR E 131 -35.14 -36.89 -33.38
C TYR E 131 -33.85 -36.29 -33.96
N THR E 132 -33.27 -35.34 -33.21
CA THR E 132 -31.95 -34.76 -33.49
C THR E 132 -30.91 -35.55 -32.70
N ALA E 133 -29.92 -36.13 -33.40
CA ALA E 133 -28.69 -36.69 -32.79
C ALA E 133 -27.71 -35.53 -32.57
N SER E 134 -27.60 -35.09 -31.31
CA SER E 134 -26.60 -34.09 -30.87
C SER E 134 -25.34 -34.82 -30.39
N GLY E 135 -24.18 -34.35 -30.85
CA GLY E 135 -22.88 -35.01 -30.63
C GLY E 135 -22.86 -36.38 -31.30
N ARG E 136 -21.93 -37.24 -30.85
CA ARG E 136 -21.77 -38.65 -31.29
C ARG E 136 -21.74 -39.56 -30.06
N ALA E 137 -22.34 -40.75 -30.14
CA ALA E 137 -22.53 -41.69 -29.02
C ALA E 137 -21.19 -41.97 -28.32
N GLY E 138 -21.16 -41.84 -27.00
CA GLY E 138 -19.99 -42.17 -26.13
C GLY E 138 -18.78 -41.31 -26.41
N GLU E 139 -18.96 -40.08 -26.90
CA GLU E 139 -17.85 -39.14 -27.21
C GLU E 139 -17.15 -38.75 -25.90
N ALA E 140 -15.87 -38.38 -26.00
CA ALA E 140 -14.97 -38.00 -24.88
C ALA E 140 -15.50 -36.75 -24.17
N GLU E 141 -15.46 -35.60 -24.84
CA GLU E 141 -16.05 -34.32 -24.35
C GLU E 141 -17.23 -33.97 -25.27
N ILE E 142 -18.22 -33.23 -24.73
CA ILE E 142 -19.49 -32.87 -25.45
C ILE E 142 -19.18 -32.01 -26.68
N THR E 143 -19.72 -32.40 -27.85
CA THR E 143 -19.68 -31.65 -29.13
C THR E 143 -21.10 -31.22 -29.52
N TYR E 144 -21.23 -30.26 -30.43
CA TYR E 144 -22.52 -29.65 -30.81
C TYR E 144 -22.86 -29.95 -32.27
N GLU E 145 -22.50 -31.16 -32.74
CA GLU E 145 -22.83 -31.62 -34.11
C GLU E 145 -24.23 -32.22 -34.06
N GLN E 146 -25.09 -31.74 -34.95
CA GLN E 146 -26.52 -32.12 -35.05
C GLN E 146 -26.76 -32.79 -36.40
N ARG E 147 -27.40 -33.95 -36.39
CA ARG E 147 -27.90 -34.63 -37.62
C ARG E 147 -29.30 -35.17 -37.36
N LEU E 148 -30.14 -35.17 -38.39
CA LEU E 148 -31.55 -35.64 -38.35
C LEU E 148 -31.53 -37.16 -38.37
N ALA E 149 -32.01 -37.82 -37.31
CA ALA E 149 -32.05 -39.29 -37.20
C ALA E 149 -33.50 -39.74 -37.02
N VAL E 150 -33.73 -41.05 -37.11
CA VAL E 150 -35.05 -41.69 -36.84
C VAL E 150 -34.81 -43.02 -36.11
N GLY E 151 -35.63 -43.30 -35.11
CA GLY E 151 -35.80 -44.65 -34.54
C GLY E 151 -37.03 -45.29 -35.12
N SER E 152 -36.84 -46.21 -36.07
CA SER E 152 -37.93 -46.85 -36.85
C SER E 152 -38.24 -48.25 -36.30
N GLY E 153 -39.36 -48.82 -36.77
CA GLY E 153 -39.76 -50.22 -36.55
C GLY E 153 -40.27 -50.45 -35.14
N GLY E 154 -40.72 -49.40 -34.46
CA GLY E 154 -41.33 -49.51 -33.13
C GLY E 154 -42.71 -50.15 -33.22
N SER E 155 -43.29 -50.50 -32.07
CA SER E 155 -44.67 -51.03 -31.91
C SER E 155 -45.34 -50.35 -30.71
N VAL E 156 -46.58 -49.91 -30.89
CA VAL E 156 -47.39 -49.23 -29.84
C VAL E 156 -48.54 -50.17 -29.49
N VAL E 157 -48.51 -50.77 -28.29
CA VAL E 157 -49.58 -51.66 -27.76
C VAL E 157 -50.34 -50.88 -26.69
N ALA E 158 -51.68 -50.95 -26.74
CA ALA E 158 -52.58 -50.24 -25.81
C ALA E 158 -53.63 -51.21 -25.26
N ASP E 159 -53.74 -51.32 -23.94
CA ASP E 159 -54.85 -52.02 -23.23
C ASP E 159 -55.73 -50.94 -22.58
N ASP E 160 -56.59 -51.30 -21.63
CA ASP E 160 -57.47 -50.35 -20.89
C ASP E 160 -56.72 -49.78 -19.69
N ASP E 161 -55.49 -50.22 -19.44
CA ASP E 161 -54.66 -49.81 -18.28
C ASP E 161 -53.63 -48.75 -18.72
N GLY E 162 -53.15 -48.80 -19.96
CA GLY E 162 -52.22 -47.79 -20.50
C GLY E 162 -51.65 -48.17 -21.87
N VAL E 163 -50.51 -47.57 -22.22
CA VAL E 163 -49.81 -47.70 -23.51
C VAL E 163 -48.34 -48.02 -23.22
N ARG E 164 -47.79 -49.05 -23.85
CA ARG E 164 -46.33 -49.35 -23.83
C ARG E 164 -45.84 -49.31 -25.28
N ILE E 165 -44.70 -48.69 -25.51
CA ILE E 165 -43.98 -48.70 -26.81
C ILE E 165 -42.88 -49.76 -26.66
N GLU E 166 -42.96 -50.81 -27.49
CA GLU E 166 -42.02 -51.95 -27.42
C GLU E 166 -41.09 -51.99 -28.64
N GLY E 167 -39.89 -52.54 -28.44
CA GLY E 167 -38.76 -52.50 -29.38
C GLY E 167 -38.91 -53.63 -30.39
N PRO E 168 -37.83 -54.04 -31.09
CA PRO E 168 -36.56 -53.31 -31.11
C PRO E 168 -36.69 -52.12 -32.06
N PHE E 169 -35.80 -51.13 -31.93
CA PHE E 169 -35.77 -49.90 -32.76
C PHE E 169 -34.54 -49.90 -33.66
N ALA E 170 -34.73 -49.57 -34.94
CA ALA E 170 -33.64 -49.42 -35.93
C ALA E 170 -33.26 -47.95 -36.03
N HIS E 171 -32.24 -47.51 -35.28
CA HIS E 171 -31.73 -46.11 -35.33
C HIS E 171 -30.80 -45.91 -36.51
N GLY E 172 -31.06 -44.88 -37.32
CA GLY E 172 -30.21 -44.47 -38.45
C GLY E 172 -30.29 -42.97 -38.66
N VAL E 173 -29.17 -42.35 -39.04
CA VAL E 173 -29.13 -40.92 -39.47
C VAL E 173 -29.80 -40.82 -40.84
N LEU E 174 -30.64 -39.80 -41.03
CA LEU E 174 -31.40 -39.58 -42.30
C LEU E 174 -30.71 -38.48 -43.13
N LEU E 175 -30.33 -37.37 -42.52
CA LEU E 175 -29.80 -36.20 -43.28
C LEU E 175 -28.68 -35.52 -42.50
N GLU E 176 -27.70 -35.01 -43.26
CA GLU E 176 -26.63 -34.10 -42.76
C GLU E 176 -26.54 -32.94 -43.74
N PRO E 177 -26.13 -31.75 -43.28
CA PRO E 177 -26.13 -30.55 -44.13
C PRO E 177 -25.24 -30.74 -45.36
N ASP E 178 -25.69 -30.25 -46.53
CA ASP E 178 -24.99 -30.44 -47.83
C ASP E 178 -23.83 -29.45 -47.96
N GLY E 179 -23.86 -28.32 -47.26
CA GLY E 179 -22.79 -27.30 -47.28
C GLY E 179 -23.03 -26.22 -48.35
N GLU E 180 -24.04 -26.40 -49.21
CA GLU E 180 -24.40 -25.44 -50.29
C GLU E 180 -25.74 -24.74 -49.97
N ARG E 181 -26.81 -25.50 -49.70
CA ARG E 181 -28.15 -24.96 -49.32
C ARG E 181 -28.25 -24.83 -47.80
N TYR E 182 -27.57 -25.73 -47.06
CA TYR E 182 -27.62 -25.81 -45.58
C TYR E 182 -26.20 -25.85 -44.99
N GLU E 183 -25.88 -24.88 -44.15
CA GLU E 183 -24.55 -24.65 -43.54
C GLU E 183 -24.19 -25.86 -42.65
N ARG E 184 -22.94 -26.33 -42.77
CA ARG E 184 -22.28 -27.36 -41.92
C ARG E 184 -21.50 -26.67 -40.80
N GLU E 185 -21.06 -27.43 -39.80
CA GLU E 185 -20.43 -26.89 -38.56
C GLU E 185 -19.18 -26.07 -38.93
N GLU E 186 -18.39 -26.56 -39.89
CA GLU E 186 -17.14 -25.93 -40.42
C GLU E 186 -17.44 -24.50 -40.88
N GLN E 187 -18.54 -24.28 -41.60
CA GLN E 187 -18.91 -22.98 -42.24
C GLN E 187 -19.43 -21.98 -41.20
N SER E 188 -19.74 -22.43 -39.99
CA SER E 188 -20.42 -21.62 -38.93
C SER E 188 -19.59 -20.37 -38.60
N ARG E 189 -20.11 -19.19 -38.96
CA ARG E 189 -19.63 -17.87 -38.48
C ARG E 189 -20.55 -17.43 -37.32
N GLY E 190 -20.01 -16.68 -36.36
CA GLY E 190 -20.73 -16.27 -35.14
C GLY E 190 -21.12 -17.47 -34.29
N MET E 191 -22.40 -17.61 -33.94
CA MET E 191 -22.90 -18.66 -33.02
C MET E 191 -22.85 -20.03 -33.69
N ILE E 192 -23.06 -21.09 -32.90
CA ILE E 192 -23.04 -22.52 -33.35
C ILE E 192 -24.14 -22.73 -34.40
N TYR E 193 -23.83 -23.49 -35.45
CA TYR E 193 -24.78 -23.82 -36.53
C TYR E 193 -25.93 -24.66 -35.96
N THR E 194 -27.03 -24.71 -36.71
CA THR E 194 -28.24 -25.51 -36.40
C THR E 194 -28.53 -26.45 -37.58
N PHE E 195 -28.93 -27.68 -37.26
CA PHE E 195 -29.44 -28.69 -38.22
C PHE E 195 -30.21 -29.75 -37.44
N ARG E 196 -31.41 -29.40 -36.98
CA ARG E 196 -32.14 -30.18 -35.96
C ARG E 196 -33.66 -30.04 -36.13
N ASP E 197 -34.40 -30.69 -35.24
CA ASP E 197 -35.87 -30.53 -35.07
C ASP E 197 -36.55 -31.01 -36.36
N PRO E 198 -36.36 -32.30 -36.74
CA PRO E 198 -37.02 -32.86 -37.92
C PRO E 198 -38.50 -33.11 -37.67
N TRP E 199 -39.36 -32.45 -38.44
CA TRP E 199 -40.83 -32.53 -38.30
C TRP E 199 -41.43 -33.15 -39.56
N PHE E 200 -42.03 -34.34 -39.44
CA PHE E 200 -42.66 -35.08 -40.57
C PHE E 200 -43.96 -34.37 -40.97
N PHE E 201 -44.24 -34.32 -42.26
CA PHE E 201 -45.40 -33.60 -42.84
C PHE E 201 -45.78 -34.16 -44.22
N GLU E 202 -47.00 -34.68 -44.34
CA GLU E 202 -47.64 -35.04 -45.63
C GLU E 202 -48.51 -33.86 -46.07
N ASP E 203 -48.23 -33.30 -47.24
CA ASP E 203 -49.01 -32.19 -47.84
C ASP E 203 -50.37 -32.74 -48.25
N PRO E 204 -51.48 -32.27 -47.63
CA PRO E 204 -52.79 -32.84 -47.89
C PRO E 204 -53.28 -32.55 -49.32
N ARG E 205 -52.67 -31.58 -49.99
CA ARG E 205 -52.95 -31.22 -51.40
C ARG E 205 -52.16 -32.17 -52.34
N SER E 206 -50.83 -32.08 -52.36
CA SER E 206 -49.97 -32.86 -53.27
C SER E 206 -50.06 -34.36 -52.94
N GLY E 207 -50.24 -34.73 -51.67
CA GLY E 207 -50.04 -36.11 -51.19
C GLY E 207 -48.57 -36.45 -50.98
N LYS E 208 -47.65 -35.58 -51.42
CA LYS E 208 -46.18 -35.76 -51.34
C LYS E 208 -45.76 -35.71 -49.86
N THR E 209 -44.70 -36.46 -49.49
CA THR E 209 -44.22 -36.54 -48.09
C THR E 209 -42.95 -35.68 -47.96
N TYR E 210 -42.93 -34.81 -46.95
CA TYR E 210 -41.82 -33.89 -46.64
C TYR E 210 -41.38 -34.07 -45.18
N LEU E 211 -40.17 -33.58 -44.90
CA LEU E 211 -39.57 -33.50 -43.54
C LEU E 211 -38.97 -32.10 -43.39
N LEU E 212 -39.59 -31.24 -42.59
CA LEU E 212 -39.07 -29.89 -42.25
C LEU E 212 -38.02 -30.01 -41.14
N PHE E 213 -37.10 -29.06 -41.07
CA PHE E 213 -36.07 -28.97 -40.03
C PHE E 213 -35.56 -27.53 -39.95
N GLU E 214 -34.94 -27.22 -38.81
CA GLU E 214 -34.23 -25.93 -38.59
C GLU E 214 -32.81 -26.12 -39.09
N ALA E 215 -32.32 -25.18 -39.89
CA ALA E 215 -30.94 -25.15 -40.40
C ALA E 215 -30.48 -23.69 -40.47
N ASN E 216 -29.28 -23.50 -41.03
CA ASN E 216 -28.77 -22.18 -41.44
C ASN E 216 -28.39 -22.27 -42.91
N THR E 217 -28.54 -21.17 -43.65
CA THR E 217 -28.10 -21.07 -45.06
C THR E 217 -26.70 -20.46 -45.06
N PRO E 218 -25.70 -21.14 -45.66
CA PRO E 218 -24.33 -20.66 -45.62
C PRO E 218 -24.24 -19.33 -46.37
N ILE E 219 -23.50 -18.37 -45.80
CA ILE E 219 -23.19 -17.05 -46.42
C ILE E 219 -21.67 -16.91 -46.48
N PRO E 220 -21.05 -16.89 -47.68
CA PRO E 220 -19.62 -16.63 -47.82
C PRO E 220 -19.25 -15.32 -47.10
N GLU E 221 -18.00 -15.18 -46.65
CA GLU E 221 -17.53 -13.96 -45.92
C GLU E 221 -17.64 -12.69 -46.76
N GLY E 222 -17.18 -12.65 -48.01
CA GLY E 222 -17.20 -11.41 -48.82
C GLY E 222 -18.56 -11.14 -49.44
N ALA E 223 -19.63 -11.85 -49.08
CA ALA E 223 -20.82 -12.06 -49.92
C ALA E 223 -21.57 -10.74 -50.14
N GLY E 224 -21.49 -9.82 -49.16
CA GLY E 224 -22.24 -8.55 -49.18
C GLY E 224 -23.75 -8.75 -49.10
N ALA E 225 -24.20 -9.97 -48.77
CA ALA E 225 -25.62 -10.38 -48.76
C ALA E 225 -26.41 -9.58 -47.73
N CYS E 226 -25.75 -8.77 -46.88
CA CYS E 226 -26.40 -7.91 -45.85
C CYS E 226 -25.75 -6.53 -45.83
N GLY E 227 -26.43 -5.53 -45.28
CA GLY E 227 -25.94 -4.13 -45.16
C GLY E 227 -24.91 -3.94 -44.05
N ASP E 228 -24.39 -5.03 -43.47
CA ASP E 228 -23.29 -5.06 -42.47
C ASP E 228 -22.79 -6.51 -42.34
N PRO E 229 -21.48 -6.77 -42.53
CA PRO E 229 -20.95 -8.13 -42.46
C PRO E 229 -21.30 -8.97 -41.22
N VAL E 230 -21.47 -8.36 -40.04
CA VAL E 230 -21.78 -9.10 -38.77
C VAL E 230 -23.21 -9.66 -38.83
N TRP E 231 -24.13 -8.94 -39.48
CA TRP E 231 -25.54 -9.39 -39.70
C TRP E 231 -25.56 -10.74 -40.43
N GLU E 232 -24.61 -10.99 -41.34
CA GLU E 232 -24.51 -12.23 -42.15
C GLU E 232 -24.34 -13.47 -41.26
N GLU E 233 -23.90 -13.31 -40.00
CA GLU E 233 -23.70 -14.43 -39.03
C GLU E 233 -25.06 -15.01 -38.62
N PHE E 234 -26.13 -14.22 -38.73
CA PHE E 234 -27.53 -14.58 -38.42
C PHE E 234 -28.21 -15.07 -39.69
N ASN E 235 -28.11 -16.39 -39.91
CA ASN E 235 -28.38 -17.06 -41.20
C ASN E 235 -29.38 -18.19 -40.98
N GLY E 236 -30.30 -18.02 -40.02
CA GLY E 236 -31.33 -19.00 -39.68
C GLY E 236 -32.25 -19.27 -40.88
N SER E 237 -32.71 -20.52 -41.01
CA SER E 237 -33.59 -20.94 -42.12
C SER E 237 -34.41 -22.17 -41.72
N VAL E 238 -35.57 -22.32 -42.35
CA VAL E 238 -36.42 -23.54 -42.27
C VAL E 238 -36.14 -24.35 -43.51
N GLY E 239 -35.40 -25.45 -43.34
CA GLY E 239 -35.09 -26.41 -44.41
C GLY E 239 -36.20 -27.42 -44.56
N ILE E 240 -36.23 -28.10 -45.70
CA ILE E 240 -37.22 -29.15 -46.03
C ILE E 240 -36.55 -30.20 -46.90
N ALA E 241 -36.92 -31.46 -46.70
CA ALA E 241 -36.49 -32.61 -47.54
C ALA E 241 -37.75 -33.32 -48.05
N HIS E 242 -37.62 -34.06 -49.15
CA HIS E 242 -38.75 -34.77 -49.82
C HIS E 242 -38.42 -36.26 -49.86
N SER E 243 -39.44 -37.11 -49.69
CA SER E 243 -39.37 -38.57 -49.95
C SER E 243 -40.16 -38.88 -51.21
N PRO E 244 -39.48 -39.22 -52.34
CA PRO E 244 -40.19 -39.52 -53.59
C PRO E 244 -41.10 -40.75 -53.43
N THR E 245 -40.60 -41.77 -52.73
CA THR E 245 -41.30 -43.05 -52.43
C THR E 245 -42.36 -42.88 -51.34
N GLY E 246 -42.27 -41.88 -50.47
CA GLY E 246 -43.20 -41.79 -49.33
C GLY E 246 -42.75 -42.64 -48.15
N ASP E 247 -41.75 -43.51 -48.34
CA ASP E 247 -40.97 -44.14 -47.25
C ASP E 247 -40.52 -43.05 -46.26
N PRO E 248 -40.87 -43.15 -44.96
CA PRO E 248 -40.43 -42.17 -43.95
C PRO E 248 -38.93 -42.16 -43.60
N THR E 249 -38.09 -42.96 -44.27
CA THR E 249 -36.63 -43.08 -43.98
C THR E 249 -35.76 -42.77 -45.20
N ASP E 250 -36.36 -42.42 -46.35
CA ASP E 250 -35.67 -42.08 -47.62
C ASP E 250 -35.96 -40.62 -47.96
N TRP E 251 -34.97 -39.73 -47.85
CA TRP E 251 -35.17 -38.27 -48.02
C TRP E 251 -34.11 -37.69 -48.95
N GLU E 252 -34.49 -36.69 -49.77
CA GLU E 252 -33.56 -35.86 -50.56
C GLU E 252 -33.76 -34.40 -50.14
N LEU E 253 -32.67 -33.69 -49.84
CA LEU E 253 -32.70 -32.26 -49.46
C LEU E 253 -33.33 -31.43 -50.59
N CYS E 254 -34.20 -30.49 -50.26
CA CYS E 254 -34.76 -29.46 -51.18
C CYS E 254 -34.25 -28.08 -50.75
N ASP E 255 -34.62 -27.03 -51.49
CA ASP E 255 -34.28 -25.63 -51.13
C ASP E 255 -35.10 -25.24 -49.89
N PRO E 256 -34.56 -24.36 -49.03
CA PRO E 256 -35.23 -24.00 -47.79
C PRO E 256 -36.56 -23.26 -48.07
N LEU E 257 -37.54 -23.44 -47.18
CA LEU E 257 -38.90 -22.84 -47.28
C LEU E 257 -38.80 -21.34 -47.01
N LEU E 258 -37.97 -20.96 -46.05
CA LEU E 258 -37.88 -19.58 -45.51
C LEU E 258 -36.49 -19.38 -44.89
N GLU E 259 -35.91 -18.19 -45.03
CA GLU E 259 -34.64 -17.76 -44.40
C GLU E 259 -34.83 -16.46 -43.63
N GLY E 260 -34.14 -16.33 -42.50
CA GLY E 260 -34.11 -15.12 -41.67
C GLY E 260 -32.75 -14.45 -41.70
N ILE E 261 -32.13 -14.40 -42.89
CA ILE E 261 -30.76 -13.86 -43.07
C ILE E 261 -30.79 -12.38 -42.68
N CYS E 262 -29.82 -11.97 -41.87
CA CYS E 262 -29.66 -10.62 -41.28
C CYS E 262 -30.69 -10.38 -40.17
N VAL E 263 -31.45 -11.40 -39.76
CA VAL E 263 -32.57 -11.23 -38.79
C VAL E 263 -32.39 -12.14 -37.57
N ASN E 264 -32.23 -13.44 -37.75
CA ASN E 264 -32.20 -14.39 -36.60
C ASN E 264 -31.39 -15.64 -36.95
N GLN E 265 -30.71 -16.21 -35.96
CA GLN E 265 -29.83 -17.41 -36.14
C GLN E 265 -30.68 -18.67 -35.96
N GLU E 266 -31.58 -18.67 -34.97
CA GLU E 266 -32.36 -19.86 -34.56
C GLU E 266 -33.84 -19.68 -34.92
N LEU E 267 -34.28 -20.31 -36.01
CA LEU E 267 -35.72 -20.50 -36.36
C LEU E 267 -36.13 -21.91 -35.90
N GLU E 268 -36.41 -22.08 -34.61
CA GLU E 268 -36.47 -23.40 -33.94
C GLU E 268 -37.81 -24.11 -34.19
N ARG E 269 -37.81 -25.44 -34.03
CA ARG E 269 -38.96 -26.37 -34.15
C ARG E 269 -39.95 -25.83 -35.15
N PRO E 270 -39.59 -25.84 -36.45
CA PRO E 270 -40.48 -25.39 -37.51
C PRO E 270 -41.50 -26.49 -37.73
N HIS E 271 -42.74 -26.09 -38.06
CA HIS E 271 -43.87 -26.97 -38.38
C HIS E 271 -44.92 -26.17 -39.15
N VAL E 272 -45.75 -26.87 -39.91
CA VAL E 272 -46.80 -26.30 -40.79
C VAL E 272 -48.17 -26.79 -40.30
N VAL E 273 -49.09 -25.85 -40.18
CA VAL E 273 -50.53 -26.13 -40.00
C VAL E 273 -51.22 -25.66 -41.27
N VAL E 274 -51.95 -26.54 -41.94
CA VAL E 274 -52.77 -26.20 -43.13
C VAL E 274 -54.19 -25.93 -42.66
N ARG E 275 -54.76 -24.77 -43.03
CA ARG E 275 -56.11 -24.35 -42.59
C ARG E 275 -56.86 -23.77 -43.79
N ASN E 276 -57.94 -24.43 -44.19
CA ASN E 276 -58.66 -24.16 -45.46
C ASN E 276 -57.57 -24.18 -46.53
N GLY E 277 -57.40 -23.15 -47.35
CA GLY E 277 -56.47 -23.28 -48.49
C GLY E 277 -55.00 -23.02 -48.13
N PHE E 278 -54.70 -22.67 -46.89
CA PHE E 278 -53.49 -21.87 -46.54
C PHE E 278 -52.53 -22.66 -45.66
N TYR E 279 -51.25 -22.43 -45.88
CA TYR E 279 -50.11 -23.07 -45.19
C TYR E 279 -49.51 -22.04 -44.22
N TYR E 280 -49.70 -22.28 -42.92
CA TYR E 280 -49.09 -21.48 -41.85
C TYR E 280 -47.82 -22.19 -41.40
N LEU E 281 -46.67 -21.52 -41.52
CA LEU E 281 -45.37 -22.02 -41.05
C LEU E 281 -45.03 -21.30 -39.74
N PHE E 282 -44.82 -22.06 -38.68
CA PHE E 282 -44.54 -21.57 -37.31
C PHE E 282 -43.13 -21.98 -36.89
N VAL E 283 -42.42 -21.04 -36.27
CA VAL E 283 -41.07 -21.25 -35.66
C VAL E 283 -41.03 -20.51 -34.33
N SER E 284 -40.43 -21.15 -33.32
CA SER E 284 -40.13 -20.55 -31.99
C SER E 284 -38.72 -19.95 -32.07
N SER E 285 -38.53 -18.72 -31.58
CA SER E 285 -37.21 -18.03 -31.60
C SER E 285 -36.94 -17.32 -30.27
N HIS E 286 -35.66 -17.06 -29.99
CA HIS E 286 -35.19 -16.34 -28.77
C HIS E 286 -34.99 -14.85 -29.06
N ASP E 287 -34.93 -14.06 -27.98
CA ASP E 287 -34.57 -12.62 -28.04
C ASP E 287 -33.08 -12.49 -28.34
N HIS E 288 -32.25 -13.38 -27.79
CA HIS E 288 -30.77 -13.27 -27.86
C HIS E 288 -30.26 -13.75 -29.23
N THR E 289 -31.09 -14.41 -30.04
CA THR E 289 -30.69 -14.94 -31.36
C THR E 289 -31.06 -13.95 -32.47
N PHE E 290 -31.56 -12.77 -32.12
CA PHE E 290 -31.85 -11.70 -33.10
C PHE E 290 -30.55 -10.97 -33.43
N ALA E 291 -30.38 -10.62 -34.70
CA ALA E 291 -29.24 -9.82 -35.21
C ALA E 291 -29.26 -8.46 -34.53
N PRO E 292 -28.09 -7.81 -34.37
CA PRO E 292 -28.02 -6.48 -33.76
C PRO E 292 -28.86 -5.44 -34.54
N GLY E 293 -29.40 -4.45 -33.82
CA GLY E 293 -30.30 -3.42 -34.35
C GLY E 293 -31.74 -3.84 -34.33
N LEU E 294 -32.01 -5.13 -34.08
CA LEU E 294 -33.37 -5.72 -34.00
C LEU E 294 -33.66 -6.12 -32.57
N GLU E 295 -34.90 -5.92 -32.14
CA GLU E 295 -35.37 -6.21 -30.76
C GLU E 295 -36.69 -7.00 -30.86
N GLY E 296 -36.61 -8.31 -30.61
CA GLY E 296 -37.79 -9.19 -30.56
C GLY E 296 -37.75 -10.04 -29.31
N PRO E 297 -38.92 -10.42 -28.75
CA PRO E 297 -38.95 -11.30 -27.58
C PRO E 297 -38.90 -12.80 -27.92
N ASP E 298 -38.47 -13.63 -26.95
CA ASP E 298 -38.76 -15.09 -26.94
C ASP E 298 -40.24 -15.22 -27.35
N GLY E 299 -40.52 -15.91 -28.45
CA GLY E 299 -41.89 -16.03 -28.95
C GLY E 299 -42.04 -17.02 -30.10
N LEU E 300 -43.29 -17.33 -30.43
CA LEU E 300 -43.67 -18.09 -31.63
C LEU E 300 -43.90 -17.10 -32.77
N TYR E 301 -43.13 -17.24 -33.84
CA TYR E 301 -43.25 -16.41 -35.07
C TYR E 301 -43.89 -17.28 -36.14
N GLY E 302 -44.59 -16.64 -37.08
CA GLY E 302 -45.46 -17.34 -38.02
C GLY E 302 -45.52 -16.64 -39.36
N PHE E 303 -45.67 -17.44 -40.41
CA PHE E 303 -45.73 -16.99 -41.82
C PHE E 303 -46.80 -17.81 -42.53
N VAL E 304 -47.32 -17.26 -43.63
CA VAL E 304 -48.45 -17.86 -44.37
C VAL E 304 -48.21 -17.76 -45.88
N ALA E 305 -48.59 -18.80 -46.61
CA ALA E 305 -48.56 -18.88 -48.08
C ALA E 305 -49.73 -19.73 -48.56
N ASP E 306 -49.99 -19.70 -49.88
CA ASP E 306 -51.10 -20.46 -50.51
C ASP E 306 -50.63 -21.89 -50.83
N SER E 307 -49.34 -22.19 -50.68
CA SER E 307 -48.76 -23.52 -50.97
C SER E 307 -47.64 -23.82 -49.96
N LEU E 308 -47.27 -25.09 -49.80
CA LEU E 308 -46.24 -25.51 -48.82
C LEU E 308 -44.91 -24.83 -49.14
N ARG E 309 -44.55 -24.76 -50.43
CA ARG E 309 -43.26 -24.18 -50.87
C ARG E 309 -43.53 -22.81 -51.51
N GLY E 310 -44.52 -22.08 -50.99
CA GLY E 310 -44.97 -20.79 -51.54
C GLY E 310 -44.17 -19.60 -51.02
N GLU E 311 -44.59 -18.39 -51.40
CA GLU E 311 -43.98 -17.11 -50.97
C GLU E 311 -44.54 -16.75 -49.60
N TYR E 312 -43.96 -17.34 -48.55
CA TYR E 312 -44.35 -17.08 -47.13
C TYR E 312 -44.20 -15.59 -46.83
N ARG E 313 -45.20 -15.01 -46.17
CA ARG E 313 -45.20 -13.63 -45.66
C ARG E 313 -45.50 -13.68 -44.18
N PRO E 314 -44.93 -12.77 -43.37
CA PRO E 314 -45.06 -12.84 -41.92
C PRO E 314 -46.48 -12.48 -41.45
N LEU E 315 -46.97 -13.24 -40.48
CA LEU E 315 -48.27 -12.98 -39.79
C LEU E 315 -48.16 -11.68 -38.99
N ASN E 316 -49.26 -10.92 -38.93
CA ASN E 316 -49.36 -9.67 -38.13
C ASN E 316 -48.29 -8.67 -38.58
N GLY E 317 -47.80 -8.78 -39.82
CA GLY E 317 -46.85 -7.82 -40.40
C GLY E 317 -45.41 -8.06 -39.95
N SER E 318 -45.18 -8.34 -38.66
CA SER E 318 -43.85 -8.49 -38.04
C SER E 318 -43.43 -9.96 -38.02
N GLY E 319 -44.39 -10.86 -37.91
CA GLY E 319 -44.14 -12.31 -37.77
C GLY E 319 -44.47 -12.81 -36.38
N LEU E 320 -44.53 -11.91 -35.40
CA LEU E 320 -44.82 -12.29 -34.00
C LEU E 320 -46.28 -12.72 -33.91
N VAL E 321 -46.49 -13.97 -33.48
CA VAL E 321 -47.83 -14.60 -33.32
C VAL E 321 -48.21 -14.64 -31.84
N LEU E 322 -47.26 -15.02 -30.98
CA LEU E 322 -47.51 -15.31 -29.56
C LEU E 322 -46.20 -15.12 -28.78
N THR E 323 -46.28 -14.53 -27.59
CA THR E 323 -45.11 -14.24 -26.72
C THR E 323 -45.55 -14.17 -25.26
N ASN E 324 -44.56 -14.12 -24.36
CA ASN E 324 -44.78 -14.02 -22.89
C ASN E 324 -44.90 -12.54 -22.53
N PRO E 325 -45.53 -12.21 -21.38
CA PRO E 325 -45.61 -10.83 -20.92
C PRO E 325 -44.23 -10.29 -20.54
N ALA E 326 -44.05 -8.98 -20.62
CA ALA E 326 -42.80 -8.27 -20.30
C ALA E 326 -42.32 -8.63 -18.88
N ASN E 327 -43.25 -8.79 -17.93
CA ASN E 327 -42.94 -9.03 -16.50
C ASN E 327 -42.75 -10.53 -16.19
N ALA E 328 -42.73 -11.42 -17.19
CA ALA E 328 -42.40 -12.87 -17.06
C ALA E 328 -41.88 -13.42 -18.39
N PRO E 329 -40.85 -12.80 -18.99
CA PRO E 329 -40.62 -12.90 -20.42
C PRO E 329 -40.06 -14.25 -20.91
N TYR E 330 -39.70 -15.15 -20.00
CA TYR E 330 -39.11 -16.45 -20.37
C TYR E 330 -39.98 -17.59 -19.84
N GLN E 331 -41.24 -17.31 -19.47
CA GLN E 331 -42.11 -18.28 -18.74
C GLN E 331 -42.45 -19.49 -19.62
N ALA E 332 -42.44 -19.34 -20.95
CA ALA E 332 -42.75 -20.45 -21.89
C ALA E 332 -41.86 -20.36 -23.12
N TYR E 333 -41.74 -21.49 -23.83
CA TYR E 333 -40.95 -21.61 -25.07
C TYR E 333 -41.33 -22.92 -25.78
N SER E 334 -40.81 -23.11 -26.99
CA SER E 334 -40.87 -24.35 -27.82
C SER E 334 -42.33 -24.72 -28.06
N TRP E 335 -43.08 -23.73 -28.56
CA TRP E 335 -44.51 -23.83 -28.94
C TRP E 335 -44.65 -24.66 -30.21
N VAL E 336 -45.69 -25.49 -30.22
CA VAL E 336 -46.13 -26.35 -31.36
C VAL E 336 -47.63 -26.10 -31.56
N ALA E 337 -48.00 -25.59 -32.74
CA ALA E 337 -49.38 -25.22 -33.11
C ALA E 337 -50.06 -26.41 -33.81
N PHE E 338 -51.35 -26.59 -33.58
CA PHE E 338 -52.17 -27.66 -34.21
C PHE E 338 -53.62 -27.21 -34.25
N SER E 339 -54.32 -27.61 -35.31
CA SER E 339 -55.73 -27.24 -35.57
C SER E 339 -56.63 -27.98 -34.59
N HIS E 340 -57.73 -27.33 -34.17
CA HIS E 340 -58.87 -27.96 -33.47
C HIS E 340 -60.15 -27.23 -33.89
N ARG E 341 -60.88 -27.79 -34.85
CA ARG E 341 -62.10 -27.18 -35.41
C ARG E 341 -61.72 -25.81 -35.96
N GLU E 342 -62.43 -24.72 -35.59
CA GLU E 342 -62.21 -23.38 -36.16
C GLU E 342 -61.07 -22.67 -35.40
N GLU E 343 -60.47 -23.32 -34.40
CA GLU E 343 -59.39 -22.72 -33.57
C GLU E 343 -58.02 -23.26 -33.97
N LEU E 344 -56.97 -22.54 -33.57
CA LEU E 344 -55.58 -23.04 -33.52
C LEU E 344 -55.18 -23.11 -32.05
N LEU E 345 -54.71 -24.27 -31.60
CA LEU E 345 -54.16 -24.48 -30.24
C LEU E 345 -52.65 -24.51 -30.33
N VAL E 346 -51.98 -24.05 -29.27
CA VAL E 346 -50.50 -23.91 -29.24
C VAL E 346 -50.04 -24.42 -27.89
N SER E 347 -49.17 -25.42 -27.87
CA SER E 347 -48.62 -26.05 -26.64
C SER E 347 -47.12 -25.80 -26.56
N GLY E 348 -46.69 -24.99 -25.60
CA GLY E 348 -45.27 -24.87 -25.22
C GLY E 348 -44.98 -25.61 -23.93
N PHE E 349 -43.82 -25.38 -23.33
CA PHE E 349 -43.49 -25.88 -21.98
C PHE E 349 -43.24 -24.69 -21.06
N PHE E 350 -43.36 -24.93 -19.77
CA PHE E 350 -43.15 -23.95 -18.67
C PHE E 350 -41.65 -23.81 -18.43
N ASN E 351 -41.06 -22.70 -18.84
CA ASN E 351 -39.57 -22.51 -18.95
C ASN E 351 -39.06 -21.88 -17.65
N TYR E 352 -38.56 -20.64 -17.69
CA TYR E 352 -37.99 -19.91 -16.51
C TYR E 352 -38.97 -18.86 -16.03
N TYR E 353 -39.26 -18.89 -14.72
CA TYR E 353 -40.20 -17.95 -14.07
C TYR E 353 -39.60 -17.48 -12.76
N ASP E 354 -40.16 -16.41 -12.20
CA ASP E 354 -39.79 -15.82 -10.89
C ASP E 354 -38.33 -15.37 -10.92
N LEU E 355 -37.87 -14.82 -12.05
CA LEU E 355 -36.49 -14.30 -12.20
C LEU E 355 -36.37 -12.94 -11.52
N GLY E 356 -37.50 -12.33 -11.13
CA GLY E 356 -37.56 -11.01 -10.50
C GLY E 356 -37.16 -9.93 -11.51
N GLY E 357 -35.87 -9.79 -11.77
CA GLY E 357 -35.35 -8.89 -12.82
C GLY E 357 -34.19 -9.50 -13.59
N LEU E 358 -33.68 -10.65 -13.11
CA LEU E 358 -32.42 -11.26 -13.58
C LEU E 358 -32.58 -11.66 -15.05
N THR E 359 -31.50 -11.59 -15.83
CA THR E 359 -31.40 -12.20 -17.18
C THR E 359 -31.11 -13.69 -17.01
N LEU E 360 -31.24 -14.48 -18.07
CA LEU E 360 -31.06 -15.95 -18.04
C LEU E 360 -29.60 -16.28 -17.73
N ASP E 361 -28.66 -15.50 -18.26
CA ASP E 361 -27.21 -15.66 -17.97
C ASP E 361 -27.01 -15.54 -16.45
N ASP E 362 -27.64 -14.54 -15.84
CA ASP E 362 -27.52 -14.22 -14.39
C ASP E 362 -28.06 -15.37 -13.53
N VAL E 363 -28.92 -16.25 -14.08
CA VAL E 363 -29.52 -17.39 -13.30
C VAL E 363 -28.44 -18.43 -13.01
N ALA E 364 -27.38 -18.50 -13.82
CA ALA E 364 -26.19 -19.35 -13.58
C ALA E 364 -25.43 -18.89 -12.32
N THR E 365 -25.53 -17.61 -11.92
CA THR E 365 -24.95 -17.04 -10.67
C THR E 365 -25.50 -17.79 -9.44
N LEU E 366 -26.81 -17.99 -9.40
CA LEU E 366 -27.57 -18.35 -8.16
C LEU E 366 -27.16 -19.74 -7.66
N SER E 367 -27.48 -20.04 -6.40
CA SER E 367 -27.25 -21.38 -5.79
C SER E 367 -28.00 -22.43 -6.60
N PRO E 368 -27.54 -23.69 -6.63
CA PRO E 368 -28.25 -24.77 -7.32
C PRO E 368 -29.76 -24.84 -6.99
N ASP E 369 -30.12 -24.72 -5.70
CA ASP E 369 -31.53 -24.81 -5.23
C ASP E 369 -32.36 -23.63 -5.79
N GLU E 370 -31.76 -22.44 -5.86
CA GLU E 370 -32.42 -21.20 -6.35
C GLU E 370 -32.62 -21.30 -7.86
N GLN E 371 -31.77 -22.05 -8.57
CA GLN E 371 -31.87 -22.26 -10.05
C GLN E 371 -33.02 -23.21 -10.37
N ARG E 372 -33.09 -24.36 -9.70
CA ARG E 372 -34.17 -25.37 -9.90
C ARG E 372 -35.52 -24.77 -9.51
N ALA E 373 -35.53 -23.79 -8.60
CA ALA E 373 -36.75 -23.14 -8.08
C ALA E 373 -37.39 -22.25 -9.17
N LYS E 374 -36.65 -21.91 -10.23
CA LYS E 374 -37.05 -20.93 -11.26
C LYS E 374 -37.24 -21.61 -12.63
N PHE E 375 -37.37 -22.94 -12.64
CA PHE E 375 -37.59 -23.72 -13.88
C PHE E 375 -38.77 -24.67 -13.70
N GLY E 376 -39.77 -24.54 -14.58
CA GLY E 376 -40.99 -25.35 -14.58
C GLY E 376 -40.69 -26.80 -14.90
N GLY E 377 -40.39 -27.08 -16.17
CA GLY E 377 -40.18 -28.45 -16.69
C GLY E 377 -41.48 -29.24 -16.73
N THR E 378 -42.58 -28.57 -17.08
CA THR E 378 -43.93 -29.15 -17.30
C THR E 378 -44.52 -28.51 -18.56
N LEU E 379 -45.63 -29.03 -19.04
CA LEU E 379 -46.35 -28.41 -20.17
C LEU E 379 -47.04 -27.11 -19.70
N ALA E 380 -46.94 -26.07 -20.52
CA ALA E 380 -47.61 -24.76 -20.32
C ALA E 380 -49.10 -24.91 -20.61
N PRO E 381 -49.97 -24.05 -20.02
CA PRO E 381 -51.38 -23.98 -20.40
C PRO E 381 -51.53 -23.71 -21.91
N THR E 382 -52.20 -24.60 -22.64
CA THR E 382 -52.24 -24.56 -24.11
C THR E 382 -53.10 -23.37 -24.50
N VAL E 383 -52.57 -22.54 -25.40
CA VAL E 383 -53.17 -21.25 -25.78
C VAL E 383 -54.13 -21.51 -26.93
N ARG E 384 -55.29 -20.86 -26.90
CA ARG E 384 -56.27 -20.87 -28.00
C ARG E 384 -56.07 -19.58 -28.77
N VAL E 385 -55.82 -19.68 -30.08
CA VAL E 385 -55.66 -18.51 -30.99
C VAL E 385 -56.63 -18.69 -32.16
N ALA E 386 -57.01 -17.56 -32.76
CA ALA E 386 -57.90 -17.47 -33.92
C ALA E 386 -57.10 -16.85 -35.06
N LEU E 387 -56.98 -17.57 -36.18
CA LEU E 387 -56.35 -17.08 -37.42
C LEU E 387 -57.43 -16.47 -38.30
N SER E 388 -57.07 -15.45 -39.06
CA SER E 388 -57.94 -14.75 -40.02
C SER E 388 -57.02 -14.19 -41.10
N GLY E 389 -56.67 -14.98 -42.10
CA GLY E 389 -55.72 -14.58 -43.14
C GLY E 389 -54.29 -14.53 -42.62
N ASP E 390 -53.63 -13.38 -42.77
CA ASP E 390 -52.25 -13.14 -42.30
C ASP E 390 -52.28 -12.50 -40.90
N ARG E 391 -53.37 -12.65 -40.14
CA ARG E 391 -53.53 -12.00 -38.81
C ARG E 391 -53.95 -13.05 -37.78
N THR E 392 -53.46 -12.93 -36.55
CA THR E 392 -53.72 -13.83 -35.40
C THR E 392 -54.19 -13.01 -34.20
N ARG E 393 -54.83 -13.67 -33.24
CA ARG E 393 -55.28 -13.07 -31.97
C ARG E 393 -55.45 -14.19 -30.95
N ILE E 394 -54.85 -14.03 -29.77
CA ILE E 394 -55.03 -14.92 -28.58
C ILE E 394 -56.48 -14.78 -28.13
N THR E 395 -57.19 -15.90 -27.95
CA THR E 395 -58.62 -15.96 -27.59
C THR E 395 -58.79 -16.44 -26.15
N GLY E 396 -57.86 -17.25 -25.64
CA GLY E 396 -57.90 -17.76 -24.26
C GLY E 396 -56.88 -18.85 -24.04
N THR E 397 -57.02 -19.61 -22.96
CA THR E 397 -56.14 -20.75 -22.62
C THR E 397 -56.98 -21.93 -22.12
N LEU E 398 -56.34 -23.09 -22.03
CA LEU E 398 -56.90 -24.35 -21.45
C LEU E 398 -55.99 -24.75 -20.29
N SER E 399 -56.29 -25.89 -19.65
CA SER E 399 -55.48 -26.46 -18.54
C SER E 399 -54.05 -26.69 -19.04
N HIS E 400 -53.09 -26.80 -18.12
CA HIS E 400 -51.67 -27.12 -18.40
C HIS E 400 -51.60 -28.35 -19.30
N GLY E 401 -50.91 -28.22 -20.43
CA GLY E 401 -50.71 -29.32 -21.40
C GLY E 401 -51.98 -30.10 -21.71
N ARG E 402 -53.11 -29.43 -21.97
CA ARG E 402 -54.29 -30.08 -22.55
C ARG E 402 -54.09 -30.18 -24.06
N ILE E 403 -53.98 -31.40 -24.59
CA ILE E 403 -53.96 -31.68 -26.04
C ILE E 403 -55.27 -32.38 -26.40
N PRO E 404 -56.31 -31.64 -26.84
CA PRO E 404 -57.60 -32.25 -27.17
C PRO E 404 -57.67 -32.76 -28.61
N LEU E 405 -58.51 -33.76 -28.84
CA LEU E 405 -58.85 -34.30 -30.20
C LEU E 405 -59.97 -33.44 -30.79
N GLU E 406 -60.18 -33.52 -32.11
CA GLU E 406 -61.23 -32.73 -32.80
C GLU E 406 -62.60 -33.23 -32.36
N SER E 407 -62.67 -34.49 -31.91
CA SER E 407 -63.90 -35.16 -31.42
C SER E 407 -64.31 -34.64 -30.03
N GLU E 408 -63.58 -33.69 -29.45
CA GLU E 408 -63.84 -33.15 -28.09
C GLU E 408 -64.24 -31.68 -28.18
N GLU E 409 -65.27 -31.28 -27.44
CA GLU E 409 -65.78 -29.89 -27.39
C GLU E 409 -64.96 -29.14 -26.33
N LEU E 410 -64.45 -27.96 -26.65
CA LEU E 410 -63.70 -27.10 -25.69
C LEU E 410 -64.65 -26.11 -25.04
N PRO E 411 -64.35 -25.63 -23.81
CA PRO E 411 -65.17 -24.61 -23.16
C PRO E 411 -65.39 -23.38 -24.07
N ASP E 412 -66.48 -22.63 -23.82
CA ASP E 412 -66.80 -21.41 -24.59
C ASP E 412 -65.80 -20.29 -24.23
N LEU E 413 -65.69 -19.29 -25.11
CA LEU E 413 -64.75 -18.16 -24.98
C LEU E 413 -65.45 -16.93 -24.41
N PRO E 414 -64.72 -16.05 -23.70
CA PRO E 414 -65.30 -14.79 -23.21
C PRO E 414 -65.66 -13.80 -24.32
N ALA F 9 -0.33 -29.78 44.43
CA ALA F 9 -1.18 -30.92 44.88
C ALA F 9 -2.42 -30.38 45.64
N THR F 10 -3.46 -29.99 44.90
CA THR F 10 -4.62 -29.24 45.45
C THR F 10 -5.40 -30.14 46.40
N PRO F 11 -5.76 -29.66 47.62
CA PRO F 11 -6.63 -30.42 48.53
C PRO F 11 -7.95 -30.82 47.85
N ARG F 12 -8.39 -32.05 48.07
CA ARG F 12 -9.55 -32.62 47.35
C ARG F 12 -10.65 -33.01 48.34
N TRP F 13 -11.87 -32.55 48.08
CA TRP F 13 -13.12 -33.14 48.61
C TRP F 13 -13.39 -34.40 47.78
N THR F 14 -13.22 -35.58 48.38
CA THR F 14 -13.16 -36.87 47.65
C THR F 14 -14.52 -37.56 47.72
N ARG F 15 -14.72 -38.56 46.87
CA ARG F 15 -15.96 -39.38 46.83
C ARG F 15 -16.07 -40.19 48.13
N GLU F 16 -14.93 -40.57 48.72
CA GLU F 16 -14.93 -41.31 50.01
C GLU F 16 -15.57 -40.41 51.07
N HIS F 17 -15.33 -39.10 51.01
CA HIS F 17 -15.96 -38.09 51.91
C HIS F 17 -17.46 -38.03 51.63
N ALA F 18 -17.84 -37.71 50.40
CA ALA F 18 -19.25 -37.48 49.98
C ALA F 18 -20.10 -38.72 50.26
N SER F 19 -19.53 -39.91 50.17
CA SER F 19 -20.21 -41.20 50.48
C SER F 19 -20.78 -41.18 51.91
N LYS F 20 -20.15 -40.44 52.81
CA LYS F 20 -20.51 -40.40 54.26
C LYS F 20 -21.56 -39.32 54.53
N ILE F 21 -21.88 -38.47 53.55
CA ILE F 21 -22.86 -37.35 53.71
C ILE F 21 -24.19 -37.97 54.16
N GLU F 22 -24.84 -37.34 55.12
CA GLU F 22 -26.03 -37.88 55.82
C GLU F 22 -26.56 -36.81 56.78
N ARG F 23 -27.86 -36.53 56.72
CA ARG F 23 -28.53 -35.61 57.68
C ARG F 23 -28.36 -36.18 59.08
N THR F 24 -28.03 -35.34 60.06
CA THR F 24 -27.95 -35.72 61.50
C THR F 24 -28.56 -34.60 62.36
N ASP F 25 -28.74 -34.85 63.65
CA ASP F 25 -29.36 -33.90 64.59
C ASP F 25 -28.42 -32.68 64.72
N GLU F 26 -27.14 -32.84 64.36
CA GLU F 26 -26.11 -31.80 64.53
C GLU F 26 -26.04 -30.89 63.30
N THR F 27 -26.66 -31.28 62.18
CA THR F 27 -26.50 -30.55 60.89
C THR F 27 -27.84 -30.05 60.34
N VAL F 28 -28.98 -30.40 60.94
CA VAL F 28 -30.30 -30.07 60.35
C VAL F 28 -30.89 -28.86 61.08
N VAL F 29 -31.18 -27.80 60.35
CA VAL F 29 -31.77 -26.54 60.91
C VAL F 29 -33.25 -26.76 61.17
N PRO F 30 -33.88 -25.98 62.06
CA PRO F 30 -35.32 -26.08 62.26
C PRO F 30 -36.09 -25.63 61.01
N ILE F 31 -37.38 -25.99 60.95
CA ILE F 31 -38.32 -25.53 59.88
C ILE F 31 -38.35 -24.01 59.90
N ILE F 32 -38.23 -23.39 58.73
CA ILE F 32 -38.38 -21.92 58.55
C ILE F 32 -39.84 -21.66 58.19
N TYR F 33 -40.49 -20.79 58.97
CA TYR F 33 -41.86 -20.27 58.74
C TYR F 33 -41.74 -18.84 58.25
N PRO F 34 -42.58 -18.38 57.28
CA PRO F 34 -42.42 -17.05 56.68
C PRO F 34 -42.54 -15.97 57.75
N PRO F 35 -41.75 -14.88 57.65
CA PRO F 35 -41.73 -13.85 58.69
C PRO F 35 -43.00 -12.99 58.65
N ARG F 36 -43.35 -12.37 59.78
CA ARG F 36 -44.63 -11.64 59.97
C ARG F 36 -44.68 -10.39 59.07
N GLU F 37 -43.54 -9.71 58.86
CA GLU F 37 -43.41 -8.51 57.99
C GLU F 37 -42.18 -8.64 57.07
N ASP F 38 -42.27 -8.14 55.84
CA ASP F 38 -41.15 -8.05 54.87
C ASP F 38 -40.62 -6.60 54.86
N ALA F 39 -39.30 -6.42 54.72
CA ALA F 39 -38.62 -5.12 54.61
C ALA F 39 -38.96 -4.44 53.27
N ALA F 40 -39.07 -5.23 52.19
CA ALA F 40 -39.47 -4.80 50.82
C ALA F 40 -40.49 -5.79 50.26
N PRO F 41 -41.82 -5.56 50.44
CA PRO F 41 -42.83 -6.51 49.96
C PRO F 41 -42.86 -6.67 48.43
N GLU F 42 -42.48 -5.64 47.69
CA GLU F 42 -42.50 -5.57 46.20
C GLU F 42 -41.27 -6.27 45.60
N ILE F 43 -40.34 -6.76 46.43
CA ILE F 43 -39.01 -7.27 45.98
C ILE F 43 -38.74 -8.63 46.64
N ASN F 44 -38.24 -9.57 45.83
CA ASN F 44 -37.64 -10.85 46.29
C ASN F 44 -36.13 -10.64 46.40
N GLY F 45 -35.53 -11.06 47.51
CA GLY F 45 -34.08 -10.94 47.76
C GLY F 45 -33.49 -12.28 48.17
N TRP F 46 -32.33 -12.61 47.61
CA TRP F 46 -31.56 -13.83 47.96
C TRP F 46 -30.07 -13.48 47.99
N ASP F 47 -29.20 -14.48 48.19
CA ASP F 47 -27.73 -14.37 48.04
C ASP F 47 -27.25 -13.04 48.60
N THR F 48 -27.22 -12.90 49.93
CA THR F 48 -26.92 -11.63 50.63
C THR F 48 -25.50 -11.70 51.18
N TRP F 49 -24.81 -10.56 51.23
CA TRP F 49 -23.44 -10.42 51.80
C TRP F 49 -23.33 -9.13 52.60
N PHE F 50 -22.35 -9.06 53.51
CA PHE F 50 -22.18 -7.94 54.47
C PHE F 50 -21.12 -6.96 53.98
N LEU F 51 -21.38 -5.67 54.20
CA LEU F 51 -20.33 -4.62 54.10
C LEU F 51 -19.38 -4.86 55.27
N ARG F 52 -18.15 -5.25 54.94
CA ARG F 52 -17.09 -5.60 55.92
C ARG F 52 -15.98 -4.55 55.85
N GLU F 53 -15.28 -4.33 56.96
CA GLU F 53 -13.99 -3.60 57.02
C GLU F 53 -12.94 -4.51 56.39
N ARG F 54 -11.70 -4.04 56.28
CA ARG F 54 -10.59 -4.80 55.65
C ARG F 54 -10.29 -6.07 56.44
N ASP F 55 -10.30 -6.02 57.78
CA ASP F 55 -9.96 -7.19 58.64
C ASP F 55 -11.03 -8.27 58.50
N GLY F 56 -12.26 -7.91 58.11
CA GLY F 56 -13.34 -8.86 57.83
C GLY F 56 -14.54 -8.67 58.75
N SER F 57 -14.39 -7.95 59.87
CA SER F 57 -15.50 -7.62 60.81
C SER F 57 -16.59 -6.88 60.05
N ILE F 58 -17.84 -7.03 60.48
CA ILE F 58 -19.00 -6.31 59.89
C ILE F 58 -18.74 -4.81 60.10
N ALA F 59 -18.74 -4.04 59.02
CA ALA F 59 -18.51 -2.58 59.05
C ALA F 59 -19.73 -1.89 59.68
N THR F 60 -19.46 -0.81 60.40
CA THR F 60 -20.44 0.06 61.09
C THR F 60 -20.14 1.51 60.69
N VAL F 61 -21.08 2.18 60.02
CA VAL F 61 -20.97 3.61 59.59
C VAL F 61 -22.02 4.44 60.31
N GLY F 62 -21.60 5.28 61.26
CA GLY F 62 -22.50 6.07 62.12
C GLY F 62 -23.54 5.22 62.83
N GLY F 63 -23.19 3.99 63.22
CA GLY F 63 -24.06 3.10 64.02
C GLY F 63 -24.94 2.22 63.17
N TRP F 64 -24.78 2.28 61.84
CA TRP F 64 -25.54 1.44 60.86
C TRP F 64 -24.66 0.31 60.35
N ARG F 65 -25.22 -0.91 60.24
CA ARG F 65 -24.65 -2.00 59.41
C ARG F 65 -25.26 -1.88 58.01
N VAL F 66 -24.52 -2.29 57.00
CA VAL F 66 -25.04 -2.36 55.60
C VAL F 66 -24.91 -3.81 55.14
N ILE F 67 -25.91 -4.30 54.42
CA ILE F 67 -25.87 -5.60 53.69
C ILE F 67 -26.31 -5.36 52.24
N PHE F 68 -25.94 -6.29 51.37
CA PHE F 68 -26.27 -6.30 49.92
C PHE F 68 -26.97 -7.61 49.58
N SER F 69 -27.99 -7.54 48.72
CA SER F 69 -28.77 -8.71 48.23
C SER F 69 -28.86 -8.65 46.71
N LEU F 70 -28.88 -9.81 46.05
CA LEU F 70 -29.45 -9.96 44.70
C LEU F 70 -30.96 -9.82 44.84
N THR F 71 -31.59 -9.02 43.98
CA THR F 71 -33.03 -8.70 44.04
C THR F 71 -33.65 -8.77 42.64
N ALA F 72 -34.94 -9.10 42.59
CA ALA F 72 -35.80 -9.05 41.40
C ALA F 72 -37.20 -8.66 41.86
N PRO F 73 -38.05 -8.11 40.96
CA PRO F 73 -39.45 -7.83 41.31
C PRO F 73 -40.14 -9.11 41.80
N ALA F 74 -40.99 -8.97 42.81
CA ALA F 74 -41.71 -10.08 43.48
C ALA F 74 -42.72 -10.71 42.52
N ASP F 75 -43.30 -9.92 41.60
CA ASP F 75 -44.32 -10.40 40.64
C ASP F 75 -43.69 -11.34 39.61
N LEU F 76 -42.34 -11.38 39.52
CA LEU F 76 -41.60 -12.22 38.55
C LEU F 76 -41.61 -13.68 39.02
N LEU F 77 -41.62 -14.63 38.08
CA LEU F 77 -41.52 -16.08 38.41
C LEU F 77 -40.19 -16.34 39.10
N PRO F 78 -40.16 -17.11 40.21
CA PRO F 78 -38.93 -17.36 40.94
C PRO F 78 -37.82 -17.96 40.07
N GLY F 79 -38.14 -18.98 39.26
CA GLY F 79 -37.20 -19.67 38.38
C GLY F 79 -36.45 -18.73 37.44
N LYS F 80 -36.95 -17.50 37.22
CA LYS F 80 -36.43 -16.55 36.20
C LYS F 80 -35.70 -15.36 36.84
N ARG F 81 -35.71 -15.22 38.16
CA ARG F 81 -35.14 -14.05 38.89
C ARG F 81 -33.66 -13.88 38.53
N HIS F 82 -32.96 -14.98 38.23
CA HIS F 82 -31.49 -15.03 37.99
C HIS F 82 -31.12 -14.29 36.71
N ASP F 83 -32.08 -14.09 35.80
CA ASP F 83 -31.81 -13.48 34.47
C ASP F 83 -31.80 -11.96 34.60
N VAL F 84 -32.36 -11.39 35.68
CA VAL F 84 -32.52 -9.91 35.82
C VAL F 84 -32.08 -9.47 37.23
N ALA F 85 -31.18 -10.22 37.86
CA ALA F 85 -30.70 -9.95 39.25
C ALA F 85 -30.03 -8.58 39.30
N GLU F 86 -30.42 -7.75 40.28
CA GLU F 86 -29.85 -6.39 40.49
C GLU F 86 -29.47 -6.26 41.97
N ILE F 87 -28.32 -5.65 42.25
CA ILE F 87 -27.80 -5.54 43.64
C ILE F 87 -28.47 -4.34 44.31
N ARG F 88 -29.24 -4.58 45.36
CA ARG F 88 -29.76 -3.54 46.28
C ARG F 88 -28.98 -3.62 47.59
N TYR F 89 -28.96 -2.52 48.34
CA TYR F 89 -28.37 -2.48 49.70
C TYR F 89 -29.48 -2.19 50.70
N PHE F 90 -29.29 -2.69 51.92
CA PHE F 90 -30.18 -2.47 53.08
C PHE F 90 -29.31 -2.06 54.27
N TYR F 91 -29.87 -1.28 55.19
CA TYR F 91 -29.16 -0.76 56.38
C TYR F 91 -30.05 -0.93 57.61
N SER F 92 -29.41 -1.15 58.76
CA SER F 92 -30.09 -1.42 60.05
C SER F 92 -29.25 -0.88 61.20
N ARG F 93 -29.91 -0.36 62.22
CA ARG F 93 -29.28 0.16 63.47
C ARG F 93 -29.14 -0.96 64.50
N ASP F 94 -29.97 -2.01 64.48
CA ASP F 94 -29.95 -3.12 65.47
C ASP F 94 -29.48 -4.44 64.84
N GLY F 95 -29.78 -4.72 63.58
CA GLY F 95 -29.40 -5.99 62.94
C GLY F 95 -30.61 -6.86 62.63
N GLU F 96 -31.80 -6.39 63.00
CA GLU F 96 -33.10 -7.09 62.80
C GLU F 96 -33.98 -6.30 61.81
N THR F 97 -34.19 -5.00 62.05
CA THR F 97 -35.17 -4.17 61.30
C THR F 97 -34.44 -3.44 60.18
N TRP F 98 -34.40 -4.05 58.98
CA TRP F 98 -33.66 -3.55 57.79
C TRP F 98 -34.51 -2.55 57.00
N PHE F 99 -33.89 -1.46 56.51
CA PHE F 99 -34.52 -0.49 55.60
C PHE F 99 -33.94 -0.68 54.20
N ASP F 100 -34.81 -0.64 53.19
CA ASP F 100 -34.41 -0.73 51.76
C ASP F 100 -33.65 0.55 51.39
N GLY F 101 -32.41 0.41 50.95
CA GLY F 101 -31.56 1.53 50.49
C GLY F 101 -31.67 1.73 48.98
N GLY F 102 -32.36 0.83 48.29
CA GLY F 102 -32.52 0.90 46.82
C GLY F 102 -31.32 0.29 46.11
N PRO F 103 -31.32 0.32 44.75
CA PRO F 103 -30.21 -0.22 43.97
C PRO F 103 -28.90 0.49 44.34
N VAL F 104 -27.79 -0.23 44.31
CA VAL F 104 -26.45 0.30 44.71
C VAL F 104 -25.84 1.04 43.51
N PHE F 105 -26.15 0.60 42.30
CA PHE F 105 -25.53 1.12 41.05
C PHE F 105 -26.59 1.84 40.20
N GLU F 106 -26.21 2.96 39.58
CA GLU F 106 -27.05 3.79 38.69
C GLU F 106 -26.97 3.23 37.26
N GLY F 107 -25.81 2.70 36.86
CA GLY F 107 -25.51 2.42 35.45
C GLY F 107 -24.04 2.12 35.27
N GLY F 108 -23.63 1.81 34.04
CA GLY F 108 -22.25 1.41 33.69
C GLY F 108 -21.85 0.10 34.33
N THR F 109 -22.80 -0.67 34.87
CA THR F 109 -22.54 -1.97 35.55
C THR F 109 -22.20 -3.02 34.48
N ARG F 110 -21.25 -3.88 34.78
CA ARG F 110 -20.79 -4.93 33.83
C ARG F 110 -21.78 -6.09 33.86
N GLY F 111 -21.92 -6.78 32.73
CA GLY F 111 -22.80 -7.95 32.55
C GLY F 111 -24.25 -7.55 32.32
N SER F 112 -25.01 -8.42 31.64
CA SER F 112 -26.47 -8.30 31.42
C SER F 112 -27.20 -8.16 32.76
N ARG F 113 -26.71 -8.87 33.78
CA ARG F 113 -27.21 -8.83 35.18
C ARG F 113 -26.04 -9.16 36.13
N GLN F 114 -26.19 -8.84 37.42
CA GLN F 114 -25.13 -9.01 38.44
C GLN F 114 -25.50 -10.17 39.39
N TRP F 115 -24.53 -11.02 39.70
CA TRP F 115 -24.65 -12.12 40.68
C TRP F 115 -23.78 -11.83 41.91
N ALA F 116 -23.79 -12.73 42.89
CA ALA F 116 -23.34 -12.47 44.27
C ALA F 116 -21.84 -12.15 44.26
N GLY F 117 -21.40 -11.38 45.26
CA GLY F 117 -19.97 -11.13 45.53
C GLY F 117 -19.72 -10.81 47.00
N SER F 118 -19.10 -9.65 47.26
CA SER F 118 -18.68 -9.18 48.59
C SER F 118 -18.59 -7.65 48.58
N ALA F 119 -18.37 -7.04 49.74
CA ALA F 119 -18.28 -5.58 49.91
C ALA F 119 -17.20 -5.25 50.92
N LEU F 120 -16.40 -4.25 50.59
CA LEU F 120 -15.25 -3.78 51.40
C LEU F 120 -15.41 -2.28 51.61
N LEU F 121 -15.45 -1.84 52.86
CA LEU F 121 -15.22 -0.41 53.20
C LEU F 121 -13.77 -0.31 53.69
N ASP F 122 -12.89 0.19 52.82
CA ASP F 122 -11.43 0.17 53.01
C ASP F 122 -11.07 1.18 54.11
N ASP F 123 -9.82 1.12 54.60
CA ASP F 123 -9.29 2.03 55.65
C ASP F 123 -9.41 3.48 55.17
N ASP F 124 -9.22 3.73 53.87
CA ASP F 124 -9.24 5.09 53.27
C ASP F 124 -10.68 5.62 53.14
N GLY F 125 -11.70 4.81 53.41
CA GLY F 125 -13.12 5.23 53.37
C GLY F 125 -13.76 4.96 52.02
N ARG F 126 -12.97 4.51 51.03
CA ARG F 126 -13.45 4.11 49.66
C ARG F 126 -14.25 2.81 49.77
N LEU F 127 -15.32 2.69 48.99
CA LEU F 127 -16.23 1.51 48.95
C LEU F 127 -15.93 0.69 47.69
N TYR F 128 -15.72 -0.62 47.85
CA TYR F 128 -15.59 -1.60 46.75
C TYR F 128 -16.72 -2.63 46.90
N VAL F 129 -17.60 -2.72 45.89
CA VAL F 129 -18.66 -3.76 45.81
C VAL F 129 -18.27 -4.75 44.71
N PHE F 130 -17.61 -5.84 45.10
CA PHE F 130 -17.29 -6.98 44.21
C PHE F 130 -18.61 -7.66 43.85
N TYR F 131 -18.76 -8.07 42.58
CA TYR F 131 -19.94 -8.80 42.08
C TYR F 131 -19.52 -9.66 40.89
N THR F 132 -20.41 -10.58 40.50
CA THR F 132 -20.28 -11.40 39.28
C THR F 132 -21.02 -10.70 38.13
N ALA F 133 -20.32 -10.38 37.05
CA ALA F 133 -20.91 -9.93 35.78
C ALA F 133 -21.34 -11.18 34.99
N SER F 134 -22.64 -11.46 35.01
CA SER F 134 -23.28 -12.55 34.20
C SER F 134 -23.74 -11.99 32.86
N GLY F 135 -23.42 -12.69 31.77
CA GLY F 135 -23.64 -12.21 30.40
C GLY F 135 -22.81 -10.97 30.11
N ARG F 136 -23.20 -10.21 29.08
CA ARG F 136 -22.59 -8.91 28.66
C ARG F 136 -23.70 -7.87 28.55
N ALA F 137 -23.42 -6.62 28.93
CA ALA F 137 -24.40 -5.50 29.00
C ALA F 137 -25.08 -5.34 27.63
N GLY F 138 -26.41 -5.28 27.61
CA GLY F 138 -27.25 -5.04 26.42
C GLY F 138 -27.14 -6.13 25.37
N GLU F 139 -26.83 -7.36 25.78
CA GLU F 139 -26.72 -8.52 24.86
C GLU F 139 -28.09 -8.82 24.25
N ALA F 140 -28.12 -9.42 23.05
CA ALA F 140 -29.33 -9.76 22.27
C ALA F 140 -30.16 -10.80 23.04
N GLU F 141 -29.65 -12.03 23.16
CA GLU F 141 -30.27 -13.11 23.95
C GLU F 141 -29.35 -13.44 25.13
N ILE F 142 -29.91 -13.95 26.23
CA ILE F 142 -29.22 -14.20 27.53
C ILE F 142 -28.10 -15.24 27.34
N THR F 143 -26.88 -14.91 27.81
CA THR F 143 -25.69 -15.80 27.84
C THR F 143 -25.30 -16.05 29.31
N TYR F 144 -24.49 -17.08 29.56
CA TYR F 144 -24.12 -17.53 30.93
C TYR F 144 -22.61 -17.37 31.14
N GLU F 145 -22.03 -16.32 30.57
CA GLU F 145 -20.60 -15.98 30.77
C GLU F 145 -20.48 -15.16 32.06
N GLN F 146 -19.61 -15.63 32.96
CA GLN F 146 -19.38 -15.04 34.30
C GLN F 146 -17.94 -14.53 34.37
N ARG F 147 -17.77 -13.28 34.82
CA ARG F 147 -16.43 -12.73 35.17
C ARG F 147 -16.54 -11.95 36.49
N LEU F 148 -15.47 -11.96 37.29
CA LEU F 148 -15.37 -11.23 38.57
C LEU F 148 -15.17 -9.75 38.27
N ALA F 149 -16.12 -8.90 38.68
CA ALA F 149 -16.04 -7.43 38.50
C ALA F 149 -16.08 -6.74 39.86
N VAL F 150 -15.81 -5.43 39.87
CA VAL F 150 -15.94 -4.56 41.08
C VAL F 150 -16.50 -3.21 40.64
N GLY F 151 -17.41 -2.66 41.44
CA GLY F 151 -17.80 -1.25 41.39
C GLY F 151 -17.06 -0.50 42.47
N SER F 152 -16.01 0.24 42.10
CA SER F 152 -15.09 0.93 43.04
C SER F 152 -15.42 2.42 43.12
N GLY F 153 -14.83 3.10 44.11
CA GLY F 153 -14.85 4.57 44.28
C GLY F 153 -16.21 5.07 44.76
N GLY F 154 -16.97 4.20 45.42
CA GLY F 154 -18.24 4.58 46.07
C GLY F 154 -17.97 5.41 47.31
N SER F 155 -19.03 5.96 47.90
CA SER F 155 -19.02 6.68 49.20
C SER F 155 -20.24 6.24 50.01
N VAL F 156 -20.06 5.98 51.30
CA VAL F 156 -21.18 5.60 52.23
C VAL F 156 -21.37 6.74 53.23
N VAL F 157 -22.47 7.48 53.08
CA VAL F 157 -22.81 8.63 53.98
C VAL F 157 -23.95 8.17 54.90
N ALA F 158 -23.80 8.41 56.20
CA ALA F 158 -24.75 7.98 57.24
C ALA F 158 -25.09 9.17 58.15
N ASP F 159 -26.38 9.50 58.27
CA ASP F 159 -26.92 10.49 59.22
C ASP F 159 -27.70 9.71 60.29
N ASP F 160 -28.55 10.36 61.07
CA ASP F 160 -29.39 9.73 62.12
C ASP F 160 -30.69 9.21 61.50
N ASP F 161 -30.90 9.46 60.21
CA ASP F 161 -32.15 9.11 59.47
C ASP F 161 -31.94 7.83 58.67
N GLY F 162 -30.71 7.58 58.18
CA GLY F 162 -30.37 6.36 57.44
C GLY F 162 -28.99 6.41 56.79
N VAL F 163 -28.80 5.57 55.77
CA VAL F 163 -27.53 5.40 55.02
C VAL F 163 -27.86 5.51 53.53
N ARG F 164 -27.12 6.33 52.79
CA ARG F 164 -27.19 6.40 51.31
C ARG F 164 -25.78 6.10 50.78
N ILE F 165 -25.71 5.31 49.71
CA ILE F 165 -24.45 5.04 48.96
C ILE F 165 -24.44 5.96 47.76
N GLU F 166 -23.46 6.86 47.68
CA GLU F 166 -23.41 8.02 46.76
C GLU F 166 -22.20 7.90 45.85
N GLY F 167 -22.03 8.91 45.00
CA GLY F 167 -20.84 9.16 44.17
C GLY F 167 -20.95 8.36 42.89
N PRO F 168 -20.13 8.65 41.86
CA PRO F 168 -20.06 7.79 40.68
C PRO F 168 -19.24 6.53 41.02
N PHE F 169 -19.53 5.42 40.33
CA PHE F 169 -18.85 4.12 40.51
C PHE F 169 -18.02 3.81 39.27
N ALA F 170 -16.79 3.34 39.47
CA ALA F 170 -15.90 2.87 38.39
C ALA F 170 -16.03 1.35 38.27
N HIS F 171 -16.88 0.87 37.36
CA HIS F 171 -17.05 -0.59 37.10
C HIS F 171 -15.96 -1.10 36.17
N GLY F 172 -15.28 -2.18 36.58
CA GLY F 172 -14.21 -2.83 35.81
C GLY F 172 -14.18 -4.32 36.11
N VAL F 173 -13.94 -5.14 35.10
CA VAL F 173 -13.71 -6.61 35.28
C VAL F 173 -12.34 -6.79 35.92
N LEU F 174 -12.24 -7.68 36.91
CA LEU F 174 -10.99 -7.95 37.66
C LEU F 174 -10.33 -9.23 37.15
N LEU F 175 -11.10 -10.30 36.97
CA LEU F 175 -10.52 -11.63 36.62
C LEU F 175 -11.44 -12.36 35.64
N GLU F 176 -10.81 -13.10 34.72
CA GLU F 176 -11.47 -14.08 33.82
C GLU F 176 -10.65 -15.36 33.88
N PRO F 177 -11.28 -16.54 33.68
CA PRO F 177 -10.59 -17.81 33.84
C PRO F 177 -9.40 -17.93 32.87
N ASP F 178 -8.27 -18.46 33.35
CA ASP F 178 -7.00 -18.56 32.58
C ASP F 178 -7.07 -19.72 31.59
N GLY F 179 -7.89 -20.74 31.85
CA GLY F 179 -8.05 -21.92 30.97
C GLY F 179 -7.12 -23.05 31.34
N GLU F 180 -6.19 -22.84 32.28
CA GLU F 180 -5.20 -23.84 32.75
C GLU F 180 -5.51 -24.28 34.18
N ARG F 181 -5.62 -23.33 35.13
CA ARG F 181 -5.98 -23.61 36.56
C ARG F 181 -7.50 -23.53 36.74
N TYR F 182 -8.17 -22.67 35.96
CA TYR F 182 -9.62 -22.38 36.04
C TYR F 182 -10.28 -22.49 34.66
N GLU F 183 -11.27 -23.38 34.54
CA GLU F 183 -11.98 -23.74 33.28
C GLU F 183 -12.72 -22.51 32.76
N ARG F 184 -12.63 -22.26 31.44
CA ARG F 184 -13.39 -21.26 30.65
C ARG F 184 -14.62 -21.92 30.04
N GLU F 185 -15.55 -21.12 29.51
CA GLU F 185 -16.88 -21.61 29.03
C GLU F 185 -16.69 -22.65 27.93
N GLU F 186 -15.71 -22.44 27.04
CA GLU F 186 -15.33 -23.32 25.91
C GLU F 186 -15.05 -24.74 26.42
N GLN F 187 -14.29 -24.86 27.52
CA GLN F 187 -13.79 -26.15 28.07
C GLN F 187 -14.92 -26.91 28.80
N SER F 188 -16.06 -26.26 29.06
CA SER F 188 -17.16 -26.79 29.89
C SER F 188 -17.71 -28.09 29.29
N ARG F 189 -17.48 -29.22 29.96
CA ARG F 189 -18.18 -30.51 29.72
C ARG F 189 -19.32 -30.64 30.71
N GLY F 190 -20.41 -31.32 30.32
CA GLY F 190 -21.65 -31.42 31.11
C GLY F 190 -22.30 -30.07 31.35
N MET F 191 -22.55 -29.72 32.61
CA MET F 191 -23.29 -28.51 33.02
C MET F 191 -22.43 -27.26 32.75
N ILE F 192 -23.07 -26.08 32.83
CA ILE F 192 -22.44 -24.77 32.53
C ILE F 192 -21.31 -24.52 33.54
N TYR F 193 -20.18 -23.97 33.06
CA TYR F 193 -19.02 -23.63 33.90
C TYR F 193 -19.40 -22.55 34.92
N THR F 194 -18.59 -22.42 35.96
CA THR F 194 -18.73 -21.42 37.04
C THR F 194 -17.43 -20.61 37.13
N PHE F 195 -17.59 -19.29 37.33
CA PHE F 195 -16.48 -18.36 37.63
C PHE F 195 -17.07 -17.09 38.25
N ARG F 196 -17.50 -17.19 39.50
CA ARG F 196 -18.38 -16.17 40.14
C ARG F 196 -18.12 -16.09 41.65
N ASP F 197 -18.89 -15.22 42.31
CA ASP F 197 -19.00 -15.13 43.78
C ASP F 197 -17.64 -14.72 44.34
N PRO F 198 -17.12 -13.54 43.94
CA PRO F 198 -15.83 -13.04 44.45
C PRO F 198 -15.97 -12.52 45.88
N TRP F 199 -15.24 -13.13 46.81
CA TRP F 199 -15.29 -12.80 48.25
C TRP F 199 -13.93 -12.27 48.69
N PHE F 200 -13.88 -10.99 49.10
CA PHE F 200 -12.65 -10.31 49.57
C PHE F 200 -12.28 -10.85 50.94
N PHE F 201 -10.97 -11.02 51.19
CA PHE F 201 -10.44 -11.64 52.42
C PHE F 201 -8.99 -11.21 52.66
N GLU F 202 -8.75 -10.52 53.78
CA GLU F 202 -7.39 -10.23 54.30
C GLU F 202 -7.06 -11.29 55.35
N ASP F 203 -5.97 -12.05 55.12
CA ASP F 203 -5.47 -13.09 56.05
C ASP F 203 -4.95 -12.39 57.31
N PRO F 204 -5.55 -12.59 58.49
CA PRO F 204 -5.16 -11.87 59.69
C PRO F 204 -3.76 -12.27 60.17
N ARG F 205 -3.25 -13.40 59.69
CA ARG F 205 -1.87 -13.88 59.98
C ARG F 205 -0.88 -13.20 59.03
N SER F 206 -0.93 -13.50 57.72
CA SER F 206 0.05 -12.99 56.73
C SER F 206 -0.10 -11.47 56.56
N GLY F 207 -1.31 -10.92 56.71
CA GLY F 207 -1.63 -9.53 56.31
C GLY F 207 -1.87 -9.42 54.81
N LYS F 208 -1.58 -10.49 54.04
CA LYS F 208 -1.71 -10.53 52.55
C LYS F 208 -3.20 -10.45 52.19
N THR F 209 -3.52 -9.84 51.03
CA THR F 209 -4.92 -9.64 50.59
C THR F 209 -5.24 -10.66 49.49
N TYR F 210 -6.36 -11.37 49.65
CA TYR F 210 -6.83 -12.42 48.72
C TYR F 210 -8.28 -12.12 48.30
N LEU F 211 -8.68 -12.74 47.20
CA LEU F 211 -10.06 -12.75 46.68
C LEU F 211 -10.41 -14.20 46.31
N LEU F 212 -11.28 -14.84 47.10
CA LEU F 212 -11.81 -16.20 46.82
C LEU F 212 -12.95 -16.09 45.80
N PHE F 213 -13.18 -17.16 45.05
CA PHE F 213 -14.29 -17.28 44.07
C PHE F 213 -14.56 -18.76 43.80
N GLU F 214 -15.76 -19.01 43.29
CA GLU F 214 -16.17 -20.34 42.81
C GLU F 214 -15.73 -20.45 41.36
N ALA F 215 -15.08 -21.54 41.00
CA ALA F 215 -14.66 -21.87 39.63
C ALA F 215 -14.79 -23.36 39.39
N ASN F 216 -14.33 -23.81 38.23
CA ASN F 216 -14.11 -25.24 37.93
C ASN F 216 -12.65 -25.40 37.49
N THR F 217 -12.04 -26.55 37.79
CA THR F 217 -10.67 -26.89 37.32
C THR F 217 -10.83 -27.71 36.05
N PRO F 218 -10.22 -27.25 34.92
CA PRO F 218 -10.41 -27.93 33.64
C PRO F 218 -9.84 -29.34 33.71
N ILE F 219 -10.60 -30.31 33.17
CA ILE F 219 -10.19 -31.72 33.02
C ILE F 219 -10.29 -32.07 31.53
N PRO F 220 -9.15 -32.34 30.85
CA PRO F 220 -9.19 -32.78 29.46
C PRO F 220 -10.11 -33.99 29.27
N GLU F 221 -10.68 -34.17 28.09
CA GLU F 221 -11.65 -35.27 27.79
C GLU F 221 -11.06 -36.66 28.08
N GLY F 222 -9.92 -37.01 27.49
CA GLY F 222 -9.30 -38.32 27.66
C GLY F 222 -8.32 -38.28 28.82
N ALA F 223 -8.70 -37.69 29.97
CA ALA F 223 -7.72 -37.45 31.08
C ALA F 223 -7.59 -38.69 31.97
N GLY F 224 -8.67 -39.46 32.14
CA GLY F 224 -8.71 -40.61 33.08
C GLY F 224 -8.62 -40.16 34.54
N ALA F 225 -8.77 -38.86 34.82
CA ALA F 225 -8.58 -38.22 36.14
C ALA F 225 -9.64 -38.74 37.14
N CYS F 226 -10.61 -39.53 36.69
CA CYS F 226 -11.69 -40.12 37.55
C CYS F 226 -11.94 -41.57 37.12
N GLY F 227 -12.56 -42.37 38.00
CA GLY F 227 -12.87 -43.79 37.75
C GLY F 227 -14.10 -43.99 36.86
N ASP F 228 -14.58 -42.94 36.18
CA ASP F 228 -15.64 -42.97 35.15
C ASP F 228 -15.64 -41.62 34.43
N PRO F 229 -15.55 -41.60 33.07
CA PRO F 229 -15.50 -40.33 32.32
C PRO F 229 -16.59 -39.29 32.63
N VAL F 230 -17.81 -39.70 32.97
CA VAL F 230 -18.93 -38.74 33.25
C VAL F 230 -18.66 -37.98 34.56
N TRP F 231 -18.03 -38.63 35.54
CA TRP F 231 -17.64 -38.03 36.84
C TRP F 231 -16.74 -36.80 36.60
N GLU F 232 -15.91 -36.83 35.56
CA GLU F 232 -14.94 -35.74 35.22
C GLU F 232 -15.68 -34.42 34.91
N GLU F 233 -16.98 -34.47 34.59
CA GLU F 233 -17.81 -33.28 34.27
C GLU F 233 -18.02 -32.44 35.54
N PHE F 234 -17.94 -33.08 36.70
CA PHE F 234 -18.11 -32.47 38.05
C PHE F 234 -16.74 -32.05 38.59
N ASN F 235 -16.36 -30.82 38.27
CA ASN F 235 -14.99 -30.28 38.38
C ASN F 235 -15.01 -28.99 39.19
N GLY F 236 -15.93 -28.89 40.15
CA GLY F 236 -16.08 -27.72 41.03
C GLY F 236 -14.83 -27.47 41.84
N SER F 237 -14.52 -26.20 42.10
CA SER F 237 -13.31 -25.79 42.86
C SER F 237 -13.51 -24.41 43.48
N VAL F 238 -12.81 -24.17 44.58
CA VAL F 238 -12.69 -22.84 45.23
C VAL F 238 -11.38 -22.23 44.78
N GLY F 239 -11.46 -21.26 43.88
CA GLY F 239 -10.30 -20.51 43.37
C GLY F 239 -9.97 -19.37 44.30
N ILE F 240 -8.75 -18.85 44.19
CA ILE F 240 -8.26 -17.70 45.00
C ILE F 240 -7.29 -16.89 44.14
N ALA F 241 -7.31 -15.58 44.30
CA ALA F 241 -6.38 -14.62 43.66
C ALA F 241 -5.72 -13.80 44.76
N HIS F 242 -4.55 -13.23 44.49
CA HIS F 242 -3.73 -12.45 45.45
C HIS F 242 -3.52 -11.05 44.90
N SER F 243 -3.52 -10.04 45.75
CA SER F 243 -3.09 -8.64 45.43
C SER F 243 -1.75 -8.40 46.12
N PRO F 244 -0.63 -8.33 45.37
CA PRO F 244 0.68 -8.08 46.00
C PRO F 244 0.73 -6.70 46.68
N THR F 245 0.14 -5.70 46.02
CA THR F 245 0.04 -4.29 46.47
C THR F 245 -1.00 -4.13 47.59
N GLY F 246 -1.99 -4.99 47.69
CA GLY F 246 -3.08 -4.79 48.67
C GLY F 246 -4.18 -3.88 48.11
N ASP F 247 -3.93 -3.23 46.96
CA ASP F 247 -4.98 -2.59 46.13
C ASP F 247 -6.11 -3.60 45.91
N PRO F 248 -7.37 -3.27 46.27
CA PRO F 248 -8.51 -4.16 46.03
C PRO F 248 -8.94 -4.37 44.58
N THR F 249 -8.22 -3.81 43.60
CA THR F 249 -8.57 -3.89 42.15
C THR F 249 -7.44 -4.50 41.30
N ASP F 250 -6.32 -4.89 41.91
CA ASP F 250 -5.14 -5.51 41.25
C ASP F 250 -4.98 -6.94 41.78
N TRP F 251 -5.24 -7.95 40.97
CA TRP F 251 -5.26 -9.38 41.39
C TRP F 251 -4.44 -10.24 40.43
N GLU F 252 -3.76 -11.25 40.94
CA GLU F 252 -3.11 -12.32 40.15
C GLU F 252 -3.70 -13.66 40.59
N LEU F 253 -4.13 -14.50 39.64
CA LEU F 253 -4.70 -15.84 39.93
C LEU F 253 -3.63 -16.69 40.66
N CYS F 254 -4.05 -17.43 41.68
CA CYS F 254 -3.23 -18.47 42.37
C CYS F 254 -3.86 -19.83 42.09
N ASP F 255 -3.24 -20.90 42.59
CA ASP F 255 -3.78 -22.28 42.47
C ASP F 255 -5.00 -22.38 43.39
N PRO F 256 -6.00 -23.21 43.04
CA PRO F 256 -7.23 -23.30 43.81
C PRO F 256 -6.99 -23.84 45.21
N LEU F 257 -7.79 -23.39 46.20
CA LEU F 257 -7.70 -23.79 47.63
C LEU F 257 -8.15 -25.24 47.77
N LEU F 258 -9.19 -25.62 47.03
CA LEU F 258 -9.89 -26.91 47.16
C LEU F 258 -10.58 -27.23 45.84
N GLU F 259 -10.61 -28.53 45.47
CA GLU F 259 -11.38 -29.05 44.30
C GLU F 259 -12.30 -30.20 44.74
N GLY F 260 -13.49 -30.27 44.13
CA GLY F 260 -14.45 -31.37 44.33
C GLY F 260 -14.56 -32.23 43.09
N ILE F 261 -13.44 -32.53 42.45
CA ILE F 261 -13.40 -33.31 41.17
C ILE F 261 -13.97 -34.69 41.45
N CYS F 262 -14.87 -35.14 40.57
CA CYS F 262 -15.63 -36.40 40.66
C CYS F 262 -16.71 -36.33 41.76
N VAL F 263 -16.95 -35.15 42.36
CA VAL F 263 -17.87 -35.03 43.53
C VAL F 263 -18.96 -34.00 43.25
N ASN F 264 -18.63 -32.76 42.88
CA ASN F 264 -19.66 -31.69 42.76
C ASN F 264 -19.20 -30.64 41.74
N GLN F 265 -20.14 -30.05 41.00
CA GLN F 265 -19.88 -29.03 39.94
C GLN F 265 -19.86 -27.64 40.59
N GLU F 266 -20.78 -27.38 41.52
CA GLU F 266 -21.01 -26.03 42.08
C GLU F 266 -20.61 -26.04 43.56
N LEU F 267 -19.43 -25.49 43.87
CA LEU F 267 -18.99 -25.13 45.26
C LEU F 267 -19.23 -23.63 45.43
N GLU F 268 -20.48 -23.24 45.73
CA GLU F 268 -20.97 -21.86 45.60
C GLU F 268 -20.57 -20.99 46.80
N ARG F 269 -20.56 -19.68 46.59
CA ARG F 269 -20.28 -18.60 47.57
C ARG F 269 -19.28 -19.10 48.60
N PRO F 270 -18.01 -19.30 48.19
CA PRO F 270 -16.96 -19.76 49.09
C PRO F 270 -16.55 -18.55 49.93
N HIS F 271 -16.20 -18.80 51.18
CA HIS F 271 -15.72 -17.79 52.16
C HIS F 271 -14.99 -18.51 53.29
N VAL F 272 -14.10 -17.79 53.96
CA VAL F 272 -13.24 -18.30 55.07
C VAL F 272 -13.60 -17.55 56.34
N VAL F 273 -13.78 -18.31 57.42
CA VAL F 273 -13.86 -17.77 58.80
C VAL F 273 -12.62 -18.30 59.52
N VAL F 274 -11.81 -17.41 60.08
CA VAL F 274 -10.62 -17.78 60.91
C VAL F 274 -11.04 -17.77 62.37
N ARG F 275 -10.79 -18.84 63.10
CA ARG F 275 -11.19 -18.99 64.52
C ARG F 275 -10.06 -19.64 65.30
N ASN F 276 -9.47 -18.94 66.26
CA ASN F 276 -8.36 -19.44 67.10
C ASN F 276 -7.30 -20.14 66.24
N GLY F 277 -6.80 -19.51 65.17
CA GLY F 277 -5.65 -20.03 64.43
C GLY F 277 -5.98 -21.15 63.45
N PHE F 278 -7.27 -21.44 63.27
CA PHE F 278 -7.74 -22.35 62.21
C PHE F 278 -8.58 -21.61 61.16
N TYR F 279 -8.45 -22.08 59.92
CA TYR F 279 -9.11 -21.54 58.71
C TYR F 279 -10.23 -22.51 58.33
N TYR F 280 -11.47 -22.09 58.53
CA TYR F 280 -12.68 -22.83 58.09
C TYR F 280 -13.10 -22.27 56.74
N LEU F 281 -13.10 -23.12 55.72
CA LEU F 281 -13.57 -22.78 54.35
C LEU F 281 -14.98 -23.37 54.17
N PHE F 282 -15.95 -22.51 53.87
CA PHE F 282 -17.37 -22.87 53.73
C PHE F 282 -17.82 -22.63 52.29
N VAL F 283 -18.60 -23.57 51.76
CA VAL F 283 -19.25 -23.49 50.42
C VAL F 283 -20.67 -24.04 50.55
N SER F 284 -21.62 -23.38 49.89
CA SER F 284 -23.03 -23.83 49.74
C SER F 284 -23.11 -24.65 48.44
N SER F 285 -23.76 -25.81 48.47
CA SER F 285 -23.89 -26.69 47.29
C SER F 285 -25.31 -27.25 47.16
N HIS F 286 -25.69 -27.67 45.95
CA HIS F 286 -27.00 -28.27 45.64
C HIS F 286 -26.93 -29.79 45.66
N ASP F 287 -28.08 -30.45 45.76
CA ASP F 287 -28.24 -31.91 45.63
C ASP F 287 -28.04 -32.31 44.16
N HIS F 288 -28.51 -31.49 43.22
CA HIS F 288 -28.53 -31.82 41.77
C HIS F 288 -27.14 -31.62 41.16
N THR F 289 -26.22 -30.97 41.86
CA THR F 289 -24.85 -30.69 41.33
C THR F 289 -23.87 -31.75 41.82
N PHE F 290 -24.34 -32.79 42.51
CA PHE F 290 -23.49 -33.92 42.95
C PHE F 290 -23.33 -34.88 41.78
N ALA F 291 -22.12 -35.41 41.62
CA ALA F 291 -21.77 -36.44 40.61
C ALA F 291 -22.62 -37.69 40.86
N PRO F 292 -22.92 -38.48 39.82
CA PRO F 292 -23.69 -39.72 39.97
C PRO F 292 -23.00 -40.70 40.94
N GLY F 293 -23.83 -41.48 41.65
CA GLY F 293 -23.39 -42.45 42.69
C GLY F 293 -23.28 -41.80 44.05
N LEU F 294 -23.32 -40.46 44.12
CA LEU F 294 -23.26 -39.67 45.37
C LEU F 294 -24.63 -39.05 45.62
N GLU F 295 -25.03 -39.00 46.88
CA GLU F 295 -26.31 -38.39 47.32
C GLU F 295 -25.99 -37.46 48.50
N GLY F 296 -26.05 -36.16 48.24
CA GLY F 296 -25.96 -35.13 49.28
C GLY F 296 -27.11 -34.14 49.14
N PRO F 297 -27.57 -33.51 50.25
CA PRO F 297 -28.60 -32.49 50.18
C PRO F 297 -28.07 -31.08 49.89
N ASP F 298 -28.96 -30.20 49.37
CA ASP F 298 -28.78 -28.73 49.44
C ASP F 298 -28.27 -28.43 50.85
N GLY F 299 -27.08 -27.85 50.99
CA GLY F 299 -26.49 -27.59 52.31
C GLY F 299 -25.23 -26.75 52.26
N LEU F 300 -24.80 -26.29 53.43
CA LEU F 300 -23.47 -25.65 53.64
C LEU F 300 -22.46 -26.74 53.98
N TYR F 301 -21.43 -26.86 53.16
CA TYR F 301 -20.31 -27.82 53.37
C TYR F 301 -19.09 -27.02 53.80
N GLY F 302 -18.21 -27.67 54.58
CA GLY F 302 -17.14 -26.96 55.30
C GLY F 302 -15.90 -27.81 55.43
N PHE F 303 -14.75 -27.14 55.41
CA PHE F 303 -13.42 -27.75 55.51
C PHE F 303 -12.54 -26.88 56.41
N VAL F 304 -11.49 -27.47 56.97
CA VAL F 304 -10.63 -26.80 57.98
C VAL F 304 -9.16 -27.13 57.69
N ALA F 305 -8.30 -26.14 57.88
CA ALA F 305 -6.83 -26.27 57.80
C ALA F 305 -6.18 -25.30 58.79
N ASP F 306 -4.87 -25.44 59.03
CA ASP F 306 -4.10 -24.60 59.98
C ASP F 306 -3.64 -23.33 59.27
N SER F 307 -3.81 -23.23 57.95
CA SER F 307 -3.39 -22.04 57.15
C SER F 307 -4.40 -21.79 56.02
N LEU F 308 -4.43 -20.59 55.45
CA LEU F 308 -5.41 -20.21 54.40
C LEU F 308 -5.24 -21.15 53.19
N ARG F 309 -4.00 -21.43 52.80
CA ARG F 309 -3.71 -22.25 51.60
C ARG F 309 -3.21 -23.62 52.07
N GLY F 310 -3.74 -24.11 53.18
CA GLY F 310 -3.35 -25.38 53.81
C GLY F 310 -4.08 -26.58 53.22
N GLU F 311 -3.80 -27.76 53.80
CA GLU F 311 -4.41 -29.07 53.43
C GLU F 311 -5.78 -29.15 54.11
N TYR F 312 -6.78 -28.54 53.49
CA TYR F 312 -8.18 -28.58 53.97
C TYR F 312 -8.66 -30.02 54.08
N ARG F 313 -9.32 -30.35 55.19
CA ARG F 313 -10.02 -31.63 55.42
C ARG F 313 -11.48 -31.33 55.73
N PRO F 314 -12.41 -32.21 55.34
CA PRO F 314 -13.84 -31.93 55.51
C PRO F 314 -14.27 -32.01 56.98
N LEU F 315 -15.12 -31.05 57.39
CA LEU F 315 -15.76 -31.03 58.72
C LEU F 315 -16.71 -32.21 58.86
N ASN F 316 -16.81 -32.78 60.06
CA ASN F 316 -17.75 -33.87 60.37
C ASN F 316 -17.48 -35.08 59.47
N GLY F 317 -16.29 -35.21 58.91
CA GLY F 317 -15.88 -36.39 58.10
C GLY F 317 -16.38 -36.31 56.67
N SER F 318 -17.63 -35.91 56.45
CA SER F 318 -18.31 -35.87 55.13
C SER F 318 -18.16 -34.50 54.48
N GLY F 319 -18.10 -33.44 55.30
CA GLY F 319 -18.07 -32.05 54.82
C GLY F 319 -19.37 -31.33 55.10
N LEU F 320 -20.45 -32.07 55.34
CA LEU F 320 -21.78 -31.47 55.63
C LEU F 320 -21.73 -30.81 56.99
N VAL F 321 -22.00 -29.50 57.02
CA VAL F 321 -21.99 -28.65 58.25
C VAL F 321 -23.43 -28.35 58.67
N LEU F 322 -24.28 -28.02 57.70
CA LEU F 322 -25.65 -27.50 57.95
C LEU F 322 -26.51 -27.79 56.72
N THR F 323 -27.76 -28.22 56.93
CA THR F 323 -28.71 -28.58 55.85
C THR F 323 -30.15 -28.38 56.34
N ASN F 324 -31.10 -28.45 55.41
CA ASN F 324 -32.55 -28.35 55.67
C ASN F 324 -33.09 -29.73 56.04
N PRO F 325 -34.22 -29.83 56.75
CA PRO F 325 -34.82 -31.12 57.06
C PRO F 325 -35.35 -31.79 55.78
N ALA F 326 -35.45 -33.12 55.79
CA ALA F 326 -35.91 -33.94 54.64
C ALA F 326 -37.31 -33.49 54.19
N ASN F 327 -38.17 -33.08 55.12
CA ASN F 327 -39.59 -32.71 54.84
C ASN F 327 -39.72 -31.22 54.46
N ALA F 328 -38.62 -30.47 54.27
CA ALA F 328 -38.60 -29.09 53.73
C ALA F 328 -37.24 -28.78 53.10
N PRO F 329 -36.78 -29.63 52.14
CA PRO F 329 -35.36 -29.74 51.83
C PRO F 329 -34.76 -28.56 51.06
N TYR F 330 -35.58 -27.62 50.59
CA TYR F 330 -35.11 -26.48 49.80
C TYR F 330 -35.45 -25.16 50.49
N GLN F 331 -35.76 -25.20 51.79
CA GLN F 331 -36.32 -24.03 52.53
C GLN F 331 -35.28 -22.91 52.64
N ALA F 332 -33.99 -23.23 52.60
CA ALA F 332 -32.90 -22.22 52.69
C ALA F 332 -31.75 -22.59 51.77
N TYR F 333 -30.92 -21.60 51.46
CA TYR F 333 -29.71 -21.76 50.62
C TYR F 333 -28.84 -20.51 50.75
N SER F 334 -27.63 -20.56 50.17
CA SER F 334 -26.67 -19.44 50.00
C SER F 334 -26.30 -18.89 51.37
N TRP F 335 -25.87 -19.81 52.24
CA TRP F 335 -25.42 -19.55 53.63
C TRP F 335 -24.04 -18.88 53.59
N VAL F 336 -23.87 -17.90 54.48
CA VAL F 336 -22.62 -17.13 54.73
C VAL F 336 -22.36 -17.18 56.25
N ALA F 337 -21.23 -17.77 56.64
CA ALA F 337 -20.84 -17.97 58.05
C ALA F 337 -19.98 -16.79 58.49
N PHE F 338 -20.12 -16.37 59.76
CA PHE F 338 -19.32 -15.26 60.35
C PHE F 338 -19.25 -15.47 61.86
N SER F 339 -18.13 -15.10 62.45
CA SER F 339 -17.84 -15.28 63.89
C SER F 339 -18.67 -14.28 64.69
N HIS F 340 -19.10 -14.69 65.88
CA HIS F 340 -19.69 -13.80 66.91
C HIS F 340 -19.31 -14.36 68.28
N ARG F 341 -18.25 -13.81 68.88
CA ARG F 341 -17.71 -14.28 70.17
C ARG F 341 -17.34 -15.76 70.00
N GLU F 342 -17.81 -16.65 70.90
CA GLU F 342 -17.41 -18.08 70.89
C GLU F 342 -18.30 -18.87 69.92
N GLU F 343 -19.26 -18.20 69.24
CA GLU F 343 -20.20 -18.87 68.32
C GLU F 343 -19.81 -18.59 66.86
N LEU F 344 -20.34 -19.43 65.96
CA LEU F 344 -20.40 -19.16 64.51
C LEU F 344 -21.87 -18.96 64.15
N LEU F 345 -22.19 -17.83 63.50
CA LEU F 345 -23.54 -17.55 62.99
C LEU F 345 -23.53 -17.78 61.48
N VAL F 346 -24.67 -18.20 60.94
CA VAL F 346 -24.79 -18.57 59.51
C VAL F 346 -26.11 -17.96 59.02
N SER F 347 -26.03 -17.10 58.01
CA SER F 347 -27.21 -16.42 57.40
C SER F 347 -27.39 -16.90 55.96
N GLY F 348 -28.46 -17.64 55.70
CA GLY F 348 -28.95 -17.94 54.34
C GLY F 348 -30.15 -17.08 53.99
N PHE F 349 -30.84 -17.40 52.91
CA PHE F 349 -32.12 -16.77 52.54
C PHE F 349 -33.20 -17.86 52.51
N PHE F 350 -34.46 -17.43 52.64
CA PHE F 350 -35.65 -18.28 52.65
C PHE F 350 -36.00 -18.62 51.20
N ASN F 351 -35.76 -19.86 50.78
CA ASN F 351 -35.76 -20.29 49.36
C ASN F 351 -37.16 -20.82 48.99
N TYR F 352 -37.30 -22.12 48.70
CA TYR F 352 -38.59 -22.75 48.30
C TYR F 352 -39.14 -23.57 49.47
N TYR F 353 -40.41 -23.33 49.80
CA TYR F 353 -41.13 -24.03 50.90
C TYR F 353 -42.53 -24.41 50.42
N ASP F 354 -43.19 -25.29 51.17
CA ASP F 354 -44.59 -25.72 50.92
C ASP F 354 -44.66 -26.43 49.56
N LEU F 355 -43.64 -27.18 49.19
CA LEU F 355 -43.62 -27.96 47.92
C LEU F 355 -44.44 -29.24 48.12
N GLY F 356 -44.81 -29.56 49.35
CA GLY F 356 -45.51 -30.81 49.71
C GLY F 356 -44.60 -32.00 49.51
N GLY F 357 -44.36 -32.41 48.28
CA GLY F 357 -43.36 -33.43 47.93
C GLY F 357 -42.79 -33.20 46.55
N LEU F 358 -43.20 -32.14 45.87
CA LEU F 358 -42.81 -31.83 44.47
C LEU F 358 -41.32 -31.55 44.44
N THR F 359 -40.64 -31.91 43.34
CA THR F 359 -39.23 -31.51 43.07
C THR F 359 -39.24 -30.09 42.52
N LEU F 360 -38.08 -29.43 42.49
CA LEU F 360 -37.95 -28.02 42.05
C LEU F 360 -38.30 -27.91 40.56
N ASP F 361 -37.93 -28.91 39.76
CA ASP F 361 -38.28 -28.98 38.31
C ASP F 361 -39.80 -28.90 38.19
N ASP F 362 -40.51 -29.67 39.02
CA ASP F 362 -41.99 -29.80 39.00
C ASP F 362 -42.64 -28.45 39.35
N VAL F 363 -41.94 -27.53 40.02
CA VAL F 363 -42.51 -26.21 40.45
C VAL F 363 -42.73 -25.33 39.22
N ALA F 364 -41.97 -25.55 38.13
CA ALA F 364 -42.15 -24.87 36.83
C ALA F 364 -43.50 -25.26 36.19
N THR F 365 -44.06 -26.45 36.51
CA THR F 365 -45.40 -26.92 36.06
C THR F 365 -46.49 -25.93 36.51
N LEU F 366 -46.44 -25.52 37.78
CA LEU F 366 -47.57 -24.87 38.50
C LEU F 366 -47.91 -23.52 37.88
N SER F 367 -49.10 -23.00 38.18
CA SER F 367 -49.58 -21.66 37.76
C SER F 367 -48.61 -20.61 38.31
N PRO F 368 -48.46 -19.45 37.65
CA PRO F 368 -47.64 -18.36 38.19
C PRO F 368 -47.88 -18.04 39.67
N ASP F 369 -49.14 -17.94 40.09
CA ASP F 369 -49.52 -17.59 41.49
C ASP F 369 -49.04 -18.68 42.46
N GLU F 370 -49.14 -19.95 42.05
CA GLU F 370 -48.76 -21.13 42.88
C GLU F 370 -47.24 -21.18 43.02
N GLN F 371 -46.49 -20.67 42.04
CA GLN F 371 -45.00 -20.64 42.05
C GLN F 371 -44.52 -19.56 43.03
N ARG F 372 -45.03 -18.34 42.92
CA ARG F 372 -44.66 -17.20 43.81
C ARG F 372 -45.05 -17.51 45.26
N ALA F 373 -46.06 -18.36 45.45
CA ALA F 373 -46.59 -18.74 46.78
C ALA F 373 -45.60 -19.64 47.53
N LYS F 374 -44.63 -20.23 46.82
CA LYS F 374 -43.70 -21.26 47.36
C LYS F 374 -42.26 -20.72 47.41
N PHE F 375 -42.08 -19.41 47.32
CA PHE F 375 -40.74 -18.76 47.37
C PHE F 375 -40.76 -17.63 48.38
N GLY F 376 -39.85 -17.71 49.35
CA GLY F 376 -39.69 -16.71 50.43
C GLY F 376 -39.21 -15.38 49.86
N GLY F 377 -37.93 -15.31 49.48
CA GLY F 377 -37.27 -14.07 49.02
C GLY F 377 -37.05 -13.10 50.17
N THR F 378 -36.73 -13.62 51.36
CA THR F 378 -36.28 -12.84 52.56
C THR F 378 -35.12 -13.59 53.22
N LEU F 379 -34.52 -12.98 54.23
CA LEU F 379 -33.45 -13.64 55.00
C LEU F 379 -34.05 -14.72 55.90
N ALA F 380 -33.37 -15.87 55.96
CA ALA F 380 -33.70 -17.02 56.82
C ALA F 380 -33.33 -16.67 58.26
N PRO F 381 -33.96 -17.32 59.27
CA PRO F 381 -33.52 -17.24 60.66
C PRO F 381 -32.05 -17.65 60.79
N THR F 382 -31.18 -16.76 61.30
CA THR F 382 -29.72 -16.98 61.28
C THR F 382 -29.43 -18.07 62.31
N VAL F 383 -28.66 -19.07 61.90
CA VAL F 383 -28.41 -20.31 62.69
C VAL F 383 -27.19 -20.03 63.55
N ARG F 384 -27.23 -20.48 64.80
CA ARG F 384 -26.07 -20.46 65.73
C ARG F 384 -25.47 -21.86 65.71
N VAL F 385 -24.18 -21.96 65.39
CA VAL F 385 -23.43 -23.25 65.40
C VAL F 385 -22.19 -23.09 66.29
N ALA F 386 -21.71 -24.21 66.81
CA ALA F 386 -20.51 -24.31 67.66
C ALA F 386 -19.51 -25.19 66.94
N LEU F 387 -18.31 -24.67 66.67
CA LEU F 387 -17.17 -25.42 66.09
C LEU F 387 -16.31 -25.96 67.22
N SER F 388 -15.72 -27.12 67.03
CA SER F 388 -14.80 -27.78 67.98
C SER F 388 -13.85 -28.63 67.14
N GLY F 389 -12.79 -28.03 66.62
CA GLY F 389 -11.87 -28.71 65.71
C GLY F 389 -12.47 -28.91 64.34
N ASP F 390 -12.49 -30.17 63.86
CA ASP F 390 -13.06 -30.57 62.56
C ASP F 390 -14.52 -31.01 62.74
N ARG F 391 -15.19 -30.60 63.82
CA ARG F 391 -16.59 -31.04 64.12
C ARG F 391 -17.45 -29.81 64.40
N THR F 392 -18.72 -29.86 63.96
CA THR F 392 -19.72 -28.77 64.13
C THR F 392 -20.99 -29.33 64.76
N ARG F 393 -21.81 -28.44 65.31
CA ARG F 393 -23.12 -28.79 65.91
C ARG F 393 -23.99 -27.53 65.91
N ILE F 394 -25.23 -27.64 65.39
CA ILE F 394 -26.28 -26.58 65.46
C ILE F 394 -26.66 -26.42 66.93
N THR F 395 -26.66 -25.19 67.44
CA THR F 395 -26.95 -24.86 68.87
C THR F 395 -28.32 -24.19 68.99
N GLY F 396 -28.78 -23.49 67.96
CA GLY F 396 -30.11 -22.86 67.92
C GLY F 396 -30.22 -21.86 66.79
N THR F 397 -31.20 -20.97 66.84
CA THR F 397 -31.45 -19.93 65.79
C THR F 397 -31.76 -18.59 66.44
N LEU F 398 -31.76 -17.54 65.63
CA LEU F 398 -32.16 -16.16 66.01
C LEU F 398 -33.32 -15.75 65.08
N SER F 399 -33.81 -14.52 65.22
CA SER F 399 -34.88 -13.95 64.36
C SER F 399 -34.42 -13.99 62.90
N HIS F 400 -35.37 -13.91 61.97
CA HIS F 400 -35.13 -13.84 60.50
C HIS F 400 -34.11 -12.75 60.21
N GLY F 401 -33.02 -13.12 59.51
CA GLY F 401 -31.95 -12.20 59.09
C GLY F 401 -31.49 -11.27 60.20
N ARG F 402 -31.24 -11.80 61.40
CA ARG F 402 -30.52 -11.04 62.44
C ARG F 402 -29.02 -11.17 62.16
N ILE F 403 -28.35 -10.07 61.83
CA ILE F 403 -26.88 -9.99 61.71
C ILE F 403 -26.36 -9.13 62.85
N PRO F 404 -25.93 -9.73 63.98
CA PRO F 404 -25.48 -8.99 65.15
C PRO F 404 -23.98 -8.65 65.09
N LEU F 405 -23.59 -7.56 65.75
CA LEU F 405 -22.18 -7.14 65.97
C LEU F 405 -21.64 -7.90 67.19
N GLU F 406 -20.31 -7.95 67.33
CA GLU F 406 -19.66 -8.65 68.47
C GLU F 406 -19.96 -7.89 69.76
N SER F 407 -20.25 -6.59 69.64
CA SER F 407 -20.59 -5.67 70.75
C SER F 407 -22.00 -5.94 71.29
N GLU F 408 -22.73 -6.91 70.75
CA GLU F 408 -24.14 -7.21 71.16
C GLU F 408 -24.21 -8.60 71.77
N GLU F 409 -24.93 -8.72 72.88
CA GLU F 409 -25.13 -9.99 73.61
C GLU F 409 -26.32 -10.72 72.97
N LEU F 410 -26.16 -12.00 72.65
CA LEU F 410 -27.26 -12.82 72.08
C LEU F 410 -27.98 -13.55 73.19
N PRO F 411 -29.28 -13.89 73.00
CA PRO F 411 -30.02 -14.69 73.98
C PRO F 411 -29.30 -15.98 74.36
N ASP F 412 -29.57 -16.52 75.56
CA ASP F 412 -28.87 -17.72 76.09
C ASP F 412 -29.34 -18.96 75.30
N LEU F 413 -28.55 -20.03 75.34
CA LEU F 413 -28.87 -21.31 74.67
C LEU F 413 -29.48 -22.31 75.65
N PRO F 414 -30.43 -23.15 75.18
CA PRO F 414 -31.08 -24.13 76.08
C PRO F 414 -30.14 -25.24 76.59
N ALA G 9 74.20 34.36 -56.99
CA ALA G 9 73.96 35.64 -56.26
C ALA G 9 73.22 35.32 -54.95
N THR G 10 73.94 34.94 -53.89
CA THR G 10 73.36 34.46 -52.61
C THR G 10 72.59 35.60 -51.93
N PRO G 11 71.34 35.35 -51.46
CA PRO G 11 70.60 36.34 -50.68
C PRO G 11 71.41 36.83 -49.46
N ARG G 12 71.36 38.12 -49.18
CA ARG G 12 72.24 38.75 -48.16
C ARG G 12 71.39 39.42 -47.08
N TRP G 13 71.68 39.09 -45.81
CA TRP G 13 71.34 39.92 -44.63
C TRP G 13 72.33 41.08 -44.60
N THR G 14 71.87 42.30 -44.91
CA THR G 14 72.74 43.46 -45.21
C THR G 14 72.87 44.35 -43.97
N ARG G 15 73.86 45.24 -43.98
CA ARG G 15 74.11 46.22 -42.88
C ARG G 15 72.92 47.19 -42.82
N GLU G 16 72.29 47.49 -43.96
CA GLU G 16 71.12 48.39 -43.99
C GLU G 16 70.00 47.75 -43.17
N HIS G 17 69.88 46.42 -43.20
CA HIS G 17 68.90 45.64 -42.39
C HIS G 17 69.29 45.77 -40.91
N ALA G 18 70.49 45.33 -40.55
CA ALA G 18 70.98 45.25 -39.16
C ALA G 18 70.94 46.63 -38.48
N SER G 19 71.14 47.70 -39.24
CA SER G 19 71.05 49.11 -38.74
C SER G 19 69.68 49.36 -38.09
N LYS G 20 68.63 48.67 -38.54
CA LYS G 20 67.23 48.88 -38.10
C LYS G 20 66.90 48.00 -36.88
N ILE G 21 67.79 47.08 -36.50
CA ILE G 21 67.55 46.14 -35.36
C ILE G 21 67.28 46.98 -34.11
N GLU G 22 66.29 46.59 -33.31
CA GLU G 22 65.78 47.38 -32.18
C GLU G 22 64.75 46.54 -31.42
N ARG G 23 64.88 46.45 -30.10
CA ARG G 23 63.86 45.79 -29.25
C ARG G 23 62.53 46.51 -29.42
N THR G 24 61.42 45.78 -29.56
CA THR G 24 60.05 46.32 -29.62
C THR G 24 59.11 45.42 -28.80
N ASP G 25 57.88 45.87 -28.58
CA ASP G 25 56.88 45.14 -27.76
C ASP G 25 56.51 43.85 -28.51
N GLU G 26 56.79 43.78 -29.81
CA GLU G 26 56.40 42.65 -30.68
C GLU G 26 57.50 41.58 -30.70
N THR G 27 58.71 41.89 -30.20
CA THR G 27 59.87 40.97 -30.33
C THR G 27 60.45 40.58 -28.96
N VAL G 28 59.97 41.17 -27.86
CA VAL G 28 60.62 40.94 -26.53
C VAL G 28 59.78 39.96 -25.74
N VAL G 29 60.39 38.85 -25.33
CA VAL G 29 59.72 37.77 -24.54
C VAL G 29 59.60 38.22 -23.09
N PRO G 30 58.65 37.67 -22.31
CA PRO G 30 58.56 37.98 -20.89
C PRO G 30 59.79 37.48 -20.13
N ILE G 31 59.97 37.99 -18.92
CA ILE G 31 61.05 37.54 -17.98
C ILE G 31 60.84 36.05 -17.72
N ILE G 32 61.93 35.29 -17.81
CA ILE G 32 61.94 33.84 -17.45
C ILE G 32 62.38 33.74 -15.99
N TYR G 33 61.56 33.09 -15.18
CA TYR G 33 61.79 32.73 -13.77
C TYR G 33 62.08 31.24 -13.71
N PRO G 34 63.02 30.75 -12.86
CA PRO G 34 63.42 29.35 -12.87
C PRO G 34 62.22 28.45 -12.54
N PRO G 35 62.11 27.26 -13.16
CA PRO G 35 60.95 26.40 -12.99
C PRO G 35 60.93 25.72 -11.62
N ARG G 36 59.73 25.34 -11.15
CA ARG G 36 59.47 24.78 -9.79
C ARG G 36 60.23 23.46 -9.61
N GLU G 37 60.29 22.61 -10.64
CA GLU G 37 60.96 21.28 -10.61
C GLU G 37 61.84 21.12 -11.86
N ASP G 38 63.00 20.46 -11.71
CA ASP G 38 63.92 20.08 -12.82
C ASP G 38 63.71 18.59 -13.12
N ALA G 39 63.78 18.19 -14.40
CA ALA G 39 63.72 16.78 -14.88
C ALA G 39 64.98 16.02 -14.44
N ALA G 40 66.13 16.68 -14.51
CA ALA G 40 67.48 16.15 -14.13
C ALA G 40 68.23 17.21 -13.33
N PRO G 41 68.13 17.23 -11.98
CA PRO G 41 68.77 18.25 -11.15
C PRO G 41 70.31 18.26 -11.26
N GLU G 42 70.91 17.08 -11.50
CA GLU G 42 72.39 16.88 -11.53
C GLU G 42 72.94 17.22 -12.92
N ILE G 43 72.11 17.66 -13.86
CA ILE G 43 72.52 17.91 -15.27
C ILE G 43 72.03 19.28 -15.72
N ASN G 44 72.91 20.02 -16.39
CA ASN G 44 72.59 21.25 -17.15
C ASN G 44 72.36 20.85 -18.62
N GLY G 45 71.27 21.32 -19.21
CA GLY G 45 70.91 21.05 -20.61
C GLY G 45 70.63 22.32 -21.37
N TRP G 46 71.14 22.41 -22.59
CA TRP G 46 70.90 23.55 -23.52
C TRP G 46 70.70 22.99 -24.94
N ASP G 47 70.58 23.88 -25.94
CA ASP G 47 70.60 23.54 -27.39
C ASP G 47 69.82 22.25 -27.63
N THR G 48 68.50 22.31 -27.55
CA THR G 48 67.61 21.11 -27.61
C THR G 48 66.98 21.05 -28.99
N TRP G 49 66.73 19.84 -29.49
CA TRP G 49 66.04 19.59 -30.79
C TRP G 49 65.07 18.42 -30.63
N PHE G 50 64.08 18.33 -31.54
CA PHE G 50 62.97 17.33 -31.44
C PHE G 50 63.25 16.15 -32.37
N LEU G 51 62.89 14.95 -31.90
CA LEU G 51 62.76 13.76 -32.77
C LEU G 51 61.56 14.01 -33.68
N ARG G 52 61.83 14.18 -34.98
CA ARG G 52 60.82 14.51 -36.00
C ARG G 52 60.67 13.31 -36.95
N GLU G 53 59.49 13.14 -37.54
CA GLU G 53 59.26 12.26 -38.72
C GLU G 53 59.90 12.94 -39.93
N ARG G 54 59.87 12.27 -41.08
CA ARG G 54 60.52 12.77 -42.33
C ARG G 54 59.86 14.09 -42.77
N ASP G 55 58.52 14.18 -42.70
CA ASP G 55 57.75 15.38 -43.15
C ASP G 55 58.08 16.58 -42.27
N GLY G 56 58.52 16.36 -41.02
CA GLY G 56 58.97 17.42 -40.10
C GLY G 56 58.14 17.46 -38.83
N SER G 57 56.96 16.84 -38.80
CA SER G 57 56.06 16.77 -37.62
C SER G 57 56.82 16.18 -36.44
N ILE G 58 56.50 16.57 -35.21
CA ILE G 58 57.09 15.97 -33.98
C ILE G 58 56.71 14.49 -33.99
N ALA G 59 57.70 13.59 -33.94
CA ALA G 59 57.47 12.13 -33.95
C ALA G 59 56.87 11.70 -32.61
N THR G 60 56.00 10.69 -32.67
CA THR G 60 55.27 10.11 -31.51
C THR G 60 55.43 8.58 -31.59
N VAL G 61 56.09 7.98 -30.60
CA VAL G 61 56.34 6.50 -30.51
C VAL G 61 55.60 5.96 -29.29
N GLY G 62 54.54 5.20 -29.51
CA GLY G 62 53.65 4.68 -28.44
C GLY G 62 53.15 5.78 -27.52
N GLY G 63 52.88 6.98 -28.05
CA GLY G 63 52.28 8.09 -27.30
C GLY G 63 53.30 8.98 -26.61
N TRP G 64 54.59 8.71 -26.82
CA TRP G 64 55.73 9.50 -26.29
C TRP G 64 56.33 10.39 -27.37
N ARG G 65 56.62 11.66 -27.02
CA ARG G 65 57.54 12.53 -27.80
C ARG G 65 58.94 12.32 -27.26
N VAL G 66 59.95 12.48 -28.12
CA VAL G 66 61.37 12.43 -27.69
C VAL G 66 62.02 13.76 -28.09
N ILE G 67 62.88 14.29 -27.22
CA ILE G 67 63.76 15.47 -27.52
C ILE G 67 65.18 15.12 -27.13
N PHE G 68 66.14 15.86 -27.69
CA PHE G 68 67.59 15.70 -27.46
C PHE G 68 68.17 17.02 -26.99
N SER G 69 69.08 17.00 -26.01
CA SER G 69 69.78 18.19 -25.46
C SER G 69 71.28 17.92 -25.45
N LEU G 70 72.07 18.97 -25.64
CA LEU G 70 73.49 19.01 -25.19
C LEU G 70 73.45 19.12 -23.67
N THR G 71 74.25 18.31 -22.98
CA THR G 71 74.25 18.21 -21.51
C THR G 71 75.68 18.17 -20.98
N ALA G 72 75.86 18.67 -19.77
CA ALA G 72 77.09 18.58 -18.96
C ALA G 72 76.67 18.43 -17.50
N PRO G 73 77.54 17.88 -16.63
CA PRO G 73 77.26 17.85 -15.20
C PRO G 73 76.99 19.27 -14.68
N ALA G 74 76.03 19.41 -13.77
CA ALA G 74 75.59 20.68 -13.16
C ALA G 74 76.72 21.33 -12.35
N ASP G 75 77.57 20.52 -11.73
CA ASP G 75 78.68 20.99 -10.86
C ASP G 75 79.77 21.66 -11.71
N LEU G 76 79.74 21.50 -13.04
CA LEU G 76 80.73 22.10 -13.97
C LEU G 76 80.45 23.60 -14.14
N LEU G 77 81.50 24.41 -14.32
CA LEU G 77 81.37 25.86 -14.60
C LEU G 77 80.62 26.04 -15.92
N PRO G 78 79.62 26.94 -16.00
CA PRO G 78 78.83 27.11 -17.21
C PRO G 78 79.69 27.44 -18.45
N GLY G 79 80.64 28.37 -18.32
CA GLY G 79 81.52 28.82 -19.41
C GLY G 79 82.26 27.67 -20.07
N LYS G 80 82.40 26.51 -19.41
CA LYS G 80 83.25 25.38 -19.85
C LYS G 80 82.43 24.18 -20.36
N ARG G 81 81.10 24.21 -20.24
CA ARG G 81 80.20 23.06 -20.58
C ARG G 81 80.41 22.63 -22.04
N HIS G 82 80.78 23.57 -22.90
CA HIS G 82 80.91 23.38 -24.38
C HIS G 82 82.07 22.44 -24.71
N ASP G 83 83.01 22.25 -23.79
CA ASP G 83 84.22 21.43 -24.03
C ASP G 83 83.91 19.96 -23.81
N VAL G 84 82.82 19.63 -23.12
CA VAL G 84 82.50 18.22 -22.71
C VAL G 84 81.02 17.91 -23.01
N ALA G 85 80.41 18.60 -23.96
CA ALA G 85 78.97 18.45 -24.30
C ALA G 85 78.69 17.00 -24.73
N GLU G 86 77.66 16.38 -24.15
CA GLU G 86 77.24 15.01 -24.52
C GLU G 86 75.73 15.03 -24.78
N ILE G 87 75.26 14.32 -25.80
CA ILE G 87 73.83 14.32 -26.22
C ILE G 87 73.08 13.33 -25.33
N ARG G 88 72.13 13.82 -24.52
CA ARG G 88 71.14 13.00 -23.80
C ARG G 88 69.79 13.15 -24.50
N TYR G 89 68.89 12.19 -24.30
CA TYR G 89 67.50 12.25 -24.78
C TYR G 89 66.56 12.28 -23.58
N PHE G 90 65.41 12.91 -23.76
CA PHE G 90 64.30 12.99 -22.78
C PHE G 90 63.01 12.61 -23.51
N TYR G 91 62.04 12.08 -22.77
CA TYR G 91 60.75 11.62 -23.33
C TYR G 91 59.61 12.09 -22.43
N SER G 92 58.45 12.35 -23.02
CA SER G 92 57.26 12.89 -22.33
C SER G 92 55.98 12.38 -23.00
N ARG G 93 54.95 12.12 -22.19
CA ARG G 93 53.61 11.66 -22.64
C ARG G 93 52.71 12.87 -22.96
N ASP G 94 52.92 14.03 -22.32
CA ASP G 94 52.07 15.25 -22.47
C ASP G 94 52.81 16.38 -23.19
N GLY G 95 54.13 16.50 -23.03
CA GLY G 95 54.89 17.60 -23.66
C GLY G 95 55.40 18.60 -22.65
N GLU G 96 55.09 18.39 -21.36
CA GLU G 96 55.46 19.27 -20.22
C GLU G 96 56.41 18.51 -19.28
N THR G 97 56.04 17.32 -18.82
CA THR G 97 56.75 16.57 -17.75
C THR G 97 57.74 15.58 -18.39
N TRP G 98 58.99 16.02 -18.61
CA TRP G 98 60.05 15.25 -19.33
C TRP G 98 60.80 14.33 -18.37
N PHE G 99 61.10 13.11 -18.81
CA PHE G 99 61.90 12.11 -18.06
C PHE G 99 63.28 11.97 -18.72
N ASP G 100 64.34 11.90 -17.92
CA ASP G 100 65.73 11.72 -18.42
C ASP G 100 65.88 10.31 -18.98
N GLY G 101 66.22 10.20 -20.26
CA GLY G 101 66.48 8.91 -20.94
C GLY G 101 67.95 8.51 -20.89
N GLY G 102 68.82 9.40 -20.40
CA GLY G 102 70.26 9.16 -20.34
C GLY G 102 70.95 9.45 -21.67
N PRO G 103 72.28 9.24 -21.77
CA PRO G 103 73.02 9.50 -23.00
C PRO G 103 72.43 8.67 -24.15
N VAL G 104 72.45 9.22 -25.37
CA VAL G 104 71.89 8.55 -26.57
C VAL G 104 72.92 7.58 -27.13
N PHE G 105 74.21 7.89 -26.96
CA PHE G 105 75.31 7.11 -27.58
C PHE G 105 76.11 6.31 -26.54
N GLU G 106 76.44 5.06 -26.93
CA GLU G 106 77.17 4.04 -26.13
C GLU G 106 78.67 4.29 -26.26
N GLY G 107 79.13 4.75 -27.43
CA GLY G 107 80.52 5.11 -27.72
C GLY G 107 80.73 5.16 -29.22
N GLY G 108 81.98 5.24 -29.69
CA GLY G 108 82.32 5.34 -31.12
C GLY G 108 81.82 6.64 -31.74
N THR G 109 81.48 7.63 -30.90
CA THR G 109 80.96 8.95 -31.34
C THR G 109 82.13 9.76 -31.91
N ARG G 110 81.89 10.51 -32.99
CA ARG G 110 82.91 11.34 -33.65
C ARG G 110 83.10 12.63 -32.86
N GLY G 111 84.32 13.17 -32.89
CA GLY G 111 84.71 14.41 -32.21
C GLY G 111 85.00 14.20 -30.74
N SER G 112 85.85 15.07 -30.17
CA SER G 112 86.19 15.13 -28.72
C SER G 112 84.90 15.28 -27.90
N ARG G 113 83.95 16.07 -28.42
CA ARG G 113 82.60 16.29 -27.84
C ARG G 113 81.60 16.57 -28.97
N GLN G 114 80.30 16.45 -28.69
CA GLN G 114 79.21 16.59 -29.70
C GLN G 114 78.45 17.90 -29.46
N TRP G 115 78.16 18.63 -30.53
CA TRP G 115 77.35 19.88 -30.52
C TRP G 115 76.03 19.64 -31.26
N ALA G 116 75.18 20.66 -31.32
CA ALA G 116 73.75 20.52 -31.66
C ALA G 116 73.59 19.99 -33.09
N GLY G 117 72.46 19.32 -33.34
CA GLY G 117 72.04 18.89 -34.69
C GLY G 117 70.54 18.75 -34.80
N SER G 118 70.08 17.56 -35.21
CA SER G 118 68.66 17.22 -35.48
C SER G 118 68.48 15.72 -35.32
N ALA G 119 67.23 15.26 -35.36
CA ALA G 119 66.85 13.85 -35.19
C ALA G 119 65.72 13.51 -36.15
N LEU G 120 65.88 12.36 -36.82
CA LEU G 120 64.92 11.83 -37.81
C LEU G 120 64.53 10.42 -37.39
N LEU G 121 63.25 10.17 -37.21
CA LEU G 121 62.68 8.80 -37.19
C LEU G 121 62.08 8.56 -38.57
N ASP G 122 62.80 7.81 -39.40
CA ASP G 122 62.47 7.63 -40.84
C ASP G 122 61.22 6.77 -40.96
N ASP G 123 60.65 6.69 -42.16
CA ASP G 123 59.42 5.91 -42.48
C ASP G 123 59.65 4.44 -42.11
N ASP G 124 60.87 3.94 -42.33
CA ASP G 124 61.28 2.52 -42.11
C ASP G 124 61.47 2.23 -40.62
N GLY G 125 61.42 3.22 -39.74
CA GLY G 125 61.56 3.04 -38.27
C GLY G 125 63.01 3.16 -37.79
N ARG G 126 63.97 3.33 -38.72
CA ARG G 126 65.41 3.59 -38.42
C ARG G 126 65.57 4.99 -37.83
N LEU G 127 66.46 5.15 -36.85
CA LEU G 127 66.71 6.43 -36.14
C LEU G 127 68.04 7.03 -36.62
N TYR G 128 68.04 8.30 -37.02
CA TYR G 128 69.25 9.07 -37.38
C TYR G 128 69.33 10.28 -36.44
N VAL G 129 70.41 10.37 -35.65
CA VAL G 129 70.72 11.53 -34.78
C VAL G 129 71.90 12.29 -35.41
N PHE G 130 71.60 13.31 -36.20
CA PHE G 130 72.60 14.25 -36.75
C PHE G 130 73.15 15.07 -35.59
N TYR G 131 74.47 15.31 -35.59
CA TYR G 131 75.16 16.14 -34.58
C TYR G 131 76.41 16.76 -35.19
N THR G 132 76.99 17.73 -34.48
CA THR G 132 78.29 18.35 -34.81
C THR G 132 79.39 17.60 -34.04
N ALA G 133 80.36 17.04 -34.75
CA ALA G 133 81.62 16.52 -34.18
C ALA G 133 82.59 17.70 -34.00
N SER G 134 82.72 18.17 -32.76
CA SER G 134 83.70 19.21 -32.36
C SER G 134 85.00 18.53 -31.91
N GLY G 135 86.14 19.01 -32.41
CA GLY G 135 87.45 18.38 -32.20
C GLY G 135 87.51 17.00 -32.85
N ARG G 136 88.47 16.18 -32.42
CA ARG G 136 88.66 14.77 -32.80
C ARG G 136 88.74 13.90 -31.55
N ALA G 137 88.17 12.69 -31.59
CA ALA G 137 88.04 11.77 -30.43
C ALA G 137 89.43 11.54 -29.80
N GLY G 138 89.52 11.71 -28.46
CA GLY G 138 90.72 11.44 -27.65
C GLY G 138 91.91 12.33 -28.02
N GLU G 139 91.66 13.53 -28.52
CA GLU G 139 92.72 14.49 -28.93
C GLU G 139 93.50 14.94 -27.68
N ALA G 140 94.77 15.34 -27.88
CA ALA G 140 95.73 15.77 -26.84
C ALA G 140 95.22 17.02 -26.12
N GLU G 141 95.18 18.16 -26.80
CA GLU G 141 94.58 19.43 -26.31
C GLU G 141 93.33 19.74 -27.13
N ILE G 142 92.36 20.47 -26.57
CA ILE G 142 91.03 20.77 -27.19
C ILE G 142 91.23 21.59 -28.48
N THR G 143 90.63 21.15 -29.59
CA THR G 143 90.62 21.85 -30.90
C THR G 143 89.17 22.21 -31.26
N TYR G 144 88.97 23.16 -32.18
CA TYR G 144 87.64 23.76 -32.50
C TYR G 144 87.26 23.42 -33.94
N GLU G 145 87.64 22.23 -34.41
CA GLU G 145 87.29 21.73 -35.76
C GLU G 145 85.91 21.08 -35.67
N GLN G 146 85.00 21.53 -36.53
CA GLN G 146 83.58 21.12 -36.56
C GLN G 146 83.32 20.42 -37.90
N ARG G 147 82.69 19.23 -37.85
CA ARG G 147 82.12 18.60 -39.06
C ARG G 147 80.77 17.97 -38.75
N LEU G 148 79.89 17.92 -39.76
CA LEU G 148 78.52 17.37 -39.67
C LEU G 148 78.62 15.84 -39.66
N ALA G 149 78.19 15.21 -38.58
CA ALA G 149 78.21 13.74 -38.43
C ALA G 149 76.78 13.25 -38.19
N VAL G 150 76.57 11.93 -38.24
CA VAL G 150 75.28 11.26 -37.91
C VAL G 150 75.58 9.96 -37.17
N GLY G 151 74.80 9.67 -36.13
CA GLY G 151 74.70 8.34 -35.51
C GLY G 151 73.48 7.65 -36.05
N SER G 152 73.65 6.71 -36.97
CA SER G 152 72.55 6.02 -37.70
C SER G 152 72.30 4.62 -37.12
N GLY G 153 71.20 4.01 -37.54
CA GLY G 153 70.85 2.60 -37.27
C GLY G 153 70.41 2.38 -35.84
N GLY G 154 69.93 3.43 -35.16
CA GLY G 154 69.32 3.29 -33.83
C GLY G 154 67.96 2.62 -33.91
N SER G 155 67.38 2.31 -32.76
CA SER G 155 65.98 1.87 -32.58
C SER G 155 65.39 2.59 -31.36
N VAL G 156 64.16 3.07 -31.48
CA VAL G 156 63.39 3.73 -30.38
C VAL G 156 62.24 2.80 -29.98
N VAL G 157 62.35 2.19 -28.80
CA VAL G 157 61.34 1.22 -28.27
C VAL G 157 60.60 1.91 -27.14
N ALA G 158 59.26 1.82 -27.15
CA ALA G 158 58.39 2.52 -26.17
C ALA G 158 57.40 1.53 -25.58
N ASP G 159 57.35 1.42 -24.25
CA ASP G 159 56.33 0.67 -23.48
C ASP G 159 55.45 1.70 -22.77
N ASP G 160 54.67 1.29 -21.76
CA ASP G 160 53.80 2.20 -20.96
C ASP G 160 54.60 2.81 -19.81
N ASP G 161 55.86 2.41 -19.65
CA ASP G 161 56.75 2.87 -18.54
C ASP G 161 57.67 3.99 -19.03
N GLY G 162 58.07 3.96 -20.31
CA GLY G 162 58.92 5.01 -20.89
C GLY G 162 59.43 4.66 -22.27
N VAL G 163 60.53 5.30 -22.67
CA VAL G 163 61.18 5.16 -24.00
C VAL G 163 62.66 4.88 -23.75
N ARG G 164 63.21 3.85 -24.39
CA ARG G 164 64.67 3.59 -24.41
C ARG G 164 65.12 3.60 -25.87
N ILE G 165 66.26 4.23 -26.14
CA ILE G 165 66.91 4.22 -27.48
C ILE G 165 68.01 3.15 -27.42
N GLU G 166 67.88 2.10 -28.22
CA GLU G 166 68.69 0.87 -28.07
C GLU G 166 69.45 0.57 -29.36
N GLY G 167 70.21 -0.52 -29.34
CA GLY G 167 70.90 -1.10 -30.50
C GLY G 167 72.21 -0.38 -30.76
N PRO G 168 73.09 -0.93 -31.62
CA PRO G 168 74.36 -0.28 -31.88
C PRO G 168 74.15 0.88 -32.87
N PHE G 169 75.02 1.90 -32.79
CA PHE G 169 74.97 3.11 -33.64
C PHE G 169 76.16 3.13 -34.59
N ALA G 170 75.92 3.43 -35.86
CA ALA G 170 76.98 3.60 -36.89
C ALA G 170 77.30 5.09 -37.03
N HIS G 171 78.34 5.56 -36.33
CA HIS G 171 78.79 6.98 -36.42
C HIS G 171 79.68 7.19 -37.65
N GLY G 172 79.35 8.20 -38.46
CA GLY G 172 80.14 8.59 -39.64
C GLY G 172 80.02 10.07 -39.90
N VAL G 173 81.10 10.71 -40.33
CA VAL G 173 81.12 12.13 -40.78
C VAL G 173 80.40 12.20 -42.12
N LEU G 174 79.53 13.20 -42.32
CA LEU G 174 78.75 13.38 -43.57
C LEU G 174 79.38 14.47 -44.42
N LEU G 175 79.73 15.62 -43.84
CA LEU G 175 80.21 16.78 -44.62
C LEU G 175 81.32 17.52 -43.89
N GLU G 176 82.28 18.04 -44.67
CA GLU G 176 83.33 18.98 -44.21
C GLU G 176 83.38 20.13 -45.23
N PRO G 177 83.78 21.34 -44.80
CA PRO G 177 83.73 22.51 -45.67
C PRO G 177 84.60 22.33 -46.92
N ASP G 178 84.10 22.78 -48.09
CA ASP G 178 84.78 22.59 -49.40
C ASP G 178 85.92 23.61 -49.57
N GLY G 179 85.87 24.75 -48.89
CA GLY G 179 86.90 25.80 -48.96
C GLY G 179 86.62 26.85 -50.03
N GLU G 180 85.60 26.63 -50.88
CA GLU G 180 85.19 27.57 -51.95
C GLU G 180 83.84 28.23 -51.62
N ARG G 181 82.79 27.44 -51.32
CA ARG G 181 81.45 27.96 -50.93
C ARG G 181 81.36 28.10 -49.40
N TYR G 182 82.07 27.24 -48.67
CA TYR G 182 82.06 27.18 -47.18
C TYR G 182 83.50 27.20 -46.63
N GLU G 183 83.80 28.19 -45.81
CA GLU G 183 85.16 28.47 -45.24
C GLU G 183 85.58 27.29 -44.35
N ARG G 184 86.85 26.87 -44.49
CA ARG G 184 87.56 25.87 -43.63
C ARG G 184 88.34 26.60 -42.54
N GLU G 185 88.83 25.88 -41.52
CA GLU G 185 89.46 26.48 -40.31
C GLU G 185 90.68 27.33 -40.71
N GLU G 186 91.46 26.84 -41.68
CA GLU G 186 92.68 27.52 -42.23
C GLU G 186 92.32 28.93 -42.71
N GLN G 187 91.20 29.08 -43.42
CA GLN G 187 90.80 30.35 -44.07
C GLN G 187 90.24 31.36 -43.05
N SER G 188 89.97 30.92 -41.82
CA SER G 188 89.29 31.73 -40.77
C SER G 188 90.07 33.02 -40.48
N ARG G 189 89.51 34.17 -40.85
CA ARG G 189 89.94 35.52 -40.39
C ARG G 189 89.06 35.93 -39.21
N GLY G 190 89.61 36.70 -38.27
CA GLY G 190 88.91 37.10 -37.03
C GLY G 190 88.60 35.90 -36.15
N MET G 191 87.34 35.74 -35.77
CA MET G 191 86.89 34.69 -34.80
C MET G 191 86.96 33.32 -35.47
N ILE G 192 86.81 32.25 -34.68
CA ILE G 192 86.86 30.83 -35.12
C ILE G 192 85.73 30.57 -36.13
N TYR G 193 86.04 29.81 -37.18
CA TYR G 193 85.07 29.43 -38.24
C TYR G 193 83.96 28.57 -37.62
N THR G 194 82.84 28.47 -38.35
CA THR G 194 81.66 27.65 -38.00
C THR G 194 81.36 26.68 -39.14
N PHE G 195 81.00 25.45 -38.79
CA PHE G 195 80.49 24.41 -39.72
C PHE G 195 79.77 23.34 -38.91
N ARG G 196 78.57 23.67 -38.42
CA ARG G 196 77.89 22.88 -37.37
C ARG G 196 76.37 22.97 -37.51
N ASP G 197 75.67 22.31 -36.58
CA ASP G 197 74.20 22.44 -36.37
C ASP G 197 73.50 21.92 -37.62
N PRO G 198 73.70 20.62 -37.98
CA PRO G 198 73.04 20.03 -39.13
C PRO G 198 71.56 19.74 -38.84
N TRP G 199 70.67 20.35 -39.61
CA TRP G 199 69.20 20.25 -39.42
C TRP G 199 68.57 19.58 -40.64
N PHE G 200 68.00 18.40 -40.47
CA PHE G 200 67.34 17.61 -41.56
C PHE G 200 66.02 18.28 -41.92
N PHE G 201 65.69 18.28 -43.21
CA PHE G 201 64.50 18.98 -43.76
C PHE G 201 64.10 18.40 -45.13
N GLU G 202 62.88 17.86 -45.20
CA GLU G 202 62.22 17.44 -46.47
C GLU G 202 61.32 18.60 -46.93
N ASP G 203 61.57 19.15 -48.12
CA ASP G 203 60.76 20.23 -48.73
C ASP G 203 59.40 19.65 -49.09
N PRO G 204 58.29 20.11 -48.47
CA PRO G 204 56.98 19.49 -48.69
C PRO G 204 56.46 19.76 -50.10
N ARG G 205 57.04 20.75 -50.80
CA ARG G 205 56.71 21.07 -52.21
C ARG G 205 57.49 20.14 -53.15
N SER G 206 58.83 20.27 -53.22
CA SER G 206 59.68 19.48 -54.16
C SER G 206 59.63 17.99 -53.79
N GLY G 207 59.50 17.64 -52.51
CA GLY G 207 59.73 16.27 -52.02
C GLY G 207 61.22 15.97 -51.84
N LYS G 208 62.10 16.86 -52.32
CA LYS G 208 63.58 16.70 -52.24
C LYS G 208 64.03 16.79 -50.79
N THR G 209 65.12 16.10 -50.45
CA THR G 209 65.66 15.98 -49.07
C THR G 209 66.89 16.90 -48.95
N TYR G 210 66.90 17.77 -47.93
CA TYR G 210 68.00 18.72 -47.67
C TYR G 210 68.47 18.58 -46.22
N LEU G 211 69.69 19.09 -45.98
CA LEU G 211 70.30 19.23 -44.64
C LEU G 211 70.89 20.65 -44.55
N LEU G 212 70.28 21.51 -43.74
CA LEU G 212 70.77 22.88 -43.45
C LEU G 212 71.85 22.81 -42.37
N PHE G 213 72.75 23.79 -42.36
CA PHE G 213 73.82 23.92 -41.33
C PHE G 213 74.30 25.36 -41.30
N GLU G 214 74.93 25.73 -40.19
CA GLU G 214 75.61 27.02 -40.02
C GLU G 214 77.03 26.86 -40.55
N ALA G 215 77.46 27.80 -41.38
CA ALA G 215 78.84 27.86 -41.93
C ALA G 215 79.27 29.32 -42.03
N ASN G 216 80.44 29.53 -42.63
CA ASN G 216 80.91 30.86 -43.08
C ASN G 216 81.25 30.75 -44.56
N THR G 217 81.06 31.83 -45.33
CA THR G 217 81.45 31.92 -46.75
C THR G 217 82.83 32.57 -46.80
N PRO G 218 83.84 31.90 -47.40
CA PRO G 218 85.20 32.43 -47.40
C PRO G 218 85.24 33.75 -48.19
N ILE G 219 85.97 34.73 -47.67
CA ILE G 219 86.21 36.05 -48.33
C ILE G 219 87.71 36.25 -48.47
N PRO G 220 88.26 36.28 -49.71
CA PRO G 220 89.68 36.62 -49.93
C PRO G 220 90.03 37.95 -49.25
N GLU G 221 91.29 38.16 -48.86
CA GLU G 221 91.75 39.42 -48.18
C GLU G 221 91.52 40.67 -49.06
N GLY G 222 91.93 40.69 -50.34
CA GLY G 222 91.80 41.90 -51.17
C GLY G 222 90.41 42.06 -51.76
N ALA G 223 89.39 41.33 -51.30
CA ALA G 223 88.16 41.04 -52.07
C ALA G 223 87.36 42.33 -52.32
N GLY G 224 87.47 43.30 -51.39
CA GLY G 224 86.71 44.56 -51.45
C GLY G 224 85.22 44.35 -51.26
N ALA G 225 84.77 43.14 -50.91
CA ALA G 225 83.32 42.77 -50.89
C ALA G 225 82.58 43.57 -49.79
N CYS G 226 83.31 44.36 -48.99
CA CYS G 226 82.75 45.20 -47.90
C CYS G 226 83.39 46.59 -47.91
N GLY G 227 82.73 47.56 -47.29
CA GLY G 227 83.20 48.96 -47.18
C GLY G 227 84.27 49.15 -46.13
N ASP G 228 84.84 48.06 -45.59
CA ASP G 228 85.97 48.07 -44.61
C ASP G 228 86.49 46.65 -44.48
N PRO G 229 87.81 46.40 -44.69
CA PRO G 229 88.36 45.04 -44.61
C PRO G 229 88.06 44.23 -43.33
N VAL G 230 87.92 44.87 -42.16
CA VAL G 230 87.66 44.15 -40.87
C VAL G 230 86.24 43.57 -40.87
N TRP G 231 85.29 44.25 -41.50
CA TRP G 231 83.88 43.78 -41.66
C TRP G 231 83.86 42.40 -42.36
N GLU G 232 84.78 42.16 -43.28
CA GLU G 232 84.88 40.90 -44.08
C GLU G 232 85.12 39.69 -43.17
N GLU G 233 85.58 39.88 -41.92
CA GLU G 233 85.84 38.79 -40.94
C GLU G 233 84.51 38.15 -40.50
N PHE G 234 83.42 38.93 -40.59
CA PHE G 234 82.03 38.54 -40.23
C PHE G 234 81.32 38.01 -41.47
N ASN G 235 81.45 36.70 -41.68
CA ASN G 235 81.17 35.99 -42.96
C ASN G 235 80.20 34.83 -42.68
N GLY G 236 79.32 35.00 -41.69
CA GLY G 236 78.30 33.99 -41.31
C GLY G 236 77.37 33.68 -42.47
N SER G 237 76.94 32.43 -42.58
CA SER G 237 76.03 31.97 -43.66
C SER G 237 75.26 30.73 -43.23
N VAL G 238 74.09 30.53 -43.83
CA VAL G 238 73.27 29.29 -43.69
C VAL G 238 73.55 28.46 -44.93
N GLY G 239 74.31 27.39 -44.75
CA GLY G 239 74.62 26.42 -45.81
C GLY G 239 73.53 25.37 -45.91
N ILE G 240 73.49 24.67 -47.02
CA ILE G 240 72.51 23.58 -47.27
C ILE G 240 73.18 22.51 -48.16
N ALA G 241 72.85 21.25 -47.91
CA ALA G 241 73.27 20.09 -48.73
C ALA G 241 72.02 19.35 -49.18
N HIS G 242 72.14 18.58 -50.27
CA HIS G 242 71.02 17.85 -50.90
C HIS G 242 71.37 16.35 -50.93
N SER G 243 70.37 15.49 -50.72
CA SER G 243 70.46 14.02 -50.95
C SER G 243 69.65 13.68 -52.20
N PRO G 244 70.32 13.34 -53.34
CA PRO G 244 69.60 13.04 -54.58
C PRO G 244 68.71 11.80 -54.43
N THR G 245 69.20 10.79 -53.72
CA THR G 245 68.41 9.67 -53.14
C THR G 245 67.73 10.30 -51.93
N GLY G 246 66.70 9.72 -51.29
CA GLY G 246 66.23 10.25 -50.00
C GLY G 246 67.11 9.81 -48.83
N ASP G 247 68.18 9.06 -49.09
CA ASP G 247 69.05 8.48 -48.04
C ASP G 247 69.51 9.59 -47.11
N PRO G 248 69.23 9.48 -45.78
CA PRO G 248 69.67 10.49 -44.81
C PRO G 248 71.18 10.56 -44.54
N THR G 249 72.02 9.77 -45.23
CA THR G 249 73.49 9.70 -44.97
C THR G 249 74.31 9.99 -46.25
N ASP G 250 73.65 10.31 -47.37
CA ASP G 250 74.29 10.64 -48.67
C ASP G 250 73.94 12.10 -49.03
N TRP G 251 74.91 13.00 -48.96
CA TRP G 251 74.70 14.46 -49.14
C TRP G 251 75.72 15.03 -50.11
N GLU G 252 75.31 16.02 -50.92
CA GLU G 252 76.22 16.86 -51.75
C GLU G 252 75.99 18.32 -51.36
N LEU G 253 77.07 19.06 -51.11
CA LEU G 253 77.02 20.52 -50.76
C LEU G 253 76.34 21.28 -51.90
N CYS G 254 75.44 22.22 -51.57
CA CYS G 254 74.83 23.19 -52.50
C CYS G 254 75.31 24.60 -52.11
N ASP G 255 74.88 25.62 -52.86
CA ASP G 255 75.20 27.04 -52.55
C ASP G 255 74.43 27.45 -51.30
N PRO G 256 74.97 28.37 -50.48
CA PRO G 256 74.33 28.76 -49.23
C PRO G 256 72.99 29.45 -49.49
N LEU G 257 72.02 29.29 -48.59
CA LEU G 257 70.64 29.85 -48.67
C LEU G 257 70.73 31.36 -48.43
N LEU G 258 71.57 31.78 -47.49
CA LEU G 258 71.65 33.17 -47.00
C LEU G 258 73.02 33.42 -46.40
N GLU G 259 73.60 34.61 -46.59
CA GLU G 259 74.88 35.06 -45.99
C GLU G 259 74.71 36.39 -45.26
N GLY G 260 75.40 36.54 -44.13
CA GLY G 260 75.40 37.77 -43.30
C GLY G 260 76.73 38.48 -43.37
N ILE G 261 77.32 38.53 -44.56
CA ILE G 261 78.68 39.10 -44.80
C ILE G 261 78.62 40.58 -44.43
N CYS G 262 79.60 41.02 -43.65
CA CYS G 262 79.74 42.40 -43.10
C CYS G 262 78.73 42.62 -41.96
N VAL G 263 78.02 41.58 -41.51
CA VAL G 263 76.93 41.75 -40.51
C VAL G 263 77.15 40.86 -39.28
N ASN G 264 77.33 39.55 -39.45
CA ASN G 264 77.42 38.63 -38.28
C ASN G 264 78.24 37.40 -38.63
N GLN G 265 78.97 36.85 -37.65
CA GLN G 265 79.86 35.66 -37.83
C GLN G 265 79.05 34.39 -37.60
N GLU G 266 78.17 34.40 -36.59
CA GLU G 266 77.44 33.19 -36.14
C GLU G 266 75.95 33.33 -36.45
N LEU G 267 75.48 32.67 -37.52
CA LEU G 267 74.04 32.44 -37.81
C LEU G 267 73.68 31.03 -37.34
N GLU G 268 73.44 30.87 -36.04
CA GLU G 268 73.43 29.55 -35.35
C GLU G 268 72.10 28.82 -35.55
N ARG G 269 72.15 27.49 -35.37
CA ARG G 269 71.01 26.53 -35.43
C ARG G 269 69.98 27.02 -36.43
N PRO G 270 70.31 27.00 -37.74
CA PRO G 270 69.39 27.42 -38.77
C PRO G 270 68.38 26.29 -38.95
N HIS G 271 67.13 26.66 -39.26
CA HIS G 271 66.00 25.75 -39.53
C HIS G 271 64.92 26.51 -40.29
N VAL G 272 64.09 25.76 -41.03
CA VAL G 272 63.01 26.31 -41.89
C VAL G 272 61.67 25.79 -41.37
N VAL G 273 60.71 26.71 -41.24
CA VAL G 273 59.28 26.38 -41.03
C VAL G 273 58.55 26.83 -42.29
N VAL G 274 57.83 25.93 -42.94
CA VAL G 274 56.99 26.25 -44.13
C VAL G 274 55.57 26.50 -43.63
N ARG G 275 54.97 27.63 -43.99
CA ARG G 275 53.61 28.04 -43.54
C ARG G 275 52.85 28.59 -44.73
N ASN G 276 51.75 27.93 -45.10
CA ASN G 276 51.01 28.16 -46.36
C ASN G 276 52.09 28.14 -47.45
N GLY G 277 52.23 29.15 -48.28
CA GLY G 277 53.12 29.03 -49.45
C GLY G 277 54.59 29.32 -49.12
N PHE G 278 54.91 29.71 -47.89
CA PHE G 278 56.11 30.52 -47.58
C PHE G 278 57.10 29.75 -46.70
N TYR G 279 58.37 30.01 -46.96
CA TYR G 279 59.54 29.40 -46.28
C TYR G 279 60.13 30.45 -45.34
N TYR G 280 59.98 30.23 -44.04
CA TYR G 280 60.58 31.07 -42.98
C TYR G 280 61.88 30.38 -42.55
N LEU G 281 63.00 31.08 -42.73
CA LEU G 281 64.34 30.62 -42.26
C LEU G 281 64.69 31.37 -40.98
N PHE G 282 64.94 30.62 -39.91
CA PHE G 282 65.24 31.15 -38.55
C PHE G 282 66.66 30.78 -38.16
N VAL G 283 67.38 31.74 -37.57
CA VAL G 283 68.74 31.57 -36.99
C VAL G 283 68.80 32.33 -35.68
N SER G 284 69.44 31.73 -34.68
CA SER G 284 69.76 32.36 -33.37
C SER G 284 71.15 32.99 -33.48
N SER G 285 71.33 34.23 -33.03
CA SER G 285 72.63 34.95 -33.09
C SER G 285 72.93 35.68 -31.78
N HIS G 286 74.21 35.98 -31.54
CA HIS G 286 74.69 36.73 -30.34
C HIS G 286 74.85 38.21 -30.65
N ASP G 287 74.92 39.03 -29.60
CA ASP G 287 75.25 40.48 -29.68
C ASP G 287 76.73 40.64 -30.02
N HIS G 288 77.59 39.77 -29.48
CA HIS G 288 79.07 39.92 -29.59
C HIS G 288 79.55 39.44 -30.96
N THR G 289 78.71 38.74 -31.74
CA THR G 289 79.10 38.20 -33.07
C THR G 289 78.68 39.17 -34.18
N PHE G 290 78.16 40.35 -33.83
CA PHE G 290 77.81 41.40 -34.83
C PHE G 290 79.09 42.15 -35.21
N ALA G 291 79.23 42.48 -36.50
CA ALA G 291 80.33 43.29 -37.06
C ALA G 291 80.31 44.68 -36.41
N PRO G 292 81.47 45.34 -36.30
CA PRO G 292 81.53 46.69 -35.72
C PRO G 292 80.65 47.69 -36.48
N GLY G 293 80.12 48.67 -35.75
CA GLY G 293 79.19 49.69 -36.26
C GLY G 293 77.74 49.23 -36.19
N LEU G 294 77.52 47.94 -35.93
CA LEU G 294 76.16 47.33 -35.80
C LEU G 294 75.93 46.94 -34.34
N GLU G 295 74.69 47.12 -33.88
CA GLU G 295 74.23 46.83 -32.50
C GLU G 295 72.96 45.99 -32.60
N GLY G 296 73.06 44.70 -32.30
CA GLY G 296 71.89 43.80 -32.20
C GLY G 296 71.98 42.98 -30.94
N PRO G 297 70.84 42.58 -30.33
CA PRO G 297 70.86 41.72 -29.15
C PRO G 297 70.93 40.22 -29.46
N ASP G 298 71.38 39.41 -28.51
CA ASP G 298 71.12 37.96 -28.45
C ASP G 298 69.64 37.78 -28.83
N GLY G 299 69.35 37.06 -29.91
CA GLY G 299 67.96 36.89 -30.37
C GLY G 299 67.82 35.88 -31.49
N LEU G 300 66.57 35.52 -31.79
CA LEU G 300 66.18 34.73 -32.98
C LEU G 300 65.91 35.71 -34.13
N TYR G 301 66.65 35.58 -35.21
CA TYR G 301 66.49 36.38 -36.45
C TYR G 301 65.86 35.48 -37.51
N GLY G 302 65.12 36.09 -38.42
CA GLY G 302 64.23 35.35 -39.34
C GLY G 302 64.12 36.03 -40.68
N PHE G 303 63.97 35.21 -41.72
CA PHE G 303 63.85 35.63 -43.13
C PHE G 303 62.78 34.78 -43.80
N VAL G 304 62.23 35.29 -44.89
CA VAL G 304 61.09 34.65 -45.60
C VAL G 304 61.32 34.74 -47.11
N ALA G 305 60.93 33.67 -47.81
CA ALA G 305 60.94 33.57 -49.29
C ALA G 305 59.77 32.69 -49.74
N ASP G 306 59.48 32.69 -51.04
CA ASP G 306 58.37 31.90 -51.63
C ASP G 306 58.86 30.48 -51.94
N SER G 307 60.16 30.20 -51.81
CA SER G 307 60.77 28.87 -52.09
C SER G 307 61.91 28.61 -51.10
N LEU G 308 62.30 27.35 -50.93
CA LEU G 308 63.36 26.97 -49.96
C LEU G 308 64.67 27.67 -50.32
N ARG G 309 65.01 27.73 -51.61
CA ARG G 309 66.27 28.32 -52.10
C ARG G 309 65.97 29.67 -52.75
N GLY G 310 64.98 30.40 -52.23
CA GLY G 310 64.49 31.66 -52.80
C GLY G 310 65.27 32.88 -52.31
N GLU G 311 64.81 34.07 -52.71
CA GLU G 311 65.40 35.38 -52.33
C GLU G 311 64.88 35.75 -50.94
N TYR G 312 65.48 35.19 -49.89
CA TYR G 312 65.13 35.48 -48.48
C TYR G 312 65.24 36.98 -48.20
N ARG G 313 64.25 37.53 -47.53
CA ARG G 313 64.21 38.94 -47.05
C ARG G 313 63.95 38.90 -45.55
N PRO G 314 64.51 39.84 -44.78
CA PRO G 314 64.42 39.79 -43.33
C PRO G 314 63.01 40.12 -42.83
N LEU G 315 62.55 39.37 -41.82
CA LEU G 315 61.27 39.61 -41.12
C LEU G 315 61.36 40.92 -40.33
N ASN G 316 60.26 41.66 -40.25
CA ASN G 316 60.15 42.91 -39.47
C ASN G 316 61.19 43.93 -39.97
N GLY G 317 61.65 43.81 -41.22
CA GLY G 317 62.57 44.79 -41.84
C GLY G 317 64.01 44.59 -41.42
N SER G 318 64.27 44.34 -40.14
CA SER G 318 65.63 44.23 -39.54
C SER G 318 66.09 42.78 -39.51
N GLY G 319 65.15 41.85 -39.35
CA GLY G 319 65.44 40.41 -39.21
C GLY G 319 65.16 39.93 -37.79
N LEU G 320 65.11 40.84 -36.83
CA LEU G 320 64.85 40.48 -35.41
C LEU G 320 63.41 40.00 -35.28
N VAL G 321 63.23 38.76 -34.82
CA VAL G 321 61.91 38.11 -34.63
C VAL G 321 61.56 38.07 -33.14
N LEU G 322 62.54 37.73 -32.31
CA LEU G 322 62.32 37.45 -30.87
C LEU G 322 63.64 37.69 -30.12
N THR G 323 63.59 38.30 -28.95
CA THR G 323 64.77 38.65 -28.11
C THR G 323 64.35 38.74 -26.64
N ASN G 324 65.35 38.81 -25.77
CA ASN G 324 65.17 38.95 -24.30
C ASN G 324 65.03 40.43 -23.97
N PRO G 325 64.41 40.78 -22.81
CA PRO G 325 64.32 42.17 -22.38
C PRO G 325 65.70 42.72 -22.03
N ALA G 326 65.88 44.04 -22.14
CA ALA G 326 67.14 44.77 -21.86
C ALA G 326 67.65 44.44 -20.44
N ASN G 327 66.74 44.28 -19.47
CA ASN G 327 67.08 44.07 -18.04
C ASN G 327 67.29 42.58 -17.70
N ALA G 328 67.30 41.67 -18.70
CA ALA G 328 67.66 40.23 -18.55
C ALA G 328 68.14 39.67 -19.88
N PRO G 329 69.16 40.30 -20.51
CA PRO G 329 69.36 40.18 -21.95
C PRO G 329 69.93 38.84 -22.42
N TYR G 330 70.33 37.97 -21.50
CA TYR G 330 70.93 36.66 -21.86
C TYR G 330 70.09 35.52 -21.27
N GLN G 331 68.84 35.78 -20.90
CA GLN G 331 68.00 34.82 -20.13
C GLN G 331 67.67 33.57 -20.97
N ALA G 332 67.65 33.70 -22.30
CA ALA G 332 67.36 32.57 -23.21
C ALA G 332 68.24 32.65 -24.46
N TYR G 333 68.36 31.52 -25.15
CA TYR G 333 69.12 31.40 -26.42
C TYR G 333 68.76 30.06 -27.08
N SER G 334 69.26 29.87 -28.32
CA SER G 334 69.21 28.60 -29.10
C SER G 334 67.74 28.19 -29.31
N TRP G 335 66.97 29.15 -29.81
CA TRP G 335 65.53 29.02 -30.14
C TRP G 335 65.38 28.16 -31.40
N VAL G 336 64.36 27.30 -31.37
CA VAL G 336 63.90 26.42 -32.48
C VAL G 336 62.39 26.63 -32.67
N ALA G 337 61.98 27.11 -33.84
CA ALA G 337 60.58 27.43 -34.19
C ALA G 337 59.92 26.20 -34.84
N PHE G 338 58.63 26.00 -34.57
CA PHE G 338 57.83 24.89 -35.15
C PHE G 338 56.36 25.30 -35.17
N SER G 339 55.64 24.87 -36.21
CA SER G 339 54.22 25.21 -36.44
C SER G 339 53.36 24.46 -35.43
N HIS G 340 52.27 25.10 -34.98
CA HIS G 340 51.17 24.44 -34.24
C HIS G 340 49.87 25.13 -34.62
N ARG G 341 49.13 24.53 -35.56
CA ARG G 341 47.87 25.11 -36.09
C ARG G 341 48.20 26.49 -36.67
N GLU G 342 47.47 27.54 -36.30
CA GLU G 342 47.63 28.90 -36.89
C GLU G 342 48.78 29.65 -36.19
N GLU G 343 49.43 29.03 -35.19
CA GLU G 343 50.51 29.69 -34.41
C GLU G 343 51.88 29.16 -34.83
N LEU G 344 52.91 29.92 -34.47
CA LEU G 344 54.31 29.45 -34.45
C LEU G 344 54.77 29.41 -33.00
N LEU G 345 55.28 28.28 -32.55
CA LEU G 345 55.86 28.10 -31.19
C LEU G 345 57.39 28.13 -31.33
N VAL G 346 58.06 28.61 -30.31
CA VAL G 346 59.54 28.79 -30.31
C VAL G 346 60.05 28.32 -28.95
N SER G 347 60.93 27.32 -28.94
CA SER G 347 61.52 26.74 -27.71
C SER G 347 63.03 27.03 -27.68
N GLY G 348 63.46 27.87 -26.74
CA GLY G 348 64.88 28.04 -26.39
C GLY G 348 65.22 27.32 -25.10
N PHE G 349 66.39 27.59 -24.52
CA PHE G 349 66.75 27.12 -23.18
C PHE G 349 67.01 28.32 -22.28
N PHE G 350 66.92 28.09 -20.97
CA PHE G 350 67.11 29.10 -19.90
C PHE G 350 68.61 29.28 -19.68
N ASN G 351 69.17 30.42 -20.14
CA ASN G 351 70.64 30.64 -20.28
C ASN G 351 71.17 31.30 -19.00
N TYR G 352 71.62 32.56 -19.08
CA TYR G 352 72.19 33.31 -17.93
C TYR G 352 71.17 34.35 -17.44
N TYR G 353 70.91 34.35 -16.13
CA TYR G 353 69.97 35.27 -15.48
C TYR G 353 70.60 35.80 -14.18
N ASP G 354 70.02 36.86 -13.63
CA ASP G 354 70.41 37.47 -12.34
C ASP G 354 71.86 37.95 -12.40
N LEU G 355 72.28 38.49 -13.54
CA LEU G 355 73.65 39.03 -13.73
C LEU G 355 73.74 40.40 -13.05
N GLY G 356 72.60 40.99 -12.69
CA GLY G 356 72.55 42.28 -11.96
C GLY G 356 73.07 43.46 -12.76
N GLY G 357 73.72 43.22 -13.91
CA GLY G 357 74.33 44.27 -14.74
C GLY G 357 75.63 43.81 -15.37
N LEU G 358 76.23 42.73 -14.85
CA LEU G 358 77.51 42.17 -15.33
C LEU G 358 77.37 41.74 -16.79
N THR G 359 78.45 41.86 -17.57
CA THR G 359 78.55 41.25 -18.92
C THR G 359 78.93 39.77 -18.74
N LEU G 360 78.80 38.98 -19.80
CA LEU G 360 79.04 37.51 -19.76
C LEU G 360 80.53 37.25 -19.45
N ASP G 361 81.43 38.06 -20.02
CA ASP G 361 82.89 37.94 -19.72
C ASP G 361 83.10 38.09 -18.22
N ASP G 362 82.44 39.06 -17.61
CA ASP G 362 82.57 39.40 -16.17
C ASP G 362 82.08 38.23 -15.29
N VAL G 363 81.25 37.31 -15.82
CA VAL G 363 80.70 36.16 -15.04
C VAL G 363 81.81 35.16 -14.74
N ALA G 364 82.87 35.13 -15.57
CA ALA G 364 84.09 34.31 -15.34
C ALA G 364 84.87 34.81 -14.11
N THR G 365 84.73 36.09 -13.72
CA THR G 365 85.33 36.69 -12.48
C THR G 365 84.82 35.94 -11.25
N LEU G 366 83.51 35.69 -11.17
CA LEU G 366 82.80 35.33 -9.91
C LEU G 366 83.27 33.96 -9.40
N SER G 367 82.99 33.67 -8.13
CA SER G 367 83.27 32.35 -7.49
C SER G 367 82.51 31.28 -8.26
N PRO G 368 83.01 30.02 -8.28
CA PRO G 368 82.29 28.92 -8.92
C PRO G 368 80.80 28.82 -8.55
N ASP G 369 80.46 28.96 -7.27
CA ASP G 369 79.06 28.84 -6.77
C ASP G 369 78.20 29.99 -7.33
N GLU G 370 78.78 31.19 -7.44
CA GLU G 370 78.08 32.41 -7.93
C GLU G 370 77.84 32.27 -9.44
N GLN G 371 78.69 31.53 -10.16
CA GLN G 371 78.56 31.31 -11.62
C GLN G 371 77.41 30.32 -11.89
N ARG G 372 77.40 29.17 -11.20
CA ARG G 372 76.36 28.13 -11.36
C ARG G 372 74.99 28.68 -10.93
N ALA G 373 74.98 29.67 -10.04
CA ALA G 373 73.75 30.30 -9.49
C ALA G 373 73.05 31.14 -10.56
N LYS G 374 73.75 31.50 -11.65
CA LYS G 374 73.28 32.45 -12.69
C LYS G 374 73.08 31.72 -14.03
N PHE G 375 72.98 30.40 -14.03
CA PHE G 375 72.77 29.58 -15.23
C PHE G 375 71.62 28.60 -14.99
N GLY G 376 70.60 28.69 -15.86
CA GLY G 376 69.40 27.84 -15.81
C GLY G 376 69.75 26.39 -16.12
N GLY G 377 70.05 26.09 -17.39
CA GLY G 377 70.27 24.72 -17.86
C GLY G 377 68.98 23.89 -17.89
N THR G 378 67.85 24.52 -18.22
CA THR G 378 66.54 23.86 -18.50
C THR G 378 65.89 24.51 -19.71
N LEU G 379 64.77 23.97 -20.16
CA LEU G 379 64.01 24.57 -21.27
C LEU G 379 63.31 25.84 -20.79
N ALA G 380 63.35 26.87 -21.63
CA ALA G 380 62.67 28.16 -21.44
C ALA G 380 61.18 27.98 -21.69
N PRO G 381 60.30 28.83 -21.11
CA PRO G 381 58.87 28.86 -21.45
C PRO G 381 58.69 29.10 -22.96
N THR G 382 58.01 28.17 -23.65
CA THR G 382 57.94 28.19 -25.13
C THR G 382 57.04 29.36 -25.51
N VAL G 383 57.53 30.17 -26.44
CA VAL G 383 56.89 31.46 -26.84
C VAL G 383 55.92 31.15 -27.95
N ARG G 384 54.75 31.77 -27.90
CA ARG G 384 53.73 31.71 -28.99
C ARG G 384 53.88 32.99 -29.79
N VAL G 385 54.11 32.87 -31.09
CA VAL G 385 54.22 34.02 -32.03
C VAL G 385 53.23 33.80 -33.16
N ALA G 386 52.83 34.90 -33.80
CA ALA G 386 51.91 34.94 -34.96
C ALA G 386 52.67 35.56 -36.12
N LEU G 387 52.77 34.84 -37.23
CA LEU G 387 53.35 35.34 -38.51
C LEU G 387 52.23 35.92 -39.36
N SER G 388 52.54 36.96 -40.13
CA SER G 388 51.63 37.60 -41.10
C SER G 388 52.50 38.19 -42.19
N GLY G 389 52.86 37.39 -43.20
CA GLY G 389 53.77 37.82 -44.26
C GLY G 389 55.20 37.90 -43.77
N ASP G 390 55.83 39.06 -43.96
CA ASP G 390 57.22 39.33 -43.53
C ASP G 390 57.22 39.99 -42.13
N ARG G 391 56.14 39.83 -41.35
CA ARG G 391 56.02 40.47 -40.02
C ARG G 391 55.65 39.42 -38.97
N THR G 392 56.18 39.57 -37.76
CA THR G 392 55.95 38.68 -36.59
C THR G 392 55.49 39.51 -35.39
N ARG G 393 54.88 38.84 -34.42
CA ARG G 393 54.43 39.46 -33.15
C ARG G 393 54.34 38.35 -32.10
N ILE G 394 54.95 38.57 -30.93
CA ILE G 394 54.83 37.69 -29.73
C ILE G 394 53.39 37.80 -29.24
N THR G 395 52.72 36.66 -29.03
CA THR G 395 51.28 36.59 -28.61
C THR G 395 51.18 36.16 -27.15
N GLY G 396 52.14 35.37 -26.65
CA GLY G 396 52.16 34.89 -25.26
C GLY G 396 53.19 33.81 -25.06
N THR G 397 53.08 33.06 -23.96
CA THR G 397 54.00 31.94 -23.63
C THR G 397 53.21 30.76 -23.08
N LEU G 398 53.86 29.61 -22.96
CA LEU G 398 53.35 28.37 -22.33
C LEU G 398 54.28 28.00 -21.19
N SER G 399 54.03 26.88 -20.51
CA SER G 399 54.89 26.34 -19.42
C SER G 399 56.31 26.11 -19.96
N HIS G 400 57.28 26.04 -19.06
CA HIS G 400 58.71 25.75 -19.38
C HIS G 400 58.79 24.52 -20.25
N GLY G 401 59.45 24.63 -21.41
CA GLY G 401 59.66 23.53 -22.37
C GLY G 401 58.41 22.71 -22.62
N ARG G 402 57.26 23.35 -22.86
CA ARG G 402 56.07 22.65 -23.40
C ARG G 402 56.25 22.52 -24.92
N ILE G 403 56.38 21.29 -25.43
CA ILE G 403 56.37 20.98 -26.89
C ILE G 403 55.06 20.23 -27.17
N PRO G 404 54.00 20.94 -27.60
CA PRO G 404 52.72 20.30 -27.87
C PRO G 404 52.62 19.75 -29.30
N LEU G 405 51.78 18.72 -29.47
CA LEU G 405 51.41 18.15 -30.79
C LEU G 405 50.27 18.98 -31.37
N GLU G 406 50.02 18.85 -32.68
CA GLU G 406 48.95 19.61 -33.37
C GLU G 406 47.58 19.09 -32.87
N SER G 407 47.55 17.85 -32.38
CA SER G 407 46.36 17.17 -31.82
C SER G 407 45.98 17.72 -30.44
N GLU G 408 46.71 18.71 -29.91
CA GLU G 408 46.48 19.28 -28.55
C GLU G 408 46.05 20.75 -28.67
N GLU G 409 45.02 21.14 -27.92
CA GLU G 409 44.47 22.53 -27.90
C GLU G 409 45.28 23.33 -26.88
N LEU G 410 45.77 24.51 -27.27
CA LEU G 410 46.52 25.40 -26.34
C LEU G 410 45.57 26.39 -25.69
N PRO G 411 45.89 26.86 -24.46
CA PRO G 411 45.07 27.87 -23.79
C PRO G 411 44.81 29.10 -24.66
N ASP G 412 43.75 29.84 -24.38
CA ASP G 412 43.38 31.08 -25.11
C ASP G 412 44.40 32.18 -24.80
N LEU G 413 44.45 33.18 -25.67
CA LEU G 413 45.37 34.35 -25.59
C LEU G 413 44.61 35.56 -25.04
N PRO G 414 45.30 36.55 -24.43
CA PRO G 414 44.71 37.85 -24.13
C PRO G 414 44.30 38.67 -25.37
N ALA H 9 -59.30 22.96 8.19
CA ALA H 9 -58.96 22.46 6.84
C ALA H 9 -58.11 21.20 7.01
N THR H 10 -58.74 20.02 7.11
CA THR H 10 -58.07 18.70 7.05
C THR H 10 -57.41 18.52 5.68
N PRO H 11 -56.13 18.07 5.64
CA PRO H 11 -55.45 17.76 4.39
C PRO H 11 -56.26 16.78 3.54
N ARG H 12 -56.32 17.04 2.23
CA ARG H 12 -57.19 16.30 1.30
C ARG H 12 -56.35 15.62 0.21
N TRP H 13 -56.58 14.32 0.03
CA TRP H 13 -56.28 13.59 -1.23
C TRP H 13 -57.37 13.98 -2.24
N THR H 14 -57.01 14.76 -3.25
CA THR H 14 -57.98 15.44 -4.14
C THR H 14 -58.14 14.65 -5.44
N ARG H 15 -59.18 14.95 -6.20
CA ARG H 15 -59.47 14.30 -7.51
C ARG H 15 -58.37 14.70 -8.50
N GLU H 16 -57.80 15.90 -8.36
CA GLU H 16 -56.69 16.36 -9.23
C GLU H 16 -55.50 15.42 -9.04
N HIS H 17 -55.29 14.93 -7.81
CA HIS H 17 -54.24 13.93 -7.49
C HIS H 17 -54.58 12.60 -8.18
N ALA H 18 -55.73 12.04 -7.84
CA ALA H 18 -56.16 10.69 -8.28
C ALA H 18 -56.22 10.62 -9.82
N SER H 19 -56.52 11.73 -10.50
CA SER H 19 -56.52 11.84 -11.99
C SER H 19 -55.17 11.41 -12.56
N LYS H 20 -54.08 11.61 -11.81
CA LYS H 20 -52.69 11.35 -12.27
C LYS H 20 -52.28 9.90 -11.99
N ILE H 21 -53.08 9.13 -11.23
CA ILE H 21 -52.76 7.72 -10.85
C ILE H 21 -52.50 6.93 -12.13
N GLU H 22 -51.47 6.10 -12.13
CA GLU H 22 -50.97 5.41 -13.35
C GLU H 22 -49.86 4.43 -12.95
N ARG H 23 -49.97 3.18 -13.39
CA ARG H 23 -48.90 2.16 -13.19
C ARG H 23 -47.62 2.66 -13.86
N THR H 24 -46.47 2.54 -13.19
CA THR H 24 -45.14 2.87 -13.75
C THR H 24 -44.13 1.82 -13.29
N ASP H 25 -42.93 1.84 -13.86
CA ASP H 25 -41.84 0.87 -13.55
C ASP H 25 -41.42 1.06 -12.08
N GLU H 26 -41.73 2.22 -11.50
CA GLU H 26 -41.30 2.60 -10.14
C GLU H 26 -42.33 2.14 -9.10
N THR H 27 -43.54 1.75 -9.51
CA THR H 27 -44.65 1.45 -8.57
C THR H 27 -45.17 0.02 -8.71
N VAL H 28 -44.73 -0.75 -9.71
CA VAL H 28 -45.32 -2.08 -9.99
C VAL H 28 -44.39 -3.16 -9.43
N VAL H 29 -44.92 -3.99 -8.54
CA VAL H 29 -44.16 -5.10 -7.89
C VAL H 29 -44.04 -6.25 -8.88
N PRO H 30 -43.04 -7.14 -8.70
CA PRO H 30 -42.93 -8.34 -9.54
C PRO H 30 -44.11 -9.28 -9.33
N ILE H 31 -44.31 -10.20 -10.27
CA ILE H 31 -45.34 -11.26 -10.19
C ILE H 31 -45.04 -12.09 -8.93
N ILE H 32 -46.06 -12.36 -8.13
CA ILE H 32 -45.99 -13.26 -6.95
C ILE H 32 -46.42 -14.65 -7.42
N TYR H 33 -45.53 -15.62 -7.19
CA TYR H 33 -45.76 -17.08 -7.41
C TYR H 33 -45.94 -17.73 -6.05
N PRO H 34 -46.85 -18.72 -5.89
CA PRO H 34 -47.15 -19.30 -4.58
C PRO H 34 -45.89 -19.92 -3.98
N PRO H 35 -45.68 -19.82 -2.65
CA PRO H 35 -44.45 -20.28 -2.01
C PRO H 35 -44.40 -21.80 -1.96
N ARG H 36 -43.17 -22.36 -1.89
CA ARG H 36 -42.90 -23.83 -1.97
C ARG H 36 -43.47 -24.51 -0.71
N GLU H 37 -43.43 -23.87 0.47
CA GLU H 37 -43.98 -24.42 1.73
C GLU H 37 -44.84 -23.36 2.45
N ASP H 38 -45.95 -23.78 3.05
CA ASP H 38 -46.84 -22.94 3.91
C ASP H 38 -46.53 -23.25 5.38
N ALA H 39 -46.58 -22.23 6.26
CA ALA H 39 -46.40 -22.36 7.74
C ALA H 39 -47.59 -23.10 8.35
N ALA H 40 -48.81 -22.85 7.86
CA ALA H 40 -50.08 -23.47 8.28
C ALA H 40 -50.90 -23.86 7.05
N PRO H 41 -50.77 -25.10 6.52
CA PRO H 41 -51.52 -25.51 5.32
C PRO H 41 -53.04 -25.53 5.51
N GLU H 42 -53.51 -25.75 6.74
CA GLU H 42 -54.96 -25.86 7.08
C GLU H 42 -55.61 -24.46 7.20
N ILE H 43 -54.82 -23.38 7.14
CA ILE H 43 -55.31 -22.01 7.47
C ILE H 43 -54.90 -21.03 6.38
N ASN H 44 -55.84 -20.18 5.96
CA ASN H 44 -55.62 -18.98 5.13
C ASN H 44 -55.38 -17.78 6.05
N GLY H 45 -54.33 -16.99 5.76
CA GLY H 45 -53.95 -15.81 6.55
C GLY H 45 -53.78 -14.59 5.67
N TRP H 46 -54.30 -13.45 6.12
CA TRP H 46 -54.17 -12.14 5.44
C TRP H 46 -53.95 -11.06 6.50
N ASP H 47 -53.90 -9.79 6.08
CA ASP H 47 -53.91 -8.59 6.97
C ASP H 47 -53.05 -8.86 8.21
N THR H 48 -51.73 -8.84 8.05
CA THR H 48 -50.76 -9.21 9.11
C THR H 48 -50.13 -7.94 9.67
N TRP H 49 -49.79 -7.94 10.96
CA TRP H 49 -49.10 -6.83 11.67
C TRP H 49 -48.05 -7.39 12.63
N PHE H 50 -47.08 -6.55 13.02
CA PHE H 50 -45.88 -6.95 13.80
C PHE H 50 -46.07 -6.59 15.27
N LEU H 51 -45.59 -7.47 16.15
CA LEU H 51 -45.38 -7.13 17.58
C LEU H 51 -44.23 -6.13 17.63
N ARG H 52 -44.54 -4.89 18.00
CA ARG H 52 -43.59 -3.76 18.04
C ARG H 52 -43.37 -3.34 19.49
N GLU H 53 -42.18 -2.80 19.80
CA GLU H 53 -41.90 -2.03 21.05
C GLU H 53 -42.64 -0.70 20.96
N ARG H 54 -42.57 0.11 22.01
CA ARG H 54 -43.29 1.41 22.09
C ARG H 54 -42.79 2.37 20.99
N ASP H 55 -41.47 2.41 20.75
CA ASP H 55 -40.84 3.32 19.75
C ASP H 55 -41.28 2.93 18.33
N GLY H 56 -41.65 1.67 18.11
CA GLY H 56 -42.16 1.18 16.82
C GLY H 56 -41.27 0.11 16.20
N SER H 57 -40.05 -0.08 16.69
CA SER H 57 -39.10 -1.15 16.24
C SER H 57 -39.76 -2.52 16.41
N ILE H 58 -39.44 -3.48 15.56
CA ILE H 58 -39.97 -4.88 15.70
C ILE H 58 -39.45 -5.43 17.04
N ALA H 59 -40.37 -5.86 17.91
CA ALA H 59 -40.04 -6.43 19.24
C ALA H 59 -39.40 -7.81 19.05
N THR H 60 -38.45 -8.12 19.93
CA THR H 60 -37.64 -9.37 19.93
C THR H 60 -37.63 -9.93 21.36
N VAL H 61 -38.19 -11.13 21.58
CA VAL H 61 -38.29 -11.81 22.90
C VAL H 61 -37.49 -13.11 22.85
N GLY H 62 -36.34 -13.14 23.54
CA GLY H 62 -35.39 -14.25 23.51
C GLY H 62 -34.97 -14.64 22.10
N GLY H 63 -34.84 -13.65 21.21
CA GLY H 63 -34.33 -13.85 19.84
C GLY H 63 -35.43 -14.20 18.84
N TRP H 64 -36.70 -14.20 19.27
CA TRP H 64 -37.88 -14.44 18.42
C TRP H 64 -38.60 -13.14 18.08
N ARG H 65 -38.99 -12.96 16.82
CA ARG H 65 -39.98 -11.94 16.40
C ARG H 65 -41.36 -12.58 16.47
N VAL H 66 -42.39 -11.78 16.72
CA VAL H 66 -43.79 -12.25 16.68
C VAL H 66 -44.54 -11.40 15.67
N ILE H 67 -45.44 -12.02 14.89
CA ILE H 67 -46.41 -11.32 14.00
C ILE H 67 -47.80 -11.89 14.25
N PHE H 68 -48.83 -11.15 13.86
CA PHE H 68 -50.26 -11.50 14.02
C PHE H 68 -50.93 -11.43 12.64
N SER H 69 -51.82 -12.36 12.35
CA SER H 69 -52.62 -12.44 11.08
C SER H 69 -54.09 -12.62 11.41
N LEU H 70 -54.97 -12.07 10.57
CA LEU H 70 -56.36 -12.54 10.45
C LEU H 70 -56.30 -13.90 9.74
N THR H 71 -57.02 -14.88 10.27
CA THR H 71 -57.01 -16.28 9.77
C THR H 71 -58.43 -16.83 9.70
N ALA H 72 -58.65 -17.75 8.76
CA ALA H 72 -59.88 -18.57 8.61
C ALA H 72 -59.45 -19.94 8.13
N PRO H 73 -60.28 -20.99 8.35
CA PRO H 73 -59.99 -22.31 7.78
C PRO H 73 -59.83 -22.22 6.26
N ALA H 74 -58.87 -22.97 5.71
CA ALA H 74 -58.49 -22.97 4.28
C ALA H 74 -59.64 -23.53 3.44
N ASP H 75 -60.41 -24.48 3.98
CA ASP H 75 -61.53 -25.15 3.26
C ASP H 75 -62.69 -24.17 3.07
N LEU H 76 -62.67 -23.01 3.73
CA LEU H 76 -63.73 -21.97 3.61
C LEU H 76 -63.58 -21.22 2.29
N LEU H 77 -64.69 -20.78 1.69
CA LEU H 77 -64.66 -19.97 0.45
C LEU H 77 -63.96 -18.64 0.75
N PRO H 78 -63.03 -18.17 -0.11
CA PRO H 78 -62.27 -16.96 0.17
C PRO H 78 -63.14 -15.73 0.44
N GLY H 79 -64.17 -15.51 -0.40
CA GLY H 79 -65.08 -14.36 -0.30
C GLY H 79 -65.73 -14.23 1.08
N LYS H 80 -65.76 -15.31 1.87
CA LYS H 80 -66.54 -15.38 3.16
C LYS H 80 -65.62 -15.37 4.39
N ARG H 81 -64.29 -15.43 4.22
CA ARG H 81 -63.31 -15.52 5.34
C ARG H 81 -63.51 -14.38 6.34
N HIS H 82 -63.97 -13.21 5.85
CA HIS H 82 -64.14 -11.96 6.66
C HIS H 82 -65.21 -12.12 7.74
N ASP H 83 -66.10 -13.09 7.60
CA ASP H 83 -67.25 -13.27 8.53
C ASP H 83 -66.80 -14.06 9.76
N VAL H 84 -65.66 -14.75 9.70
CA VAL H 84 -65.21 -15.66 10.80
C VAL H 84 -63.71 -15.43 11.09
N ALA H 85 -63.18 -14.25 10.81
CA ALA H 85 -61.76 -13.91 10.99
C ALA H 85 -61.37 -14.07 12.47
N GLU H 86 -60.27 -14.78 12.75
CA GLU H 86 -59.72 -14.98 14.11
C GLU H 86 -58.22 -14.65 14.09
N ILE H 87 -57.73 -13.96 15.12
CA ILE H 87 -56.31 -13.51 15.19
C ILE H 87 -55.47 -14.68 15.70
N ARG H 88 -54.55 -15.17 14.86
CA ARG H 88 -53.48 -16.10 15.24
C ARG H 88 -52.17 -15.34 15.29
N TYR H 89 -51.19 -15.85 16.03
CA TYR H 89 -49.82 -15.31 16.07
C TYR H 89 -48.86 -16.35 15.50
N PHE H 90 -47.78 -15.87 14.92
CA PHE H 90 -46.66 -16.68 14.39
C PHE H 90 -45.36 -16.09 14.95
N TYR H 91 -44.34 -16.93 15.08
CA TYR H 91 -43.02 -16.54 15.65
C TYR H 91 -41.91 -17.14 14.78
N SER H 92 -40.79 -16.44 14.70
CA SER H 92 -39.63 -16.80 13.85
C SER H 92 -38.32 -16.32 14.49
N ARG H 93 -37.25 -17.10 14.35
CA ARG H 93 -35.88 -16.80 14.84
C ARG H 93 -35.09 -15.99 13.81
N ASP H 94 -35.36 -16.32 12.55
CA ASP H 94 -34.95 -15.59 11.32
C ASP H 94 -36.23 -14.93 10.80
N GLY H 95 -36.16 -13.99 9.86
CA GLY H 95 -37.46 -13.35 9.58
C GLY H 95 -38.29 -14.16 8.58
N GLU H 96 -37.90 -15.41 8.29
CA GLU H 96 -38.34 -16.14 7.06
C GLU H 96 -39.21 -17.35 7.43
N THR H 97 -38.73 -18.22 8.32
CA THR H 97 -39.38 -19.54 8.62
C THR H 97 -40.28 -19.37 9.85
N TRP H 98 -41.56 -19.06 9.62
CA TRP H 98 -42.56 -18.75 10.68
C TRP H 98 -43.22 -20.02 11.18
N PHE H 99 -43.43 -20.12 12.50
CA PHE H 99 -44.13 -21.26 13.16
C PHE H 99 -45.48 -20.76 13.65
N ASP H 100 -46.52 -21.57 13.46
CA ASP H 100 -47.90 -21.26 13.91
C ASP H 100 -47.93 -21.30 15.44
N GLY H 101 -48.30 -20.19 16.07
CA GLY H 101 -48.45 -20.10 17.54
C GLY H 101 -49.88 -20.36 17.99
N GLY H 102 -50.80 -20.52 17.04
CA GLY H 102 -52.23 -20.75 17.33
C GLY H 102 -52.96 -19.45 17.62
N PRO H 103 -54.26 -19.51 17.95
CA PRO H 103 -55.05 -18.32 18.26
C PRO H 103 -54.41 -17.58 19.45
N VAL H 104 -54.52 -16.26 19.44
CA VAL H 104 -53.88 -15.39 20.47
C VAL H 104 -54.81 -15.30 21.68
N PHE H 105 -56.13 -15.39 21.47
CA PHE H 105 -57.14 -15.11 22.52
C PHE H 105 -57.88 -16.31 23.11
N GLU H 106 -58.36 -16.07 24.34
CA GLU H 106 -58.92 -17.01 25.32
C GLU H 106 -60.40 -17.23 25.00
N GLY H 107 -61.14 -16.19 24.54
CA GLY H 107 -62.57 -16.32 24.21
C GLY H 107 -63.46 -15.16 24.68
N GLY H 108 -62.94 -14.29 25.55
CA GLY H 108 -63.66 -13.08 26.00
C GLY H 108 -63.58 -11.95 24.97
N THR H 109 -63.32 -12.28 23.70
CA THR H 109 -62.95 -11.30 22.65
C THR H 109 -64.20 -10.54 22.23
N ARG H 110 -64.06 -9.24 21.97
CA ARG H 110 -65.17 -8.36 21.55
C ARG H 110 -65.45 -8.58 20.06
N GLY H 111 -66.71 -8.40 19.66
CA GLY H 111 -67.18 -8.55 18.27
C GLY H 111 -67.41 -10.00 17.89
N SER H 112 -68.34 -10.22 16.95
CA SER H 112 -68.65 -11.55 16.34
C SER H 112 -67.37 -12.17 15.76
N ARG H 113 -66.51 -11.33 15.18
CA ARG H 113 -65.19 -11.73 14.61
C ARG H 113 -64.25 -10.52 14.69
N GLN H 114 -62.94 -10.75 14.63
CA GLN H 114 -61.90 -9.71 14.83
C GLN H 114 -61.22 -9.38 13.50
N TRP H 115 -61.04 -8.08 13.23
CA TRP H 115 -60.35 -7.55 12.03
C TRP H 115 -59.04 -6.89 12.45
N ALA H 116 -58.28 -6.39 11.48
CA ALA H 116 -56.85 -6.06 11.64
C ALA H 116 -56.68 -4.95 12.68
N GLY H 117 -55.51 -4.92 13.34
CA GLY H 117 -55.09 -3.83 14.22
C GLY H 117 -53.58 -3.70 14.30
N SER H 118 -53.03 -3.74 15.52
CA SER H 118 -51.59 -3.56 15.83
C SER H 118 -51.27 -4.27 17.14
N ALA H 119 -50.00 -4.35 17.51
CA ALA H 119 -49.52 -5.04 18.73
C ALA H 119 -48.37 -4.25 19.34
N LEU H 120 -48.41 -4.10 20.66
CA LEU H 120 -47.43 -3.35 21.48
C LEU H 120 -46.93 -4.26 22.59
N LEU H 121 -45.63 -4.48 22.66
CA LEU H 121 -44.94 -5.02 23.87
C LEU H 121 -44.32 -3.82 24.59
N ASP H 122 -44.99 -3.35 25.65
CA ASP H 122 -44.66 -2.10 26.38
C ASP H 122 -43.34 -2.30 27.12
N ASP H 123 -42.76 -1.20 27.62
CA ASP H 123 -41.49 -1.18 28.38
C ASP H 123 -41.59 -2.10 29.60
N ASP H 124 -42.76 -2.15 30.23
CA ASP H 124 -43.04 -2.92 31.47
C ASP H 124 -43.21 -4.42 31.16
N GLY H 125 -43.24 -4.83 29.89
CA GLY H 125 -43.36 -6.25 29.49
C GLY H 125 -44.80 -6.70 29.29
N ARG H 126 -45.78 -5.82 29.58
CA ARG H 126 -47.23 -6.04 29.33
C ARG H 126 -47.50 -6.03 27.82
N LEU H 127 -48.39 -6.91 27.34
CA LEU H 127 -48.72 -7.06 25.89
C LEU H 127 -50.10 -6.46 25.62
N TYR H 128 -50.23 -5.61 24.62
CA TYR H 128 -51.50 -5.03 24.13
C TYR H 128 -51.67 -5.41 22.65
N VAL H 129 -52.73 -6.15 22.32
CA VAL H 129 -53.11 -6.51 20.93
C VAL H 129 -54.37 -5.72 20.56
N PHE H 130 -54.19 -4.58 19.93
CA PHE H 130 -55.28 -3.75 19.34
C PHE H 130 -55.88 -4.54 18.18
N TYR H 131 -57.19 -4.53 18.04
CA TYR H 131 -57.92 -5.18 16.92
C TYR H 131 -59.25 -4.45 16.69
N THR H 132 -59.88 -4.75 15.56
CA THR H 132 -61.24 -4.27 15.21
C THR H 132 -62.24 -5.34 15.66
N ALA H 133 -63.17 -4.97 16.53
CA ALA H 133 -64.37 -5.77 16.88
C ALA H 133 -65.42 -5.51 15.79
N SER H 134 -65.58 -6.47 14.87
CA SER H 134 -66.64 -6.46 13.85
C SER H 134 -67.87 -7.23 14.38
N GLY H 135 -69.05 -6.65 14.22
CA GLY H 135 -70.29 -7.14 14.83
C GLY H 135 -70.23 -7.10 16.34
N ARG H 136 -71.09 -7.88 17.01
CA ARG H 136 -71.14 -8.07 18.49
C ARG H 136 -71.13 -9.57 18.80
N ALA H 137 -70.45 -9.97 19.88
CA ALA H 137 -70.18 -11.37 20.27
C ALA H 137 -71.50 -12.15 20.33
N GLY H 138 -71.55 -13.31 19.67
CA GLY H 138 -72.69 -14.26 19.69
C GLY H 138 -73.97 -13.67 19.10
N GLU H 139 -73.86 -12.72 18.17
CA GLU H 139 -75.03 -12.10 17.50
C GLU H 139 -75.73 -13.16 16.64
N ALA H 140 -77.04 -12.98 16.41
CA ALA H 140 -77.92 -13.91 15.66
C ALA H 140 -77.45 -13.99 14.20
N GLU H 141 -77.61 -12.91 13.43
CA GLU H 141 -77.12 -12.80 12.04
C GLU H 141 -75.99 -11.77 12.01
N ILE H 142 -75.06 -11.90 11.06
CA ILE H 142 -73.81 -11.07 10.97
C ILE H 142 -74.17 -9.61 10.70
N THR H 143 -73.60 -8.69 11.50
CA THR H 143 -73.70 -7.20 11.35
C THR H 143 -72.31 -6.64 11.02
N TYR H 144 -72.24 -5.41 10.51
CA TYR H 144 -70.98 -4.78 10.02
C TYR H 144 -70.61 -3.56 10.88
N GLU H 145 -70.88 -3.65 12.18
CA GLU H 145 -70.52 -2.59 13.15
C GLU H 145 -69.08 -2.85 13.59
N GLN H 146 -68.24 -1.83 13.45
CA GLN H 146 -66.78 -1.88 13.73
C GLN H 146 -66.51 -0.90 14.89
N ARG H 147 -65.78 -1.39 15.90
CA ARG H 147 -65.26 -0.54 17.01
C ARG H 147 -63.82 -0.98 17.32
N LEU H 148 -62.98 -0.02 17.70
CA LEU H 148 -61.55 -0.24 18.06
C LEU H 148 -61.50 -0.85 19.46
N ALA H 149 -60.99 -2.07 19.57
CA ALA H 149 -60.86 -2.79 20.86
C ALA H 149 -59.38 -3.09 21.13
N VAL H 150 -59.07 -3.56 22.34
CA VAL H 150 -57.71 -4.04 22.73
C VAL H 150 -57.87 -5.25 23.65
N GLY H 151 -57.04 -6.26 23.45
CA GLY H 151 -56.80 -7.35 24.42
C GLY H 151 -55.53 -7.05 25.19
N SER H 152 -55.65 -6.58 26.43
CA SER H 152 -54.51 -6.13 27.26
C SER H 152 -54.13 -7.20 28.29
N GLY H 153 -52.98 -6.99 28.95
CA GLY H 153 -52.51 -7.77 30.10
C GLY H 153 -52.01 -9.14 29.70
N GLY H 154 -51.61 -9.33 28.44
CA GLY H 154 -50.97 -10.57 27.98
C GLY H 154 -49.57 -10.71 28.53
N SER H 155 -48.98 -11.89 28.33
CA SER H 155 -47.57 -12.21 28.65
C SER H 155 -46.97 -13.03 27.50
N VAL H 156 -45.77 -12.70 27.07
CA VAL H 156 -45.04 -13.38 25.96
C VAL H 156 -43.83 -14.08 26.56
N VAL H 157 -43.88 -15.41 26.63
CA VAL H 157 -42.78 -16.27 27.19
C VAL H 157 -42.09 -16.97 26.02
N ALA H 158 -40.76 -16.98 25.99
CA ALA H 158 -39.94 -17.54 24.90
C ALA H 158 -38.87 -18.48 25.48
N ASP H 159 -38.85 -19.74 25.01
CA ASP H 159 -37.81 -20.74 25.34
C ASP H 159 -36.96 -20.95 24.07
N ASP H 160 -36.19 -22.04 23.98
CA ASP H 160 -35.35 -22.38 22.82
C ASP H 160 -36.18 -23.12 21.77
N ASP H 161 -37.43 -23.46 22.09
CA ASP H 161 -38.33 -24.28 21.25
C ASP H 161 -39.31 -23.38 20.49
N GLY H 162 -39.71 -22.26 21.09
CA GLY H 162 -40.61 -21.28 20.45
C GLY H 162 -41.08 -20.20 21.40
N VAL H 163 -42.25 -19.63 21.10
CA VAL H 163 -42.89 -18.50 21.83
C VAL H 163 -44.35 -18.91 22.09
N ARG H 164 -44.81 -18.78 23.34
CA ARG H 164 -46.25 -18.93 23.67
C ARG H 164 -46.71 -17.60 24.27
N ILE H 165 -47.88 -17.13 23.86
CA ILE H 165 -48.55 -15.94 24.46
C ILE H 165 -49.58 -16.48 25.45
N GLU H 166 -49.41 -16.15 26.74
CA GLU H 166 -50.22 -16.74 27.84
C GLU H 166 -51.11 -15.67 28.48
N GLY H 167 -52.29 -16.12 28.97
CA GLY H 167 -53.42 -15.26 29.35
C GLY H 167 -53.23 -14.80 30.78
N PRO H 168 -54.29 -14.34 31.49
CA PRO H 168 -55.58 -14.03 30.90
C PRO H 168 -55.51 -12.70 30.17
N PHE H 169 -56.46 -12.42 29.27
CA PHE H 169 -56.54 -11.16 28.49
C PHE H 169 -57.76 -10.34 28.93
N ALA H 170 -57.59 -9.04 29.13
CA ALA H 170 -58.67 -8.10 29.48
C ALA H 170 -59.14 -7.40 28.19
N HIS H 171 -60.19 -7.91 27.55
CA HIS H 171 -60.77 -7.31 26.33
C HIS H 171 -61.69 -6.14 26.67
N GLY H 172 -61.48 -4.98 26.06
CA GLY H 172 -62.33 -3.79 26.20
C GLY H 172 -62.40 -2.99 24.90
N VAL H 173 -63.55 -2.42 24.56
CA VAL H 173 -63.68 -1.44 23.44
C VAL H 173 -63.01 -0.14 23.88
N LEU H 174 -62.23 0.48 22.99
CA LEU H 174 -61.48 1.73 23.25
C LEU H 174 -62.23 2.92 22.63
N LEU H 175 -62.67 2.82 21.38
CA LEU H 175 -63.25 3.98 20.66
C LEU H 175 -64.41 3.55 19.77
N GLU H 176 -65.42 4.43 19.66
CA GLU H 176 -66.54 4.31 18.69
C GLU H 176 -66.70 5.68 18.03
N PRO H 177 -67.20 5.74 16.77
CA PRO H 177 -67.27 7.00 16.03
C PRO H 177 -68.15 8.03 16.75
N ASP H 178 -67.73 9.30 16.78
CA ASP H 178 -68.41 10.39 17.52
C ASP H 178 -69.62 10.90 16.73
N GLY H 179 -69.65 10.72 15.40
CA GLY H 179 -70.76 11.15 14.53
C GLY H 179 -70.57 12.57 14.00
N GLU H 180 -69.55 13.31 14.45
CA GLU H 180 -69.24 14.70 14.02
C GLU H 180 -67.96 14.72 13.17
N ARG H 181 -66.85 14.18 13.71
CA ARG H 181 -65.55 14.09 12.98
C ARG H 181 -65.45 12.77 12.22
N TYR H 182 -66.07 11.70 12.76
CA TYR H 182 -66.03 10.32 12.22
C TYR H 182 -67.43 9.76 12.10
N GLU H 183 -67.81 9.37 10.87
CA GLU H 183 -69.16 8.89 10.49
C GLU H 183 -69.45 7.58 11.25
N ARG H 184 -70.67 7.47 11.78
CA ARG H 184 -71.27 6.26 12.41
C ARG H 184 -72.10 5.52 11.37
N GLU H 185 -72.52 4.27 11.68
CA GLU H 185 -73.17 3.36 10.70
C GLU H 185 -74.47 4.01 10.16
N GLU H 186 -75.22 4.68 11.05
CA GLU H 186 -76.49 5.40 10.75
C GLU H 186 -76.27 6.40 9.61
N GLN H 187 -75.17 7.17 9.66
CA GLN H 187 -74.88 8.29 8.72
C GLN H 187 -74.42 7.77 7.36
N SER H 188 -74.08 6.48 7.25
CA SER H 188 -73.46 5.86 6.04
C SER H 188 -74.35 6.06 4.81
N ARG H 189 -73.91 6.89 3.86
CA ARG H 189 -74.46 6.97 2.49
C ARG H 189 -73.57 6.14 1.56
N GLY H 190 -74.14 5.56 0.50
CA GLY H 190 -73.41 4.65 -0.41
C GLY H 190 -72.97 3.37 0.30
N MET H 191 -71.68 3.04 0.23
CA MET H 191 -71.14 1.76 0.78
C MET H 191 -71.15 1.80 2.31
N ILE H 192 -70.87 0.65 2.93
CA ILE H 192 -70.83 0.46 4.42
C ILE H 192 -69.72 1.35 5.00
N TYR H 193 -69.98 1.99 6.14
CA TYR H 193 -69.02 2.86 6.85
C TYR H 193 -67.83 2.02 7.32
N THR H 194 -66.73 2.71 7.62
CA THR H 194 -65.47 2.12 8.15
C THR H 194 -65.13 2.81 9.47
N PHE H 195 -64.65 2.02 10.44
CA PHE H 195 -64.08 2.49 11.72
C PHE H 195 -63.25 1.36 12.33
N ARG H 196 -62.07 1.11 11.75
CA ARG H 196 -61.31 -0.13 11.99
C ARG H 196 -59.80 0.12 11.86
N ASP H 197 -59.03 -0.95 12.05
CA ASP H 197 -57.57 -1.02 11.77
C ASP H 197 -56.87 -0.03 12.69
N PRO H 198 -56.98 -0.21 14.03
CA PRO H 198 -56.29 0.65 14.99
C PRO H 198 -54.78 0.34 15.05
N TRP H 199 -53.97 1.33 14.73
CA TRP H 199 -52.50 1.20 14.66
C TRP H 199 -51.86 2.12 15.71
N PHE H 200 -51.18 1.52 16.70
CA PHE H 200 -50.51 2.24 17.81
C PHE H 200 -49.26 2.92 17.26
N PHE H 201 -48.98 4.13 17.75
CA PHE H 201 -47.86 4.98 17.26
C PHE H 201 -47.46 6.03 18.30
N GLU H 202 -46.20 5.95 18.76
CA GLU H 202 -45.53 6.99 19.59
C GLU H 202 -44.75 7.90 18.65
N ASP H 203 -45.08 9.20 18.64
CA ASP H 203 -44.38 10.23 17.83
C ASP H 203 -42.99 10.41 18.42
N PRO H 204 -41.90 10.08 17.69
CA PRO H 204 -40.56 10.11 18.26
C PRO H 204 -40.09 11.55 18.53
N ARG H 205 -40.77 12.54 17.95
CA ARG H 205 -40.51 13.98 18.19
C ARG H 205 -41.24 14.42 19.46
N SER H 206 -42.58 14.46 19.47
CA SER H 206 -43.38 14.97 20.61
C SER H 206 -43.20 14.04 21.84
N GLY H 207 -43.01 12.74 21.63
CA GLY H 207 -43.12 11.73 22.70
C GLY H 207 -44.57 11.37 23.00
N LYS H 208 -45.54 12.13 22.44
CA LYS H 208 -46.99 11.92 22.65
C LYS H 208 -47.40 10.59 22.03
N THR H 209 -48.43 9.94 22.59
CA THR H 209 -48.91 8.59 22.19
C THR H 209 -50.21 8.76 21.38
N TYR H 210 -50.26 8.19 20.18
CA TYR H 210 -51.43 8.26 19.27
C TYR H 210 -51.85 6.84 18.85
N LEU H 211 -53.09 6.75 18.36
CA LEU H 211 -53.67 5.53 17.74
C LEU H 211 -54.37 5.96 16.44
N LEU H 212 -53.80 5.60 15.29
CA LEU H 212 -54.39 5.84 13.95
C LEU H 212 -55.43 4.76 13.66
N PHE H 213 -56.39 5.09 12.79
CA PHE H 213 -57.44 4.15 12.34
C PHE H 213 -58.04 4.66 11.04
N GLU H 214 -58.68 3.74 10.31
CA GLU H 214 -59.45 4.06 9.09
C GLU H 214 -60.86 4.41 9.55
N ALA H 215 -61.38 5.52 9.05
CA ALA H 215 -62.77 5.97 9.30
C ALA H 215 -63.31 6.62 8.02
N ASN H 216 -64.52 7.18 8.15
CA ASN H 216 -65.11 8.09 7.14
C ASN H 216 -65.46 9.39 7.85
N THR H 217 -65.38 10.52 7.15
CA THR H 217 -65.81 11.84 7.68
C THR H 217 -67.24 12.06 7.20
N PRO H 218 -68.19 12.30 8.12
CA PRO H 218 -69.59 12.46 7.72
C PRO H 218 -69.72 13.73 6.85
N ILE H 219 -70.49 13.65 5.78
CA ILE H 219 -70.82 14.75 4.85
C ILE H 219 -72.35 14.83 4.79
N PRO H 220 -72.95 15.95 5.26
CA PRO H 220 -74.39 16.15 5.16
C PRO H 220 -74.88 15.94 3.72
N GLU H 221 -76.14 15.49 3.53
CA GLU H 221 -76.73 15.30 2.18
C GLU H 221 -76.89 16.72 1.60
N GLY H 222 -76.58 16.88 0.32
CA GLY H 222 -76.66 18.18 -0.38
C GLY H 222 -75.69 19.22 0.14
N ALA H 223 -74.62 18.81 0.84
CA ALA H 223 -73.60 19.70 1.46
C ALA H 223 -72.92 20.59 0.41
N GLY H 224 -72.87 20.14 -0.85
CA GLY H 224 -72.22 20.86 -1.96
C GLY H 224 -70.70 20.84 -1.80
N ALA H 225 -70.16 20.09 -0.82
CA ALA H 225 -68.71 19.98 -0.53
C ALA H 225 -67.94 19.38 -1.72
N CYS H 226 -68.65 18.91 -2.75
CA CYS H 226 -68.08 18.25 -3.96
C CYS H 226 -68.81 18.75 -5.22
N GLY H 227 -68.21 18.54 -6.40
CA GLY H 227 -68.79 18.93 -7.70
C GLY H 227 -69.88 18.00 -8.19
N ASP H 228 -70.35 17.05 -7.35
CA ASP H 228 -71.47 16.11 -7.66
C ASP H 228 -71.88 15.41 -6.38
N PRO H 229 -73.18 15.46 -5.98
CA PRO H 229 -73.64 14.83 -4.75
C PRO H 229 -73.27 13.34 -4.51
N VAL H 230 -73.17 12.53 -5.57
CA VAL H 230 -72.86 11.07 -5.44
C VAL H 230 -71.40 10.88 -5.01
N TRP H 231 -70.50 11.77 -5.45
CA TRP H 231 -69.06 11.78 -5.05
C TRP H 231 -68.94 11.89 -3.52
N GLU H 232 -69.86 12.58 -2.86
CA GLU H 232 -69.86 12.81 -1.38
C GLU H 232 -69.99 11.49 -0.62
N GLU H 233 -70.45 10.40 -1.26
CA GLU H 233 -70.59 9.05 -0.64
C GLU H 233 -69.21 8.46 -0.35
N PHE H 234 -68.19 8.91 -1.10
CA PHE H 234 -66.77 8.50 -0.97
C PHE H 234 -66.06 9.47 -0.02
N ASN H 235 -66.08 9.13 1.26
CA ASN H 235 -65.78 10.01 2.41
C ASN H 235 -64.71 9.35 3.29
N GLY H 236 -63.81 8.56 2.68
CA GLY H 236 -62.72 7.86 3.39
C GLY H 236 -61.78 8.84 4.07
N SER H 237 -61.26 8.46 5.23
CA SER H 237 -60.36 9.33 6.02
C SER H 237 -59.48 8.49 6.96
N VAL H 238 -58.32 9.04 7.30
CA VAL H 238 -57.39 8.47 8.32
C VAL H 238 -57.62 9.26 9.59
N GLY H 239 -58.29 8.63 10.56
CA GLY H 239 -58.54 9.20 11.87
C GLY H 239 -57.39 8.93 12.81
N ILE H 240 -57.32 9.68 13.90
CA ILE H 240 -56.27 9.54 14.95
C ILE H 240 -56.89 9.89 16.30
N ALA H 241 -56.45 9.20 17.35
CA ALA H 241 -56.81 9.45 18.75
C ALA H 241 -55.52 9.64 19.54
N HIS H 242 -55.60 10.32 20.68
CA HIS H 242 -54.45 10.69 21.54
C HIS H 242 -54.67 10.11 22.94
N SER H 243 -53.60 9.64 23.58
CA SER H 243 -53.57 9.29 25.03
C SER H 243 -52.77 10.35 25.78
N PRO H 244 -53.45 11.22 26.58
CA PRO H 244 -52.76 12.28 27.30
C PRO H 244 -51.75 11.72 28.31
N THR H 245 -52.13 10.64 28.99
CA THR H 245 -51.22 9.72 29.73
C THR H 245 -50.56 8.89 28.63
N GLY H 246 -49.46 8.16 28.82
CA GLY H 246 -48.99 7.21 27.79
C GLY H 246 -49.78 5.91 27.78
N ASP H 247 -50.78 5.78 28.65
CA ASP H 247 -51.56 4.54 28.84
C ASP H 247 -52.08 4.08 27.48
N PRO H 248 -51.75 2.82 27.04
CA PRO H 248 -52.26 2.31 25.77
C PRO H 248 -53.76 1.98 25.70
N THR H 249 -54.55 2.26 26.75
CA THR H 249 -56.00 1.91 26.84
C THR H 249 -56.87 3.14 27.12
N ASP H 250 -56.28 4.33 27.23
CA ASP H 250 -56.99 5.61 27.48
C ASP H 250 -56.81 6.53 26.27
N TRP H 251 -57.86 6.77 25.48
CA TRP H 251 -57.77 7.53 24.20
C TRP H 251 -58.87 8.60 24.11
N GLU H 252 -58.58 9.74 23.49
CA GLU H 252 -59.56 10.77 23.12
C GLU H 252 -59.45 11.02 21.60
N LEU H 253 -60.57 11.03 20.88
CA LEU H 253 -60.59 11.30 19.41
C LEU H 253 -60.00 12.68 19.11
N CYS H 254 -59.20 12.78 18.06
CA CYS H 254 -58.70 14.06 17.48
C CYS H 254 -59.28 14.24 16.07
N ASP H 255 -58.99 15.35 15.41
CA ASP H 255 -59.39 15.60 13.99
C ASP H 255 -58.60 14.66 13.09
N PRO H 256 -59.18 14.25 11.95
CA PRO H 256 -58.52 13.29 11.06
C PRO H 256 -57.25 13.88 10.43
N LEU H 257 -56.24 13.03 10.17
CA LEU H 257 -54.95 13.43 9.55
C LEU H 257 -55.17 13.81 8.08
N LEU H 258 -56.01 13.01 7.42
CA LEU H 258 -56.18 13.08 5.94
C LEU H 258 -57.58 12.56 5.59
N GLU H 259 -58.22 13.18 4.59
CA GLU H 259 -59.52 12.74 4.01
C GLU H 259 -59.37 12.57 2.50
N GLY H 260 -60.06 11.57 1.94
CA GLY H 260 -60.15 11.32 0.50
C GLY H 260 -61.54 11.60 -0.03
N ILE H 261 -62.14 12.71 0.45
CA ILE H 261 -63.54 13.09 0.09
C ILE H 261 -63.60 13.34 -1.41
N CYS H 262 -64.61 12.75 -2.06
CA CYS H 262 -64.83 12.78 -3.53
C CYS H 262 -63.84 11.86 -4.25
N VAL H 263 -63.03 11.07 -3.53
CA VAL H 263 -61.93 10.27 -4.14
C VAL H 263 -62.08 8.79 -3.81
N ASN H 264 -62.15 8.41 -2.53
CA ASN H 264 -62.14 6.98 -2.14
C ASN H 264 -62.87 6.77 -0.82
N GLN H 265 -63.54 5.63 -0.66
CA GLN H 265 -64.35 5.28 0.55
C GLN H 265 -63.43 4.60 1.57
N GLU H 266 -62.53 3.72 1.11
CA GLU H 266 -61.70 2.87 2.00
C GLU H 266 -60.23 3.28 1.89
N LEU H 267 -59.75 4.02 2.90
CA LEU H 267 -58.30 4.28 3.13
C LEU H 267 -57.82 3.31 4.21
N GLU H 268 -57.53 2.07 3.82
CA GLU H 268 -57.39 0.91 4.74
C GLU H 268 -56.01 0.87 5.42
N ARG H 269 -55.95 0.17 6.56
CA ARG H 269 -54.74 -0.08 7.39
C ARG H 269 -53.78 1.09 7.28
N PRO H 270 -54.14 2.25 7.85
CA PRO H 270 -53.29 3.42 7.83
C PRO H 270 -52.20 3.19 8.88
N HIS H 271 -51.01 3.70 8.58
CA HIS H 271 -49.82 3.64 9.47
C HIS H 271 -48.81 4.69 8.99
N VAL H 272 -47.94 5.11 9.91
CA VAL H 272 -46.93 6.18 9.68
C VAL H 272 -45.54 5.56 9.85
N VAL H 273 -44.66 5.85 8.91
CA VAL H 273 -43.20 5.60 9.03
C VAL H 273 -42.54 6.97 9.09
N VAL H 274 -41.78 7.24 10.15
CA VAL H 274 -40.99 8.49 10.30
C VAL H 274 -39.57 8.20 9.79
N ARG H 275 -39.07 9.02 8.86
CA ARG H 275 -37.70 8.86 8.33
C ARG H 275 -37.02 10.23 8.30
N ASN H 276 -36.01 10.41 9.14
CA ASN H 276 -35.23 11.68 9.26
C ASN H 276 -36.16 12.88 9.28
N GLY H 277 -37.13 12.90 10.19
CA GLY H 277 -37.92 14.12 10.44
C GLY H 277 -39.03 14.37 9.43
N PHE H 278 -39.29 13.40 8.55
CA PHE H 278 -40.51 13.38 7.72
C PHE H 278 -41.42 12.22 8.11
N TYR H 279 -42.72 12.51 8.03
CA TYR H 279 -43.82 11.58 8.39
C TYR H 279 -44.45 11.11 7.08
N TYR H 280 -44.25 9.85 6.75
CA TYR H 280 -44.90 9.17 5.60
C TYR H 280 -46.13 8.43 6.13
N LEU H 281 -47.30 8.82 5.64
CA LEU H 281 -48.59 8.15 5.96
C LEU H 281 -48.98 7.24 4.78
N PHE H 282 -49.14 5.95 5.06
CA PHE H 282 -49.45 4.92 4.05
C PHE H 282 -50.84 4.33 4.32
N VAL H 283 -51.60 4.14 3.24
CA VAL H 283 -52.94 3.47 3.25
C VAL H 283 -53.03 2.57 2.04
N SER H 284 -53.60 1.38 2.23
CA SER H 284 -53.93 0.40 1.16
C SER H 284 -55.37 0.68 0.70
N SER H 285 -55.62 0.73 -0.60
CA SER H 285 -56.98 1.02 -1.15
C SER H 285 -57.30 0.09 -2.33
N HIS H 286 -58.60 -0.07 -2.61
CA HIS H 286 -59.11 -0.90 -3.73
C HIS H 286 -59.41 -0.03 -4.96
N ASP H 287 -59.51 -0.68 -6.12
CA ASP H 287 -59.95 -0.06 -7.39
C ASP H 287 -61.45 0.25 -7.31
N HIS H 288 -62.23 -0.63 -6.69
CA HIS H 288 -63.71 -0.54 -6.67
C HIS H 288 -64.17 0.50 -5.65
N THR H 289 -63.31 0.98 -4.77
CA THR H 289 -63.66 1.96 -3.72
C THR H 289 -63.35 3.39 -4.18
N PHE H 290 -62.91 3.57 -5.43
CA PHE H 290 -62.68 4.91 -6.02
C PHE H 290 -64.01 5.48 -6.48
N ALA H 291 -64.20 6.78 -6.26
CA ALA H 291 -65.37 7.57 -6.71
C ALA H 291 -65.45 7.51 -8.24
N PRO H 292 -66.66 7.61 -8.81
CA PRO H 292 -66.82 7.61 -10.27
C PRO H 292 -66.04 8.74 -10.95
N GLY H 293 -65.58 8.49 -12.18
CA GLY H 293 -64.74 9.40 -12.98
C GLY H 293 -63.26 9.21 -12.69
N LEU H 294 -62.92 8.49 -11.62
CA LEU H 294 -61.51 8.21 -11.19
C LEU H 294 -61.20 6.73 -11.42
N GLU H 295 -59.97 6.45 -11.84
CA GLU H 295 -59.50 5.07 -12.14
C GLU H 295 -58.14 4.89 -11.45
N GLY H 296 -58.13 4.14 -10.36
CA GLY H 296 -56.90 3.73 -9.66
C GLY H 296 -56.90 2.23 -9.41
N PRO H 297 -55.73 1.58 -9.37
CA PRO H 297 -55.66 0.16 -9.03
C PRO H 297 -55.63 -0.14 -7.53
N ASP H 298 -56.00 -1.37 -7.14
CA ASP H 298 -55.61 -1.98 -5.85
C ASP H 298 -54.13 -1.63 -5.63
N GLY H 299 -53.81 -0.91 -4.57
CA GLY H 299 -52.43 -0.48 -4.31
C GLY H 299 -52.23 0.15 -2.94
N LEU H 300 -50.96 0.33 -2.58
CA LEU H 300 -50.53 1.14 -1.41
C LEU H 300 -50.36 2.59 -1.86
N TYR H 301 -51.11 3.50 -1.26
CA TYR H 301 -51.03 4.96 -1.51
C TYR H 301 -50.36 5.60 -0.31
N GLY H 302 -49.69 6.72 -0.55
CA GLY H 302 -48.77 7.31 0.44
C GLY H 302 -48.73 8.82 0.35
N PHE H 303 -48.54 9.44 1.51
CA PHE H 303 -48.48 10.91 1.66
C PHE H 303 -47.37 11.25 2.65
N VAL H 304 -46.89 12.48 2.58
CA VAL H 304 -45.72 12.93 3.38
C VAL H 304 -45.98 14.35 3.91
N ALA H 305 -45.54 14.59 5.15
CA ALA H 305 -45.57 15.91 5.81
C ALA H 305 -44.36 16.03 6.74
N ASP H 306 -44.11 17.25 7.22
CA ASP H 306 -42.97 17.55 8.13
C ASP H 306 -43.37 17.25 9.58
N SER H 307 -44.65 16.96 9.85
CA SER H 307 -45.17 16.66 11.21
C SER H 307 -46.26 15.59 11.13
N LEU H 308 -46.56 14.93 12.25
CA LEU H 308 -47.56 13.84 12.29
C LEU H 308 -48.93 14.37 11.86
N ARG H 309 -49.30 15.56 12.32
CA ARG H 309 -50.62 16.16 12.02
C ARG H 309 -50.44 17.29 11.01
N GLY H 310 -49.48 17.15 10.09
CA GLY H 310 -49.09 18.20 9.13
C GLY H 310 -49.94 18.21 7.87
N GLU H 311 -49.57 19.07 6.92
CA GLU H 311 -50.23 19.19 5.59
C GLU H 311 -49.70 18.09 4.67
N TYR H 312 -50.24 16.88 4.80
CA TYR H 312 -49.87 15.71 3.98
C TYR H 312 -50.08 16.03 2.51
N ARG H 313 -49.12 15.67 1.66
CA ARG H 313 -49.18 15.79 0.20
C ARG H 313 -48.88 14.41 -0.37
N PRO H 314 -49.50 14.04 -1.51
CA PRO H 314 -49.37 12.70 -2.05
C PRO H 314 -47.97 12.43 -2.63
N LEU H 315 -47.45 11.25 -2.37
CA LEU H 315 -46.17 10.75 -2.94
C LEU H 315 -46.34 10.53 -4.45
N ASN H 316 -45.29 10.80 -5.22
CA ASN H 316 -45.26 10.59 -6.68
C ASN H 316 -46.37 11.38 -7.36
N GLY H 317 -46.85 12.47 -6.73
CA GLY H 317 -47.85 13.38 -7.33
C GLY H 317 -49.27 12.85 -7.22
N SER H 318 -49.48 11.55 -7.50
CA SER H 318 -50.80 10.89 -7.54
C SER H 318 -51.16 10.27 -6.19
N GLY H 319 -50.16 9.82 -5.46
CA GLY H 319 -50.34 9.11 -4.17
C GLY H 319 -49.98 7.64 -4.31
N LEU H 320 -49.98 7.11 -5.54
CA LEU H 320 -49.66 5.68 -5.77
C LEU H 320 -48.18 5.45 -5.48
N VAL H 321 -47.91 4.54 -4.54
CA VAL H 321 -46.55 4.17 -4.08
C VAL H 321 -46.18 2.80 -4.68
N LEU H 322 -47.12 1.86 -4.63
CA LEU H 322 -46.85 0.44 -4.97
C LEU H 322 -48.18 -0.19 -5.42
N THR H 323 -48.15 -1.01 -6.45
CA THR H 323 -49.34 -1.69 -7.03
C THR H 323 -48.91 -3.00 -7.71
N ASN H 324 -49.89 -3.82 -8.05
CA ASN H 324 -49.70 -5.11 -8.76
C ASN H 324 -49.64 -4.83 -10.26
N PRO H 325 -49.02 -5.72 -11.06
CA PRO H 325 -49.01 -5.57 -12.51
C PRO H 325 -50.41 -5.74 -13.09
N ALA H 326 -50.68 -5.14 -14.25
CA ALA H 326 -51.99 -5.18 -14.95
C ALA H 326 -52.42 -6.63 -15.19
N ASN H 327 -51.47 -7.54 -15.47
CA ASN H 327 -51.75 -8.95 -15.83
C ASN H 327 -51.84 -9.85 -14.58
N ALA H 328 -51.82 -9.29 -13.35
CA ALA H 328 -52.09 -10.02 -12.07
C ALA H 328 -52.58 -9.03 -11.00
N PRO H 329 -53.64 -8.27 -11.28
CA PRO H 329 -53.88 -7.00 -10.60
C PRO H 329 -54.36 -7.10 -9.15
N TYR H 330 -54.69 -8.30 -8.69
CA TYR H 330 -55.20 -8.50 -7.31
C TYR H 330 -54.29 -9.45 -6.53
N GLN H 331 -53.05 -9.64 -6.99
CA GLN H 331 -52.13 -10.68 -6.44
C GLN H 331 -51.73 -10.38 -4.99
N ALA H 332 -51.75 -9.11 -4.58
CA ALA H 332 -51.39 -8.71 -3.21
C ALA H 332 -52.28 -7.57 -2.73
N TYR H 333 -52.33 -7.39 -1.41
CA TYR H 333 -53.11 -6.32 -0.74
C TYR H 333 -52.66 -6.22 0.72
N SER H 334 -53.16 -5.19 1.42
CA SER H 334 -53.03 -4.95 2.88
C SER H 334 -51.55 -4.85 3.26
N TRP H 335 -50.86 -3.96 2.53
CA TRP H 335 -49.43 -3.64 2.69
C TRP H 335 -49.24 -2.81 3.96
N VAL H 336 -48.15 -3.13 4.67
CA VAL H 336 -47.65 -2.43 5.89
C VAL H 336 -46.17 -2.11 5.68
N ALA H 337 -45.81 -0.83 5.67
CA ALA H 337 -44.45 -0.32 5.44
C ALA H 337 -43.72 -0.18 6.79
N PHE H 338 -42.42 -0.46 6.79
CA PHE H 338 -41.54 -0.33 7.99
C PHE H 338 -40.11 -0.10 7.52
N SER H 339 -39.37 0.72 8.28
CA SER H 339 -37.98 1.12 7.97
C SER H 339 -37.05 -0.07 8.20
N HIS H 340 -36.00 -0.18 7.38
CA HIS H 340 -34.84 -1.06 7.62
C HIS H 340 -33.59 -0.37 7.05
N ARG H 341 -32.84 0.29 7.92
CA ARG H 341 -31.63 1.08 7.54
C ARG H 341 -32.09 2.14 6.54
N GLU H 342 -31.44 2.27 5.39
CA GLU H 342 -31.73 3.33 4.40
C GLU H 342 -32.88 2.90 3.48
N GLU H 343 -33.45 1.71 3.68
CA GLU H 343 -34.56 1.18 2.84
C GLU H 343 -35.90 1.30 3.57
N LEU H 344 -36.98 1.24 2.82
CA LEU H 344 -38.35 0.98 3.32
C LEU H 344 -38.78 -0.39 2.81
N LEU H 345 -39.20 -1.27 3.71
CA LEU H 345 -39.74 -2.62 3.36
C LEU H 345 -41.26 -2.55 3.48
N VAL H 346 -41.97 -3.32 2.67
CA VAL H 346 -43.45 -3.31 2.59
C VAL H 346 -43.90 -4.77 2.52
N SER H 347 -44.71 -5.20 3.48
CA SER H 347 -45.23 -6.59 3.58
C SER H 347 -46.75 -6.57 3.39
N GLY H 348 -47.22 -7.12 2.27
CA GLY H 348 -48.64 -7.44 2.06
C GLY H 348 -48.89 -8.94 2.23
N PHE H 349 -50.06 -9.41 1.83
CA PHE H 349 -50.36 -10.85 1.76
C PHE H 349 -50.70 -11.21 0.31
N PHE H 350 -50.57 -12.49 -0.01
CA PHE H 350 -50.82 -13.08 -1.35
C PHE H 350 -52.34 -13.27 -1.51
N ASN H 351 -52.97 -12.45 -2.33
CA ASN H 351 -54.46 -12.29 -2.39
C ASN H 351 -55.01 -13.22 -3.49
N TYR H 352 -55.57 -12.68 -4.57
CA TYR H 352 -56.17 -13.46 -5.69
C TYR H 352 -55.24 -13.45 -6.90
N TYR H 353 -54.94 -14.63 -7.43
CA TYR H 353 -54.05 -14.80 -8.61
C TYR H 353 -54.69 -15.80 -9.57
N ASP H 354 -54.18 -15.84 -10.80
CA ASP H 354 -54.60 -16.77 -11.87
C ASP H 354 -56.08 -16.57 -12.20
N LEU H 355 -56.55 -15.34 -12.18
CA LEU H 355 -57.95 -14.99 -12.52
C LEU H 355 -58.15 -15.01 -14.03
N GLY H 356 -57.06 -15.09 -14.79
CA GLY H 356 -57.10 -15.15 -16.27
C GLY H 356 -57.53 -13.80 -16.83
N GLY H 357 -58.80 -13.46 -16.75
CA GLY H 357 -59.32 -12.10 -17.07
C GLY H 357 -60.47 -11.69 -16.16
N LEU H 358 -60.90 -12.60 -15.29
CA LEU H 358 -62.15 -12.46 -14.50
C LEU H 358 -61.97 -11.31 -13.51
N THR H 359 -63.06 -10.60 -13.20
CA THR H 359 -63.12 -9.63 -12.09
C THR H 359 -63.35 -10.42 -10.79
N LEU H 360 -63.17 -9.79 -9.63
CA LEU H 360 -63.27 -10.44 -8.30
C LEU H 360 -64.72 -10.88 -8.06
N ASP H 361 -65.69 -10.07 -8.50
CA ASP H 361 -67.14 -10.44 -8.39
C ASP H 361 -67.36 -11.75 -9.13
N ASP H 362 -66.77 -11.88 -10.32
CA ASP H 362 -66.92 -13.08 -11.21
C ASP H 362 -66.33 -14.33 -10.55
N VAL H 363 -65.43 -14.19 -9.56
CA VAL H 363 -64.78 -15.36 -8.88
C VAL H 363 -65.80 -16.07 -8.00
N ALA H 364 -66.86 -15.38 -7.55
CA ALA H 364 -68.01 -15.97 -6.82
C ALA H 364 -68.80 -16.93 -7.73
N THR H 365 -68.77 -16.75 -9.06
CA THR H 365 -69.40 -17.66 -10.08
C THR H 365 -68.81 -19.06 -9.95
N LEU H 366 -67.49 -19.18 -9.85
CA LEU H 366 -66.71 -20.42 -10.09
C LEU H 366 -67.06 -21.46 -9.02
N SER H 367 -66.75 -22.74 -9.28
CA SER H 367 -66.92 -23.85 -8.32
C SER H 367 -66.11 -23.55 -7.06
N PRO H 368 -66.51 -24.04 -5.87
CA PRO H 368 -65.72 -23.85 -4.66
C PRO H 368 -64.22 -24.19 -4.81
N ASP H 369 -63.88 -25.30 -5.46
CA ASP H 369 -62.48 -25.76 -5.68
C ASP H 369 -61.71 -24.75 -6.54
N GLU H 370 -62.38 -24.20 -7.56
CA GLU H 370 -61.77 -23.22 -8.51
C GLU H 370 -61.55 -21.88 -7.80
N GLN H 371 -62.35 -21.57 -6.78
CA GLN H 371 -62.22 -20.30 -5.99
C GLN H 371 -61.00 -20.42 -5.05
N ARG H 372 -60.88 -21.50 -4.28
CA ARG H 372 -59.75 -21.72 -3.35
C ARG H 372 -58.44 -21.84 -4.13
N ALA H 373 -58.50 -22.25 -5.38
CA ALA H 373 -57.33 -22.45 -6.25
C ALA H 373 -56.71 -21.09 -6.64
N LYS H 374 -57.45 -20.00 -6.47
CA LYS H 374 -57.09 -18.63 -6.94
C LYS H 374 -56.85 -17.69 -5.75
N PHE H 375 -56.65 -18.23 -4.55
CA PHE H 375 -56.41 -17.44 -3.32
C PHE H 375 -55.18 -17.98 -2.60
N GLY H 376 -54.19 -17.12 -2.39
CA GLY H 376 -52.95 -17.45 -1.68
C GLY H 376 -53.19 -17.76 -0.22
N GLY H 377 -53.47 -16.74 0.58
CA GLY H 377 -53.61 -16.83 2.04
C GLY H 377 -52.27 -17.10 2.72
N THR H 378 -51.19 -16.50 2.20
CA THR H 378 -49.84 -16.45 2.84
C THR H 378 -49.28 -15.04 2.71
N LEU H 379 -48.13 -14.79 3.32
CA LEU H 379 -47.42 -13.51 3.17
C LEU H 379 -46.81 -13.40 1.76
N ALA H 380 -46.94 -12.22 1.16
CA ALA H 380 -46.36 -11.86 -0.15
C ALA H 380 -44.86 -11.64 0.04
N PRO H 381 -44.04 -11.81 -1.03
CA PRO H 381 -42.63 -11.43 -1.00
C PRO H 381 -42.48 -9.94 -0.63
N THR H 382 -41.75 -9.63 0.44
CA THR H 382 -41.73 -8.25 1.00
C THR H 382 -40.92 -7.40 0.03
N VAL H 383 -41.49 -6.26 -0.31
CA VAL H 383 -40.95 -5.35 -1.37
C VAL H 383 -39.97 -4.42 -0.70
N ARG H 384 -38.84 -4.17 -1.35
CA ARG H 384 -37.85 -3.15 -0.94
C ARG H 384 -38.11 -1.92 -1.78
N VAL H 385 -38.34 -0.78 -1.14
CA VAL H 385 -38.55 0.53 -1.83
C VAL H 385 -37.55 1.53 -1.25
N ALA H 386 -37.24 2.55 -2.05
CA ALA H 386 -36.35 3.67 -1.69
C ALA H 386 -37.18 4.95 -1.75
N LEU H 387 -37.25 5.67 -0.64
CA LEU H 387 -37.87 7.01 -0.55
C LEU H 387 -36.81 8.07 -0.84
N SER H 388 -37.26 9.20 -1.38
CA SER H 388 -36.42 10.40 -1.59
C SER H 388 -37.01 11.55 -0.76
N GLY H 389 -37.96 12.26 -1.31
CA GLY H 389 -38.70 13.27 -0.55
C GLY H 389 -40.13 12.84 -0.65
N ASP H 390 -40.84 13.42 -1.60
CA ASP H 390 -42.22 13.03 -1.98
C ASP H 390 -42.19 12.01 -3.13
N ARG H 391 -41.08 11.30 -3.35
CA ARG H 391 -40.95 10.33 -4.46
C ARG H 391 -40.48 8.96 -3.94
N THR H 392 -41.01 7.88 -4.54
CA THR H 392 -40.69 6.47 -4.19
C THR H 392 -40.27 5.72 -5.45
N ARG H 393 -39.61 4.57 -5.27
CA ARG H 393 -39.18 3.67 -6.36
C ARG H 393 -38.99 2.27 -5.77
N ILE H 394 -39.59 1.26 -6.40
CA ILE H 394 -39.39 -0.19 -6.08
C ILE H 394 -37.95 -0.53 -6.46
N THR H 395 -37.20 -1.14 -5.54
CA THR H 395 -35.77 -1.48 -5.72
C THR H 395 -35.60 -3.01 -5.91
N GLY H 396 -36.49 -3.80 -5.33
CA GLY H 396 -36.47 -5.27 -5.46
C GLY H 396 -37.38 -5.92 -4.43
N THR H 397 -37.19 -7.22 -4.21
CA THR H 397 -38.02 -8.02 -3.26
C THR H 397 -37.13 -8.94 -2.44
N LEU H 398 -37.71 -9.52 -1.38
CA LEU H 398 -37.10 -10.55 -0.52
C LEU H 398 -37.99 -11.80 -0.59
N SER H 399 -37.63 -12.86 0.16
CA SER H 399 -38.43 -14.10 0.26
C SER H 399 -39.83 -13.77 0.78
N HIS H 400 -40.80 -14.67 0.55
CA HIS H 400 -42.20 -14.53 1.01
C HIS H 400 -42.22 -14.22 2.50
N GLY H 401 -42.89 -13.13 2.89
CA GLY H 401 -43.04 -12.69 4.28
C GLY H 401 -41.72 -12.71 5.06
N ARG H 402 -40.64 -12.18 4.50
CA ARG H 402 -39.41 -11.88 5.27
C ARG H 402 -39.59 -10.56 6.00
N ILE H 403 -39.62 -10.60 7.33
CA ILE H 403 -39.61 -9.39 8.20
C ILE H 403 -38.26 -9.37 8.92
N PRO H 404 -37.25 -8.64 8.38
CA PRO H 404 -35.92 -8.59 8.99
C PRO H 404 -35.80 -7.50 10.06
N LEU H 405 -34.88 -7.72 11.01
CA LEU H 405 -34.49 -6.72 12.03
C LEU H 405 -33.43 -5.79 11.44
N GLU H 406 -33.22 -4.62 12.05
CA GLU H 406 -32.22 -3.64 11.55
C GLU H 406 -30.81 -4.21 11.74
N SER H 407 -30.66 -5.14 12.69
CA SER H 407 -29.39 -5.83 13.03
C SER H 407 -29.03 -6.86 11.96
N GLU H 408 -29.82 -7.02 10.89
CA GLU H 408 -29.60 -8.04 9.84
C GLU H 408 -29.29 -7.35 8.51
N GLU H 409 -28.28 -7.84 7.80
CA GLU H 409 -27.85 -7.31 6.47
C GLU H 409 -28.72 -7.98 5.40
N LEU H 410 -29.31 -7.20 4.50
CA LEU H 410 -30.12 -7.74 3.38
C LEU H 410 -29.24 -7.94 2.16
N PRO H 411 -29.56 -8.92 1.28
CA PRO H 411 -28.81 -9.13 0.05
C PRO H 411 -28.68 -7.85 -0.79
N ASP H 412 -27.66 -7.78 -1.63
CA ASP H 412 -27.36 -6.61 -2.49
C ASP H 412 -28.47 -6.46 -3.56
N LEU H 413 -28.60 -5.26 -4.10
CA LEU H 413 -29.55 -4.96 -5.20
C LEU H 413 -28.80 -4.92 -6.52
N PRO H 414 -29.45 -5.30 -7.64
CA PRO H 414 -28.81 -5.26 -8.96
C PRO H 414 -28.52 -3.83 -9.47
N ALA I 9 27.97 1.21 43.17
CA ALA I 9 28.79 2.40 42.80
C ALA I 9 28.00 3.68 43.14
N THR I 10 28.04 4.13 44.39
CA THR I 10 27.19 5.24 44.91
C THR I 10 27.59 6.54 44.20
N PRO I 11 26.61 7.34 43.70
CA PRO I 11 26.90 8.65 43.12
C PRO I 11 27.64 9.54 44.13
N ARG I 12 28.65 10.28 43.65
CA ARG I 12 29.55 11.05 44.53
C ARG I 12 29.48 12.54 44.20
N TRP I 13 29.25 13.36 45.22
CA TRP I 13 29.59 14.80 45.22
C TRP I 13 31.10 14.90 45.41
N THR I 14 31.84 15.28 44.37
CA THR I 14 33.32 15.13 44.33
C THR I 14 33.97 16.48 44.67
N ARG I 15 35.26 16.46 44.97
CA ARG I 15 36.06 17.66 45.29
C ARG I 15 36.17 18.52 44.02
N GLU I 16 36.17 17.90 42.84
CA GLU I 16 36.22 18.65 41.57
C GLU I 16 34.96 19.52 41.47
N HIS I 17 33.82 19.02 41.97
CA HIS I 17 32.55 19.78 42.04
C HIS I 17 32.70 20.95 43.02
N ALA I 18 33.01 20.63 44.28
CA ALA I 18 33.07 21.60 45.40
C ALA I 18 34.08 22.70 45.11
N SER I 19 35.16 22.40 44.37
CA SER I 19 36.18 23.40 43.94
C SER I 19 35.52 24.55 43.18
N LYS I 20 34.40 24.30 42.49
CA LYS I 20 33.71 25.28 41.61
C LYS I 20 32.69 26.10 42.41
N ILE I 21 32.42 25.73 43.67
CA ILE I 21 31.40 26.42 44.52
C ILE I 21 31.77 27.90 44.59
N GLU I 22 30.79 28.78 44.47
CA GLU I 22 31.01 30.24 44.31
C GLU I 22 29.65 30.94 44.34
N ARG I 23 29.52 31.98 45.15
CA ARG I 23 28.31 32.84 45.17
C ARG I 23 28.15 33.46 43.79
N THR I 24 26.93 33.50 43.25
CA THR I 24 26.58 34.18 41.98
C THR I 24 25.22 34.85 42.14
N ASP I 25 24.84 35.70 41.18
CA ASP I 25 23.55 36.45 41.24
C ASP I 25 22.40 35.47 41.16
N GLU I 26 22.65 34.26 40.67
CA GLU I 26 21.62 33.22 40.45
C GLU I 26 21.41 32.37 41.71
N THR I 27 22.29 32.44 42.69
CA THR I 27 22.27 31.55 43.89
C THR I 27 22.15 32.33 45.19
N VAL I 28 22.22 33.65 45.17
CA VAL I 28 22.24 34.47 46.43
C VAL I 28 20.85 35.03 46.66
N VAL I 29 20.26 34.74 47.82
CA VAL I 29 18.91 35.22 48.22
C VAL I 29 19.04 36.67 48.67
N PRO I 30 17.94 37.45 48.64
CA PRO I 30 17.98 38.82 49.17
C PRO I 30 18.22 38.83 50.69
N ILE I 31 18.60 39.98 51.21
CA ILE I 31 18.78 40.22 52.66
C ILE I 31 17.44 39.95 53.34
N ILE I 32 17.46 39.18 54.43
CA ILE I 32 16.27 38.92 55.28
C ILE I 32 16.28 39.96 56.40
N TYR I 33 15.19 40.71 56.52
CA TYR I 33 14.90 41.68 57.60
C TYR I 33 13.84 41.06 58.50
N PRO I 34 13.92 41.24 59.85
CA PRO I 34 13.03 40.56 60.77
C PRO I 34 11.57 40.94 60.47
N PRO I 35 10.62 40.01 60.62
CA PRO I 35 9.22 40.27 60.28
C PRO I 35 8.55 41.17 61.32
N ARG I 36 7.48 41.87 60.92
CA ARG I 36 6.81 42.97 61.68
C ARG I 36 6.27 42.44 63.01
N GLU I 37 5.64 41.27 63.00
CA GLU I 37 5.10 40.58 64.21
C GLU I 37 5.36 39.08 64.08
N ASP I 38 5.60 38.40 65.22
CA ASP I 38 5.89 36.94 65.35
C ASP I 38 4.59 36.21 65.73
N ALA I 39 4.40 34.98 65.24
CA ALA I 39 3.26 34.09 65.54
C ALA I 39 3.32 33.62 67.01
N ALA I 40 4.53 33.35 67.53
CA ALA I 40 4.79 32.97 68.94
C ALA I 40 6.01 33.76 69.46
N PRO I 41 5.80 34.94 70.10
CA PRO I 41 6.91 35.76 70.60
C PRO I 41 7.75 35.07 71.68
N GLU I 42 7.14 34.18 72.46
CA GLU I 42 7.78 33.45 73.60
C GLU I 42 8.63 32.27 73.11
N ILE I 43 8.63 31.97 71.80
CA ILE I 43 9.23 30.72 71.23
C ILE I 43 10.12 31.07 70.04
N ASN I 44 11.31 30.47 70.01
CA ASN I 44 12.22 30.42 68.84
C ASN I 44 11.92 29.12 68.08
N GLY I 45 11.75 29.20 66.76
CA GLY I 45 11.45 28.05 65.89
C GLY I 45 12.42 27.99 64.72
N TRP I 46 12.91 26.80 64.42
CA TRP I 46 13.80 26.54 63.25
C TRP I 46 13.40 25.21 62.62
N ASP I 47 14.15 24.75 61.62
CA ASP I 47 14.04 23.39 61.01
C ASP I 47 12.57 22.97 60.92
N THR I 48 11.84 23.55 59.97
CA THR I 48 10.37 23.35 59.85
C THR I 48 10.10 22.40 58.68
N TRP I 49 9.03 21.61 58.78
CA TRP I 49 8.58 20.66 57.73
C TRP I 49 7.05 20.70 57.63
N PHE I 50 6.49 20.25 56.51
CA PHE I 50 5.05 20.35 56.17
C PHE I 50 4.35 19.02 56.43
N LEU I 51 3.13 19.09 56.95
CA LEU I 51 2.19 17.94 56.96
C LEU I 51 1.80 17.70 55.50
N ARG I 52 2.24 16.56 54.96
CA ARG I 52 2.03 16.20 53.54
C ARG I 52 1.09 14.98 53.48
N GLU I 53 0.34 14.85 52.38
CA GLU I 53 -0.37 13.60 52.00
C GLU I 53 0.69 12.60 51.54
N ARG I 54 0.27 11.37 51.21
CA ARG I 54 1.19 10.29 50.81
C ARG I 54 1.96 10.67 49.52
N ASP I 55 1.27 11.26 48.54
CA ASP I 55 1.85 11.64 47.23
C ASP I 55 2.92 12.73 47.41
N GLY I 56 2.83 13.52 48.49
CA GLY I 56 3.82 14.56 48.83
C GLY I 56 3.24 15.97 48.83
N SER I 57 2.06 16.18 48.25
CA SER I 57 1.34 17.49 48.24
C SER I 57 1.13 17.96 49.67
N ILE I 58 1.11 19.27 49.91
CA ILE I 58 0.81 19.84 51.26
C ILE I 58 -0.61 19.40 51.62
N ALA I 59 -0.77 18.72 52.75
CA ALA I 59 -2.08 18.24 53.25
C ALA I 59 -2.91 19.44 53.72
N THR I 60 -4.23 19.37 53.50
CA THR I 60 -5.22 20.42 53.81
C THR I 60 -6.40 19.74 54.54
N VAL I 61 -6.65 20.11 55.80
CA VAL I 61 -7.74 19.54 56.65
C VAL I 61 -8.73 20.66 57.02
N GLY I 62 -9.93 20.62 56.44
CA GLY I 62 -10.96 21.65 56.62
C GLY I 62 -10.44 23.03 56.23
N GLY I 63 -9.55 23.11 55.22
CA GLY I 63 -9.05 24.38 54.67
C GLY I 63 -7.83 24.91 55.41
N TRP I 64 -7.29 24.15 56.36
CA TRP I 64 -6.07 24.48 57.13
C TRP I 64 -4.88 23.67 56.60
N ARG I 65 -3.72 24.32 56.43
CA ARG I 65 -2.41 23.65 56.27
C ARG I 65 -1.80 23.51 57.67
N VAL I 66 -1.00 22.46 57.87
CA VAL I 66 -0.26 22.28 59.14
C VAL I 66 1.23 22.21 58.81
N ILE I 67 2.07 22.82 59.65
CA ILE I 67 3.55 22.69 59.61
C ILE I 67 4.05 22.36 61.02
N PHE I 68 5.27 21.82 61.08
CA PHE I 68 5.95 21.41 62.33
C PHE I 68 7.31 22.11 62.39
N SER I 69 7.72 22.57 63.57
CA SER I 69 9.02 23.25 63.83
C SER I 69 9.69 22.59 65.04
N LEU I 70 11.01 22.54 65.04
CA LEU I 70 11.81 22.42 66.28
C LEU I 70 11.70 23.77 67.00
N THR I 71 11.42 23.74 68.30
CA THR I 71 11.17 24.95 69.12
C THR I 71 11.92 24.84 70.45
N ALA I 72 12.30 26.00 70.99
CA ALA I 72 12.84 26.19 72.35
C ALA I 72 12.30 27.51 72.87
N PRO I 73 12.26 27.70 74.20
CA PRO I 73 11.92 29.01 74.77
C PRO I 73 12.85 30.09 74.21
N ALA I 74 12.28 31.28 73.93
CA ALA I 74 12.99 32.43 73.33
C ALA I 74 14.05 32.97 74.31
N ASP I 75 13.80 32.87 75.62
CA ASP I 75 14.73 33.38 76.67
C ASP I 75 16.01 32.53 76.71
N LEU I 76 16.02 31.35 76.07
CA LEU I 76 17.17 30.43 76.06
C LEU I 76 18.24 30.96 75.09
N LEU I 77 19.51 30.74 75.39
CA LEU I 77 20.63 31.17 74.52
C LEU I 77 20.55 30.37 73.22
N PRO I 78 20.71 31.03 72.05
CA PRO I 78 20.52 30.37 70.76
C PRO I 78 21.41 29.13 70.59
N GLY I 79 22.70 29.25 70.93
CA GLY I 79 23.69 28.15 70.81
C GLY I 79 23.27 26.87 71.52
N LYS I 80 22.32 26.94 72.47
CA LYS I 80 21.96 25.81 73.37
C LYS I 80 20.56 25.25 73.04
N ARG I 81 19.81 25.86 72.12
CA ARG I 81 18.41 25.46 71.79
C ARG I 81 18.36 23.98 71.38
N HIS I 82 19.44 23.46 70.76
CA HIS I 82 19.51 22.10 70.21
C HIS I 82 19.44 21.02 71.29
N ASP I 83 19.74 21.39 72.53
CA ASP I 83 19.83 20.42 73.65
C ASP I 83 18.42 20.14 74.20
N VAL I 84 17.44 21.03 73.93
CA VAL I 84 16.07 20.91 74.51
C VAL I 84 15.00 21.11 73.43
N ALA I 85 15.32 20.78 72.18
CA ALA I 85 14.41 20.96 71.02
C ALA I 85 13.14 20.13 71.22
N GLU I 86 11.98 20.76 71.04
CA GLU I 86 10.66 20.09 71.17
C GLU I 86 9.81 20.43 69.93
N ILE I 87 9.10 19.46 69.38
CA ILE I 87 8.31 19.65 68.12
C ILE I 87 6.97 20.30 68.48
N ARG I 88 6.75 21.51 67.99
CA ARG I 88 5.42 22.19 68.01
C ARG I 88 4.85 22.16 66.60
N TYR I 89 3.53 22.28 66.49
CA TYR I 89 2.82 22.40 65.19
C TYR I 89 2.16 23.78 65.13
N PHE I 90 2.03 24.29 63.91
CA PHE I 90 1.34 25.56 63.58
C PHE I 90 0.37 25.27 62.44
N TYR I 91 -0.71 26.05 62.36
CA TYR I 91 -1.77 25.88 61.34
C TYR I 91 -2.14 27.26 60.78
N SER I 92 -2.53 27.29 59.50
CA SER I 92 -2.86 28.53 58.76
C SER I 92 -3.93 28.25 57.72
N ARG I 93 -4.83 29.22 57.50
CA ARG I 93 -5.91 29.17 56.49
C ARG I 93 -5.42 29.70 55.14
N ASP I 94 -4.43 30.61 55.12
CA ASP I 94 -3.93 31.26 53.88
C ASP I 94 -2.50 30.80 53.53
N GLY I 95 -1.65 30.50 54.52
CA GLY I 95 -0.26 30.10 54.26
C GLY I 95 0.73 31.15 54.71
N GLU I 96 0.23 32.28 55.23
CA GLU I 96 1.04 33.43 55.72
C GLU I 96 0.86 33.58 57.24
N THR I 97 -0.37 33.65 57.74
CA THR I 97 -0.68 34.00 59.16
C THR I 97 -0.84 32.71 59.97
N TRP I 98 0.26 32.23 60.57
CA TRP I 98 0.33 30.93 61.30
C TRP I 98 -0.10 31.11 62.76
N PHE I 99 -0.85 30.16 63.29
CA PHE I 99 -1.29 30.12 64.71
C PHE I 99 -0.54 28.99 65.43
N ASP I 100 -0.08 29.25 66.65
CA ASP I 100 0.64 28.25 67.48
C ASP I 100 -0.35 27.17 67.91
N GLY I 101 -0.09 25.91 67.55
CA GLY I 101 -0.90 24.75 67.94
C GLY I 101 -0.39 24.10 69.21
N GLY I 102 0.77 24.54 69.71
CA GLY I 102 1.41 23.96 70.90
C GLY I 102 2.20 22.70 70.57
N PRO I 103 2.82 22.05 71.58
CA PRO I 103 3.59 20.83 71.37
C PRO I 103 2.71 19.75 70.73
N VAL I 104 3.31 18.93 69.87
CA VAL I 104 2.58 17.86 69.13
C VAL I 104 2.47 16.64 70.04
N PHE I 105 3.44 16.41 70.93
CA PHE I 105 3.52 15.19 71.76
C PHE I 105 3.28 15.52 73.24
N GLU I 106 2.56 14.62 73.92
CA GLU I 106 2.19 14.69 75.37
C GLU I 106 3.35 14.14 76.21
N GLY I 107 4.05 13.12 75.71
CA GLY I 107 5.04 12.35 76.48
C GLY I 107 5.32 11.05 75.78
N GLY I 108 6.15 10.19 76.39
CA GLY I 108 6.59 8.90 75.81
C GLY I 108 7.40 9.08 74.53
N THR I 109 7.89 10.30 74.27
CA THR I 109 8.71 10.64 73.07
C THR I 109 10.10 10.05 73.26
N ARG I 110 10.69 9.52 72.19
CA ARG I 110 12.03 8.88 72.23
C ARG I 110 13.08 9.98 72.19
N GLY I 111 14.23 9.72 72.81
CA GLY I 111 15.38 10.64 72.88
C GLY I 111 15.21 11.71 73.95
N SER I 112 16.32 12.21 74.48
CA SER I 112 16.38 13.33 75.45
C SER I 112 15.69 14.57 74.86
N ARG I 113 15.82 14.76 73.55
CA ARG I 113 15.15 15.83 72.75
C ARG I 113 14.94 15.33 71.32
N GLN I 114 14.06 16.01 70.57
CA GLN I 114 13.66 15.60 69.19
C GLN I 114 14.26 16.59 68.19
N TRP I 115 14.82 16.06 67.09
CA TRP I 115 15.35 16.85 65.96
C TRP I 115 14.47 16.61 64.71
N ALA I 116 14.81 17.27 63.61
CA ALA I 116 13.90 17.47 62.47
C ALA I 116 13.55 16.11 61.85
N GLY I 117 12.38 16.05 61.20
CA GLY I 117 11.95 14.89 60.38
C GLY I 117 10.98 15.29 59.30
N SER I 118 9.81 14.66 59.28
CA SER I 118 8.74 14.82 58.27
C SER I 118 7.40 14.43 58.89
N ALA I 119 6.31 14.68 58.16
CA ALA I 119 4.93 14.42 58.64
C ALA I 119 4.10 13.89 57.47
N LEU I 120 3.34 12.83 57.75
CA LEU I 120 2.49 12.13 56.77
C LEU I 120 1.06 12.07 57.35
N LEU I 121 0.10 12.60 56.62
CA LEU I 121 -1.34 12.29 56.85
C LEU I 121 -1.74 11.26 55.80
N ASP I 122 -1.82 10.00 56.22
CA ASP I 122 -2.00 8.83 55.33
C ASP I 122 -3.44 8.87 54.78
N ASP I 123 -3.71 8.05 53.76
CA ASP I 123 -5.03 7.93 53.09
C ASP I 123 -6.10 7.56 54.12
N ASP I 124 -5.75 6.73 55.10
CA ASP I 124 -6.66 6.20 56.15
C ASP I 124 -6.96 7.27 57.21
N GLY I 125 -6.29 8.44 57.18
CA GLY I 125 -6.53 9.55 58.12
C GLY I 125 -5.60 9.48 59.34
N ARG I 126 -4.81 8.41 59.48
CA ARG I 126 -3.79 8.24 60.55
C ARG I 126 -2.63 9.21 60.32
N LEU I 127 -2.10 9.79 61.40
CA LEU I 127 -1.00 10.79 61.36
C LEU I 127 0.31 10.13 61.82
N TYR I 128 1.38 10.27 61.03
CA TYR I 128 2.75 9.83 61.36
C TYR I 128 3.66 11.08 61.38
N VAL I 129 4.26 11.38 62.53
CA VAL I 129 5.27 12.46 62.69
C VAL I 129 6.63 11.79 62.88
N PHE I 130 7.38 11.61 61.79
CA PHE I 130 8.78 11.14 61.80
C PHE I 130 9.63 12.23 62.44
N TYR I 131 10.58 11.84 63.28
CA TYR I 131 11.52 12.77 63.94
C TYR I 131 12.82 12.03 64.26
N THR I 132 13.86 12.79 64.60
CA THR I 132 15.14 12.27 65.11
C THR I 132 15.09 12.24 66.63
N ALA I 133 15.28 11.07 67.23
CA ALA I 133 15.53 10.90 68.68
C ALA I 133 17.01 11.16 68.95
N SER I 134 17.32 12.35 69.47
CA SER I 134 18.69 12.72 69.93
C SER I 134 18.84 12.38 71.42
N GLY I 135 19.95 11.73 71.77
CA GLY I 135 20.18 11.18 73.11
C GLY I 135 19.17 10.09 73.44
N ARG I 136 19.00 9.79 74.74
CA ARG I 136 18.01 8.83 75.31
C ARG I 136 17.21 9.53 76.40
N ALA I 137 15.91 9.23 76.50
CA ALA I 137 14.93 9.90 77.39
C ALA I 137 15.44 9.94 78.83
N GLY I 138 15.44 11.13 79.44
CA GLY I 138 15.78 11.38 80.85
C GLY I 138 17.21 11.01 81.19
N GLU I 139 18.13 11.08 80.23
CA GLU I 139 19.56 10.72 80.44
C GLU I 139 20.19 11.73 81.41
N ALA I 140 21.24 11.30 82.12
CA ALA I 140 21.96 12.06 83.16
C ALA I 140 22.62 13.31 82.53
N GLU I 141 23.64 13.12 81.68
CA GLU I 141 24.28 14.21 80.91
C GLU I 141 23.94 14.00 79.42
N ILE I 142 23.90 15.08 78.64
CA ILE I 142 23.47 15.09 77.19
C ILE I 142 24.44 14.24 76.36
N THR I 143 23.90 13.32 75.55
CA THR I 143 24.63 12.49 74.54
C THR I 143 24.16 12.86 73.12
N TYR I 144 24.91 12.49 72.09
CA TYR I 144 24.66 12.90 70.69
C TYR I 144 24.33 11.67 69.83
N GLU I 145 23.64 10.69 70.40
CA GLU I 145 23.18 9.48 69.68
C GLU I 145 21.86 9.83 69.00
N GLN I 146 21.80 9.59 67.69
CA GLN I 146 20.65 9.92 66.82
C GLN I 146 20.08 8.60 66.26
N ARG I 147 18.76 8.42 66.36
CA ARG I 147 18.04 7.30 65.70
C ARG I 147 16.73 7.83 65.11
N LEU I 148 16.31 7.27 63.97
CA LEU I 148 15.08 7.68 63.24
C LEU I 148 13.88 7.06 63.97
N ALA I 149 12.99 7.90 64.50
CA ALA I 149 11.80 7.46 65.24
C ALA I 149 10.55 8.00 64.54
N VAL I 150 9.37 7.53 64.97
CA VAL I 150 8.05 8.02 64.50
C VAL I 150 7.09 8.04 65.69
N GLY I 151 6.29 9.09 65.79
CA GLY I 151 5.09 9.15 66.63
C GLY I 151 3.87 8.88 65.77
N SER I 152 3.32 7.67 65.84
CA SER I 152 2.21 7.20 64.98
C SER I 152 0.87 7.26 65.73
N GLY I 153 -0.21 7.10 64.98
CA GLY I 153 -1.59 6.92 65.50
C GLY I 153 -2.17 8.22 66.01
N GLY I 154 -1.68 9.36 65.54
CA GLY I 154 -2.30 10.67 65.83
C GLY I 154 -3.62 10.85 65.11
N SER I 155 -4.34 11.92 65.44
CA SER I 155 -5.61 12.35 64.78
C SER I 155 -5.61 13.87 64.64
N VAL I 156 -5.99 14.38 63.47
CA VAL I 156 -5.99 15.84 63.16
C VAL I 156 -7.45 16.28 62.99
N VAL I 157 -7.99 17.03 63.95
CA VAL I 157 -9.38 17.57 63.91
C VAL I 157 -9.31 19.07 63.62
N ALA I 158 -10.16 19.54 62.70
CA ALA I 158 -10.20 20.95 62.25
C ALA I 158 -11.63 21.48 62.28
N ASP I 159 -11.88 22.58 62.98
CA ASP I 159 -13.16 23.32 63.01
C ASP I 159 -12.93 24.66 62.30
N ASP I 160 -13.80 25.65 62.49
CA ASP I 160 -13.67 27.01 61.88
C ASP I 160 -12.79 27.90 62.77
N ASP I 161 -12.40 27.39 63.94
CA ASP I 161 -11.63 28.15 64.97
C ASP I 161 -10.13 27.81 64.84
N GLY I 162 -9.81 26.56 64.47
CA GLY I 162 -8.41 26.13 64.27
C GLY I 162 -8.27 24.65 64.06
N VAL I 163 -7.08 24.13 64.36
CA VAL I 163 -6.67 22.70 64.19
C VAL I 163 -6.06 22.24 65.51
N ARG I 164 -6.50 21.10 66.03
CA ARG I 164 -5.87 20.44 67.20
C ARG I 164 -5.44 19.05 66.74
N ILE I 165 -4.24 18.63 67.14
CA ILE I 165 -3.75 17.24 66.95
C ILE I 165 -3.98 16.50 68.27
N GLU I 166 -4.82 15.46 68.24
CA GLU I 166 -5.39 14.79 69.43
C GLU I 166 -4.93 13.33 69.48
N GLY I 167 -5.38 12.64 70.51
CA GLY I 167 -5.30 11.16 70.65
C GLY I 167 -3.93 10.77 71.19
N PRO I 168 -3.76 9.52 71.66
CA PRO I 168 -2.46 9.08 72.16
C PRO I 168 -1.55 8.76 70.97
N PHE I 169 -0.24 8.90 71.17
CA PHE I 169 0.80 8.66 70.14
C PHE I 169 1.63 7.42 70.51
N ALA I 170 1.88 6.55 69.54
CA ALA I 170 2.72 5.34 69.70
C ALA I 170 4.13 5.67 69.20
N HIS I 171 5.03 6.06 70.10
CA HIS I 171 6.45 6.36 69.75
C HIS I 171 7.27 5.08 69.67
N GLY I 172 7.99 4.88 68.57
CA GLY I 172 8.95 3.78 68.41
C GLY I 172 10.10 4.20 67.53
N VAL I 173 11.30 3.70 67.81
CA VAL I 173 12.49 3.83 66.92
C VAL I 173 12.25 2.96 65.70
N LEU I 174 12.56 3.47 64.51
CA LEU I 174 12.38 2.73 63.23
C LEU I 174 13.72 2.17 62.76
N LEU I 175 14.78 2.99 62.75
CA LEU I 175 16.09 2.57 62.17
C LEU I 175 17.25 3.11 63.02
N GLU I 176 18.30 2.31 63.08
CA GLU I 176 19.63 2.67 63.65
C GLU I 176 20.68 2.26 62.62
N PRO I 177 21.84 2.95 62.59
CA PRO I 177 22.86 2.67 61.56
C PRO I 177 23.35 1.22 61.64
N ASP I 178 23.55 0.58 60.48
CA ASP I 178 23.93 -0.85 60.38
C ASP I 178 25.42 -1.04 60.66
N GLY I 179 26.25 0.00 60.46
CA GLY I 179 27.71 -0.06 60.70
C GLY I 179 28.49 -0.49 59.46
N GLU I 180 27.81 -0.90 58.38
CA GLU I 180 28.44 -1.30 57.08
C GLU I 180 28.16 -0.26 55.99
N ARG I 181 26.90 0.08 55.75
CA ARG I 181 26.48 1.10 54.75
C ARG I 181 26.39 2.48 55.40
N TYR I 182 26.02 2.53 56.69
CA TYR I 182 25.81 3.77 57.48
C TYR I 182 26.59 3.72 58.79
N GLU I 183 27.48 4.69 59.00
CA GLU I 183 28.43 4.77 60.14
C GLU I 183 27.62 4.93 61.45
N ARG I 184 28.02 4.18 62.48
CA ARG I 184 27.53 4.26 63.89
C ARG I 184 28.47 5.17 64.69
N GLU I 185 28.06 5.57 65.91
CA GLU I 185 28.78 6.58 66.73
C GLU I 185 30.21 6.12 67.01
N GLU I 186 30.39 4.82 67.28
CA GLU I 186 31.69 4.15 67.56
C GLU I 186 32.67 4.42 66.43
N GLN I 187 32.22 4.29 65.16
CA GLN I 187 33.09 4.36 63.95
C GLN I 187 33.47 5.82 63.63
N SER I 188 32.83 6.81 64.28
CA SER I 188 32.97 8.25 63.97
C SER I 188 34.43 8.71 64.07
N ARG I 189 35.06 9.04 62.94
CA ARG I 189 36.34 9.77 62.85
C ARG I 189 36.05 11.27 62.64
N GLY I 190 36.89 12.14 63.19
CA GLY I 190 36.69 13.61 63.15
C GLY I 190 35.43 14.02 63.92
N MET I 191 34.51 14.75 63.28
CA MET I 191 33.31 15.32 63.93
C MET I 191 32.33 14.20 64.31
N ILE I 192 31.30 14.54 65.09
CA ILE I 192 30.21 13.62 65.55
C ILE I 192 29.46 13.06 64.33
N TYR I 193 29.15 11.77 64.35
CA TYR I 193 28.39 11.09 63.28
C TYR I 193 26.98 11.70 63.17
N THR I 194 26.34 11.45 62.04
CA THR I 194 24.95 11.89 61.72
C THR I 194 24.13 10.64 61.35
N PHE I 195 22.88 10.62 61.83
CA PHE I 195 21.86 9.62 61.44
C PHE I 195 20.48 10.17 61.82
N ARG I 196 20.00 11.14 61.05
CA ARG I 196 18.86 11.99 61.45
C ARG I 196 18.07 12.48 60.23
N ASP I 197 17.03 13.26 60.50
CA ASP I 197 16.25 14.02 59.49
C ASP I 197 15.57 13.03 58.56
N PRO I 198 14.68 12.16 59.10
CA PRO I 198 13.95 11.19 58.29
C PRO I 198 12.82 11.87 57.51
N TRP I 199 12.88 11.79 56.17
CA TRP I 199 11.92 12.45 55.26
C TRP I 199 11.17 11.37 54.47
N PHE I 200 9.85 11.27 54.68
CA PHE I 200 8.97 10.28 54.00
C PHE I 200 8.79 10.71 52.54
N PHE I 201 8.77 9.73 51.64
CA PHE I 201 8.71 9.96 50.17
C PHE I 201 8.16 8.73 49.44
N GLU I 202 7.02 8.91 48.77
CA GLU I 202 6.44 7.92 47.81
C GLU I 202 6.90 8.32 46.40
N ASP I 203 7.63 7.43 45.72
CA ASP I 203 8.08 7.64 44.32
C ASP I 203 6.86 7.61 43.40
N PRO I 204 6.51 8.72 42.73
CA PRO I 204 5.28 8.79 41.96
C PRO I 204 5.35 7.90 40.71
N ARG I 205 6.56 7.47 40.31
CA ARG I 205 6.77 6.52 39.20
C ARG I 205 6.59 5.09 39.70
N SER I 206 7.47 4.58 40.57
CA SER I 206 7.43 3.17 41.04
C SER I 206 6.16 2.92 41.88
N GLY I 207 5.67 3.92 42.61
CA GLY I 207 4.66 3.72 43.67
C GLY I 207 5.28 3.21 44.97
N LYS I 208 6.55 2.81 44.94
CA LYS I 208 7.29 2.26 46.11
C LYS I 208 7.46 3.36 47.17
N THR I 209 7.50 2.97 48.45
CA THR I 209 7.57 3.90 49.61
C THR I 209 9.00 3.91 50.15
N TYR I 210 9.60 5.09 50.29
CA TYR I 210 10.97 5.29 50.79
C TYR I 210 10.97 6.28 51.95
N LEU I 211 12.06 6.24 52.73
CA LEU I 211 12.37 7.20 53.82
C LEU I 211 13.83 7.62 53.66
N LEU I 212 14.07 8.86 53.24
CA LEU I 212 15.42 9.46 53.14
C LEU I 212 15.85 9.95 54.52
N PHE I 213 17.17 10.00 54.73
CA PHE I 213 17.79 10.53 55.98
C PHE I 213 19.22 10.94 55.70
N GLU I 214 19.76 11.78 56.57
CA GLU I 214 21.18 12.18 56.56
C GLU I 214 21.93 11.14 57.39
N ALA I 215 23.03 10.63 56.84
CA ALA I 215 23.94 9.68 57.53
C ALA I 215 25.37 10.00 57.13
N ASN I 216 26.29 9.14 57.58
CA ASN I 216 27.68 9.09 57.10
C ASN I 216 27.94 7.66 56.63
N THR I 217 28.78 7.50 55.61
CA THR I 217 29.23 6.17 55.12
C THR I 217 30.55 5.88 55.82
N PRO I 218 30.66 4.73 56.53
CA PRO I 218 31.89 4.42 57.25
C PRO I 218 33.03 4.23 56.24
N ILE I 219 34.20 4.73 56.60
CA ILE I 219 35.46 4.63 55.82
C ILE I 219 36.50 3.90 56.68
N PRO I 220 36.93 2.69 56.25
CA PRO I 220 37.98 1.96 56.97
C PRO I 220 39.21 2.84 57.20
N GLU I 221 39.98 2.52 58.26
CA GLU I 221 41.12 3.30 58.79
C GLU I 221 42.18 3.57 57.72
N GLY I 222 42.71 2.58 56.98
CA GLY I 222 43.75 2.84 55.97
C GLY I 222 43.22 2.78 54.54
N ALA I 223 41.99 3.21 54.32
CA ALA I 223 41.17 2.91 53.11
C ALA I 223 41.82 3.49 51.84
N GLY I 224 42.56 4.60 51.99
CA GLY I 224 43.16 5.36 50.88
C GLY I 224 42.12 5.96 49.94
N ALA I 225 40.85 6.00 50.36
CA ALA I 225 39.69 6.40 49.52
C ALA I 225 39.82 7.85 49.02
N CYS I 226 40.80 8.62 49.51
CA CYS I 226 41.09 9.99 49.03
C CYS I 226 42.58 10.26 49.01
N GLY I 227 42.99 11.40 48.43
CA GLY I 227 44.38 11.87 48.34
C GLY I 227 44.90 12.45 49.64
N ASP I 228 44.21 12.24 50.78
CA ASP I 228 44.72 12.62 52.13
C ASP I 228 43.85 11.97 53.21
N PRO I 229 44.44 11.20 54.15
CA PRO I 229 43.67 10.54 55.21
C PRO I 229 42.69 11.39 56.03
N VAL I 230 42.98 12.69 56.25
CA VAL I 230 42.11 13.59 57.06
C VAL I 230 40.80 13.87 56.30
N TRP I 231 40.85 13.96 54.97
CA TRP I 231 39.67 14.15 54.10
C TRP I 231 38.64 13.04 54.34
N GLU I 232 39.10 11.81 54.64
CA GLU I 232 38.24 10.62 54.88
C GLU I 232 37.28 10.85 56.08
N GLU I 233 37.58 11.80 56.96
CA GLU I 233 36.72 12.11 58.16
C GLU I 233 35.40 12.74 57.71
N PHE I 234 35.39 13.36 56.53
CA PHE I 234 34.23 14.02 55.89
C PHE I 234 33.51 13.02 54.98
N ASN I 235 32.56 12.30 55.57
CA ASN I 235 31.96 11.06 55.02
C ASN I 235 30.44 11.21 54.99
N GLY I 236 29.95 12.44 54.78
CA GLY I 236 28.51 12.76 54.71
C GLY I 236 27.85 12.01 53.56
N SER I 237 26.59 11.60 53.76
CA SER I 237 25.82 10.84 52.75
C SER I 237 24.32 11.03 52.97
N VAL I 238 23.55 10.88 51.89
CA VAL I 238 22.07 10.82 51.93
C VAL I 238 21.69 9.35 51.87
N GLY I 239 21.26 8.80 53.00
CA GLY I 239 20.79 7.42 53.11
C GLY I 239 19.33 7.33 52.74
N ILE I 240 18.86 6.12 52.43
CA ILE I 240 17.45 5.84 52.07
C ILE I 240 17.10 4.45 52.56
N ALA I 241 15.86 4.29 53.02
CA ALA I 241 15.29 3.00 53.43
C ALA I 241 14.01 2.78 52.64
N HIS I 242 13.58 1.53 52.49
CA HIS I 242 12.41 1.11 51.68
C HIS I 242 11.42 0.38 52.59
N SER I 243 10.12 0.59 52.37
CA SER I 243 9.02 -0.21 52.96
C SER I 243 8.43 -1.11 51.87
N PRO I 244 8.68 -2.44 51.91
CA PRO I 244 8.17 -3.35 50.88
C PRO I 244 6.63 -3.38 50.87
N THR I 245 6.03 -3.36 52.06
CA THR I 245 4.60 -3.01 52.29
C THR I 245 4.56 -1.50 52.16
N GLY I 246 3.43 -0.80 51.99
CA GLY I 246 3.44 0.67 52.09
C GLY I 246 3.48 1.17 53.53
N ASP I 247 3.51 0.27 54.51
CA ASP I 247 3.43 0.61 55.95
C ASP I 247 4.47 1.68 56.27
N PRO I 248 4.05 2.86 56.81
CA PRO I 248 5.01 3.91 57.19
C PRO I 248 5.92 3.61 58.40
N THR I 249 5.85 2.42 59.00
CA THR I 249 6.60 2.06 60.23
C THR I 249 7.46 0.80 60.02
N ASP I 250 7.47 0.21 58.82
CA ASP I 250 8.26 -1.01 58.46
C ASP I 250 9.27 -0.62 57.38
N TRP I 251 10.57 -0.57 57.71
CA TRP I 251 11.63 -0.09 56.79
C TRP I 251 12.81 -1.06 56.75
N GLU I 252 13.45 -1.20 55.59
CA GLU I 252 14.75 -1.92 55.42
C GLU I 252 15.74 -0.93 54.81
N LEU I 253 16.95 -0.84 55.38
CA LEU I 253 18.04 0.03 54.84
C LEU I 253 18.37 -0.37 53.41
N CYS I 254 18.58 0.61 52.54
CA CYS I 254 19.13 0.44 51.17
C CYS I 254 20.50 1.13 51.11
N ASP I 255 21.19 1.03 49.96
CA ASP I 255 22.46 1.75 49.73
C ASP I 255 22.18 3.24 49.62
N PRO I 256 23.13 4.10 50.02
CA PRO I 256 22.90 5.55 50.05
C PRO I 256 22.71 6.09 48.62
N LEU I 257 21.89 7.14 48.48
CA LEU I 257 21.56 7.80 47.19
C LEU I 257 22.79 8.55 46.68
N LEU I 258 23.51 9.19 47.60
CA LEU I 258 24.62 10.12 47.29
C LEU I 258 25.55 10.18 48.50
N GLU I 259 26.87 10.28 48.24
CA GLU I 259 27.92 10.46 49.28
C GLU I 259 28.78 11.66 48.93
N GLY I 260 29.18 12.43 49.96
CA GLY I 260 30.07 13.59 49.83
C GLY I 260 31.43 13.31 50.45
N ILE I 261 31.94 12.09 50.24
CA ILE I 261 33.21 11.62 50.86
C ILE I 261 34.34 12.49 50.32
N CYS I 262 35.17 12.98 51.24
CA CYS I 262 36.30 13.92 50.99
C CYS I 262 35.78 15.33 50.77
N VAL I 263 34.47 15.59 50.94
CA VAL I 263 33.85 16.91 50.58
C VAL I 263 33.15 17.52 51.79
N ASN I 264 32.22 16.82 52.44
CA ASN I 264 31.41 17.42 53.53
C ASN I 264 30.94 16.35 54.50
N GLN I 265 30.81 16.69 55.79
CA GLN I 265 30.41 15.75 56.88
C GLN I 265 28.88 15.77 56.99
N GLU I 266 28.26 16.94 56.87
CA GLU I 266 26.79 17.14 57.13
C GLU I 266 26.09 17.47 55.81
N LEU I 267 25.40 16.49 55.22
CA LEU I 267 24.41 16.69 54.12
C LEU I 267 23.01 16.68 54.75
N GLU I 268 22.60 17.81 55.31
CA GLU I 268 21.45 17.89 56.26
C GLU I 268 20.10 17.93 55.52
N ARG I 269 19.04 17.57 56.24
CA ARG I 269 17.61 17.57 55.81
C ARG I 269 17.51 17.30 54.32
N PRO I 270 17.83 16.04 53.90
CA PRO I 270 17.75 15.66 52.51
C PRO I 270 16.27 15.45 52.19
N HIS I 271 15.89 15.78 50.96
CA HIS I 271 14.52 15.62 50.41
C HIS I 271 14.60 15.66 48.88
N VAL I 272 13.60 15.07 48.24
CA VAL I 272 13.50 14.95 46.75
C VAL I 272 12.25 15.71 46.30
N VAL I 273 12.42 16.52 45.26
CA VAL I 273 11.30 17.11 44.48
C VAL I 273 11.36 16.47 43.10
N VAL I 274 10.28 15.83 42.68
CA VAL I 274 10.16 15.25 41.31
C VAL I 274 9.45 16.28 40.44
N ARG I 275 10.04 16.62 39.29
CA ARG I 275 9.43 17.59 38.33
C ARG I 275 9.53 17.02 36.93
N ASN I 276 8.40 16.67 36.33
CA ASN I 276 8.31 16.11 34.96
C ASN I 276 9.35 15.01 34.74
N GLY I 277 9.40 14.02 35.62
CA GLY I 277 10.23 12.84 35.36
C GLY I 277 11.70 13.01 35.66
N PHE I 278 12.06 14.12 36.29
CA PHE I 278 13.40 14.29 36.92
C PHE I 278 13.30 14.39 38.43
N TYR I 279 14.30 13.81 39.09
CA TYR I 279 14.43 13.71 40.57
C TYR I 279 15.52 14.70 40.99
N TYR I 280 15.12 15.79 41.65
CA TYR I 280 16.03 16.77 42.27
C TYR I 280 16.19 16.39 43.74
N LEU I 281 17.42 16.08 44.15
CA LEU I 281 17.79 15.79 45.56
C LEU I 281 18.46 17.04 46.15
N PHE I 282 17.89 17.56 47.23
CA PHE I 282 18.34 18.80 47.92
C PHE I 282 18.83 18.47 49.32
N VAL I 283 19.94 19.08 49.71
CA VAL I 283 20.53 18.99 51.09
C VAL I 283 21.03 20.38 51.47
N SER I 284 20.80 20.77 52.72
CA SER I 284 21.35 22.00 53.36
C SER I 284 22.68 21.64 54.03
N SER I 285 23.73 22.43 53.83
CA SER I 285 25.07 22.17 54.42
C SER I 285 25.69 23.45 54.99
N HIS I 286 26.64 23.30 55.93
CA HIS I 286 27.39 24.41 56.54
C HIS I 286 28.72 24.66 55.84
N ASP I 287 29.30 25.84 56.07
CA ASP I 287 30.67 26.21 55.60
C ASP I 287 31.70 25.44 56.43
N HIS I 288 31.44 25.24 57.74
CA HIS I 288 32.42 24.66 58.68
C HIS I 288 32.47 23.14 58.54
N THR I 289 31.51 22.52 57.83
CA THR I 289 31.45 21.04 57.67
C THR I 289 32.11 20.63 56.35
N PHE I 290 32.72 21.56 55.62
CA PHE I 290 33.46 21.25 54.37
C PHE I 290 34.85 20.74 54.75
N ALA I 291 35.33 19.73 54.02
CA ALA I 291 36.70 19.18 54.14
C ALA I 291 37.71 20.26 53.84
N PRO I 292 38.93 20.19 54.42
CA PRO I 292 39.99 21.14 54.11
C PRO I 292 40.33 21.18 52.62
N GLY I 293 40.75 22.36 52.15
CA GLY I 293 41.08 22.65 50.74
C GLY I 293 39.85 23.13 49.98
N LEU I 294 38.66 22.95 50.55
CA LEU I 294 37.36 23.32 49.93
C LEU I 294 36.76 24.50 50.71
N GLU I 295 36.16 25.43 49.99
CA GLU I 295 35.50 26.63 50.56
C GLU I 295 34.11 26.75 49.94
N GLY I 296 33.09 26.40 50.73
CA GLY I 296 31.68 26.58 50.35
C GLY I 296 30.92 27.30 51.46
N PRO I 297 29.88 28.08 51.12
CA PRO I 297 29.06 28.74 52.14
C PRO I 297 27.93 27.87 52.70
N ASP I 298 27.45 28.21 53.90
CA ASP I 298 26.11 27.81 54.40
C ASP I 298 25.15 27.96 53.20
N GLY I 299 24.52 26.88 52.76
CA GLY I 299 23.63 26.94 51.58
C GLY I 299 22.86 25.65 51.34
N LEU I 300 21.88 25.74 50.44
CA LEU I 300 21.15 24.57 49.89
C LEU I 300 21.90 24.08 48.65
N TYR I 301 22.35 22.82 48.69
CA TYR I 301 23.03 22.15 47.56
C TYR I 301 22.05 21.15 46.96
N GLY I 302 22.20 20.89 45.66
CA GLY I 302 21.21 20.15 44.88
C GLY I 302 21.82 19.32 43.79
N PHE I 303 21.18 18.19 43.50
CA PHE I 303 21.61 17.20 42.49
C PHE I 303 20.37 16.70 41.75
N VAL I 304 20.58 16.18 40.54
CA VAL I 304 19.47 15.77 39.63
C VAL I 304 19.84 14.44 38.96
N ALA I 305 18.84 13.58 38.80
CA ALA I 305 18.92 12.30 38.08
C ALA I 305 17.58 12.01 37.41
N ASP I 306 17.55 11.03 36.52
CA ASP I 306 16.34 10.61 35.76
C ASP I 306 15.55 9.60 36.60
N SER I 307 16.08 9.14 37.74
CA SER I 307 15.40 8.15 38.64
C SER I 307 15.75 8.45 40.10
N LEU I 308 14.96 7.95 41.04
CA LEU I 308 15.17 8.23 42.48
C LEU I 308 16.54 7.72 42.92
N ARG I 309 16.94 6.54 42.47
CA ARG I 309 18.23 5.91 42.87
C ARG I 309 19.20 5.99 41.68
N GLY I 310 19.11 7.07 40.90
CA GLY I 310 19.91 7.28 39.68
C GLY I 310 21.28 7.88 39.95
N GLU I 311 22.01 8.17 38.88
CA GLU I 311 23.37 8.78 38.89
C GLU I 311 23.20 10.29 39.07
N TYR I 312 22.98 10.75 40.30
CA TYR I 312 22.83 12.17 40.65
C TYR I 312 24.06 12.94 40.22
N ARG I 313 23.86 14.10 39.59
CA ARG I 313 24.92 15.04 39.18
C ARG I 313 24.56 16.39 39.80
N PRO I 314 25.57 17.20 40.18
CA PRO I 314 25.32 18.43 40.91
C PRO I 314 24.71 19.51 40.01
N LEU I 315 23.73 20.24 40.55
CA LEU I 315 23.10 21.41 39.89
C LEU I 315 24.12 22.53 39.78
N ASN I 316 24.07 23.29 38.68
CA ASN I 316 24.94 24.47 38.44
C ASN I 316 26.41 24.05 38.47
N GLY I 317 26.72 22.78 38.21
CA GLY I 317 28.11 22.29 38.13
C GLY I 317 28.75 22.04 39.47
N SER I 318 28.55 22.92 40.45
CA SER I 318 29.19 22.88 41.79
C SER I 318 28.28 22.17 42.79
N GLY I 319 26.96 22.29 42.60
CA GLY I 319 25.96 21.75 43.54
C GLY I 319 25.26 22.86 44.29
N LEU I 320 25.86 24.05 44.35
CA LEU I 320 25.26 25.20 45.07
C LEU I 320 24.03 25.67 44.30
N VAL I 321 22.88 25.66 44.98
CA VAL I 321 21.56 26.06 44.41
C VAL I 321 21.17 27.44 44.95
N LEU I 322 21.36 27.64 46.26
CA LEU I 322 20.88 28.85 46.96
C LEU I 322 21.76 29.07 48.20
N THR I 323 22.10 30.31 48.51
CA THR I 323 22.97 30.70 49.64
C THR I 323 22.63 32.13 50.07
N ASN I 324 23.18 32.53 51.22
CA ASN I 324 23.03 33.89 51.79
C ASN I 324 24.10 34.80 51.19
N PRO I 325 23.89 36.13 51.17
CA PRO I 325 24.90 37.06 50.69
C PRO I 325 26.12 37.06 51.64
N ALA I 326 27.29 37.42 51.11
CA ALA I 326 28.57 37.46 51.85
C ALA I 326 28.45 38.37 53.09
N ASN I 327 27.68 39.47 52.99
CA ASN I 327 27.54 40.48 54.06
C ASN I 327 26.42 40.12 55.06
N ALA I 328 25.81 38.92 54.98
CA ALA I 328 24.85 38.37 55.98
C ALA I 328 24.84 36.84 55.91
N PRO I 329 26.01 36.19 56.03
CA PRO I 329 26.19 34.83 55.48
C PRO I 329 25.49 33.71 56.25
N TYR I 330 24.92 34.01 57.42
CA TYR I 330 24.25 32.99 58.26
C TYR I 330 22.79 33.34 58.48
N GLN I 331 22.22 34.22 57.64
CA GLN I 331 20.87 34.81 57.87
C GLN I 331 19.77 33.73 57.75
N ALA I 332 20.01 32.66 56.99
CA ALA I 332 19.04 31.57 56.82
C ALA I 332 19.74 30.21 56.77
N TYR I 333 18.98 29.16 57.02
CA TYR I 333 19.46 27.75 56.96
C TYR I 333 18.24 26.81 56.95
N SER I 334 18.50 25.51 56.75
CA SER I 334 17.54 24.39 56.86
C SER I 334 16.38 24.59 55.89
N TRP I 335 16.76 24.83 54.63
CA TRP I 335 15.86 25.02 53.47
C TRP I 335 15.22 23.69 53.09
N VAL I 336 13.93 23.75 52.74
CA VAL I 336 13.08 22.64 52.24
C VAL I 336 12.39 23.12 50.96
N ALA I 337 12.65 22.45 49.84
CA ALA I 337 12.14 22.81 48.50
C ALA I 337 10.85 22.03 48.23
N PHE I 338 9.90 22.66 47.53
CA PHE I 338 8.60 22.05 47.14
C PHE I 338 8.08 22.74 45.89
N SER I 339 7.42 21.98 45.01
CA SER I 339 6.90 22.46 43.71
C SER I 339 5.69 23.36 43.95
N HIS I 340 5.52 24.38 43.11
CA HIS I 340 4.29 25.17 42.98
C HIS I 340 4.13 25.59 41.52
N ARG I 341 3.32 24.86 40.76
CA ARG I 341 3.11 25.09 39.30
C ARG I 341 4.48 24.98 38.64
N GLU I 342 4.88 25.96 37.82
CA GLU I 342 6.14 25.89 37.04
C GLU I 342 7.32 26.38 37.89
N GLU I 343 7.09 26.76 39.15
CA GLU I 343 8.14 27.27 40.07
C GLU I 343 8.56 26.19 41.07
N LEU I 344 9.73 26.39 41.67
CA LEU I 344 10.17 25.70 42.91
C LEU I 344 10.22 26.75 44.02
N LEU I 345 9.55 26.50 45.13
CA LEU I 345 9.61 27.37 46.33
C LEU I 345 10.51 26.69 47.36
N VAL I 346 11.19 27.49 48.18
CA VAL I 346 12.19 27.01 49.16
C VAL I 346 11.95 27.79 50.45
N SER I 347 11.67 27.08 51.55
CA SER I 347 11.42 27.66 52.89
C SER I 347 12.53 27.26 53.85
N GLY I 348 13.35 28.22 54.25
CA GLY I 348 14.28 28.06 55.40
C GLY I 348 13.75 28.77 56.63
N PHE I 349 14.58 28.93 57.65
CA PHE I 349 14.26 29.74 58.83
C PHE I 349 15.29 30.86 58.94
N PHE I 350 14.91 31.92 59.66
CA PHE I 350 15.72 33.14 59.90
C PHE I 350 16.72 32.83 61.02
N ASN I 351 17.99 32.68 60.69
CA ASN I 351 19.04 32.11 61.58
C ASN I 351 19.75 33.27 62.33
N TYR I 352 21.03 33.51 62.06
CA TYR I 352 21.84 34.56 62.73
C TYR I 352 22.05 35.74 61.78
N TYR I 353 21.75 36.94 62.26
CA TYR I 353 21.88 38.20 61.48
C TYR I 353 22.49 39.27 62.36
N ASP I 354 22.95 40.36 61.74
CA ASP I 354 23.50 41.57 62.41
C ASP I 354 24.74 41.17 63.22
N LEU I 355 25.55 40.27 62.69
CA LEU I 355 26.80 39.81 63.33
C LEU I 355 27.88 40.87 63.17
N GLY I 356 27.67 41.85 62.28
CA GLY I 356 28.60 42.98 62.09
C GLY I 356 29.93 42.55 61.49
N GLY I 357 30.27 41.25 61.49
CA GLY I 357 31.58 40.74 61.06
C GLY I 357 32.01 39.54 61.87
N LEU I 358 31.40 39.33 63.05
CA LEU I 358 31.73 38.21 63.96
C LEU I 358 31.45 36.88 63.26
N THR I 359 32.25 35.85 63.57
CA THR I 359 31.96 34.44 63.19
C THR I 359 30.96 33.88 64.21
N LEU I 360 30.35 32.73 63.92
CA LEU I 360 29.31 32.10 64.78
C LEU I 360 29.93 31.68 66.11
N ASP I 361 31.17 31.20 66.10
CA ASP I 361 31.91 30.81 67.33
C ASP I 361 31.98 32.05 68.23
N ASP I 362 32.31 33.21 67.66
CA ASP I 362 32.49 34.50 68.37
C ASP I 362 31.18 34.96 69.01
N VAL I 363 30.02 34.48 68.54
CA VAL I 363 28.69 34.91 69.07
C VAL I 363 28.49 34.34 70.48
N ALA I 364 29.15 33.22 70.80
CA ALA I 364 29.17 32.64 72.16
C ALA I 364 29.90 33.56 73.16
N THR I 365 30.82 34.43 72.70
CA THR I 365 31.52 35.46 73.53
C THR I 365 30.49 36.41 74.16
N LEU I 366 29.52 36.89 73.37
CA LEU I 366 28.69 38.08 73.69
C LEU I 366 27.80 37.79 74.90
N SER I 367 27.27 38.85 75.52
CA SER I 367 26.29 38.77 76.63
C SER I 367 25.07 38.00 76.16
N PRO I 368 24.33 37.30 77.06
CA PRO I 368 23.09 36.63 76.68
C PRO I 368 22.12 37.48 75.85
N ASP I 369 21.90 38.74 76.23
CA ASP I 369 20.96 39.67 75.54
C ASP I 369 21.46 39.96 74.11
N GLU I 370 22.77 40.11 73.94
CA GLU I 370 23.42 40.44 72.64
C GLU I 370 23.33 39.21 71.72
N GLN I 371 23.29 37.99 72.28
CA GLN I 371 23.19 36.73 71.50
C GLN I 371 21.76 36.57 70.97
N ARG I 372 20.74 36.71 71.82
CA ARG I 372 19.31 36.59 71.45
C ARG I 372 18.93 37.69 70.46
N ALA I 373 19.64 38.82 70.48
CA ALA I 373 19.40 39.98 69.60
C ALA I 373 19.79 39.66 68.15
N LYS I 374 20.59 38.61 67.93
CA LYS I 374 21.19 38.27 66.61
C LYS I 374 20.63 36.93 66.09
N PHE I 375 19.50 36.48 66.62
CA PHE I 375 18.84 35.22 66.21
C PHE I 375 17.37 35.47 65.94
N GLY I 376 16.94 35.15 64.72
CA GLY I 376 15.55 35.28 64.26
C GLY I 376 14.62 34.35 65.01
N GLY I 377 14.69 33.06 64.69
CA GLY I 377 13.77 32.03 65.22
C GLY I 377 12.37 32.17 64.66
N THR I 378 12.27 32.54 63.39
CA THR I 378 11.00 32.56 62.59
C THR I 378 11.29 32.02 61.20
N LEU I 379 10.24 31.84 60.40
CA LEU I 379 10.41 31.41 59.00
C LEU I 379 10.97 32.55 58.17
N ALA I 380 11.92 32.22 57.29
CA ALA I 380 12.54 33.14 56.31
C ALA I 380 11.55 33.42 55.20
N PRO I 381 11.66 34.56 54.48
CA PRO I 381 10.88 34.80 53.25
C PRO I 381 11.12 33.69 52.23
N THR I 382 10.06 32.99 51.80
CA THR I 382 10.20 31.77 50.98
C THR I 382 10.67 32.22 49.60
N VAL I 383 11.71 31.55 49.10
CA VAL I 383 12.41 31.94 47.86
C VAL I 383 11.72 31.25 46.71
N ARG I 384 11.54 31.97 45.61
CA ARG I 384 11.03 31.43 44.33
C ARG I 384 12.25 31.17 43.45
N VAL I 385 12.41 29.94 42.98
CA VAL I 385 13.52 29.56 42.05
C VAL I 385 12.90 28.89 40.83
N ALA I 386 13.63 28.95 39.72
CA ALA I 386 13.26 28.35 38.43
C ALA I 386 14.32 27.32 38.08
N LEU I 387 13.92 26.06 37.91
CA LEU I 387 14.80 24.95 37.45
C LEU I 387 14.70 24.86 35.94
N SER I 388 15.80 24.47 35.29
CA SER I 388 15.90 24.27 33.83
C SER I 388 16.98 23.22 33.61
N GLY I 389 16.64 21.94 33.72
CA GLY I 389 17.62 20.85 33.65
C GLY I 389 18.47 20.76 34.90
N ASP I 390 19.80 20.82 34.74
CA ASP I 390 20.78 20.78 35.85
C ASP I 390 21.15 22.20 36.27
N ARG I 391 20.33 23.21 35.96
CA ARG I 391 20.64 24.64 36.25
C ARG I 391 19.48 25.28 36.99
N THR I 392 19.78 26.18 37.95
CA THR I 392 18.80 26.89 38.80
C THR I 392 19.06 28.40 38.73
N ARG I 393 18.06 29.19 39.10
CA ARG I 393 18.16 30.65 39.20
C ARG I 393 17.11 31.14 40.19
N ILE I 394 17.52 31.96 41.16
CA ILE I 394 16.61 32.69 42.11
C ILE I 394 15.83 33.69 41.28
N THR I 395 14.50 33.69 41.40
CA THR I 395 13.55 34.50 40.60
C THR I 395 12.96 35.63 41.48
N GLY I 396 12.85 35.41 42.79
CA GLY I 396 12.29 36.40 43.73
C GLY I 396 11.98 35.76 45.07
N THR I 397 11.18 36.44 45.89
CA THR I 397 10.77 35.96 47.24
C THR I 397 9.29 36.25 47.47
N LEU I 398 8.74 35.65 48.52
CA LEU I 398 7.36 35.89 49.03
C LEU I 398 7.48 36.37 50.48
N SER I 399 6.35 36.60 51.15
CA SER I 399 6.29 37.01 52.57
C SER I 399 6.99 35.94 53.42
N HIS I 400 7.40 36.31 54.64
CA HIS I 400 8.05 35.41 55.63
C HIS I 400 7.20 34.15 55.80
N GLY I 401 7.81 33.00 55.61
CA GLY I 401 7.16 31.67 55.77
C GLY I 401 5.80 31.59 55.09
N ARG I 402 5.68 32.06 53.85
CA ARG I 402 4.49 31.77 53.01
C ARG I 402 4.65 30.38 52.41
N ILE I 403 3.78 29.44 52.79
CA ILE I 403 3.68 28.09 52.16
C ILE I 403 2.36 28.06 51.41
N PRO I 404 2.35 28.36 50.09
CA PRO I 404 1.12 28.37 49.30
C PRO I 404 0.78 26.98 48.73
N LEU I 405 -0.51 26.75 48.49
CA LEU I 405 -1.04 25.55 47.78
C LEU I 405 -0.96 25.80 46.28
N GLU I 406 -1.03 24.74 45.47
CA GLU I 406 -0.97 24.86 43.99
C GLU I 406 -2.24 25.58 43.49
N SER I 407 -3.31 25.50 44.27
CA SER I 407 -4.62 26.14 43.99
C SER I 407 -4.57 27.66 44.21
N GLU I 408 -3.42 28.22 44.58
CA GLU I 408 -3.27 29.67 44.87
C GLU I 408 -2.33 30.31 43.84
N GLU I 409 -2.72 31.47 43.32
CA GLU I 409 -1.93 32.25 42.34
C GLU I 409 -0.93 33.12 43.11
N LEU I 410 0.34 33.09 42.72
CA LEU I 410 1.40 33.91 43.36
C LEU I 410 1.55 35.22 42.60
N PRO I 411 2.00 36.30 43.28
CA PRO I 411 2.27 37.57 42.61
C PRO I 411 3.19 37.42 41.39
N ASP I 412 3.11 38.37 40.46
CA ASP I 412 3.91 38.36 39.21
C ASP I 412 5.39 38.62 39.55
N LEU I 413 6.28 38.23 38.65
CA LEU I 413 7.75 38.42 38.78
C LEU I 413 8.17 39.61 37.92
N PRO I 414 9.27 40.31 38.30
CA PRO I 414 9.85 41.34 37.42
C PRO I 414 10.49 40.77 36.15
N ALA J 9 21.14 -4.72 28.60
CA ALA J 9 19.67 -4.53 28.85
C ALA J 9 19.23 -3.20 28.21
N THR J 10 18.97 -3.22 26.91
CA THR J 10 18.77 -1.99 26.09
C THR J 10 17.45 -1.33 26.49
N PRO J 11 17.42 0.00 26.70
CA PRO J 11 16.16 0.72 26.93
C PRO J 11 15.14 0.47 25.81
N ARG J 12 13.88 0.26 26.18
CA ARG J 12 12.83 -0.20 25.23
C ARG J 12 11.70 0.84 25.16
N TRP J 13 11.35 1.25 23.94
CA TRP J 13 10.04 1.84 23.60
C TRP J 13 9.03 0.69 23.55
N THR J 14 8.14 0.61 24.53
CA THR J 14 7.30 -0.60 24.79
C THR J 14 5.92 -0.38 24.19
N ARG J 15 5.15 -1.47 24.05
CA ARG J 15 3.77 -1.44 23.51
C ARG J 15 2.88 -0.68 24.50
N GLU J 16 3.19 -0.74 25.81
CA GLU J 16 2.41 0.00 26.83
C GLU J 16 2.54 1.49 26.54
N HIS J 17 3.71 1.94 26.07
CA HIS J 17 3.95 3.35 25.65
C HIS J 17 3.11 3.66 24.41
N ALA J 18 3.32 2.91 23.33
CA ALA J 18 2.69 3.14 22.01
C ALA J 18 1.16 3.11 22.11
N SER J 19 0.61 2.30 23.02
CA SER J 19 -0.85 2.22 23.29
C SER J 19 -1.41 3.60 23.64
N LYS J 20 -0.59 4.48 24.24
CA LYS J 20 -1.02 5.81 24.74
C LYS J 20 -0.90 6.87 23.65
N ILE J 21 -0.28 6.55 22.50
CA ILE J 21 -0.04 7.52 21.39
C ILE J 21 -1.39 8.11 20.98
N GLU J 22 -1.44 9.42 20.76
CA GLU J 22 -2.70 10.16 20.55
C GLU J 22 -2.37 11.61 20.17
N ARG J 23 -2.95 12.11 19.09
CA ARG J 23 -2.84 13.53 18.71
C ARG J 23 -3.39 14.40 19.84
N THR J 24 -2.69 15.48 20.19
CA THR J 24 -3.15 16.49 21.18
C THR J 24 -2.79 17.88 20.67
N ASP J 25 -3.31 18.93 21.30
CA ASP J 25 -3.06 20.33 20.87
C ASP J 25 -1.59 20.67 21.09
N GLU J 26 -0.90 19.88 21.91
CA GLU J 26 0.52 20.11 22.29
C GLU J 26 1.46 19.44 21.28
N THR J 27 0.97 18.54 20.42
CA THR J 27 1.82 17.72 19.52
C THR J 27 1.49 17.95 18.04
N VAL J 28 0.42 18.66 17.72
CA VAL J 28 -0.05 18.78 16.31
C VAL J 28 0.41 20.13 15.75
N VAL J 29 1.17 20.09 14.65
CA VAL J 29 1.69 21.30 13.96
C VAL J 29 0.56 21.94 13.16
N PRO J 30 0.64 23.24 12.85
CA PRO J 30 -0.36 23.88 12.00
C PRO J 30 -0.30 23.31 10.56
N ILE J 31 -1.35 23.56 9.79
CA ILE J 31 -1.45 23.19 8.35
C ILE J 31 -0.30 23.88 7.63
N ILE J 32 0.42 23.14 6.80
CA ILE J 32 1.49 23.68 5.91
C ILE J 32 0.83 23.98 4.57
N TYR J 33 0.97 25.25 4.13
CA TYR J 33 0.56 25.77 2.82
C TYR J 33 1.81 25.96 1.96
N PRO J 34 1.77 25.65 0.64
CA PRO J 34 2.97 25.68 -0.19
C PRO J 34 3.58 27.06 -0.19
N PRO J 35 4.93 27.17 -0.21
CA PRO J 35 5.59 28.48 -0.15
C PRO J 35 5.48 29.21 -1.51
N ARG J 36 5.58 30.54 -1.48
CA ARG J 36 5.21 31.45 -2.60
C ARG J 36 6.11 31.20 -3.83
N GLU J 37 7.41 31.01 -3.61
CA GLU J 37 8.41 30.65 -4.65
C GLU J 37 9.43 29.68 -4.02
N ASP J 38 9.98 28.76 -4.82
CA ASP J 38 10.96 27.69 -4.47
C ASP J 38 12.38 28.18 -4.82
N ALA J 39 13.37 27.74 -4.04
CA ALA J 39 14.82 28.01 -4.22
C ALA J 39 15.35 27.31 -5.48
N ALA J 40 14.86 26.09 -5.76
CA ALA J 40 15.17 25.28 -6.97
C ALA J 40 13.88 24.67 -7.51
N PRO J 41 13.19 25.35 -8.46
CA PRO J 41 11.92 24.86 -9.00
C PRO J 41 12.06 23.51 -9.75
N GLU J 42 13.22 23.24 -10.34
CA GLU J 42 13.50 22.04 -11.16
C GLU J 42 13.85 20.83 -10.28
N ILE J 43 13.90 21.00 -8.95
CA ILE J 43 14.38 19.96 -8.01
C ILE J 43 13.39 19.80 -6.86
N ASN J 44 13.08 18.54 -6.51
CA ASN J 44 12.38 18.15 -5.26
C ASN J 44 13.45 17.79 -4.22
N GLY J 45 13.33 18.32 -3.00
CA GLY J 45 14.27 18.09 -1.91
C GLY J 45 13.55 17.65 -0.65
N TRP J 46 14.09 16.65 0.03
CA TRP J 46 13.58 16.13 1.32
C TRP J 46 14.76 15.80 2.23
N ASP J 47 14.50 15.23 3.42
CA ASP J 47 15.51 14.65 4.33
C ASP J 47 16.75 15.56 4.36
N THR J 48 16.65 16.70 5.03
CA THR J 48 17.71 17.74 5.03
C THR J 48 18.45 17.68 6.36
N TRP J 49 19.74 18.00 6.35
CA TRP J 49 20.61 18.07 7.56
C TRP J 49 21.54 19.29 7.47
N PHE J 50 22.06 19.74 8.60
CA PHE J 50 22.87 20.99 8.72
C PHE J 50 24.37 20.67 8.75
N LEU J 51 25.16 21.51 8.10
CA LEU J 51 26.63 21.55 8.31
C LEU J 51 26.85 22.08 9.71
N ARG J 52 27.35 21.23 10.59
CA ARG J 52 27.58 21.55 12.04
C ARG J 52 29.08 21.56 12.31
N GLU J 53 29.49 22.35 13.30
CA GLU J 53 30.84 22.27 13.93
C GLU J 53 30.88 20.99 14.77
N ARG J 54 32.02 20.69 15.38
CA ARG J 54 32.22 19.45 16.18
C ARG J 54 31.27 19.44 17.39
N ASP J 55 31.10 20.57 18.07
CA ASP J 55 30.26 20.68 19.29
C ASP J 55 28.78 20.45 18.94
N GLY J 56 28.39 20.70 17.69
CA GLY J 56 27.02 20.45 17.21
C GLY J 56 26.31 21.71 16.74
N SER J 57 26.80 22.90 17.11
CA SER J 57 26.25 24.22 16.68
C SER J 57 26.27 24.30 15.15
N ILE J 58 25.32 25.02 14.56
CA ILE J 58 25.26 25.23 13.09
C ILE J 58 26.53 25.96 12.68
N ALA J 59 27.31 25.37 11.77
CA ALA J 59 28.57 25.96 11.26
C ALA J 59 28.24 27.17 10.38
N THR J 60 29.13 28.16 10.42
CA THR J 60 29.07 29.46 9.71
C THR J 60 30.41 29.70 9.02
N VAL J 61 30.44 29.78 7.70
CA VAL J 61 31.67 30.03 6.87
C VAL J 61 31.51 31.37 6.15
N GLY J 62 32.32 32.36 6.54
CA GLY J 62 32.19 33.75 6.05
C GLY J 62 31.03 34.35 6.80
N GLY J 63 29.85 34.45 6.19
CA GLY J 63 28.59 34.73 6.92
C GLY J 63 27.51 33.69 6.66
N TRP J 64 27.87 32.56 6.03
CA TRP J 64 26.93 31.62 5.36
C TRP J 64 26.72 30.36 6.23
N ARG J 65 25.47 29.92 6.35
CA ARG J 65 25.13 28.55 6.83
C ARG J 65 25.06 27.66 5.59
N VAL J 66 25.37 26.38 5.78
CA VAL J 66 25.20 25.37 4.70
C VAL J 66 24.26 24.29 5.23
N ILE J 67 23.36 23.79 4.37
CA ILE J 67 22.50 22.60 4.63
C ILE J 67 22.63 21.65 3.43
N PHE J 68 22.28 20.39 3.65
CA PHE J 68 22.33 19.30 2.65
C PHE J 68 20.94 18.66 2.57
N SER J 69 20.49 18.33 1.36
CA SER J 69 19.19 17.66 1.08
C SER J 69 19.42 16.45 0.18
N LEU J 70 18.61 15.41 0.36
CA LEU J 70 18.36 14.40 -0.70
C LEU J 70 17.51 15.09 -1.76
N THR J 71 17.88 14.94 -3.03
CA THR J 71 17.23 15.63 -4.18
C THR J 71 17.02 14.64 -5.33
N ALA J 72 15.97 14.90 -6.11
CA ALA J 72 15.67 14.23 -7.39
C ALA J 72 15.07 15.28 -8.31
N PRO J 73 15.11 15.05 -9.65
CA PRO J 73 14.42 15.95 -10.57
C PRO J 73 12.93 16.04 -10.22
N ALA J 74 12.37 17.25 -10.35
CA ALA J 74 10.97 17.57 -10.01
C ALA J 74 10.01 16.83 -10.95
N ASP J 75 10.42 16.60 -12.20
CA ASP J 75 9.56 15.93 -13.23
C ASP J 75 9.39 14.45 -12.89
N LEU J 76 10.19 13.91 -11.96
CA LEU J 76 10.15 12.48 -11.56
C LEU J 76 8.95 12.26 -10.63
N LEU J 77 8.36 11.07 -10.70
CA LEU J 77 7.22 10.67 -9.83
C LEU J 77 7.72 10.64 -8.40
N PRO J 78 6.96 11.21 -7.42
CA PRO J 78 7.44 11.28 -6.04
C PRO J 78 7.76 9.90 -5.44
N GLY J 79 6.88 8.91 -5.66
CA GLY J 79 7.06 7.54 -5.16
C GLY J 79 8.38 6.90 -5.55
N LYS J 80 9.07 7.42 -6.59
CA LYS J 80 10.29 6.80 -7.17
C LYS J 80 11.57 7.58 -6.82
N ARG J 81 11.47 8.76 -6.20
CA ARG J 81 12.61 9.70 -5.98
C ARG J 81 13.72 8.97 -5.19
N HIS J 82 13.36 8.01 -4.32
CA HIS J 82 14.28 7.31 -3.40
C HIS J 82 15.28 6.43 -4.17
N ASP J 83 14.98 6.09 -5.41
CA ASP J 83 15.83 5.16 -6.21
C ASP J 83 16.99 5.93 -6.83
N VAL J 84 16.91 7.26 -6.92
CA VAL J 84 17.92 8.09 -7.63
C VAL J 84 18.31 9.31 -6.78
N ALA J 85 18.19 9.20 -5.45
CA ALA J 85 18.47 10.32 -4.51
C ALA J 85 19.94 10.74 -4.64
N GLU J 86 20.18 12.04 -4.78
CA GLU J 86 21.54 12.62 -4.88
C GLU J 86 21.65 13.77 -3.89
N ILE J 87 22.76 13.90 -3.18
CA ILE J 87 22.96 14.93 -2.13
C ILE J 87 23.35 16.25 -2.80
N ARG J 88 22.52 17.27 -2.69
CA ARG J 88 22.84 18.67 -3.05
C ARG J 88 23.05 19.46 -1.76
N TYR J 89 23.78 20.57 -1.85
CA TYR J 89 23.95 21.51 -0.72
C TYR J 89 23.31 22.84 -1.12
N PHE J 90 22.84 23.56 -0.10
CA PHE J 90 22.26 24.92 -0.22
C PHE J 90 22.94 25.80 0.84
N TYR J 91 23.03 27.10 0.56
CA TYR J 91 23.70 28.07 1.46
C TYR J 91 22.82 29.32 1.57
N SER J 92 22.88 29.97 2.73
CA SER J 92 22.05 31.14 3.06
C SER J 92 22.81 32.06 4.02
N ARG J 93 22.64 33.37 3.88
CA ARG J 93 23.27 34.39 4.76
C ARG J 93 22.35 34.73 5.93
N ASP J 94 21.03 34.53 5.81
CA ASP J 94 20.03 34.85 6.87
C ASP J 94 19.42 33.59 7.49
N GLY J 95 19.22 32.52 6.73
CA GLY J 95 18.59 31.29 7.26
C GLY J 95 17.23 31.05 6.66
N GLU J 96 16.77 31.96 5.79
CA GLU J 96 15.46 31.91 5.11
C GLU J 96 15.65 31.73 3.59
N THR J 97 16.45 32.58 2.95
CA THR J 97 16.57 32.65 1.47
C THR J 97 17.76 31.77 1.02
N TRP J 98 17.50 30.50 0.71
CA TRP J 98 18.52 29.48 0.38
C TRP J 98 18.86 29.51 -1.11
N PHE J 99 20.14 29.37 -1.46
CA PHE J 99 20.64 29.30 -2.85
C PHE J 99 21.10 27.87 -3.13
N ASP J 100 20.77 27.35 -4.32
CA ASP J 100 21.19 25.99 -4.76
C ASP J 100 22.70 26.00 -5.00
N GLY J 101 23.44 25.16 -4.28
CA GLY J 101 24.89 25.00 -4.44
C GLY J 101 25.24 23.88 -5.41
N GLY J 102 24.23 23.12 -5.86
CA GLY J 102 24.43 21.99 -6.78
C GLY J 102 24.85 20.73 -6.03
N PRO J 103 25.09 19.60 -6.74
CA PRO J 103 25.51 18.35 -6.11
C PRO J 103 26.79 18.58 -5.30
N VAL J 104 26.93 17.86 -4.19
CA VAL J 104 28.09 17.97 -3.26
C VAL J 104 29.24 17.14 -3.83
N PHE J 105 28.93 16.03 -4.49
CA PHE J 105 29.94 15.03 -4.92
C PHE J 105 30.09 15.03 -6.44
N GLU J 106 31.35 14.93 -6.87
CA GLU J 106 31.84 14.95 -8.27
C GLU J 106 31.70 13.55 -8.87
N GLY J 107 31.91 12.50 -8.06
CA GLY J 107 31.72 11.08 -8.39
C GLY J 107 32.44 10.25 -7.35
N GLY J 108 32.65 8.95 -7.61
CA GLY J 108 33.29 8.01 -6.68
C GLY J 108 32.47 7.80 -5.42
N THR J 109 31.19 8.20 -5.43
CA THR J 109 30.26 8.07 -4.29
C THR J 109 29.86 6.60 -4.15
N ARG J 110 29.74 6.11 -2.91
CA ARG J 110 29.37 4.71 -2.62
C ARG J 110 27.85 4.55 -2.78
N GLY J 111 27.42 3.35 -3.17
CA GLY J 111 26.01 2.99 -3.36
C GLY J 111 25.46 3.45 -4.70
N SER J 112 24.44 2.74 -5.19
CA SER J 112 23.66 3.09 -6.42
C SER J 112 23.09 4.50 -6.29
N ARG J 113 22.68 4.88 -5.08
CA ARG J 113 22.18 6.24 -4.72
C ARG J 113 22.48 6.51 -3.23
N GLN J 114 22.42 7.76 -2.80
CA GLN J 114 22.77 8.18 -1.42
C GLN J 114 21.51 8.58 -0.65
N TRP J 115 21.41 8.14 0.60
CA TRP J 115 20.32 8.50 1.54
C TRP J 115 20.89 9.35 2.68
N ALA J 116 20.03 9.78 3.60
CA ALA J 116 20.31 10.89 4.54
C ALA J 116 21.48 10.52 5.45
N GLY J 117 22.18 11.54 5.94
CA GLY J 117 23.21 11.41 6.99
C GLY J 117 23.38 12.68 7.81
N SER J 118 24.60 13.20 7.85
CA SER J 118 25.01 14.37 8.67
C SER J 118 26.25 15.01 8.03
N ALA J 119 26.66 16.17 8.52
CA ALA J 119 27.81 16.94 8.00
C ALA J 119 28.56 17.56 9.17
N LEU J 120 29.88 17.45 9.11
CA LEU J 120 30.83 17.95 10.13
C LEU J 120 31.85 18.85 9.44
N LEU J 121 31.97 20.09 9.87
CA LEU J 121 33.15 20.94 9.57
C LEU J 121 34.03 20.92 10.82
N ASP J 122 35.11 20.11 10.76
CA ASP J 122 35.98 19.80 11.92
C ASP J 122 36.76 21.05 12.30
N ASP J 123 37.41 21.03 13.46
CA ASP J 123 38.25 22.14 13.98
C ASP J 123 39.37 22.48 12.99
N ASP J 124 39.91 21.45 12.32
CA ASP J 124 41.04 21.58 11.35
C ASP J 124 40.56 22.17 10.01
N GLY J 125 39.25 22.34 9.80
CA GLY J 125 38.69 22.94 8.57
C GLY J 125 38.33 21.90 7.52
N ARG J 126 38.67 20.62 7.75
CA ARG J 126 38.30 19.45 6.88
C ARG J 126 36.79 19.21 6.95
N LEU J 127 36.17 18.85 5.83
CA LEU J 127 34.71 18.60 5.72
C LEU J 127 34.46 17.09 5.63
N TYR J 128 33.55 16.58 6.46
CA TYR J 128 33.05 15.19 6.41
C TYR J 128 31.54 15.23 6.16
N VAL J 129 31.09 14.66 5.04
CA VAL J 129 29.65 14.49 4.71
C VAL J 129 29.31 13.00 4.86
N PHE J 130 28.81 12.61 6.02
CA PHE J 130 28.28 11.25 6.30
C PHE J 130 26.99 11.10 5.48
N TYR J 131 26.80 9.92 4.89
CA TYR J 131 25.58 9.57 4.13
C TYR J 131 25.36 8.06 4.18
N THR J 132 24.17 7.63 3.77
CA THR J 132 23.82 6.20 3.58
C THR J 132 24.08 5.83 2.13
N ALA J 133 24.94 4.82 1.90
CA ALA J 133 25.12 4.15 0.60
C ALA J 133 24.01 3.10 0.45
N SER J 134 22.98 3.42 -0.35
CA SER J 134 21.89 2.49 -0.72
C SER J 134 22.27 1.78 -2.02
N GLY J 135 22.11 0.45 -2.05
CA GLY J 135 22.57 -0.41 -3.14
C GLY J 135 24.09 -0.37 -3.26
N ARG J 136 24.60 -0.78 -4.43
CA ARG J 136 26.03 -0.74 -4.81
C ARG J 136 26.17 -0.03 -6.15
N ALA J 137 27.23 0.76 -6.33
CA ALA J 137 27.46 1.63 -7.51
C ALA J 137 27.37 0.82 -8.81
N GLY J 138 26.56 1.30 -9.77
CA GLY J 138 26.40 0.73 -11.12
C GLY J 138 25.81 -0.67 -11.11
N GLU J 139 25.02 -1.02 -10.10
CA GLU J 139 24.37 -2.36 -9.98
C GLU J 139 23.36 -2.53 -11.13
N ALA J 140 23.11 -3.79 -11.51
CA ALA J 140 22.22 -4.19 -12.62
C ALA J 140 20.78 -3.75 -12.35
N GLU J 141 20.12 -4.36 -11.36
CA GLU J 141 18.77 -3.96 -10.87
C GLU J 141 18.92 -3.38 -9.46
N ILE J 142 18.02 -2.50 -9.04
CA ILE J 142 18.07 -1.75 -7.74
C ILE J 142 17.96 -2.72 -6.56
N THR J 143 18.89 -2.63 -5.61
CA THR J 143 18.93 -3.40 -4.33
C THR J 143 18.77 -2.43 -3.15
N TYR J 144 18.43 -2.93 -1.97
CA TYR J 144 18.08 -2.13 -0.77
C TYR J 144 19.09 -2.39 0.35
N GLU J 145 20.35 -2.61 -0.03
CA GLU J 145 21.47 -2.78 0.94
C GLU J 145 21.95 -1.39 1.34
N GLN J 146 21.99 -1.14 2.64
CA GLN J 146 22.36 0.16 3.25
C GLN J 146 23.63 -0.04 4.07
N ARG J 147 24.63 0.83 3.87
CA ARG J 147 25.86 0.89 4.70
C ARG J 147 26.18 2.37 4.98
N LEU J 148 26.70 2.66 6.17
CA LEU J 148 27.08 4.03 6.60
C LEU J 148 28.40 4.40 5.94
N ALA J 149 28.41 5.43 5.09
CA ALA J 149 29.60 5.89 4.36
C ALA J 149 29.91 7.34 4.74
N VAL J 150 31.08 7.83 4.34
CA VAL J 150 31.48 9.26 4.49
C VAL J 150 32.25 9.70 3.24
N GLY J 151 31.97 10.92 2.77
CA GLY J 151 32.84 11.64 1.83
C GLY J 151 33.70 12.62 2.60
N SER J 152 34.97 12.29 2.81
CA SER J 152 35.92 13.07 3.65
C SER J 152 36.85 13.92 2.77
N GLY J 153 37.58 14.84 3.42
CA GLY J 153 38.65 15.66 2.83
C GLY J 153 38.13 16.74 1.91
N GLY J 154 36.88 17.15 2.09
CA GLY J 154 36.28 18.27 1.34
C GLY J 154 36.85 19.60 1.78
N SER J 155 36.52 20.65 1.04
CA SER J 155 36.88 22.06 1.37
C SER J 155 35.68 22.95 1.08
N VAL J 156 35.35 23.83 2.03
CA VAL J 156 34.18 24.76 1.93
C VAL J 156 34.74 26.18 1.87
N VAL J 157 34.67 26.81 0.68
CA VAL J 157 35.18 28.19 0.44
C VAL J 157 33.98 29.12 0.29
N ALA J 158 34.03 30.29 0.91
CA ALA J 158 32.94 31.29 0.92
C ALA J 158 33.50 32.66 0.56
N ASP J 159 32.91 33.32 -0.45
CA ASP J 159 33.17 34.73 -0.81
C ASP J 159 31.91 35.53 -0.44
N ASP J 160 31.74 36.75 -0.98
CA ASP J 160 30.56 37.61 -0.73
C ASP J 160 29.45 37.27 -1.72
N ASP J 161 29.72 36.37 -2.67
CA ASP J 161 28.78 35.99 -3.76
C ASP J 161 28.07 34.67 -3.39
N GLY J 162 28.74 33.78 -2.65
CA GLY J 162 28.15 32.50 -2.22
C GLY J 162 29.16 31.56 -1.58
N VAL J 163 28.83 30.27 -1.58
CA VAL J 163 29.64 29.16 -0.99
C VAL J 163 29.77 28.07 -2.04
N ARG J 164 30.98 27.59 -2.27
CA ARG J 164 31.23 26.42 -3.16
C ARG J 164 31.97 25.38 -2.32
N ILE J 165 31.54 24.12 -2.41
CA ILE J 165 32.22 22.97 -1.78
C ILE J 165 33.07 22.32 -2.87
N GLU J 166 34.39 22.30 -2.68
CA GLU J 166 35.35 21.84 -3.71
C GLU J 166 36.02 20.52 -3.27
N GLY J 167 36.40 19.72 -4.28
CA GLY J 167 36.88 18.35 -4.11
C GLY J 167 38.36 18.35 -3.78
N PRO J 168 39.08 17.22 -3.94
CA PRO J 168 38.48 15.92 -4.22
C PRO J 168 37.94 15.35 -2.90
N PHE J 169 37.02 14.38 -2.99
CA PHE J 169 36.41 13.69 -1.83
C PHE J 169 36.89 12.24 -1.76
N ALA J 170 37.27 11.77 -0.59
CA ALA J 170 37.66 10.37 -0.32
C ALA J 170 36.44 9.62 0.23
N HIS J 171 35.68 8.93 -0.65
CA HIS J 171 34.51 8.12 -0.24
C HIS J 171 34.93 6.75 0.28
N GLY J 172 34.46 6.39 1.47
CA GLY J 172 34.68 5.06 2.07
C GLY J 172 33.48 4.66 2.92
N VAL J 173 33.13 3.37 2.92
CA VAL J 173 32.16 2.79 3.87
C VAL J 173 32.79 2.77 5.26
N LEU J 174 32.03 3.16 6.28
CA LEU J 174 32.50 3.24 7.69
C LEU J 174 32.00 2.02 8.46
N LEU J 175 30.72 1.66 8.34
CA LEU J 175 30.11 0.59 9.17
C LEU J 175 29.14 -0.23 8.34
N GLU J 176 29.10 -1.52 8.63
CA GLU J 176 28.08 -2.49 8.15
C GLU J 176 27.57 -3.27 9.36
N PRO J 177 26.32 -3.74 9.33
CA PRO J 177 25.74 -4.41 10.50
C PRO J 177 26.53 -5.68 10.87
N ASP J 178 26.75 -5.90 12.17
CA ASP J 178 27.59 -7.02 12.70
C ASP J 178 26.80 -8.34 12.66
N GLY J 179 25.47 -8.29 12.69
CA GLY J 179 24.60 -9.48 12.66
C GLY J 179 24.25 -10.00 14.05
N GLU J 180 24.86 -9.44 15.10
CA GLU J 180 24.61 -9.83 16.52
C GLU J 180 23.86 -8.71 17.26
N ARG J 181 24.38 -7.48 17.24
CA ARG J 181 23.72 -6.29 17.87
C ARG J 181 22.81 -5.59 16.86
N TYR J 182 23.18 -5.63 15.57
CA TYR J 182 22.47 -4.95 14.46
C TYR J 182 22.20 -5.92 13.31
N GLU J 183 20.92 -6.10 12.95
CA GLU J 183 20.42 -7.06 11.95
C GLU J 183 20.99 -6.68 10.56
N ARG J 184 21.46 -7.71 9.83
CA ARG J 184 21.90 -7.66 8.40
C ARG J 184 20.71 -8.03 7.50
N GLU J 185 20.85 -7.80 6.19
CA GLU J 185 19.74 -7.97 5.20
C GLU J 185 19.22 -9.42 5.22
N GLU J 186 20.15 -10.38 5.33
CA GLU J 186 19.90 -11.84 5.42
C GLU J 186 18.89 -12.14 6.54
N GLN J 187 19.08 -11.54 7.72
CA GLN J 187 18.30 -11.84 8.96
C GLN J 187 16.91 -11.20 8.90
N SER J 188 16.66 -10.31 7.94
CA SER J 188 15.42 -9.48 7.85
C SER J 188 14.18 -10.38 7.73
N ARG J 189 13.35 -10.41 8.78
CA ARG J 189 11.98 -10.97 8.74
C ARG J 189 11.01 -9.80 8.54
N GLY J 190 9.88 -10.05 7.88
CA GLY J 190 8.90 -9.02 7.52
C GLY J 190 9.52 -8.02 6.53
N MET J 191 9.42 -6.72 6.84
CA MET J 191 9.82 -5.63 5.90
C MET J 191 11.34 -5.57 5.82
N ILE J 192 11.85 -4.76 4.87
CA ILE J 192 13.31 -4.62 4.57
C ILE J 192 14.02 -4.05 5.80
N TYR J 193 15.21 -4.57 6.08
CA TYR J 193 16.06 -4.12 7.22
C TYR J 193 16.48 -2.66 6.98
N THR J 194 16.92 -2.01 8.05
CA THR J 194 17.42 -0.62 8.07
C THR J 194 18.84 -0.63 8.66
N PHE J 195 19.72 0.18 8.07
CA PHE J 195 21.08 0.48 8.58
C PHE J 195 21.58 1.76 7.91
N ARG J 196 21.03 2.89 8.32
CA ARG J 196 21.16 4.16 7.57
C ARG J 196 21.13 5.37 8.52
N ASP J 197 21.22 6.56 7.93
CA ASP J 197 21.00 7.87 8.60
C ASP J 197 22.07 8.04 9.66
N PRO J 198 23.37 8.06 9.28
CA PRO J 198 24.46 8.26 10.24
C PRO J 198 24.55 9.73 10.66
N TRP J 199 24.39 9.98 11.97
CA TRP J 199 24.38 11.34 12.56
C TRP J 199 25.56 11.48 13.51
N PHE J 200 26.51 12.37 13.17
CA PHE J 200 27.72 12.65 13.98
C PHE J 200 27.31 13.42 15.24
N PHE J 201 27.96 13.10 16.36
CA PHE J 201 27.63 13.68 17.69
C PHE J 201 28.82 13.56 18.65
N GLU J 202 29.31 14.71 19.11
CA GLU J 202 30.30 14.82 20.22
C GLU J 202 29.52 15.08 21.50
N ASP J 203 29.65 14.20 22.50
CA ASP J 203 29.02 14.34 23.82
C ASP J 203 29.68 15.51 24.54
N PRO J 204 28.95 16.61 24.85
CA PRO J 204 29.58 17.79 25.42
C PRO J 204 30.03 17.56 26.87
N ARG J 205 29.54 16.48 27.49
CA ARG J 205 29.98 16.05 28.85
C ARG J 205 31.27 15.22 28.73
N SER J 206 31.22 14.02 28.14
CA SER J 206 32.39 13.09 28.06
C SER J 206 33.49 13.69 27.18
N GLY J 207 33.14 14.47 26.15
CA GLY J 207 34.08 14.85 25.08
C GLY J 207 34.25 13.73 24.05
N LYS J 208 33.74 12.53 24.33
CA LYS J 208 33.84 11.33 23.46
C LYS J 208 33.06 11.57 22.16
N THR J 209 33.49 10.96 21.06
CA THR J 209 32.90 11.14 19.71
C THR J 209 32.06 9.90 19.37
N TYR J 210 30.80 10.11 18.98
CA TYR J 210 29.85 9.04 18.62
C TYR J 210 29.25 9.31 17.24
N LEU J 211 28.69 8.26 16.64
CA LEU J 211 27.90 8.29 15.38
C LEU J 211 26.64 7.46 15.62
N LEU J 212 25.48 8.12 15.71
CA LEU J 212 24.16 7.47 15.80
C LEU J 212 23.69 7.06 14.40
N PHE J 213 22.84 6.03 14.33
CA PHE J 213 22.23 5.55 13.08
C PHE J 213 20.96 4.76 13.42
N GLU J 214 20.11 4.62 12.41
CA GLU J 214 18.90 3.78 12.47
C GLU J 214 19.32 2.37 12.06
N ALA J 215 18.94 1.37 12.85
CA ALA J 215 19.18 -0.05 12.56
C ALA J 215 17.98 -0.85 13.03
N ASN J 216 18.12 -2.18 12.94
CA ASN J 216 17.20 -3.15 13.59
C ASN J 216 18.05 -4.07 14.46
N THR J 217 17.50 -4.55 15.58
CA THR J 217 18.16 -5.54 16.47
C THR J 217 17.64 -6.91 16.06
N PRO J 218 18.55 -7.84 15.69
CA PRO J 218 18.12 -9.15 15.19
C PRO J 218 17.36 -9.91 16.28
N ILE J 219 16.25 -10.54 15.88
CA ILE J 219 15.46 -11.45 16.76
C ILE J 219 15.38 -12.81 16.05
N PRO J 220 16.03 -13.86 16.61
CA PRO J 220 15.94 -15.21 16.03
C PRO J 220 14.46 -15.62 15.89
N GLU J 221 14.13 -16.50 14.93
CA GLU J 221 12.76 -17.03 14.76
C GLU J 221 12.47 -17.90 15.99
N GLY J 222 11.26 -17.79 16.53
CA GLY J 222 10.84 -18.54 17.74
C GLY J 222 11.59 -18.16 18.99
N ALA J 223 12.23 -16.99 19.01
CA ALA J 223 12.96 -16.43 20.18
C ALA J 223 12.01 -16.26 21.37
N GLY J 224 10.70 -16.07 21.11
CA GLY J 224 9.73 -15.57 22.10
C GLY J 224 9.93 -14.08 22.10
N ALA J 225 10.29 -13.48 23.22
CA ALA J 225 10.75 -12.07 23.35
C ALA J 225 9.67 -11.07 22.90
N CYS J 226 8.58 -11.51 22.28
CA CYS J 226 7.30 -10.76 22.10
C CYS J 226 6.13 -11.71 22.37
N GLY J 227 4.96 -11.16 22.70
CA GLY J 227 3.73 -11.90 23.00
C GLY J 227 3.02 -12.40 21.74
N ASP J 228 3.66 -12.32 20.57
CA ASP J 228 3.15 -12.84 19.27
C ASP J 228 4.31 -12.86 18.28
N PRO J 229 4.62 -14.00 17.64
CA PRO J 229 5.75 -14.08 16.71
C PRO J 229 5.83 -13.03 15.58
N VAL J 230 4.69 -12.52 15.08
CA VAL J 230 4.67 -11.52 13.96
C VAL J 230 5.18 -10.17 14.48
N TRP J 231 4.90 -9.84 15.74
CA TRP J 231 5.39 -8.59 16.41
C TRP J 231 6.92 -8.53 16.37
N GLU J 232 7.60 -9.69 16.44
CA GLU J 232 9.09 -9.79 16.44
C GLU J 232 9.68 -9.21 15.15
N GLU J 233 8.89 -9.09 14.07
CA GLU J 233 9.35 -8.56 12.76
C GLU J 233 9.63 -7.06 12.87
N PHE J 234 9.01 -6.39 13.86
CA PHE J 234 9.14 -4.95 14.15
C PHE J 234 10.23 -4.76 15.22
N ASN J 235 11.47 -4.60 14.74
CA ASN J 235 12.72 -4.73 15.52
C ASN J 235 13.56 -3.47 15.35
N GLY J 236 12.91 -2.32 15.15
CA GLY J 236 13.56 -1.01 14.97
C GLY J 236 14.41 -0.65 16.18
N SER J 237 15.53 0.02 15.95
CA SER J 237 16.47 0.43 17.03
C SER J 237 17.31 1.63 16.60
N VAL J 238 17.77 2.40 17.58
CA VAL J 238 18.76 3.50 17.38
C VAL J 238 20.10 2.94 17.80
N GLY J 239 20.95 2.66 16.81
CA GLY J 239 22.32 2.19 17.03
C GLY J 239 23.26 3.35 17.22
N ILE J 240 24.43 3.08 17.79
CA ILE J 240 25.50 4.09 18.04
C ILE J 240 26.86 3.41 17.89
N ALA J 241 27.83 4.13 17.37
CA ALA J 241 29.24 3.71 17.24
C ALA J 241 30.10 4.77 17.91
N HIS J 242 31.30 4.39 18.33
CA HIS J 242 32.25 5.26 19.07
C HIS J 242 33.56 5.34 18.28
N SER J 243 34.18 6.52 18.27
CA SER J 243 35.58 6.74 17.79
C SER J 243 36.49 6.97 19.00
N PRO J 244 37.36 6.00 19.36
CA PRO J 244 38.26 6.18 20.50
C PRO J 244 39.23 7.34 20.28
N THR J 245 39.74 7.45 19.05
CA THR J 245 40.69 8.50 18.59
C THR J 245 39.98 9.84 18.38
N GLY J 246 38.69 9.87 18.12
CA GLY J 246 38.00 11.14 17.77
C GLY J 246 38.16 11.47 16.29
N ASP J 247 38.99 10.73 15.55
CA ASP J 247 38.95 10.66 14.07
C ASP J 247 37.51 10.41 13.60
N PRO J 248 36.92 11.29 12.77
CA PRO J 248 35.57 11.07 12.23
C PRO J 248 35.38 9.92 11.23
N THR J 249 36.42 9.12 10.96
CA THR J 249 36.38 8.00 9.96
C THR J 249 36.75 6.64 10.59
N ASP J 250 37.04 6.60 11.90
CA ASP J 250 37.41 5.37 12.65
C ASP J 250 36.32 5.12 13.70
N TRP J 251 35.50 4.08 13.53
CA TRP J 251 34.34 3.80 14.41
C TRP J 251 34.34 2.33 14.86
N GLU J 252 33.89 2.08 16.08
CA GLU J 252 33.59 0.72 16.61
C GLU J 252 32.11 0.70 17.02
N LEU J 253 31.36 -0.31 16.58
CA LEU J 253 29.93 -0.48 16.95
C LEU J 253 29.82 -0.64 18.47
N CYS J 254 28.84 0.03 19.09
CA CYS J 254 28.45 -0.13 20.52
C CYS J 254 27.05 -0.75 20.56
N ASP J 255 26.53 -1.02 21.75
CA ASP J 255 25.15 -1.54 21.97
C ASP J 255 24.17 -0.42 21.64
N PRO J 256 22.97 -0.76 21.14
CA PRO J 256 22.01 0.26 20.70
C PRO J 256 21.52 1.09 21.90
N LEU J 257 21.20 2.37 21.65
CA LEU J 257 20.74 3.35 22.68
C LEU J 257 19.32 2.97 23.10
N LEU J 258 18.50 2.57 22.13
CA LEU J 258 17.05 2.35 22.30
C LEU J 258 16.58 1.37 21.24
N GLU J 259 15.62 0.49 21.60
CA GLU J 259 14.95 -0.48 20.68
C GLU J 259 13.44 -0.34 20.79
N GLY J 260 12.74 -0.46 19.66
CA GLY J 260 11.27 -0.45 19.56
C GLY J 260 10.72 -1.83 19.22
N ILE J 261 11.29 -2.86 19.82
CA ILE J 261 10.93 -4.28 19.54
C ILE J 261 9.47 -4.47 19.93
N CYS J 262 8.71 -5.09 19.02
CA CYS J 262 7.25 -5.34 19.11
C CYS J 262 6.46 -4.03 18.89
N VAL J 263 7.12 -2.94 18.49
CA VAL J 263 6.46 -1.59 18.41
C VAL J 263 6.60 -1.00 17.01
N ASN J 264 7.81 -0.87 16.48
CA ASN J 264 8.02 -0.16 15.18
C ASN J 264 9.27 -0.69 14.48
N GLN J 265 9.26 -0.72 13.14
CA GLN J 265 10.38 -1.24 12.31
C GLN J 265 11.35 -0.10 12.02
N GLU J 266 10.83 1.11 11.74
CA GLU J 266 11.65 2.26 11.27
C GLU J 266 11.66 3.34 12.36
N LEU J 267 12.77 3.44 13.10
CA LEU J 267 13.11 4.59 13.98
C LEU J 267 14.07 5.50 13.22
N GLU J 268 13.54 6.34 12.33
CA GLU J 268 14.32 7.03 11.27
C GLU J 268 15.05 8.27 11.80
N ARG J 269 16.10 8.68 11.08
CA ARG J 269 16.94 9.88 11.31
C ARG J 269 17.02 10.18 12.81
N PRO J 270 17.72 9.30 13.57
CA PRO J 270 17.87 9.50 15.00
C PRO J 270 18.93 10.58 15.20
N HIS J 271 18.75 11.39 16.23
CA HIS J 271 19.67 12.48 16.64
C HIS J 271 19.38 12.85 18.10
N VAL J 272 20.37 13.44 18.76
CA VAL J 272 20.34 13.83 20.19
C VAL J 272 20.48 15.35 20.28
N VAL J 273 19.62 15.97 21.07
CA VAL J 273 19.78 17.37 21.52
C VAL J 273 20.03 17.30 23.03
N VAL J 274 21.15 17.88 23.47
CA VAL J 274 21.48 17.97 24.92
C VAL J 274 21.02 19.35 25.40
N ARG J 275 20.22 19.39 26.47
CA ARG J 275 19.72 20.66 27.05
C ARG J 275 19.89 20.63 28.56
N ASN J 276 20.79 21.44 29.08
CA ASN J 276 21.04 21.57 30.54
C ASN J 276 21.16 20.17 31.18
N GLY J 277 22.04 19.34 30.65
CA GLY J 277 22.40 18.08 31.35
C GLY J 277 21.40 16.96 31.12
N PHE J 278 20.41 17.16 30.26
CA PHE J 278 19.54 16.07 29.77
C PHE J 278 19.74 15.81 28.27
N TYR J 279 19.65 14.53 27.92
CA TYR J 279 19.83 13.99 26.56
C TYR J 279 18.46 13.64 26.00
N TYR J 280 17.98 14.41 25.03
CA TYR J 280 16.74 14.14 24.29
C TYR J 280 17.12 13.42 23.01
N LEU J 281 16.62 12.18 22.83
CA LEU J 281 16.80 11.37 21.62
C LEU J 281 15.52 11.45 20.80
N PHE J 282 15.62 11.90 19.55
CA PHE J 282 14.50 12.11 18.62
C PHE J 282 14.63 11.16 17.43
N VAL J 283 13.51 10.58 17.02
CA VAL J 283 13.38 9.72 15.81
C VAL J 283 12.05 10.05 15.13
N SER J 284 12.07 10.13 13.80
CA SER J 284 10.88 10.26 12.94
C SER J 284 10.41 8.86 12.56
N SER J 285 9.11 8.58 12.65
CA SER J 285 8.53 7.25 12.31
C SER J 285 7.24 7.39 11.50
N HIS J 286 6.88 6.33 10.78
CA HIS J 286 5.64 6.25 9.97
C HIS J 286 4.51 5.57 10.73
N ASP J 287 3.27 5.77 10.28
CA ASP J 287 2.06 5.07 10.77
C ASP J 287 2.11 3.61 10.33
N HIS J 288 2.59 3.35 9.10
CA HIS J 288 2.55 2.00 8.48
C HIS J 288 3.65 1.11 9.04
N THR J 289 4.63 1.67 9.75
CA THR J 289 5.78 0.89 10.29
C THR J 289 5.51 0.48 11.74
N PHE J 290 4.31 0.75 12.26
CA PHE J 290 3.90 0.31 13.63
C PHE J 290 3.46 -1.15 13.55
N ALA J 291 3.82 -1.94 14.57
CA ALA J 291 3.41 -3.35 14.75
C ALA J 291 1.90 -3.42 14.86
N PRO J 292 1.26 -4.53 14.44
CA PRO J 292 -0.18 -4.69 14.55
C PRO J 292 -0.67 -4.55 16.00
N GLY J 293 -1.90 -4.04 16.17
CA GLY J 293 -2.52 -3.76 17.47
C GLY J 293 -2.18 -2.38 18.00
N LEU J 294 -1.20 -1.71 17.37
CA LEU J 294 -0.74 -0.34 17.72
C LEU J 294 -1.15 0.63 16.61
N GLU J 295 -1.54 1.84 16.99
CA GLU J 295 -1.97 2.91 16.06
C GLU J 295 -1.23 4.19 16.46
N GLY J 296 -0.27 4.59 15.65
CA GLY J 296 0.44 5.88 15.80
C GLY J 296 0.52 6.61 14.48
N PRO J 297 0.55 7.95 14.46
CA PRO J 297 0.70 8.70 13.21
C PRO J 297 2.15 8.90 12.77
N ASP J 298 2.36 9.16 11.47
CA ASP J 298 3.59 9.80 10.94
C ASP J 298 3.92 10.94 11.92
N GLY J 299 5.08 10.90 12.56
CA GLY J 299 5.45 11.92 13.56
C GLY J 299 6.88 11.82 14.04
N LEU J 300 7.33 12.85 14.76
CA LEU J 300 8.60 12.86 15.52
C LEU J 300 8.33 12.32 16.93
N TYR J 301 9.01 11.23 17.28
CA TYR J 301 8.92 10.60 18.62
C TYR J 301 10.23 10.90 19.35
N GLY J 302 10.16 10.97 20.68
CA GLY J 302 11.25 11.50 21.50
C GLY J 302 11.33 10.82 22.84
N PHE J 303 12.56 10.70 23.34
CA PHE J 303 12.90 10.06 24.63
C PHE J 303 13.97 10.90 25.32
N VAL J 304 14.06 10.76 26.64
CA VAL J 304 14.96 11.59 27.48
C VAL J 304 15.65 10.71 28.53
N ALA J 305 16.92 11.01 28.79
CA ALA J 305 17.74 10.38 29.84
C ALA J 305 18.72 11.41 30.40
N ASP J 306 19.36 11.08 31.53
CA ASP J 306 20.35 11.96 32.20
C ASP J 306 21.73 11.76 31.57
N SER J 307 21.90 10.77 30.68
CA SER J 307 23.19 10.46 30.00
C SER J 307 22.94 10.01 28.56
N LEU J 308 23.96 10.07 27.70
CA LEU J 308 23.82 9.72 26.27
C LEU J 308 23.39 8.26 26.15
N ARG J 309 23.98 7.37 26.94
CA ARG J 309 23.73 5.92 26.88
C ARG J 309 22.88 5.53 28.11
N GLY J 310 21.98 6.41 28.53
CA GLY J 310 21.17 6.25 29.75
C GLY J 310 19.89 5.47 29.51
N GLU J 311 19.06 5.36 30.55
CA GLU J 311 17.73 4.68 30.52
C GLU J 311 16.72 5.66 29.94
N TYR J 312 16.68 5.76 28.60
CA TYR J 312 15.73 6.64 27.88
C TYR J 312 14.30 6.26 28.25
N ARG J 313 13.47 7.27 28.51
CA ARG J 313 12.01 7.13 28.76
C ARG J 313 11.29 8.02 27.76
N PRO J 314 10.09 7.63 27.31
CA PRO J 314 9.40 8.36 26.25
C PRO J 314 8.84 9.69 26.74
N LEU J 315 9.00 10.74 25.92
CA LEU J 315 8.42 12.08 26.18
C LEU J 315 6.90 12.00 26.09
N ASN J 316 6.20 12.78 26.93
CA ASN J 316 4.71 12.88 26.92
C ASN J 316 4.10 11.50 27.18
N GLY J 317 4.83 10.58 27.82
CA GLY J 317 4.32 9.26 28.21
C GLY J 317 4.30 8.26 27.07
N SER J 318 3.88 8.67 25.87
CA SER J 318 3.68 7.81 24.68
C SER J 318 4.93 7.84 23.80
N GLY J 319 5.65 8.96 23.80
CA GLY J 319 6.83 9.16 22.92
C GLY J 319 6.52 10.16 21.83
N LEU J 320 5.25 10.40 21.52
CA LEU J 320 4.86 11.34 20.46
C LEU J 320 5.18 12.77 20.91
N VAL J 321 6.01 13.45 20.13
CA VAL J 321 6.48 14.84 20.39
C VAL J 321 5.75 15.81 19.46
N LEU J 322 5.64 15.44 18.19
CA LEU J 322 5.16 16.35 17.13
C LEU J 322 4.59 15.49 15.98
N THR J 323 3.47 15.90 15.40
CA THR J 323 2.76 15.17 14.32
C THR J 323 1.94 16.14 13.48
N ASN J 324 1.44 15.66 12.35
CA ASN J 324 0.58 16.44 11.42
C ASN J 324 -0.86 16.31 11.89
N PRO J 325 -1.75 17.25 11.51
CA PRO J 325 -3.18 17.14 11.85
C PRO J 325 -3.81 15.98 11.08
N ALA J 326 -4.89 15.42 11.63
CA ALA J 326 -5.63 14.26 11.05
C ALA J 326 -6.08 14.58 9.62
N ASN J 327 -6.44 15.84 9.33
CA ASN J 327 -6.99 16.28 8.02
C ASN J 327 -5.88 16.66 7.03
N ALA J 328 -4.59 16.45 7.36
CA ALA J 328 -3.43 16.61 6.43
C ALA J 328 -2.26 15.74 6.90
N PRO J 329 -2.48 14.43 7.10
CA PRO J 329 -1.64 13.63 8.00
C PRO J 329 -0.24 13.31 7.47
N TYR J 330 0.05 13.61 6.22
CA TYR J 330 1.36 13.30 5.60
C TYR J 330 2.05 14.58 5.13
N GLN J 331 1.62 15.75 5.63
CA GLN J 331 2.07 17.06 5.10
C GLN J 331 3.57 17.29 5.38
N ALA J 332 4.13 16.68 6.42
CA ALA J 332 5.56 16.82 6.76
C ALA J 332 6.13 15.49 7.25
N TYR J 333 7.46 15.37 7.21
CA TYR J 333 8.22 14.19 7.71
C TYR J 333 9.70 14.56 7.81
N SER J 334 10.49 13.65 8.39
CA SER J 334 11.98 13.66 8.46
C SER J 334 12.43 14.93 9.20
N TRP J 335 11.84 15.10 10.39
CA TRP J 335 12.11 16.21 11.34
C TRP J 335 13.49 16.01 11.98
N VAL J 336 14.21 17.12 12.13
CA VAL J 336 15.52 17.25 12.82
C VAL J 336 15.42 18.39 13.83
N ALA J 337 15.59 18.09 15.12
CA ALA J 337 15.46 19.05 16.24
C ALA J 337 16.84 19.65 16.55
N PHE J 338 16.87 20.92 16.93
CA PHE J 338 18.12 21.65 17.31
C PHE J 338 17.74 22.80 18.26
N SER J 339 18.62 23.07 19.21
CA SER J 339 18.41 24.09 20.28
C SER J 339 18.54 25.48 19.65
N HIS J 340 17.77 26.44 20.17
CA HIS J 340 17.93 27.89 19.93
C HIS J 340 17.53 28.65 21.18
N ARG J 341 18.51 29.02 22.00
CA ARG J 341 18.27 29.69 23.30
C ARG J 341 17.40 28.76 24.15
N GLU J 342 16.30 29.26 24.72
CA GLU J 342 15.44 28.48 25.65
C GLU J 342 14.43 27.65 24.84
N GLU J 343 14.45 27.71 23.50
CA GLU J 343 13.50 26.97 22.63
C GLU J 343 14.18 25.75 22.00
N LEU J 344 13.37 24.82 21.50
CA LEU J 344 13.78 23.75 20.56
C LEU J 344 13.09 24.03 19.22
N LEU J 345 13.85 24.10 18.15
CA LEU J 345 13.32 24.24 16.77
C LEU J 345 13.39 22.88 16.09
N VAL J 346 12.46 22.62 15.19
CA VAL J 346 12.32 21.30 14.49
C VAL J 346 12.07 21.61 13.03
N SER J 347 12.94 21.12 12.14
CA SER J 347 12.83 21.33 10.68
C SER J 347 12.57 19.99 9.99
N GLY J 348 11.37 19.82 9.43
CA GLY J 348 11.06 18.72 8.49
C GLY J 348 11.01 19.22 7.07
N PHE J 349 10.52 18.41 6.15
CA PHE J 349 10.26 18.83 4.75
C PHE J 349 8.76 18.69 4.47
N PHE J 350 8.31 19.42 3.46
CA PHE J 350 6.90 19.48 3.00
C PHE J 350 6.65 18.25 2.13
N ASN J 351 5.90 17.27 2.63
CA ASN J 351 5.79 15.90 2.06
C ASN J 351 4.58 15.85 1.12
N TYR J 352 3.54 15.09 1.46
CA TYR J 352 2.31 14.92 0.62
C TYR J 352 1.16 15.71 1.25
N TYR J 353 0.51 16.53 0.44
CA TYR J 353 -0.63 17.37 0.86
C TYR J 353 -1.73 17.29 -0.20
N ASP J 354 -2.93 17.75 0.16
CA ASP J 354 -4.11 17.84 -0.73
C ASP J 354 -4.48 16.45 -1.24
N LEU J 355 -4.36 15.43 -0.37
CA LEU J 355 -4.73 14.03 -0.74
C LEU J 355 -6.25 13.88 -0.69
N GLY J 356 -6.96 14.86 -0.11
CA GLY J 356 -8.41 14.83 0.08
C GLY J 356 -8.81 13.76 1.08
N GLY J 357 -8.80 12.50 0.66
CA GLY J 357 -9.03 11.35 1.55
C GLY J 357 -8.11 10.18 1.22
N LEU J 358 -7.38 10.27 0.12
CA LEU J 358 -6.57 9.16 -0.45
C LEU J 358 -5.48 8.77 0.55
N THR J 359 -5.14 7.49 0.61
CA THR J 359 -3.93 6.96 1.29
C THR J 359 -2.74 7.15 0.34
N LEU J 360 -1.52 6.98 0.84
CA LEU J 360 -0.27 7.22 0.06
C LEU J 360 -0.17 6.17 -1.05
N ASP J 361 -0.59 4.93 -0.78
CA ASP J 361 -0.64 3.85 -1.79
C ASP J 361 -1.49 4.32 -2.97
N ASP J 362 -2.65 4.90 -2.66
CA ASP J 362 -3.67 5.34 -3.66
C ASP J 362 -3.10 6.48 -4.53
N VAL J 363 -2.06 7.19 -4.09
CA VAL J 363 -1.46 8.32 -4.87
C VAL J 363 -0.73 7.78 -6.10
N ALA J 364 -0.28 6.52 -6.06
CA ALA J 364 0.32 5.82 -7.22
C ALA J 364 -0.73 5.59 -8.33
N THR J 365 -2.03 5.53 -8.00
CA THR J 365 -3.16 5.43 -8.96
C THR J 365 -3.16 6.62 -9.93
N LEU J 366 -2.98 7.84 -9.39
CA LEU J 366 -3.32 9.11 -10.08
C LEU J 366 -2.38 9.34 -11.28
N SER J 367 -2.78 10.22 -12.19
CA SER J 367 -1.97 10.65 -13.35
C SER J 367 -0.65 11.22 -12.86
N PRO J 368 0.44 11.15 -13.64
CA PRO J 368 1.71 11.76 -13.25
C PRO J 368 1.61 13.20 -12.76
N ASP J 369 0.85 14.07 -13.46
CA ASP J 369 0.69 15.50 -13.09
C ASP J 369 -0.04 15.64 -11.74
N GLU J 370 -1.02 14.79 -11.48
CA GLU J 370 -1.83 14.80 -10.24
C GLU J 370 -0.97 14.34 -9.06
N GLN J 371 0.04 13.49 -9.31
CA GLN J 371 0.97 12.98 -8.26
C GLN J 371 1.95 14.09 -7.85
N ARG J 372 2.60 14.74 -8.82
CA ARG J 372 3.59 15.83 -8.58
C ARG J 372 2.87 17.03 -7.93
N ALA J 373 1.56 17.17 -8.17
CA ALA J 373 0.73 18.29 -7.66
C ALA J 373 0.52 18.15 -6.14
N LYS J 374 0.76 16.97 -5.57
CA LYS J 374 0.45 16.62 -4.16
C LYS J 374 1.74 16.38 -3.36
N PHE J 375 2.88 16.82 -3.87
CA PHE J 375 4.20 16.67 -3.22
C PHE J 375 4.91 18.02 -3.20
N GLY J 376 5.25 18.47 -2.00
CA GLY J 376 5.97 19.75 -1.75
C GLY J 376 7.38 19.69 -2.34
N GLY J 377 8.28 18.95 -1.68
CA GLY J 377 9.71 18.89 -2.03
C GLY J 377 10.43 20.19 -1.70
N THR J 378 10.04 20.83 -0.59
CA THR J 378 10.73 22.00 0.02
C THR J 378 10.77 21.82 1.53
N LEU J 379 11.44 22.73 2.22
CA LEU J 379 11.46 22.71 3.70
C LEU J 379 10.11 23.18 4.24
N ALA J 380 9.64 22.49 5.28
CA ALA J 380 8.42 22.80 6.04
C ALA J 380 8.68 24.02 6.91
N PRO J 381 7.64 24.80 7.30
CA PRO J 381 7.77 25.85 8.30
C PRO J 381 8.33 25.27 9.62
N THR J 382 9.47 25.79 10.08
CA THR J 382 10.20 25.17 11.22
C THR J 382 9.39 25.44 12.47
N VAL J 383 9.16 24.38 13.25
CA VAL J 383 8.26 24.41 14.42
C VAL J 383 9.07 24.83 15.62
N ARG J 384 8.49 25.69 16.45
CA ARG J 384 9.06 26.09 17.75
C ARG J 384 8.37 25.26 18.82
N VAL J 385 9.14 24.53 19.62
CA VAL J 385 8.61 23.72 20.75
C VAL J 385 9.35 24.12 22.02
N ALA J 386 8.70 23.90 23.15
CA ALA J 386 9.22 24.16 24.50
C ALA J 386 9.29 22.83 25.24
N LEU J 387 10.48 22.45 25.71
CA LEU J 387 10.72 21.25 26.53
C LEU J 387 10.61 21.63 28.00
N SER J 388 10.21 20.67 28.82
CA SER J 388 10.11 20.82 30.29
C SER J 388 11.05 19.81 30.95
N GLY J 389 10.57 18.62 31.23
CA GLY J 389 11.43 17.51 31.62
C GLY J 389 11.19 16.50 30.55
N ASP J 390 10.27 15.58 30.84
CA ASP J 390 9.80 14.54 29.89
C ASP J 390 8.54 15.02 29.15
N ARG J 391 8.30 16.34 29.09
CA ARG J 391 7.10 16.91 28.44
C ARG J 391 7.50 17.95 27.38
N THR J 392 6.73 17.99 26.28
CA THR J 392 6.90 18.94 25.15
C THR J 392 5.57 19.65 24.88
N ARG J 393 5.65 20.78 24.18
CA ARG J 393 4.46 21.58 23.77
C ARG J 393 4.89 22.42 22.56
N ILE J 394 4.11 22.35 21.47
CA ILE J 394 4.27 23.22 20.26
C ILE J 394 3.90 24.63 20.67
N THR J 395 4.77 25.61 20.39
CA THR J 395 4.60 27.03 20.80
C THR J 395 4.27 27.90 19.57
N GLY J 396 4.70 27.50 18.38
CA GLY J 396 4.41 28.24 17.14
C GLY J 396 5.26 27.73 15.99
N THR J 397 5.35 28.53 14.92
CA THR J 397 6.15 28.21 13.71
C THR J 397 6.88 29.45 13.23
N LEU J 398 7.83 29.23 12.32
CA LEU J 398 8.58 30.29 11.61
C LEU J 398 8.34 30.10 10.11
N SER J 399 8.97 30.93 9.27
CA SER J 399 8.89 30.84 7.79
C SER J 399 9.37 29.45 7.36
N HIS J 400 9.00 29.04 6.14
CA HIS J 400 9.40 27.75 5.52
C HIS J 400 10.93 27.63 5.60
N GLY J 401 11.42 26.53 6.17
CA GLY J 401 12.85 26.21 6.30
C GLY J 401 13.67 27.38 6.80
N ARG J 402 13.24 28.07 7.84
CA ARG J 402 14.11 29.02 8.58
C ARG J 402 14.98 28.23 9.55
N ILE J 403 16.29 28.22 9.32
CA ILE J 403 17.29 27.66 10.28
C ILE J 403 18.07 28.84 10.86
N PRO J 404 17.68 29.37 12.04
CA PRO J 404 18.36 30.51 12.64
C PRO J 404 19.54 30.09 13.53
N LEU J 405 20.51 30.99 13.67
CA LEU J 405 21.66 30.87 14.61
C LEU J 405 21.20 31.36 15.98
N GLU J 406 21.94 31.02 17.03
CA GLU J 406 21.61 31.42 18.43
C GLU J 406 21.81 32.94 18.55
N SER J 407 22.67 33.51 17.68
CA SER J 407 22.98 34.97 17.63
C SER J 407 21.83 35.77 17.01
N GLU J 408 20.72 35.13 16.64
CA GLU J 408 19.57 35.80 15.97
C GLU J 408 18.34 35.74 16.88
N GLU J 409 17.63 36.86 17.01
CA GLU J 409 16.40 36.98 17.83
C GLU J 409 15.22 36.54 16.98
N LEU J 410 14.37 35.65 17.50
CA LEU J 410 13.15 35.17 16.79
C LEU J 410 11.96 36.02 17.23
N PRO J 411 10.92 36.14 16.38
CA PRO J 411 9.70 36.85 16.75
C PRO J 411 9.10 36.34 18.08
N ASP J 412 8.32 37.18 18.76
CA ASP J 412 7.71 36.84 20.07
C ASP J 412 6.60 35.81 19.84
N LEU J 413 6.22 35.09 20.89
CA LEU J 413 5.16 34.04 20.84
C LEU J 413 3.85 34.60 21.38
N PRO J 414 2.70 34.07 20.90
CA PRO J 414 1.41 34.34 21.55
C PRO J 414 1.29 33.74 22.97
C1 GLC K . -16.54 40.00 6.88
C2 GLC K . -16.03 38.74 6.21
C3 GLC K . -15.77 37.64 7.22
C4 GLC K . -14.94 38.16 8.39
C5 GLC K . -15.52 39.44 8.94
C6 GLC K . -14.65 40.01 10.06
O2 GLC K . -16.99 38.29 5.25
O3 GLC K . -15.06 36.56 6.58
O4 GLC K . -14.91 37.17 9.43
O5 GLC K . -15.63 40.41 7.89
O6 GLC K . -15.42 40.91 10.87
C1 FRU K . -19.15 39.91 5.48
C2 FRU K . -18.87 40.49 6.86
C3 FRU K . -20.14 40.50 7.70
C4 FRU K . -20.49 41.96 7.93
C5 FRU K . -19.39 42.77 7.27
C6 FRU K . -18.69 43.68 8.27
O1 FRU K . -20.48 40.22 5.10
O2 FRU K . -17.82 39.73 7.48
O3 FRU K . -19.98 39.84 8.97
O4 FRU K . -21.74 42.26 7.31
O5 FRU K . -18.44 41.85 6.72
O6 FRU K . -19.59 44.71 8.68
C1 FRU K . -20.42 38.44 3.50
C2 FRU K . -20.73 39.90 3.73
C3 FRU K . -22.17 40.22 3.32
C4 FRU K . -22.08 41.32 2.26
C5 FRU K . -20.59 41.57 2.04
C6 FRU K . -20.24 43.02 2.35
O1 FRU K . -19.01 38.25 3.36
O3 FRU K . -22.98 40.66 4.40
O4 FRU K . -22.69 40.87 1.05
O5 FRU K . -19.86 40.70 2.91
O6 FRU K . -20.09 43.19 3.76
C1 GLC L . 7.34 -38.42 9.93
C2 GLC L . 7.46 -38.15 8.44
C3 GLC L . 8.52 -39.03 7.80
C4 GLC L . 9.82 -38.97 8.59
C5 GLC L . 9.57 -39.20 10.07
C6 GLC L . 10.86 -39.06 10.88
O2 GLC L . 6.19 -38.40 7.81
O3 GLC L . 8.76 -38.59 6.46
O4 GLC L . 10.72 -39.98 8.11
O5 GLC L . 8.62 -38.25 10.55
O6 GLC L . 10.60 -39.37 12.25
C1 FRU L . 4.56 -39.39 9.73
C2 FRU L . 5.61 -39.80 10.76
C3 FRU L . 5.30 -41.20 11.32
C4 FRU L . 5.29 -41.04 12.83
C5 FRU L . 5.49 -39.56 13.11
C6 FRU L . 6.75 -39.31 13.93
O1 FRU L . 3.32 -40.06 9.98
O2 FRU L . 6.89 -39.76 10.14
O3 FRU L . 6.26 -42.18 10.94
O4 FRU L . 4.04 -41.48 13.37
O5 FRU L . 5.58 -38.89 11.85
O6 FRU L . 6.48 -38.34 14.95
C1 FRU L . 3.22 -40.73 7.67
C2 FRU L . 2.48 -40.06 8.83
C3 FRU L . 1.16 -40.77 9.09
C4 FRU L . 0.08 -39.71 8.99
C5 FRU L . 0.79 -38.41 8.64
C6 FRU L . 0.61 -37.36 9.72
O1 FRU L . 4.14 -39.81 7.09
O3 FRU L . 1.10 -41.41 10.38
O4 FRU L . -0.87 -40.05 7.97
O5 FRU L . 2.18 -38.71 8.48
O6 FRU L . 1.52 -37.62 10.79
C1 GLC M . 6.38 31.22 -38.99
C2 GLC M . 6.26 31.50 -40.48
C3 GLC M . 7.21 32.62 -40.90
C4 GLC M . 8.62 32.36 -40.38
C5 GLC M . 8.61 32.02 -38.89
C6 GLC M . 8.12 33.21 -38.06
O2 GLC M . 6.58 30.31 -41.22
O3 GLC M . 6.73 33.86 -40.37
O4 GLC M . 9.20 31.28 -41.11
O5 GLC M . 7.74 30.91 -38.67
O6 GLC M . 9.11 34.25 -38.12
C1 FRU M . 3.42 31.03 -39.29
C2 FRU M . 4.28 30.53 -38.13
C3 FRU M . 3.58 29.41 -37.34
C4 FRU M . 3.43 29.91 -35.93
C5 FRU M . 4.00 31.32 -35.90
C6 FRU M . 5.14 31.43 -34.89
O1 FRU M . 2.37 30.10 -39.59
O2 FRU M . 5.54 30.11 -38.64
O3 FRU M . 4.32 28.18 -37.35
O4 FRU M . 2.04 29.94 -35.56
O5 FRU M . 4.47 31.62 -37.21
O6 FRU M . 5.89 32.62 -35.17
C1 FRU M . 2.03 30.58 -41.92
C2 FRU M . 1.43 30.62 -40.52
C3 FRU M . 0.11 29.85 -40.50
C4 FRU M . -0.96 30.85 -40.12
C5 FRU M . -0.26 32.18 -39.94
C6 FRU M . -0.46 32.72 -38.53
O1 FRU M . 3.21 31.40 -41.96
O3 FRU M . 0.10 28.76 -39.57
O4 FRU M . -1.94 30.94 -41.16
O5 FRU M . 1.13 31.98 -40.19
O6 FRU M . 0.48 33.78 -38.28
C1 GLC N . 32.97 -31.67 -22.27
C2 GLC N . 32.57 -31.47 -20.81
C3 GLC N . 31.98 -32.75 -20.21
C4 GLC N . 30.91 -33.33 -21.12
C5 GLC N . 31.40 -33.42 -22.56
C6 GLC N . 30.31 -33.94 -23.48
O2 GLC N . 33.73 -31.08 -20.06
O3 GLC N . 31.41 -32.45 -18.93
O4 GLC N . 30.56 -34.64 -20.65
O5 GLC N . 31.83 -32.13 -23.00
O6 GLC N . 30.62 -35.28 -23.89
C1 FRU N . 35.93 -31.28 -21.90
C2 FRU N . 35.19 -32.12 -22.94
C3 FRU N . 36.11 -33.23 -23.46
C4 FRU N . 36.46 -32.85 -24.89
C5 FRU N . 35.65 -31.60 -25.22
C6 FRU N . 34.75 -31.83 -26.42
O1 FRU N . 35.38 -29.98 -21.84
O2 FRU N . 34.00 -32.65 -22.36
O3 FRU N . 35.49 -34.52 -23.46
O4 FRU N . 37.85 -32.56 -24.99
O5 FRU N . 34.86 -31.29 -24.06
O6 FRU N . 35.34 -31.20 -27.57
C1 FRU N . 36.25 -29.65 -19.63
C2 FRU N . 36.18 -29.09 -21.05
C3 FRU N . 37.59 -28.92 -21.62
C4 FRU N . 37.78 -27.42 -21.78
C5 FRU N . 36.46 -26.77 -21.40
C6 FRU N . 35.88 -26.00 -22.59
O1 FRU N . 35.02 -29.36 -18.94
O3 FRU N . 37.75 -29.56 -22.88
O4 FRU N . 38.82 -26.96 -20.90
O5 FRU N . 35.56 -27.80 -21.01
O6 FRU N . 34.47 -25.85 -22.41
C1 GLC O . -32.32 -22.44 -24.62
C2 GLC O . -33.78 -22.76 -24.30
C3 GLC O . -34.09 -22.51 -22.84
C4 GLC O . -33.61 -21.12 -22.42
C5 GLC O . -32.17 -20.88 -22.86
C6 GLC O . -31.21 -21.81 -22.12
O2 GLC O . -34.63 -21.96 -25.12
O3 GLC O . -33.45 -23.49 -22.03
O4 GLC O . -34.46 -20.12 -23.00
O5 GLC O . -32.05 -21.09 -24.26
O6 GLC O . -30.18 -21.04 -21.49
C1 FRU O . -32.41 -24.99 -26.25
C2 FRU O . -31.39 -23.84 -26.30
C3 FRU O . -30.70 -23.80 -27.67
C4 FRU O . -29.23 -24.06 -27.41
C5 FRU O . -29.08 -24.22 -25.90
C6 FRU O . -28.15 -23.17 -25.32
O1 FRU O . -32.82 -25.38 -27.56
O2 FRU O . -32.08 -22.63 -26.02
O3 FRU O . -30.85 -22.55 -28.35
O4 FRU O . -28.81 -25.25 -28.07
O5 FRU O . -30.38 -24.08 -25.33
O6 FRU O . -28.09 -23.31 -23.90
C1 FRU O . -35.16 -25.68 -27.17
C2 FRU O . -33.85 -26.36 -27.55
C3 FRU O . -33.99 -27.08 -28.89
C4 FRU O . -33.64 -28.53 -28.63
C5 FRU O . -33.40 -28.65 -27.14
C6 FRU O . -32.01 -29.19 -26.85
O1 FRU O . -35.15 -25.32 -25.79
O3 FRU O . -33.12 -26.54 -29.90
O4 FRU O . -34.74 -29.37 -29.02
O5 FRU O . -33.55 -27.36 -26.56
O6 FRU O . -31.81 -29.28 -25.44
C1 GLC P . -31.02 -21.58 41.45
C2 GLC P . -31.57 -21.41 42.86
C3 GLC P . -31.79 -22.75 43.54
C4 GLC P . -32.56 -23.70 42.63
C5 GLC P . -31.96 -23.74 41.23
C6 GLC P . -32.77 -24.63 40.30
O2 GLC P . -30.66 -20.63 43.63
O3 GLC P . -32.51 -22.56 44.75
O4 GLC P . -32.56 -25.02 43.19
O5 GLC P . -31.89 -22.42 40.69
O6 GLC P . -32.27 -25.97 40.36
C1 FRU P . -28.47 -20.21 42.09
C2 FRU P . -28.70 -21.29 41.04
C3 FRU P . -27.39 -22.04 40.74
C4 FRU P . -27.01 -21.64 39.33
C5 FRU P . -28.13 -20.78 38.80
C6 FRU P . -28.76 -21.37 37.54
O1 FRU P . -27.14 -19.72 41.99
O2 FRU P . -29.73 -22.18 41.51
O3 FRU P . -27.52 -23.46 40.83
O4 FRU P . -25.78 -20.91 39.33
O5 FRU P . -29.13 -20.68 39.83
O6 FRU P . -27.72 -21.67 36.60
C1 FRU P . -27.26 -18.93 44.26
C2 FRU P . -26.93 -18.57 42.81
C3 FRU P . -25.50 -18.04 42.71
C4 FRU P . -25.60 -16.66 42.09
C5 FRU P . -27.08 -16.39 41.91
C6 FRU P . -27.41 -16.13 40.44
O1 FRU P . -28.68 -18.90 44.45
O3 FRU P . -24.64 -18.87 41.91
O4 FRU P . -25.03 -15.68 42.97
O5 FRU P . -27.80 -17.53 42.38
O6 FRU P . -28.75 -15.63 40.33
C1 GLC Q . 77.88 30.91 -26.10
C2 GLC Q . 76.48 30.43 -25.77
C3 GLC Q . 76.19 30.58 -24.27
C4 GLC Q . 76.56 31.96 -23.78
C5 GLC Q . 77.97 32.34 -24.23
C6 GLC Q . 79.00 31.43 -23.59
O2 GLC Q . 75.52 31.20 -26.50
O3 GLC Q . 76.94 29.59 -23.55
O4 GLC Q . 75.63 32.92 -24.29
O5 GLC Q . 78.05 32.25 -25.65
O6 GLC Q . 78.59 31.08 -22.27
C1 FRU Q . 77.35 28.61 -27.95
C2 FRU Q . 78.53 29.58 -27.97
C3 FRU Q . 79.19 29.66 -29.35
C4 FRU Q . 80.62 29.21 -29.17
C5 FRU Q . 80.79 28.86 -27.70
C6 FRU Q . 81.86 29.71 -27.05
O1 FRU Q . 77.18 27.95 -29.22
O2 FRU Q . 78.08 30.85 -27.51
O3 FRU Q . 79.17 30.98 -29.91
O4 FRU Q . 80.88 28.06 -29.98
O5 FRU Q . 79.52 29.08 -27.06
O6 FRU Q . 81.62 31.09 -27.36
C1 FRU Q . 74.88 27.40 -28.79
C2 FRU Q . 76.27 26.86 -29.13
C3 FRU Q . 76.23 26.04 -30.43
C4 FRU Q . 76.83 24.69 -30.10
C5 FRU Q . 77.12 24.71 -28.59
C6 FRU Q . 78.60 24.50 -28.32
O1 FRU Q . 74.84 27.77 -27.41
O3 FRU Q . 76.96 26.66 -31.50
O4 FRU Q . 75.91 23.65 -30.41
O5 FRU Q . 76.70 25.98 -28.09
O6 FRU Q . 78.77 23.92 -27.02
C1 GLC R . -61.97 -8.01 0.66
C2 GLC R . -60.60 -8.64 0.46
C3 GLC R . -59.93 -8.09 -0.80
C4 GLC R . -60.87 -8.14 -2.00
C5 GLC R . -62.24 -7.57 -1.65
C6 GLC R . -63.20 -7.71 -2.81
O2 GLC R . -59.77 -8.38 1.60
O3 GLC R . -58.76 -8.86 -1.08
O4 GLC R . -60.31 -7.40 -3.07
O5 GLC R . -62.76 -8.24 -0.51
O6 GLC R . -63.90 -6.47 -3.02
C1 FRU R . -61.01 -6.51 3.11
C2 FRU R . -62.18 -6.18 2.18
C3 FRU R . -62.51 -4.70 2.24
C4 FRU R . -63.89 -4.59 2.87
C5 FRU R . -64.37 -6.02 3.08
C6 FRU R . -65.66 -6.29 2.32
O1 FRU R . -61.00 -5.60 4.21
O2 FRU R . -61.83 -6.60 0.85
O3 FRU R . -62.52 -4.06 0.95
O4 FRU R . -63.81 -3.91 4.12
O5 FRU R . -63.34 -6.90 2.62
O6 FRU R . -66.55 -5.19 2.48
C1 FRU R . -58.59 -5.64 4.18
C2 FRU R . -59.84 -5.78 5.03
C3 FRU R . -59.81 -4.79 6.19
C4 FRU R . -60.04 -5.60 7.45
C5 FRU R . -60.11 -7.06 7.01
C6 FRU R . -61.47 -7.68 7.33
O1 FRU R . -58.36 -6.86 3.46
O3 FRU R . -60.80 -3.76 6.08
O4 FRU R . -58.96 -5.41 8.37
O5 FRU R . -59.88 -7.09 5.60
O6 FRU R . -62.46 -7.10 6.47
C1 GLC S . 23.31 24.55 64.46
C2 GLC S . 22.34 25.57 63.87
C3 GLC S . 23.00 26.37 62.75
C4 GLC S . 24.36 26.90 63.19
C5 GLC S . 25.20 25.81 63.82
C6 GLC S . 26.53 26.35 64.32
O2 GLC S . 21.19 24.90 63.37
O3 GLC S . 22.15 27.46 62.37
O4 GLC S . 25.05 27.44 62.05
O5 GLC S . 24.48 25.23 64.91
O6 GLC S . 27.40 25.27 64.67
C1 FRU S . 21.68 22.24 63.52
C2 FRU S . 23.19 22.28 63.78
C3 FRU S . 23.90 21.20 62.97
C4 FRU S . 24.57 20.29 63.97
C5 FRU S . 24.24 20.85 65.35
C6 FRU S . 25.50 21.21 66.12
O1 FRU S . 21.28 20.93 63.18
O2 FRU S . 23.67 23.60 63.47
O3 FRU S . 24.87 21.73 62.06
O4 FRU S . 24.08 18.96 63.85
O5 FRU S . 23.43 22.01 65.16
O6 FRU S . 25.55 20.44 67.32
C1 FRU S . 19.71 21.86 61.61
C2 FRU S . 19.91 20.88 62.76
C3 FRU S . 19.50 19.47 62.33
C4 FRU S . 18.51 18.98 63.37
C5 FRU S . 18.31 20.13 64.34
C6 FRU S . 18.76 19.76 65.75
O1 FRU S . 19.55 23.18 62.14
O3 FRU S . 20.60 18.55 62.24
O4 FRU S . 17.27 18.64 62.75
O5 FRU S . 19.09 21.24 63.87
O6 FRU S . 20.19 19.78 65.81
C1 GLC T . 8.84 7.22 2.02
C2 GLC T . 8.50 8.68 2.25
C3 GLC T . 7.36 8.83 3.26
C4 GLC T . 6.20 7.91 2.91
C5 GLC T . 6.69 6.49 2.63
C6 GLC T . 5.53 5.58 2.21
O2 GLC T . 9.65 9.39 2.73
O3 GLC T . 6.92 10.18 3.29
O4 GLC T . 5.27 7.89 3.99
O5 GLC T . 7.68 6.52 1.61
O6 GLC T . 5.25 5.80 0.82
C1 FRU T . 11.51 7.60 3.54
C2 FRU T . 10.72 6.33 3.21
C3 FRU T . 11.09 5.22 4.19
C4 FRU T . 11.89 4.21 3.41
C5 FRU T . 11.88 4.68 1.96
C6 FRU T . 11.27 3.63 1.04
O1 FRU T . 12.76 7.27 4.14
O2 FRU T . 9.33 6.64 3.23
O3 FRU T . 9.94 4.57 4.76
O4 FRU T . 13.23 4.16 3.90
O5 FRU T . 11.11 5.88 1.91
O6 FRU T . 12.25 2.62 0.76
C1 FRU T . 12.94 9.51 4.97
C2 FRU T . 13.64 8.39 4.21
C3 FRU T . 14.96 8.03 4.88
C4 FRU T . 16.01 8.12 3.79
C5 FRU T . 15.31 8.61 2.55
C6 FRU T . 15.41 7.59 1.42
O1 FRU T . 12.03 10.19 4.10
O3 FRU T . 14.96 6.72 5.47
O4 FRU T . 17.04 9.04 4.17
O5 FRU T . 13.93 8.82 2.88
O6 FRU T . 14.58 6.46 1.71
#